data_6W6J
#
_entry.id   6W6J
#
loop_
_entity.id
_entity.type
_entity.pdbx_description
1 polymer 'Chaperone protein ClpB'
2 polymer Substrate
3 non-polymer 'PHOSPHOTHIOPHOSPHORIC ACID-ADENYLATE ESTER'
4 non-polymer "ADENOSINE-5'-DIPHOSPHATE"
#
loop_
_entity_poly.entity_id
_entity_poly.type
_entity_poly.pdbx_seq_one_letter_code
_entity_poly.pdbx_strand_id
1 'polypeptide(L)'
;MDSFNPTTKTQAALTAALQAASTAGNPEIRPAHLLMALLTQNDGIAAPLLEAVGVEPATVRAETQRLLDRLPQATGASTQ
PQLSRESLAAITTAQQLATELDDEYVSTEHVMVGLATGDSDVAKLLTGHGASPQALREAFVKVRGSARVTSPEPEATYQA
LQKYSTDLTARAREGKLDPVIGRDNEIRRVVQVLSRRTKNNPVLIGEPGVGKTAIVEGLAQRIVAGDVPESLRDKTIVAL
DLGSMVAGSKYRGEFEERLKAVLDDIKNSAGQIITFIDELHTIVGAGATGEGAMDAGNMIKPMLARGELRLVGATTLDEY
RKHIEKDAALERRFQQVYVGEPSVEDTIGILRGLKDRYEVHHGVRITDSALVAAATLSDRYITARFLPDKAIDLVDEAAS
RLRMEIDSRPVEIDEVERLVRRLEIEEMALSKEEDEASAERLAKLRSELADQKEKLAELTTRWQNEKNAIEIVRDLKEQL
EALRGESERAERDGDLAKAAELRYGRIPEVEKKLDAALPQAQAREQVMLKEEVGPDDIADVVSAWTGIPAGRLLEGETAK
LLRMEDELGKRVIGQKAAVTAVSDAVRRSRAGVSDPNRPTGAFMFLGPTGVGKTELAKALADFLFDDERAMVRIDMSEYG
EKHTVARLIGAPPGYVGYEAGGQLTEAVRRRPYTVVLFDEIEKAHPDVFDVLLQVLDEGRLTDGHGRTVDFRNTILILTS
NLGSGGSAEQVLAAVRATFKPEFINRLDDVLIFEGLNPEELVRIVDIQLAQLGKRLAQRRLQLQVSLPAKRWLAQRGFDP
VYGARPLRRLVQQAIGDQLAKMLLAGQVHDGDTVPVNVSPDADSLILG
;
A,B,C,D,E,F
2 'polypeptide(L)'
;(UNK)(UNK)(UNK)(UNK)(UNK)(UNK)(UNK)(UNK)(UNK)(UNK)(UNK)(UNK)(UNK)(UNK)(UNK)(UNK)
(UNK)(UNK)(UNK)(UNK)(UNK)(UNK)(UNK)(UNK)(UNK)(UNK)(UNK)(UNK)(UNK)
;
N
#
# COMPACT_ATOMS: atom_id res chain seq x y z
N GLN A 159 6.51 6.74 -57.52
CA GLN A 159 5.08 6.95 -57.59
C GLN A 159 4.42 6.67 -56.24
N ALA A 160 5.10 5.88 -55.41
CA ALA A 160 4.59 5.60 -54.08
C ALA A 160 4.46 6.88 -53.26
N LEU A 161 5.35 7.85 -53.48
CA LEU A 161 5.17 9.14 -52.84
C LEU A 161 3.89 9.81 -53.30
N GLN A 162 3.59 9.76 -54.59
CA GLN A 162 2.30 10.24 -55.06
C GLN A 162 1.16 9.46 -54.40
N LYS A 163 1.41 8.22 -54.03
CA LYS A 163 0.35 7.33 -53.56
C LYS A 163 0.00 7.61 -52.11
N TYR A 164 0.98 7.54 -51.22
CA TYR A 164 0.71 7.54 -49.78
C TYR A 164 0.76 8.93 -49.17
N SER A 165 1.91 9.58 -49.24
CA SER A 165 2.04 10.86 -48.56
C SER A 165 1.33 11.97 -49.35
N THR A 166 1.25 13.13 -48.72
CA THR A 166 0.68 14.31 -49.34
C THR A 166 1.68 15.46 -49.26
N ASP A 167 1.76 16.23 -50.35
CA ASP A 167 2.70 17.32 -50.48
C ASP A 167 2.38 18.42 -49.47
N LEU A 168 3.36 19.28 -49.22
CA LEU A 168 3.17 20.45 -48.39
C LEU A 168 3.48 21.75 -49.12
N THR A 169 4.56 21.77 -49.89
CA THR A 169 4.87 22.97 -50.65
C THR A 169 3.82 23.26 -51.71
N ALA A 170 3.26 22.21 -52.33
CA ALA A 170 2.17 22.42 -53.28
C ALA A 170 1.00 23.12 -52.61
N ARG A 171 0.72 22.79 -51.35
CA ARG A 171 -0.32 23.49 -50.62
C ARG A 171 0.09 24.91 -50.31
N ALA A 172 1.36 25.12 -49.97
CA ALA A 172 1.83 26.47 -49.66
C ALA A 172 1.73 27.39 -50.85
N ARG A 173 1.92 26.84 -52.06
CA ARG A 173 1.89 27.67 -53.26
C ARG A 173 0.50 28.24 -53.52
N GLU A 174 -0.54 27.53 -53.11
CA GLU A 174 -1.92 27.98 -53.28
C GLU A 174 -2.45 28.74 -52.08
N GLY A 175 -1.57 29.23 -51.21
CA GLY A 175 -2.00 30.03 -50.07
C GLY A 175 -3.00 29.35 -49.17
N LYS A 176 -2.95 28.02 -49.06
CA LYS A 176 -3.88 27.30 -48.19
C LYS A 176 -3.44 27.29 -46.74
N LEU A 177 -2.30 27.89 -46.41
CA LEU A 177 -1.78 27.89 -45.06
C LEU A 177 -1.79 29.32 -44.51
N ASP A 178 -1.67 29.41 -43.20
CA ASP A 178 -1.87 30.69 -42.53
C ASP A 178 -0.57 31.45 -42.41
N PRO A 179 -0.64 32.76 -42.18
CA PRO A 179 0.56 33.52 -41.82
C PRO A 179 1.19 32.98 -40.55
N VAL A 180 2.51 33.11 -40.48
CA VAL A 180 3.32 32.44 -39.47
C VAL A 180 4.10 33.46 -38.66
N ILE A 181 3.48 34.59 -38.39
CA ILE A 181 4.11 35.74 -37.73
C ILE A 181 5.05 35.31 -36.61
N GLY A 182 6.26 35.85 -36.63
CA GLY A 182 7.20 35.62 -35.56
C GLY A 182 7.95 34.31 -35.71
N ARG A 183 8.65 33.95 -34.63
CA ARG A 183 9.35 32.67 -34.51
C ARG A 183 10.40 32.50 -35.61
N ASP A 184 11.25 33.51 -35.73
CA ASP A 184 12.33 33.46 -36.71
C ASP A 184 13.56 32.76 -36.17
N ASN A 185 13.83 32.91 -34.87
CA ASN A 185 14.98 32.24 -34.28
C ASN A 185 14.90 30.73 -34.46
N GLU A 186 13.75 30.14 -34.15
CA GLU A 186 13.62 28.69 -34.28
C GLU A 186 13.65 28.25 -35.73
N ILE A 187 13.14 29.08 -36.64
CA ILE A 187 13.19 28.67 -38.05
C ILE A 187 14.62 28.68 -38.54
N ARG A 188 15.41 29.69 -38.16
CA ARG A 188 16.81 29.69 -38.54
C ARG A 188 17.54 28.50 -37.93
N ARG A 189 17.25 28.21 -36.66
CA ARG A 189 17.87 27.04 -36.01
C ARG A 189 17.52 25.76 -36.75
N VAL A 190 16.26 25.61 -37.13
CA VAL A 190 15.84 24.45 -37.90
C VAL A 190 16.65 24.36 -39.19
N VAL A 191 16.84 25.50 -39.86
CA VAL A 191 17.54 25.45 -41.14
C VAL A 191 19.00 25.05 -40.95
N GLN A 192 19.67 25.64 -39.97
CA GLN A 192 21.10 25.38 -39.84
C GLN A 192 21.34 23.98 -39.30
N VAL A 193 20.36 23.41 -38.60
CA VAL A 193 20.46 21.99 -38.27
C VAL A 193 20.15 21.13 -39.49
N LEU A 194 19.28 21.61 -40.37
CA LEU A 194 18.85 20.83 -41.51
C LEU A 194 19.91 20.75 -42.59
N SER A 195 20.78 21.76 -42.68
CA SER A 195 21.83 21.77 -43.69
C SER A 195 23.20 21.45 -43.12
N ARG A 196 23.25 20.56 -42.13
CA ARG A 196 24.51 20.16 -41.53
C ARG A 196 25.05 18.92 -42.22
N ARG A 197 26.32 18.62 -41.97
CA ARG A 197 26.94 17.48 -42.64
C ARG A 197 26.34 16.17 -42.16
N THR A 198 26.46 15.88 -40.86
CA THR A 198 25.86 14.70 -40.27
C THR A 198 24.92 15.13 -39.17
N LYS A 199 23.95 14.27 -38.84
CA LYS A 199 22.92 14.58 -37.86
C LYS A 199 22.08 15.76 -38.31
N ASN A 200 21.55 15.68 -39.54
CA ASN A 200 20.71 16.73 -40.10
C ASN A 200 19.24 16.37 -39.89
N ASN A 201 18.88 16.12 -38.63
CA ASN A 201 17.52 15.70 -38.29
C ASN A 201 17.05 16.49 -37.09
N PRO A 202 16.41 17.64 -37.31
CA PRO A 202 15.84 18.39 -36.19
C PRO A 202 14.54 17.75 -35.75
N VAL A 203 14.21 17.96 -34.48
CA VAL A 203 12.96 17.50 -33.91
C VAL A 203 12.46 18.61 -33.02
N LEU A 204 11.19 18.95 -33.15
CA LEU A 204 10.62 20.05 -32.40
C LEU A 204 10.00 19.52 -31.11
N ILE A 205 10.36 20.12 -29.99
CA ILE A 205 9.95 19.64 -28.67
C ILE A 205 9.34 20.79 -27.91
N GLY A 206 8.17 20.57 -27.34
CA GLY A 206 7.52 21.59 -26.55
C GLY A 206 6.12 21.15 -26.17
N GLU A 207 5.53 21.90 -25.26
CA GLU A 207 4.21 21.57 -24.77
C GLU A 207 3.15 21.92 -25.82
N PRO A 208 2.01 21.23 -25.81
CA PRO A 208 1.08 21.32 -26.94
C PRO A 208 0.45 22.69 -27.03
N GLY A 209 0.35 23.21 -28.25
CA GLY A 209 -0.27 24.49 -28.52
C GLY A 209 0.68 25.61 -28.80
N VAL A 210 1.98 25.43 -28.55
CA VAL A 210 2.92 26.54 -28.70
C VAL A 210 3.21 26.86 -30.15
N GLY A 211 2.85 25.98 -31.07
CA GLY A 211 3.13 26.18 -32.47
C GLY A 211 4.30 25.36 -32.93
N LYS A 212 4.03 24.20 -33.46
CA LYS A 212 5.05 23.29 -33.93
C LYS A 212 4.83 22.84 -35.35
N THR A 213 3.57 22.64 -35.74
CA THR A 213 3.25 22.53 -37.16
C THR A 213 3.31 23.90 -37.81
N ALA A 214 3.07 24.95 -37.05
CA ALA A 214 3.16 26.30 -37.58
C ALA A 214 4.56 26.59 -38.10
N ILE A 215 5.59 26.05 -37.44
CA ILE A 215 6.95 26.37 -37.84
C ILE A 215 7.28 25.68 -39.16
N VAL A 216 6.81 24.45 -39.36
CA VAL A 216 7.04 23.80 -40.64
C VAL A 216 6.22 24.47 -41.74
N GLU A 217 5.01 24.93 -41.42
CA GLU A 217 4.27 25.72 -42.39
C GLU A 217 5.03 26.98 -42.77
N GLY A 218 5.65 27.63 -41.79
CA GLY A 218 6.41 28.83 -42.07
C GLY A 218 7.62 28.55 -42.93
N LEU A 219 8.33 27.45 -42.65
CA LEU A 219 9.43 27.05 -43.51
C LEU A 219 8.96 26.78 -44.93
N ALA A 220 7.78 26.19 -45.08
CA ALA A 220 7.25 25.95 -46.41
C ALA A 220 7.00 27.27 -47.14
N GLN A 221 6.33 28.21 -46.48
CA GLN A 221 6.14 29.52 -47.08
C GLN A 221 7.48 30.13 -47.47
N ARG A 222 8.48 29.97 -46.61
CA ARG A 222 9.78 30.58 -46.84
C ARG A 222 10.45 29.99 -48.08
N ILE A 223 10.44 28.67 -48.21
CA ILE A 223 11.01 28.04 -49.40
C ILE A 223 10.27 28.49 -50.65
N VAL A 224 8.94 28.55 -50.59
CA VAL A 224 8.18 28.91 -51.78
C VAL A 224 8.48 30.34 -52.20
N ALA A 225 8.59 31.25 -51.23
CA ALA A 225 8.91 32.63 -51.58
C ALA A 225 10.35 32.79 -52.00
N GLY A 226 11.24 31.91 -51.54
CA GLY A 226 12.63 31.97 -51.91
C GLY A 226 13.52 32.69 -50.93
N ASP A 227 13.28 32.56 -49.62
CA ASP A 227 14.03 33.26 -48.60
C ASP A 227 14.95 32.33 -47.81
N VAL A 228 15.54 31.34 -48.46
CA VAL A 228 16.35 30.34 -47.76
C VAL A 228 17.80 30.42 -48.22
N PRO A 229 18.73 29.84 -47.48
CA PRO A 229 20.12 29.76 -47.98
C PRO A 229 20.22 28.87 -49.21
N GLU A 230 21.46 28.70 -49.70
CA GLU A 230 21.68 28.22 -51.06
C GLU A 230 21.05 26.85 -51.30
N SER A 231 21.49 25.84 -50.56
CA SER A 231 21.07 24.47 -50.86
C SER A 231 19.72 24.15 -50.24
N LEU A 232 18.74 25.04 -50.43
CA LEU A 232 17.38 24.76 -50.03
C LEU A 232 16.38 25.34 -51.03
N ARG A 233 16.77 25.45 -52.29
CA ARG A 233 15.88 25.99 -53.31
C ARG A 233 15.11 24.85 -53.96
N ASP A 234 13.78 24.95 -53.95
CA ASP A 234 12.91 23.98 -54.62
C ASP A 234 13.14 22.57 -54.06
N LYS A 235 12.77 22.40 -52.80
CA LYS A 235 12.96 21.13 -52.11
C LYS A 235 11.71 20.28 -52.03
N THR A 236 10.52 20.88 -52.03
CA THR A 236 9.26 20.14 -52.01
C THR A 236 9.14 19.25 -50.77
N ILE A 237 9.00 19.93 -49.62
CA ILE A 237 8.72 19.24 -48.37
C ILE A 237 7.57 18.28 -48.53
N VAL A 238 7.72 17.06 -48.03
CA VAL A 238 6.72 16.03 -48.11
C VAL A 238 6.43 15.51 -46.70
N ALA A 239 5.17 15.14 -46.47
CA ALA A 239 4.69 14.74 -45.15
C ALA A 239 4.12 13.33 -45.24
N LEU A 240 4.72 12.40 -44.49
CA LEU A 240 4.32 11.00 -44.54
C LEU A 240 2.91 10.80 -44.00
N ASP A 241 2.39 9.57 -44.18
CA ASP A 241 1.12 9.19 -43.58
C ASP A 241 1.15 7.70 -43.28
N LEU A 242 1.59 7.37 -42.06
CA LEU A 242 1.70 5.97 -41.68
C LEU A 242 0.33 5.31 -41.60
N GLY A 243 -0.70 6.06 -41.21
CA GLY A 243 -2.04 5.50 -41.16
C GLY A 243 -2.46 4.91 -42.48
N SER A 244 -2.42 5.71 -43.54
CA SER A 244 -2.74 5.20 -44.86
C SER A 244 -1.70 4.24 -45.38
N MET A 245 -0.50 4.25 -44.80
CA MET A 245 0.51 3.30 -45.24
C MET A 245 0.16 1.88 -44.79
N VAL A 246 -0.26 1.72 -43.53
CA VAL A 246 -0.66 0.42 -43.01
C VAL A 246 -2.19 0.38 -43.01
N ALA A 247 -2.76 -0.11 -44.11
CA ALA A 247 -4.21 -0.15 -44.26
C ALA A 247 -4.52 -1.04 -45.44
N GLY A 248 -5.32 -2.09 -45.21
CA GLY A 248 -5.55 -3.04 -46.27
C GLY A 248 -4.34 -3.86 -46.63
N SER A 249 -3.29 -3.80 -45.82
CA SER A 249 -2.08 -4.58 -46.04
C SER A 249 -2.12 -5.87 -45.23
N LYS A 250 -3.17 -6.65 -45.45
CA LYS A 250 -3.48 -7.81 -44.63
C LYS A 250 -2.65 -9.04 -45.00
N TYR A 251 -1.55 -8.88 -45.72
CA TYR A 251 -0.66 -9.99 -46.03
C TYR A 251 0.67 -9.80 -45.32
N ARG A 252 1.50 -10.84 -45.37
CA ARG A 252 2.66 -10.91 -44.48
C ARG A 252 3.79 -9.97 -44.87
N GLY A 253 3.89 -9.56 -46.13
CA GLY A 253 5.02 -8.75 -46.52
C GLY A 253 4.67 -7.48 -47.24
N GLU A 254 3.59 -6.83 -46.83
CA GLU A 254 3.09 -5.66 -47.55
C GLU A 254 3.49 -4.34 -46.93
N PHE A 255 3.38 -4.18 -45.61
CA PHE A 255 3.73 -2.90 -45.02
C PHE A 255 5.20 -2.59 -45.22
N GLU A 256 6.06 -3.57 -44.96
CA GLU A 256 7.48 -3.35 -45.17
C GLU A 256 7.80 -3.11 -46.63
N GLU A 257 7.06 -3.75 -47.54
CA GLU A 257 7.28 -3.51 -48.96
C GLU A 257 6.92 -2.08 -49.36
N ARG A 258 5.77 -1.60 -48.91
CA ARG A 258 5.39 -0.22 -49.21
C ARG A 258 6.40 0.74 -48.62
N LEU A 259 6.88 0.47 -47.41
CA LEU A 259 7.89 1.34 -46.82
C LEU A 259 9.18 1.29 -47.62
N LYS A 260 9.50 0.12 -48.18
CA LYS A 260 10.67 0.02 -49.03
C LYS A 260 10.53 0.90 -50.28
N ALA A 261 9.37 0.84 -50.92
CA ALA A 261 9.15 1.65 -52.11
C ALA A 261 9.26 3.13 -51.79
N VAL A 262 8.66 3.56 -50.67
CA VAL A 262 8.73 4.96 -50.30
C VAL A 262 10.17 5.37 -50.00
N LEU A 263 10.90 4.54 -49.27
CA LEU A 263 12.27 4.88 -48.92
C LEU A 263 13.14 4.96 -50.16
N ASP A 264 12.92 4.06 -51.12
CA ASP A 264 13.69 4.12 -52.36
C ASP A 264 13.38 5.37 -53.15
N ASP A 265 12.11 5.75 -53.24
CA ASP A 265 11.77 6.97 -53.97
C ASP A 265 12.33 8.20 -53.29
N ILE A 266 12.47 8.17 -51.97
CA ILE A 266 13.10 9.29 -51.29
C ILE A 266 14.61 9.27 -51.53
N LYS A 267 15.18 8.07 -51.66
CA LYS A 267 16.62 7.96 -51.90
C LYS A 267 16.98 8.47 -53.29
N ASN A 268 16.16 8.18 -54.30
CA ASN A 268 16.52 8.52 -55.67
C ASN A 268 16.66 10.03 -55.85
N SER A 269 15.70 10.81 -55.37
CA SER A 269 15.86 12.25 -55.34
C SER A 269 17.07 12.59 -54.47
N ALA A 270 18.07 13.21 -55.08
CA ALA A 270 19.35 13.38 -54.42
C ALA A 270 19.22 14.09 -53.08
N GLY A 271 18.83 15.35 -53.10
CA GLY A 271 18.73 16.12 -51.88
C GLY A 271 17.53 17.04 -51.88
N GLN A 272 16.49 16.69 -52.65
CA GLN A 272 15.32 17.54 -52.72
C GLN A 272 14.37 17.28 -51.56
N ILE A 273 13.86 16.05 -51.46
CA ILE A 273 12.75 15.77 -50.56
C ILE A 273 13.16 16.02 -49.12
N ILE A 274 12.21 16.52 -48.33
CA ILE A 274 12.35 16.64 -46.88
C ILE A 274 11.20 15.89 -46.24
N THR A 275 11.47 14.68 -45.78
CA THR A 275 10.45 13.89 -45.10
C THR A 275 10.07 14.60 -43.82
N PHE A 276 8.77 14.65 -43.53
CA PHE A 276 8.27 15.38 -42.38
C PHE A 276 7.19 14.55 -41.71
N ILE A 277 7.45 14.13 -40.47
CA ILE A 277 6.52 13.30 -39.71
C ILE A 277 6.03 14.11 -38.53
N ASP A 278 4.71 14.24 -38.42
CA ASP A 278 4.10 14.83 -37.23
C ASP A 278 3.63 13.70 -36.33
N GLU A 279 3.71 13.93 -35.02
CA GLU A 279 3.63 12.84 -34.04
C GLU A 279 4.66 11.77 -34.38
N LEU A 280 5.93 12.18 -34.28
CA LEU A 280 7.03 11.31 -34.63
C LEU A 280 6.97 10.00 -33.85
N HIS A 281 6.54 10.06 -32.58
CA HIS A 281 6.54 8.87 -31.73
C HIS A 281 5.74 7.71 -32.30
N THR A 282 4.81 7.96 -33.22
CA THR A 282 4.01 6.88 -33.78
C THR A 282 4.77 6.02 -34.77
N ILE A 283 6.10 6.15 -34.84
CA ILE A 283 6.89 5.27 -35.69
C ILE A 283 7.51 4.11 -34.91
N VAL A 284 7.51 4.19 -33.59
CA VAL A 284 8.24 3.19 -32.80
C VAL A 284 7.58 1.84 -32.90
N GLY A 285 6.29 1.80 -33.26
CA GLY A 285 5.61 0.54 -33.46
C GLY A 285 5.36 0.29 -34.92
N ALA A 286 4.09 0.41 -35.33
CA ALA A 286 3.65 0.43 -36.72
C ALA A 286 3.93 -0.87 -37.47
N GLY A 287 4.49 -1.88 -36.82
CA GLY A 287 4.84 -3.08 -37.53
C GLY A 287 3.76 -4.13 -37.53
N ALA A 288 3.32 -4.54 -36.34
CA ALA A 288 2.28 -5.55 -36.21
C ALA A 288 1.63 -5.46 -34.84
N ALA A 296 8.77 -3.96 -36.99
CA ALA A 296 8.99 -3.04 -38.10
C ALA A 296 8.88 -1.60 -37.63
N GLY A 297 8.83 -0.66 -38.58
CA GLY A 297 8.91 0.75 -38.25
C GLY A 297 10.31 1.10 -37.78
N ASN A 298 11.22 0.14 -37.95
CA ASN A 298 12.61 0.29 -37.55
C ASN A 298 13.55 0.28 -38.73
N MET A 299 13.04 0.16 -39.96
CA MET A 299 13.90 0.25 -41.13
C MET A 299 14.15 1.71 -41.46
N ILE A 300 14.57 2.47 -40.45
CA ILE A 300 14.98 3.86 -40.65
C ILE A 300 16.35 4.15 -40.07
N LYS A 301 16.80 3.41 -39.06
CA LYS A 301 18.14 3.60 -38.52
C LYS A 301 19.23 3.43 -39.56
N PRO A 302 19.20 2.40 -40.44
CA PRO A 302 20.20 2.36 -41.51
C PRO A 302 20.23 3.63 -42.35
N MET A 303 19.07 4.13 -42.76
CA MET A 303 19.04 5.33 -43.59
C MET A 303 19.59 6.53 -42.86
N LEU A 304 19.15 6.74 -41.62
CA LEU A 304 19.67 7.86 -40.84
C LEU A 304 21.17 7.73 -40.62
N ALA A 305 21.70 6.50 -40.62
CA ALA A 305 23.13 6.33 -40.50
C ALA A 305 23.86 6.80 -41.75
N ARG A 306 23.14 6.90 -42.87
CA ARG A 306 23.73 7.34 -44.13
C ARG A 306 23.33 8.75 -44.51
N GLY A 307 22.68 9.47 -43.60
CA GLY A 307 22.31 10.86 -43.85
C GLY A 307 21.40 11.06 -45.05
N GLU A 308 20.83 9.99 -45.59
CA GLU A 308 19.99 10.12 -46.77
C GLU A 308 18.67 10.80 -46.45
N LEU A 309 18.17 10.62 -45.24
CA LEU A 309 16.90 11.21 -44.86
C LEU A 309 17.08 12.50 -44.09
N ARG A 310 16.17 13.44 -44.29
CA ARG A 310 16.22 14.69 -43.55
C ARG A 310 15.35 14.64 -42.31
N LEU A 311 14.12 14.16 -42.45
CA LEU A 311 13.26 13.77 -41.34
C LEU A 311 13.14 14.87 -40.29
N VAL A 312 12.54 15.97 -40.72
CA VAL A 312 12.11 16.99 -39.76
C VAL A 312 10.89 16.45 -39.01
N GLY A 313 10.97 16.48 -37.68
CA GLY A 313 9.94 15.86 -36.86
C GLY A 313 9.43 16.81 -35.80
N ALA A 314 8.28 16.43 -35.24
CA ALA A 314 7.63 17.24 -34.20
C ALA A 314 6.85 16.32 -33.29
N THR A 315 7.06 16.47 -31.99
CA THR A 315 6.31 15.75 -30.98
C THR A 315 6.18 16.64 -29.76
N THR A 316 5.52 16.14 -28.73
CA THR A 316 5.38 16.91 -27.50
C THR A 316 6.47 16.50 -26.52
N LEU A 317 6.45 17.15 -25.36
CA LEU A 317 7.54 17.04 -24.41
C LEU A 317 7.62 15.68 -23.73
N ASP A 318 6.49 15.01 -23.50
CA ASP A 318 6.48 13.79 -22.72
C ASP A 318 6.30 12.53 -23.55
N GLU A 319 5.57 12.58 -24.66
CA GLU A 319 5.56 11.43 -25.56
C GLU A 319 6.96 11.13 -26.06
N TYR A 320 7.83 12.14 -26.05
CA TYR A 320 9.25 11.92 -26.33
C TYR A 320 9.82 10.86 -25.40
N ARG A 321 9.86 11.15 -24.10
CA ARG A 321 10.43 10.18 -23.18
C ARG A 321 9.51 9.01 -22.88
N LYS A 322 8.31 9.01 -23.46
CA LYS A 322 7.45 7.84 -23.30
C LYS A 322 7.60 6.84 -24.45
N HIS A 323 8.05 7.27 -25.62
CA HIS A 323 8.14 6.35 -26.75
C HIS A 323 9.46 6.36 -27.50
N ILE A 324 10.32 7.36 -27.32
CA ILE A 324 11.56 7.48 -28.06
C ILE A 324 12.77 7.27 -27.16
N GLU A 325 12.82 7.95 -26.02
CA GLU A 325 13.97 7.80 -25.13
C GLU A 325 14.17 6.38 -24.65
N LYS A 326 13.15 5.53 -24.76
CA LYS A 326 13.28 4.11 -24.45
C LYS A 326 14.07 3.34 -25.49
N ASP A 327 14.52 4.00 -26.55
CA ASP A 327 15.19 3.35 -27.68
C ASP A 327 16.43 4.14 -28.08
N ALA A 328 17.28 4.45 -27.10
CA ALA A 328 18.33 5.45 -27.24
C ALA A 328 19.21 5.27 -28.47
N ALA A 329 19.06 4.15 -29.17
CA ALA A 329 19.67 4.04 -30.49
C ALA A 329 19.05 5.01 -31.48
N LEU A 330 17.77 5.34 -31.30
CA LEU A 330 17.10 6.33 -32.12
C LEU A 330 17.36 7.74 -31.61
N GLU A 331 17.12 7.95 -30.31
CA GLU A 331 17.26 9.27 -29.71
C GLU A 331 18.62 9.90 -29.97
N ARG A 332 19.61 9.11 -30.36
CA ARG A 332 20.89 9.68 -30.74
C ARG A 332 20.81 10.40 -32.08
N ARG A 333 20.03 9.89 -33.02
CA ARG A 333 20.03 10.37 -34.39
C ARG A 333 19.25 11.66 -34.58
N PHE A 334 18.70 12.25 -33.52
CA PHE A 334 17.94 13.48 -33.63
C PHE A 334 18.58 14.55 -32.76
N GLN A 335 18.39 15.80 -33.17
CA GLN A 335 18.85 16.96 -32.40
C GLN A 335 17.62 17.72 -31.95
N GLN A 336 17.48 17.90 -30.65
CA GLN A 336 16.27 18.49 -30.09
C GLN A 336 16.31 20.01 -30.21
N VAL A 337 15.19 20.59 -30.64
CA VAL A 337 15.01 22.03 -30.68
C VAL A 337 13.88 22.37 -29.72
N TYR A 338 14.14 23.30 -28.81
CA TYR A 338 13.20 23.64 -27.76
C TYR A 338 12.28 24.76 -28.23
N VAL A 339 10.99 24.58 -28.03
CA VAL A 339 9.98 25.52 -28.49
C VAL A 339 9.18 25.98 -27.28
N GLY A 340 9.61 27.07 -26.67
CA GLY A 340 8.93 27.61 -25.52
C GLY A 340 7.76 28.48 -25.92
N GLU A 341 6.74 28.49 -25.08
CA GLU A 341 5.52 29.22 -25.40
C GLU A 341 5.77 30.72 -25.40
N PRO A 342 5.12 31.45 -26.28
CA PRO A 342 5.35 32.90 -26.40
C PRO A 342 4.79 33.63 -25.21
N SER A 343 5.09 34.92 -25.14
CA SER A 343 4.57 35.78 -24.09
C SER A 343 3.33 36.50 -24.60
N VAL A 344 2.78 37.38 -23.78
CA VAL A 344 1.56 38.07 -24.15
C VAL A 344 1.81 39.01 -25.32
N GLU A 345 2.99 39.61 -25.39
CA GLU A 345 3.30 40.50 -26.50
C GLU A 345 3.34 39.73 -27.82
N ASP A 346 4.06 38.61 -27.84
CA ASP A 346 4.13 37.81 -29.05
C ASP A 346 2.76 37.26 -29.41
N THR A 347 1.92 37.01 -28.40
CA THR A 347 0.56 36.59 -28.68
C THR A 347 -0.23 37.68 -29.39
N ILE A 348 -0.17 38.90 -28.85
CA ILE A 348 -0.78 40.03 -29.54
C ILE A 348 -0.28 40.10 -30.97
N GLY A 349 1.01 39.89 -31.16
CA GLY A 349 1.58 39.94 -32.51
C GLY A 349 0.97 38.91 -33.44
N ILE A 350 0.85 37.66 -32.96
CA ILE A 350 0.32 36.61 -33.82
C ILE A 350 -1.15 36.88 -34.14
N LEU A 351 -1.89 37.43 -33.19
CA LEU A 351 -3.29 37.72 -33.44
C LEU A 351 -3.44 38.88 -34.42
N ARG A 352 -2.55 39.87 -34.34
CA ARG A 352 -2.64 41.01 -35.25
C ARG A 352 -2.40 40.58 -36.69
N GLY A 353 -1.83 39.40 -36.90
CA GLY A 353 -1.62 38.90 -38.23
C GLY A 353 -2.67 37.90 -38.65
N LEU A 354 -3.23 37.17 -37.70
CA LEU A 354 -4.26 36.20 -38.02
C LEU A 354 -5.66 36.79 -38.06
N LYS A 355 -5.83 38.05 -37.64
CA LYS A 355 -7.17 38.64 -37.60
C LYS A 355 -7.89 38.55 -38.93
N ASP A 356 -7.19 38.83 -40.02
CA ASP A 356 -7.78 39.00 -41.34
C ASP A 356 -8.55 37.79 -41.83
N ARG A 357 -8.12 36.58 -41.48
CA ARG A 357 -8.77 35.38 -41.98
C ARG A 357 -10.07 35.07 -41.27
N TYR A 358 -10.15 35.34 -39.97
CA TYR A 358 -11.42 35.22 -39.28
C TYR A 358 -12.37 36.34 -39.62
N GLU A 359 -11.87 37.55 -39.89
CA GLU A 359 -12.75 38.58 -40.40
C GLU A 359 -13.38 38.19 -41.71
N VAL A 360 -12.75 37.31 -42.47
CA VAL A 360 -13.25 36.89 -43.76
C VAL A 360 -14.17 35.69 -43.64
N HIS A 361 -13.82 34.71 -42.80
CA HIS A 361 -14.65 33.52 -42.66
C HIS A 361 -16.06 33.90 -42.21
N HIS A 362 -16.17 34.67 -41.13
CA HIS A 362 -17.41 35.32 -40.80
C HIS A 362 -17.48 36.67 -41.51
N GLY A 363 -18.43 37.50 -41.10
CA GLY A 363 -18.54 38.79 -41.75
C GLY A 363 -18.49 39.97 -40.81
N VAL A 364 -17.63 39.92 -39.80
CA VAL A 364 -17.64 40.92 -38.74
C VAL A 364 -16.31 41.67 -38.72
N ARG A 365 -16.27 42.68 -37.85
CA ARG A 365 -15.07 43.47 -37.62
C ARG A 365 -14.52 43.20 -36.22
N ILE A 366 -13.21 43.34 -36.08
CA ILE A 366 -12.51 42.99 -34.85
C ILE A 366 -11.61 44.16 -34.49
N THR A 367 -11.97 44.87 -33.43
CA THR A 367 -11.17 46.00 -33.00
C THR A 367 -9.80 45.50 -32.54
N ASP A 368 -8.91 46.44 -32.22
CA ASP A 368 -7.64 46.03 -31.66
C ASP A 368 -7.72 45.86 -30.16
N SER A 369 -8.65 46.55 -29.49
CA SER A 369 -8.88 46.28 -28.09
C SER A 369 -9.31 44.84 -27.87
N ALA A 370 -10.02 44.26 -28.84
CA ALA A 370 -10.39 42.86 -28.73
C ALA A 370 -9.17 41.97 -28.84
N LEU A 371 -8.26 42.26 -29.77
CA LEU A 371 -7.08 41.42 -29.93
C LEU A 371 -6.12 41.60 -28.76
N VAL A 372 -6.28 42.69 -28.00
CA VAL A 372 -5.51 42.82 -26.77
C VAL A 372 -6.16 42.03 -25.64
N ALA A 373 -7.48 42.13 -25.51
CA ALA A 373 -8.17 41.47 -24.41
C ALA A 373 -8.08 39.96 -24.55
N ALA A 374 -8.28 39.44 -25.76
CA ALA A 374 -8.26 37.99 -25.97
C ALA A 374 -6.91 37.37 -25.67
N ALA A 375 -5.90 38.16 -25.36
CA ALA A 375 -4.63 37.66 -24.88
C ALA A 375 -4.38 37.97 -23.43
N THR A 376 -4.70 39.19 -22.97
CA THR A 376 -4.42 39.51 -21.59
C THR A 376 -5.42 38.87 -20.63
N LEU A 377 -6.58 38.44 -21.11
CA LEU A 377 -7.59 37.81 -20.28
C LEU A 377 -7.43 36.30 -20.20
N SER A 378 -7.22 35.65 -21.33
CA SER A 378 -7.02 34.21 -21.32
C SER A 378 -5.69 33.82 -20.73
N ASP A 379 -5.00 34.73 -20.08
CA ASP A 379 -3.77 34.42 -19.37
C ASP A 379 -3.95 34.43 -17.86
N ARG A 380 -4.93 35.18 -17.36
CA ARG A 380 -5.16 35.26 -15.92
C ARG A 380 -6.18 34.23 -15.47
N TYR A 381 -7.01 33.72 -16.38
CA TYR A 381 -8.13 32.86 -16.01
C TYR A 381 -7.95 31.42 -16.42
N ILE A 382 -7.66 31.14 -17.69
CA ILE A 382 -7.60 29.75 -18.18
C ILE A 382 -6.17 29.28 -17.94
N THR A 383 -5.92 28.83 -16.71
CA THR A 383 -4.56 28.40 -16.36
C THR A 383 -4.37 26.90 -16.58
N ALA A 384 -4.76 26.41 -17.75
CA ALA A 384 -4.56 25.00 -18.08
C ALA A 384 -4.09 24.78 -19.50
N ARG A 385 -4.15 25.76 -20.38
CA ARG A 385 -3.70 25.63 -21.76
C ARG A 385 -2.60 26.66 -22.04
N PHE A 386 -2.19 26.75 -23.29
CA PHE A 386 -1.03 27.55 -23.63
C PHE A 386 -1.37 28.62 -24.66
N LEU A 387 -0.51 29.65 -24.70
CA LEU A 387 -0.93 30.97 -25.16
C LEU A 387 -1.48 31.00 -26.58
N PRO A 388 -0.75 30.55 -27.60
CA PRO A 388 -1.12 30.93 -28.97
C PRO A 388 -2.50 30.48 -29.38
N ASP A 389 -3.06 29.45 -28.76
CA ASP A 389 -4.43 29.05 -29.10
C ASP A 389 -5.41 29.23 -27.96
N LYS A 390 -4.98 29.15 -26.69
CA LYS A 390 -5.88 29.54 -25.62
C LYS A 390 -6.29 30.99 -25.77
N ALA A 391 -5.57 31.77 -26.58
CA ALA A 391 -5.96 33.14 -26.86
C ALA A 391 -6.67 33.31 -28.19
N ILE A 392 -6.53 32.36 -29.11
CA ILE A 392 -7.25 32.47 -30.38
C ILE A 392 -8.68 31.99 -30.23
N ASP A 393 -8.92 30.98 -29.40
CA ASP A 393 -10.24 30.38 -29.34
C ASP A 393 -11.30 31.38 -28.89
N LEU A 394 -10.95 32.31 -28.01
CA LEU A 394 -11.91 33.32 -27.59
C LEU A 394 -12.37 34.15 -28.78
N VAL A 395 -11.43 34.59 -29.61
CA VAL A 395 -11.79 35.38 -30.78
C VAL A 395 -12.64 34.57 -31.74
N ASP A 396 -12.24 33.32 -31.99
CA ASP A 396 -12.98 32.53 -32.96
C ASP A 396 -14.36 32.13 -32.44
N GLU A 397 -14.61 32.23 -31.14
CA GLU A 397 -15.98 32.05 -30.67
C GLU A 397 -16.76 33.35 -30.72
N ALA A 398 -16.14 34.46 -30.30
CA ALA A 398 -16.86 35.73 -30.29
C ALA A 398 -17.32 36.10 -31.69
N ALA A 399 -16.51 35.79 -32.70
CA ALA A 399 -16.93 36.07 -34.07
C ALA A 399 -18.23 35.33 -34.41
N SER A 400 -18.28 34.03 -34.12
CA SER A 400 -19.46 33.25 -34.47
C SER A 400 -20.67 33.70 -33.67
N ARG A 401 -20.48 34.05 -32.41
CA ARG A 401 -21.60 34.58 -31.63
C ARG A 401 -22.14 35.85 -32.25
N LEU A 402 -21.24 36.76 -32.64
CA LEU A 402 -21.71 38.00 -33.25
C LEU A 402 -22.42 37.75 -34.56
N ARG A 403 -21.97 36.76 -35.33
CA ARG A 403 -22.66 36.41 -36.55
C ARG A 403 -24.09 35.96 -36.24
N MET A 404 -24.23 35.03 -35.29
CA MET A 404 -25.55 34.60 -34.87
C MET A 404 -26.42 35.79 -34.49
N GLU A 405 -25.86 36.73 -33.73
CA GLU A 405 -26.67 37.87 -33.30
C GLU A 405 -27.10 38.72 -34.49
N ILE A 406 -26.18 39.04 -35.40
CA ILE A 406 -26.52 39.93 -36.50
C ILE A 406 -27.48 39.24 -37.46
N ASP A 407 -27.58 37.93 -37.40
CA ASP A 407 -28.68 37.21 -38.02
C ASP A 407 -29.92 37.37 -37.13
N SER A 408 -30.86 36.44 -37.21
CA SER A 408 -32.12 36.55 -36.46
C SER A 408 -31.88 36.89 -34.99
N ARG A 409 -32.96 37.31 -34.32
CA ARG A 409 -32.93 38.19 -33.15
C ARG A 409 -31.77 37.95 -32.21
N PRO A 410 -31.19 39.02 -31.66
CA PRO A 410 -30.06 38.86 -30.74
C PRO A 410 -30.41 38.07 -29.50
N VAL A 411 -29.41 37.64 -28.75
CA VAL A 411 -29.66 36.96 -27.49
C VAL A 411 -30.23 37.96 -26.49
N GLU A 412 -30.70 37.42 -25.36
CA GLU A 412 -31.43 38.15 -24.32
C GLU A 412 -32.81 38.59 -24.81
N ILE A 413 -33.12 38.29 -26.06
CA ILE A 413 -34.49 38.33 -26.55
C ILE A 413 -34.82 36.91 -26.96
N ASP A 414 -33.81 36.18 -27.43
CA ASP A 414 -33.94 34.78 -27.77
C ASP A 414 -34.05 33.90 -26.53
N GLU A 415 -33.90 34.48 -25.34
CA GLU A 415 -34.21 33.78 -24.10
C GLU A 415 -35.60 34.10 -23.58
N VAL A 416 -35.98 35.38 -23.56
CA VAL A 416 -37.28 35.73 -23.02
C VAL A 416 -38.38 35.26 -23.95
N GLU A 417 -38.11 35.19 -25.25
CA GLU A 417 -39.12 34.63 -26.14
C GLU A 417 -39.37 33.16 -25.84
N ARG A 418 -38.31 32.34 -25.85
CA ARG A 418 -38.43 30.92 -25.59
C ARG A 418 -38.86 30.60 -24.16
N LEU A 419 -38.75 31.57 -23.26
CA LEU A 419 -39.19 31.38 -21.89
C LEU A 419 -40.66 31.75 -21.71
N VAL A 420 -41.09 32.85 -22.34
CA VAL A 420 -42.49 33.22 -22.30
C VAL A 420 -43.34 32.18 -23.02
N ARG A 421 -42.85 31.67 -24.16
CA ARG A 421 -43.59 30.63 -24.86
C ARG A 421 -43.78 29.41 -23.99
N ARG A 422 -42.71 29.01 -23.28
CA ARG A 422 -42.77 27.79 -22.48
C ARG A 422 -43.69 27.98 -21.28
N LEU A 423 -43.62 29.15 -20.63
CA LEU A 423 -44.55 29.45 -19.55
C LEU A 423 -45.99 29.41 -20.05
N GLU A 424 -46.22 29.90 -21.27
CA GLU A 424 -47.57 29.84 -21.83
C GLU A 424 -48.02 28.39 -22.00
N ILE A 425 -47.17 27.56 -22.60
CA ILE A 425 -47.52 26.15 -22.79
C ILE A 425 -47.82 25.49 -21.46
N GLU A 426 -47.10 25.88 -20.41
CA GLU A 426 -47.41 25.37 -19.08
C GLU A 426 -48.80 25.80 -18.63
N GLU A 427 -49.05 27.11 -18.62
CA GLU A 427 -50.25 27.63 -17.97
C GLU A 427 -51.51 27.25 -18.72
N MET A 428 -51.44 27.06 -20.04
CA MET A 428 -52.63 26.70 -20.81
C MET A 428 -52.97 25.21 -20.72
N ALA A 429 -52.26 24.47 -19.87
CA ALA A 429 -52.60 23.07 -19.65
C ALA A 429 -52.65 22.76 -18.16
N LEU A 430 -52.08 23.64 -17.35
CA LEU A 430 -52.21 23.51 -15.90
C LEU A 430 -53.57 23.93 -15.39
N SER A 431 -54.24 24.88 -16.05
CA SER A 431 -55.52 25.37 -15.56
C SER A 431 -56.56 24.28 -15.50
N LYS A 432 -56.51 23.30 -16.40
CA LYS A 432 -57.50 22.24 -16.43
C LYS A 432 -57.12 21.08 -15.52
N GLU A 433 -56.83 21.40 -14.27
CA GLU A 433 -56.56 20.43 -13.22
C GLU A 433 -57.73 20.45 -12.26
N GLU A 434 -58.47 19.34 -12.19
CA GLU A 434 -59.64 19.26 -11.34
C GLU A 434 -59.23 19.12 -9.88
N ASP A 435 -58.55 20.12 -9.34
CA ASP A 435 -58.02 20.06 -7.99
C ASP A 435 -58.04 21.44 -7.35
N GLU A 436 -57.67 21.47 -6.07
CA GLU A 436 -57.61 22.70 -5.31
C GLU A 436 -56.17 22.94 -4.86
N ALA A 437 -55.41 21.86 -4.71
CA ALA A 437 -54.01 22.01 -4.30
C ALA A 437 -53.23 22.83 -5.31
N SER A 438 -53.35 22.51 -6.59
CA SER A 438 -52.66 23.23 -7.66
C SER A 438 -53.30 24.58 -7.95
N ALA A 439 -54.46 24.87 -7.38
CA ALA A 439 -55.11 26.16 -7.62
C ALA A 439 -54.29 27.31 -7.08
N GLU A 440 -53.40 27.06 -6.13
CA GLU A 440 -52.46 28.08 -5.70
C GLU A 440 -51.14 27.98 -6.44
N ARG A 441 -50.88 26.88 -7.14
CA ARG A 441 -49.73 26.81 -8.02
C ARG A 441 -50.02 27.43 -9.38
N LEU A 442 -51.29 27.71 -9.66
CA LEU A 442 -51.66 28.46 -10.85
C LEU A 442 -51.76 29.95 -10.59
N ALA A 443 -52.04 30.35 -9.34
CA ALA A 443 -52.13 31.75 -8.98
C ALA A 443 -50.79 32.45 -8.93
N LYS A 444 -49.71 31.79 -9.37
CA LYS A 444 -48.40 32.40 -9.47
C LYS A 444 -47.81 32.28 -10.86
N LEU A 445 -48.09 31.17 -11.55
CA LEU A 445 -47.66 31.02 -12.94
C LEU A 445 -48.16 32.17 -13.79
N ARG A 446 -49.45 32.52 -13.63
CA ARG A 446 -50.01 33.65 -14.36
C ARG A 446 -49.26 34.93 -14.03
N SER A 447 -48.96 35.14 -12.74
CA SER A 447 -48.28 36.35 -12.31
C SER A 447 -46.92 36.49 -12.97
N GLU A 448 -46.13 35.43 -12.92
CA GLU A 448 -44.78 35.52 -13.48
C GLU A 448 -44.81 35.58 -14.99
N LEU A 449 -45.75 34.88 -15.62
CA LEU A 449 -45.90 34.96 -17.08
C LEU A 449 -46.19 36.38 -17.50
N ALA A 450 -47.07 37.07 -16.77
CA ALA A 450 -47.36 38.46 -17.09
C ALA A 450 -46.15 39.34 -16.85
N ASP A 451 -45.46 39.13 -15.72
CA ASP A 451 -44.33 39.99 -15.37
C ASP A 451 -43.17 39.80 -16.34
N GLN A 452 -43.18 38.69 -17.08
CA GLN A 452 -42.14 38.51 -18.10
C GLN A 452 -42.61 38.99 -19.47
N LYS A 453 -43.91 38.85 -19.76
CA LYS A 453 -44.45 39.46 -20.96
C LYS A 453 -44.16 40.95 -20.98
N GLU A 454 -44.28 41.59 -19.81
CA GLU A 454 -43.97 43.01 -19.70
C GLU A 454 -42.54 43.31 -20.13
N LYS A 455 -41.59 42.52 -19.63
CA LYS A 455 -40.18 42.76 -19.91
C LYS A 455 -39.87 42.52 -21.37
N LEU A 456 -40.44 41.46 -21.94
CA LEU A 456 -40.23 41.20 -23.36
C LEU A 456 -40.74 42.35 -24.20
N ALA A 457 -41.94 42.86 -23.88
CA ALA A 457 -42.47 44.01 -24.60
C ALA A 457 -41.52 45.19 -24.51
N GLU A 458 -41.09 45.53 -23.30
CA GLU A 458 -40.20 46.68 -23.11
C GLU A 458 -38.91 46.52 -23.92
N LEU A 459 -38.31 45.34 -23.88
CA LEU A 459 -37.02 45.17 -24.54
C LEU A 459 -37.18 45.19 -26.05
N THR A 460 -38.21 44.52 -26.57
CA THR A 460 -38.46 44.57 -28.00
C THR A 460 -38.74 45.99 -28.47
N THR A 461 -39.34 46.82 -27.60
CA THR A 461 -39.53 48.21 -27.97
C THR A 461 -38.22 48.97 -28.00
N ARG A 462 -37.37 48.78 -26.99
CA ARG A 462 -36.06 49.41 -26.97
C ARG A 462 -35.26 49.05 -28.22
N TRP A 463 -35.47 47.83 -28.74
CA TRP A 463 -34.82 47.43 -29.97
C TRP A 463 -35.13 48.41 -31.10
N GLN A 464 -36.35 48.95 -31.11
CA GLN A 464 -36.73 49.89 -32.16
C GLN A 464 -36.01 51.22 -31.98
N ASN A 465 -35.88 51.69 -30.74
CA ASN A 465 -35.12 52.91 -30.48
C ASN A 465 -33.69 52.76 -30.96
N GLU A 466 -33.04 51.65 -30.61
CA GLU A 466 -31.66 51.44 -31.05
C GLU A 466 -31.55 51.24 -32.55
N LYS A 467 -32.55 50.64 -33.19
CA LYS A 467 -32.52 50.42 -34.63
C LYS A 467 -32.80 51.70 -35.42
N ASN A 468 -33.52 52.65 -34.85
CA ASN A 468 -33.85 53.90 -35.55
C ASN A 468 -32.82 54.99 -35.27
N ALA A 469 -32.60 55.31 -34.00
CA ALA A 469 -31.71 56.40 -33.63
C ALA A 469 -30.27 56.15 -34.07
N LYS A 530 -24.76 45.54 -32.25
CA LYS A 530 -23.51 46.16 -32.68
C LYS A 530 -22.98 45.42 -33.90
N GLU A 531 -21.84 45.87 -34.45
CA GLU A 531 -21.33 45.25 -35.67
C GLU A 531 -19.84 44.91 -35.57
N GLU A 532 -19.27 44.82 -34.38
CA GLU A 532 -17.89 44.37 -34.27
C GLU A 532 -17.68 43.75 -32.91
N VAL A 533 -16.78 42.75 -32.85
CA VAL A 533 -16.48 42.10 -31.59
C VAL A 533 -15.62 43.01 -30.73
N GLY A 534 -16.25 43.67 -29.78
CA GLY A 534 -15.57 44.63 -28.95
C GLY A 534 -14.63 43.97 -27.98
N PRO A 535 -14.28 44.68 -26.90
CA PRO A 535 -13.40 44.09 -25.90
C PRO A 535 -14.12 43.25 -24.87
N ASP A 536 -15.43 43.42 -24.69
CA ASP A 536 -16.14 42.72 -23.64
C ASP A 536 -16.88 41.48 -24.12
N ASP A 537 -17.03 41.27 -25.42
CA ASP A 537 -17.51 39.98 -25.87
C ASP A 537 -16.52 38.88 -25.54
N ILE A 538 -15.23 39.20 -25.62
CA ILE A 538 -14.22 38.25 -25.17
C ILE A 538 -14.42 37.92 -23.69
N ALA A 539 -14.72 38.93 -22.88
CA ALA A 539 -14.96 38.68 -21.47
C ALA A 539 -16.21 37.85 -21.26
N ASP A 540 -17.24 38.08 -22.06
CA ASP A 540 -18.43 37.23 -21.98
C ASP A 540 -18.10 35.79 -22.31
N VAL A 541 -17.19 35.56 -23.26
CA VAL A 541 -16.82 34.19 -23.57
C VAL A 541 -16.00 33.58 -22.43
N VAL A 542 -15.10 34.36 -21.86
CA VAL A 542 -14.33 33.89 -20.70
C VAL A 542 -15.24 33.60 -19.52
N SER A 543 -16.41 34.23 -19.46
CA SER A 543 -17.34 33.93 -18.38
C SER A 543 -18.23 32.73 -18.68
N ALA A 544 -18.67 32.60 -19.93
CA ALA A 544 -19.43 31.41 -20.31
C ALA A 544 -18.59 30.15 -20.11
N TRP A 545 -17.37 30.18 -20.61
CA TRP A 545 -16.35 29.23 -20.18
C TRP A 545 -15.98 29.53 -18.73
N THR A 546 -15.56 28.51 -18.01
CA THR A 546 -14.92 28.66 -16.70
C THR A 546 -15.83 29.26 -15.64
N GLY A 547 -17.03 29.71 -16.00
CA GLY A 547 -17.98 30.18 -15.02
C GLY A 547 -17.61 31.44 -14.28
N ILE A 548 -16.36 31.91 -14.36
CA ILE A 548 -15.95 33.07 -13.55
C ILE A 548 -16.59 34.33 -14.13
N PRO A 549 -17.24 35.15 -13.33
CA PRO A 549 -17.82 36.39 -13.87
C PRO A 549 -16.77 37.47 -13.99
N ALA A 550 -16.36 37.77 -15.22
CA ALA A 550 -15.47 38.89 -15.51
C ALA A 550 -16.12 39.68 -16.63
N GLY A 551 -17.02 40.59 -16.29
CA GLY A 551 -17.80 41.32 -17.28
C GLY A 551 -17.64 42.80 -17.08
N ARG A 552 -18.78 43.52 -17.08
CA ARG A 552 -18.73 44.96 -16.96
C ARG A 552 -19.81 45.51 -16.04
N LEU A 553 -20.41 44.67 -15.20
CA LEU A 553 -21.38 45.13 -14.20
C LEU A 553 -22.56 45.85 -14.85
N LEU A 554 -23.39 45.07 -15.53
CA LEU A 554 -24.43 45.64 -16.37
C LEU A 554 -25.60 46.22 -15.59
N GLU A 555 -25.31 47.12 -14.64
CA GLU A 555 -26.27 48.08 -14.09
C GLU A 555 -27.41 47.46 -13.30
N GLY A 556 -27.48 46.13 -13.25
CA GLY A 556 -28.52 45.47 -12.48
C GLY A 556 -27.89 44.73 -11.33
N GLU A 557 -26.65 44.30 -11.53
CA GLU A 557 -25.85 43.72 -10.48
C GLU A 557 -25.34 44.74 -9.50
N THR A 558 -24.99 45.94 -9.97
CA THR A 558 -24.48 46.98 -9.09
C THR A 558 -25.52 47.43 -8.07
N ALA A 559 -26.79 47.13 -8.27
CA ALA A 559 -27.79 47.37 -7.23
C ALA A 559 -27.74 46.29 -6.16
N LYS A 560 -27.60 45.02 -6.59
CA LYS A 560 -27.41 43.94 -5.64
C LYS A 560 -26.16 44.16 -4.82
N LEU A 561 -25.10 44.68 -5.43
CA LEU A 561 -23.86 44.86 -4.69
C LEU A 561 -23.92 45.99 -3.68
N LEU A 562 -24.92 46.88 -3.78
CA LEU A 562 -25.13 47.87 -2.75
C LEU A 562 -26.19 47.44 -1.74
N ARG A 563 -27.08 46.54 -2.12
CA ARG A 563 -28.02 45.94 -1.19
C ARG A 563 -27.50 44.66 -0.56
N MET A 564 -26.24 44.31 -0.79
CA MET A 564 -25.69 43.07 -0.25
C MET A 564 -25.91 42.96 1.25
N GLU A 565 -25.64 44.03 1.98
CA GLU A 565 -25.73 43.94 3.43
C GLU A 565 -27.16 43.75 3.89
N ASP A 566 -28.09 44.55 3.36
CA ASP A 566 -29.49 44.39 3.73
C ASP A 566 -30.10 43.11 3.18
N GLU A 567 -29.46 42.46 2.22
CA GLU A 567 -29.97 41.19 1.73
C GLU A 567 -29.44 40.02 2.54
N LEU A 568 -28.20 40.12 3.02
CA LEU A 568 -27.72 39.15 4.00
C LEU A 568 -28.49 39.26 5.30
N GLY A 569 -28.77 40.48 5.74
CA GLY A 569 -29.51 40.71 6.97
C GLY A 569 -30.90 40.09 7.00
N LYS A 570 -31.38 39.57 5.87
CA LYS A 570 -32.62 38.82 5.85
C LYS A 570 -32.46 37.41 6.37
N ARG A 571 -31.22 36.99 6.64
CA ARG A 571 -30.95 35.65 7.12
C ARG A 571 -30.02 35.60 8.32
N VAL A 572 -29.12 36.56 8.48
CA VAL A 572 -28.29 36.70 9.66
C VAL A 572 -28.69 37.99 10.33
N ILE A 573 -28.46 38.09 11.64
CA ILE A 573 -28.88 39.24 12.42
C ILE A 573 -27.73 39.67 13.32
N GLY A 574 -27.45 40.96 13.34
CA GLY A 574 -26.30 41.44 14.06
C GLY A 574 -25.02 41.04 13.35
N GLN A 575 -23.92 41.12 14.08
CA GLN A 575 -22.60 40.80 13.53
C GLN A 575 -22.31 41.65 12.29
N LYS A 576 -22.81 42.89 12.30
CA LYS A 576 -22.62 43.76 11.14
C LYS A 576 -21.15 44.08 10.91
N ALA A 577 -20.34 44.08 11.98
CA ALA A 577 -18.91 44.23 11.82
C ALA A 577 -18.32 43.11 10.99
N ALA A 578 -18.98 41.96 10.91
CA ALA A 578 -18.54 40.87 10.06
C ALA A 578 -19.22 40.85 8.71
N VAL A 579 -20.49 41.27 8.65
CA VAL A 579 -21.18 41.35 7.37
C VAL A 579 -20.50 42.38 6.47
N THR A 580 -20.19 43.55 7.01
CA THR A 580 -19.51 44.56 6.23
C THR A 580 -18.17 44.06 5.70
N ALA A 581 -17.48 43.23 6.47
CA ALA A 581 -16.18 42.75 6.03
C ALA A 581 -16.29 41.65 4.99
N VAL A 582 -17.22 40.72 5.15
CA VAL A 582 -17.44 39.72 4.13
C VAL A 582 -17.85 40.37 2.82
N SER A 583 -18.81 41.28 2.86
CA SER A 583 -19.35 41.88 1.65
C SER A 583 -18.37 42.80 0.95
N ASP A 584 -17.61 43.59 1.70
CA ASP A 584 -16.69 44.55 1.06
C ASP A 584 -15.65 43.88 0.18
N ALA A 585 -15.33 42.62 0.43
CA ALA A 585 -14.34 41.92 -0.37
C ALA A 585 -14.90 41.36 -1.66
N VAL A 586 -16.18 41.61 -1.95
CA VAL A 586 -16.77 41.17 -3.20
C VAL A 586 -16.89 42.31 -4.19
N ARG A 587 -17.40 43.46 -3.75
CA ARG A 587 -17.36 44.63 -4.61
C ARG A 587 -15.91 45.01 -4.92
N ARG A 588 -15.01 44.78 -3.98
CA ARG A 588 -13.60 45.12 -4.19
C ARG A 588 -12.99 44.32 -5.31
N SER A 589 -13.56 43.17 -5.66
CA SER A 589 -13.10 42.40 -6.79
C SER A 589 -13.96 42.57 -8.02
N ARG A 590 -15.21 43.00 -7.86
CA ARG A 590 -16.02 43.33 -9.03
C ARG A 590 -15.55 44.62 -9.68
N ALA A 591 -15.08 45.57 -8.88
CA ALA A 591 -14.51 46.77 -9.46
C ALA A 591 -13.10 46.56 -9.98
N GLY A 592 -12.57 45.34 -9.90
CA GLY A 592 -11.23 45.07 -10.39
C GLY A 592 -10.14 45.81 -9.63
N VAL A 593 -10.19 45.79 -8.31
CA VAL A 593 -9.24 46.53 -7.49
C VAL A 593 -8.37 45.63 -6.63
N SER A 594 -8.82 44.43 -6.30
CA SER A 594 -8.04 43.53 -5.47
C SER A 594 -6.86 42.96 -6.25
N ASP A 595 -5.91 42.41 -5.52
CA ASP A 595 -4.71 41.87 -6.12
C ASP A 595 -5.06 40.66 -6.99
N PRO A 596 -4.50 40.52 -8.19
CA PRO A 596 -4.94 39.46 -9.09
C PRO A 596 -4.32 38.10 -8.82
N ASN A 597 -3.28 38.00 -8.00
CA ASN A 597 -2.69 36.70 -7.67
C ASN A 597 -2.68 36.54 -6.15
N ARG A 598 -3.82 36.12 -5.64
CA ARG A 598 -4.11 35.89 -4.23
C ARG A 598 -5.58 35.45 -4.22
N PRO A 599 -6.05 34.72 -3.23
CA PRO A 599 -7.48 34.44 -3.16
C PRO A 599 -8.32 35.71 -3.19
N THR A 600 -9.58 35.55 -3.53
CA THR A 600 -10.48 36.69 -3.57
C THR A 600 -10.78 37.23 -2.21
N GLY A 601 -10.19 36.65 -1.17
CA GLY A 601 -10.42 37.07 0.19
C GLY A 601 -10.60 35.87 1.10
N ALA A 602 -9.82 35.80 2.17
CA ALA A 602 -9.83 34.62 3.02
C ALA A 602 -9.62 35.06 4.46
N PHE A 603 -10.64 34.85 5.30
CA PHE A 603 -10.57 35.30 6.68
C PHE A 603 -11.32 34.34 7.57
N MET A 604 -11.05 34.43 8.87
CA MET A 604 -11.50 33.45 9.84
C MET A 604 -12.48 34.06 10.82
N PHE A 605 -13.58 33.36 11.07
CA PHE A 605 -14.55 33.74 12.07
C PHE A 605 -14.27 33.01 13.36
N LEU A 606 -14.48 33.67 14.49
CA LEU A 606 -14.33 33.01 15.78
C LEU A 606 -15.12 33.76 16.83
N GLY A 607 -15.78 33.01 17.71
CA GLY A 607 -16.60 33.57 18.74
C GLY A 607 -17.33 32.48 19.51
N PRO A 608 -18.18 32.86 20.46
CA PRO A 608 -18.87 31.85 21.28
C PRO A 608 -19.79 30.97 20.45
N THR A 609 -20.40 29.97 21.09
CA THR A 609 -21.15 28.95 20.38
C THR A 609 -22.52 29.46 19.97
N GLY A 610 -23.02 28.91 18.87
CA GLY A 610 -24.36 29.18 18.39
C GLY A 610 -24.67 30.65 18.20
N VAL A 611 -23.79 31.37 17.50
CA VAL A 611 -23.95 32.80 17.32
C VAL A 611 -24.25 33.17 15.87
N GLY A 612 -23.80 32.38 14.91
CA GLY A 612 -24.14 32.66 13.52
C GLY A 612 -22.98 32.42 12.58
N LYS A 613 -21.83 32.04 13.13
CA LYS A 613 -20.61 32.01 12.36
C LYS A 613 -20.53 30.85 11.37
N THR A 614 -21.54 30.00 11.30
CA THR A 614 -21.68 29.06 10.20
C THR A 614 -22.91 29.35 9.35
N GLU A 615 -23.92 30.00 9.91
CA GLU A 615 -25.05 30.44 9.12
C GLU A 615 -24.64 31.53 8.14
N LEU A 616 -23.69 32.37 8.53
CA LEU A 616 -23.26 33.45 7.66
C LEU A 616 -22.59 32.92 6.40
N ALA A 617 -21.75 31.90 6.53
CA ALA A 617 -21.12 31.34 5.34
C ALA A 617 -22.14 30.71 4.42
N LYS A 618 -23.17 30.06 4.98
CA LYS A 618 -24.19 29.48 4.12
C LYS A 618 -25.10 30.54 3.52
N ALA A 619 -25.28 31.65 4.22
CA ALA A 619 -26.05 32.74 3.66
C ALA A 619 -25.30 33.48 2.57
N LEU A 620 -23.97 33.48 2.64
CA LEU A 620 -23.16 34.09 1.60
C LEU A 620 -23.03 33.18 0.40
N ALA A 621 -22.93 31.87 0.62
CA ALA A 621 -22.86 30.96 -0.50
C ALA A 621 -24.18 30.80 -1.23
N ASP A 622 -25.27 31.32 -0.67
CA ASP A 622 -26.55 31.31 -1.36
C ASP A 622 -26.82 32.60 -2.10
N PHE A 623 -26.34 33.72 -1.60
CA PHE A 623 -26.50 35.00 -2.28
C PHE A 623 -25.75 35.05 -3.59
N LEU A 624 -24.76 34.20 -3.79
CA LEU A 624 -23.93 34.26 -4.98
C LEU A 624 -24.35 33.23 -6.03
N PHE A 625 -24.80 32.06 -5.62
CA PHE A 625 -25.17 31.00 -6.57
C PHE A 625 -26.64 30.62 -6.53
N ASP A 626 -27.42 31.13 -5.59
CA ASP A 626 -28.86 30.88 -5.52
C ASP A 626 -29.19 29.43 -5.19
N ASP A 627 -28.24 28.71 -4.58
CA ASP A 627 -28.53 27.37 -4.05
C ASP A 627 -27.51 27.04 -2.98
N GLU A 628 -27.99 26.85 -1.74
CA GLU A 628 -27.12 26.74 -0.58
C GLU A 628 -26.21 25.53 -0.68
N ARG A 629 -26.57 24.53 -1.47
CA ARG A 629 -25.86 23.26 -1.50
C ARG A 629 -24.61 23.30 -2.37
N ALA A 630 -24.29 24.41 -3.02
CA ALA A 630 -23.27 24.43 -4.07
C ALA A 630 -21.95 25.01 -3.59
N MET A 631 -21.56 24.74 -2.34
CA MET A 631 -20.26 25.16 -1.84
C MET A 631 -19.45 23.93 -1.47
N VAL A 632 -18.16 23.97 -1.80
CA VAL A 632 -17.24 22.93 -1.35
C VAL A 632 -17.01 23.14 0.13
N ARG A 633 -17.39 22.16 0.94
CA ARG A 633 -17.32 22.25 2.38
C ARG A 633 -16.68 20.98 2.92
N ILE A 634 -15.67 21.12 3.77
CA ILE A 634 -15.02 19.99 4.40
C ILE A 634 -14.98 20.25 5.90
N ASP A 635 -15.21 19.21 6.68
CA ASP A 635 -15.31 19.32 8.13
C ASP A 635 -13.98 18.92 8.75
N MET A 636 -13.26 19.88 9.29
CA MET A 636 -11.90 19.65 9.76
C MET A 636 -11.85 18.89 11.07
N SER A 637 -12.97 18.34 11.53
CA SER A 637 -12.93 17.55 12.76
C SER A 637 -12.58 16.10 12.50
N GLU A 638 -12.26 15.74 11.26
CA GLU A 638 -11.80 14.40 10.94
C GLU A 638 -10.33 14.33 10.61
N TYR A 639 -9.74 15.42 10.15
CA TYR A 639 -8.32 15.46 9.83
C TYR A 639 -7.48 15.60 11.09
N GLY A 640 -7.44 14.55 11.88
CA GLY A 640 -6.76 14.56 13.16
C GLY A 640 -5.39 13.95 13.20
N GLU A 641 -4.90 13.42 12.09
CA GLU A 641 -3.57 12.82 12.04
C GLU A 641 -2.84 13.26 10.79
N LYS A 642 -1.52 13.03 10.80
CA LYS A 642 -0.68 13.39 9.66
C LYS A 642 -1.23 12.82 8.37
N HIS A 643 -1.41 11.50 8.32
CA HIS A 643 -1.66 10.84 7.05
C HIS A 643 -3.02 11.16 6.46
N THR A 644 -3.93 11.79 7.20
CA THR A 644 -5.21 12.16 6.65
C THR A 644 -5.14 13.44 5.83
N VAL A 645 -3.94 13.92 5.54
CA VAL A 645 -3.80 15.00 4.58
C VAL A 645 -3.95 14.47 3.17
N ALA A 646 -3.57 13.22 2.94
CA ALA A 646 -3.73 12.61 1.63
C ALA A 646 -5.21 12.44 1.30
N ARG A 647 -6.08 12.91 2.18
CA ARG A 647 -7.51 12.83 1.92
C ARG A 647 -7.99 13.94 1.00
N LEU A 648 -7.24 15.04 0.91
CA LEU A 648 -7.64 16.18 0.10
C LEU A 648 -6.57 16.57 -0.91
N ILE A 649 -5.61 15.68 -1.18
CA ILE A 649 -4.54 16.05 -2.08
C ILE A 649 -4.27 14.92 -3.07
N GLY A 650 -4.87 13.75 -2.83
CA GLY A 650 -4.64 12.59 -3.68
C GLY A 650 -3.61 11.65 -3.11
N ALA A 651 -3.17 10.72 -3.94
CA ALA A 651 -2.13 9.87 -3.40
C ALA A 651 -0.88 9.94 -4.26
N PRO A 652 0.30 9.82 -3.64
CA PRO A 652 1.56 9.90 -4.40
C PRO A 652 1.63 8.79 -5.44
N PRO A 653 2.49 8.93 -6.45
CA PRO A 653 2.41 8.04 -7.63
C PRO A 653 2.56 6.57 -7.29
N GLY A 654 1.71 5.76 -7.92
CA GLY A 654 1.84 4.32 -7.87
C GLY A 654 1.14 3.60 -6.74
N TYR A 655 0.18 4.24 -6.09
CA TYR A 655 -0.41 3.70 -4.87
C TYR A 655 -1.89 3.39 -5.09
N VAL A 656 -2.60 3.09 -4.01
CA VAL A 656 -3.92 2.44 -4.14
C VAL A 656 -4.91 3.38 -4.80
N GLY A 657 -5.26 4.46 -4.12
CA GLY A 657 -6.19 5.39 -4.72
C GLY A 657 -5.46 6.48 -5.46
N TYR A 658 -5.24 6.26 -6.74
CA TYR A 658 -4.48 7.17 -7.58
C TYR A 658 -5.30 7.71 -8.72
N GLU A 659 -6.18 6.88 -9.27
CA GLU A 659 -7.11 7.30 -10.30
C GLU A 659 -8.22 8.18 -9.73
N ALA A 660 -8.28 8.33 -8.41
CA ALA A 660 -9.34 9.11 -7.79
C ALA A 660 -8.93 10.55 -7.51
N GLY A 661 -7.64 10.86 -7.56
CA GLY A 661 -7.19 12.21 -7.33
C GLY A 661 -7.55 12.73 -5.94
N GLY A 662 -7.46 14.04 -5.75
CA GLY A 662 -7.78 14.64 -4.47
C GLY A 662 -9.28 14.77 -4.26
N GLN A 663 -9.63 15.44 -3.17
CA GLN A 663 -11.00 15.66 -2.75
C GLN A 663 -11.34 17.13 -2.63
N LEU A 664 -10.40 17.94 -2.17
CA LEU A 664 -10.55 19.38 -2.27
C LEU A 664 -10.12 19.87 -3.64
N THR A 665 -9.15 19.19 -4.23
CA THR A 665 -8.63 19.60 -5.54
C THR A 665 -9.66 19.37 -6.64
N GLU A 666 -10.12 18.15 -6.81
CA GLU A 666 -10.96 17.81 -7.96
C GLU A 666 -12.31 18.52 -7.95
N ALA A 667 -12.63 19.32 -6.94
CA ALA A 667 -13.83 20.13 -6.99
C ALA A 667 -13.55 21.61 -7.19
N VAL A 668 -12.29 22.02 -7.14
CA VAL A 668 -11.88 23.37 -7.47
C VAL A 668 -11.00 23.42 -8.70
N ARG A 669 -10.72 22.27 -9.31
CA ARG A 669 -10.08 22.25 -10.61
C ARG A 669 -11.07 22.52 -11.72
N ARG A 670 -12.36 22.34 -11.47
CA ARG A 670 -13.39 22.68 -12.43
C ARG A 670 -14.41 23.59 -11.76
N ARG A 671 -14.82 24.62 -12.48
CA ARG A 671 -15.66 25.68 -11.93
C ARG A 671 -15.01 26.26 -10.68
N PRO A 672 -13.95 27.05 -10.84
CA PRO A 672 -13.23 27.64 -9.71
C PRO A 672 -13.81 28.96 -9.23
N TYR A 673 -15.13 29.01 -9.09
CA TYR A 673 -15.80 30.17 -8.51
C TYR A 673 -16.46 29.81 -7.19
N THR A 674 -16.26 28.60 -6.69
CA THR A 674 -16.97 28.14 -5.53
C THR A 674 -16.48 28.85 -4.26
N VAL A 675 -17.03 28.45 -3.13
CA VAL A 675 -16.70 28.98 -1.82
C VAL A 675 -16.23 27.83 -0.95
N VAL A 676 -15.09 27.99 -0.31
CA VAL A 676 -14.45 26.93 0.45
C VAL A 676 -14.68 27.19 1.93
N LEU A 677 -15.16 26.19 2.65
CA LEU A 677 -15.49 26.33 4.05
C LEU A 677 -14.83 25.24 4.87
N PHE A 678 -14.02 25.63 5.86
CA PHE A 678 -13.35 24.71 6.77
C PHE A 678 -13.97 24.93 8.15
N ASP A 679 -14.86 24.03 8.57
CA ASP A 679 -15.41 24.15 9.91
C ASP A 679 -14.46 23.59 10.95
N GLU A 680 -14.39 24.25 12.10
CA GLU A 680 -13.58 23.82 13.23
C GLU A 680 -12.15 23.51 12.80
N ILE A 681 -11.46 24.57 12.36
CA ILE A 681 -10.10 24.39 11.88
C ILE A 681 -9.18 23.96 13.00
N GLU A 682 -9.50 24.32 14.25
CA GLU A 682 -8.58 24.01 15.33
C GLU A 682 -8.70 22.57 15.81
N LYS A 683 -9.68 21.83 15.29
CA LYS A 683 -9.78 20.42 15.60
C LYS A 683 -8.78 19.58 14.82
N ALA A 684 -8.14 20.15 13.80
CA ALA A 684 -7.21 19.40 12.99
C ALA A 684 -5.90 19.19 13.74
N HIS A 685 -4.93 18.63 13.05
CA HIS A 685 -3.55 18.32 13.40
C HIS A 685 -2.64 19.38 12.82
N PRO A 686 -1.74 19.98 13.59
CA PRO A 686 -1.09 21.21 13.10
C PRO A 686 -0.06 20.93 12.02
N ASP A 687 -0.42 20.05 11.10
CA ASP A 687 0.32 19.83 9.87
C ASP A 687 -0.55 19.99 8.65
N VAL A 688 -1.88 19.84 8.78
CA VAL A 688 -2.80 20.30 7.75
C VAL A 688 -2.74 21.81 7.61
N PHE A 689 -2.37 22.52 8.66
CA PHE A 689 -2.23 23.97 8.59
C PHE A 689 -1.21 24.40 7.56
N ASP A 690 -0.29 23.51 7.18
CA ASP A 690 0.80 23.92 6.31
C ASP A 690 0.54 23.59 4.85
N VAL A 691 -0.64 23.08 4.51
CA VAL A 691 -1.08 23.12 3.12
C VAL A 691 -1.75 24.45 2.82
N LEU A 692 -2.54 24.94 3.76
CA LEU A 692 -3.14 26.25 3.60
C LEU A 692 -2.11 27.37 3.63
N LEU A 693 -0.85 27.10 3.96
CA LEU A 693 0.16 28.13 3.84
C LEU A 693 0.35 28.54 2.39
N GLN A 694 0.57 27.58 1.49
CA GLN A 694 0.65 27.93 0.09
C GLN A 694 -0.71 28.05 -0.57
N VAL A 695 -1.78 27.60 0.08
CA VAL A 695 -3.10 27.95 -0.44
C VAL A 695 -3.36 29.44 -0.28
N LEU A 696 -3.18 29.97 0.92
CA LEU A 696 -3.33 31.38 1.17
C LEU A 696 -2.13 32.15 0.61
N ASP A 697 -2.40 33.39 0.19
CA ASP A 697 -1.37 34.37 -0.17
C ASP A 697 -0.51 33.94 -1.34
N GLU A 698 -0.78 32.78 -1.91
CA GLU A 698 -0.23 32.49 -3.22
C GLU A 698 -1.25 31.89 -4.16
N GLY A 699 -2.28 31.23 -3.63
CA GLY A 699 -3.43 30.86 -4.41
C GLY A 699 -3.32 29.56 -5.19
N ARG A 700 -2.29 28.76 -4.98
CA ARG A 700 -2.18 27.51 -5.71
C ARG A 700 -1.62 26.42 -4.83
N LEU A 701 -1.99 25.18 -5.14
CA LEU A 701 -1.39 23.99 -4.53
C LEU A 701 -1.41 22.86 -5.55
N THR A 702 -0.52 21.89 -5.35
CA THR A 702 -0.31 20.82 -6.31
C THR A 702 -0.76 19.49 -5.72
N ASP A 703 -1.66 18.82 -6.41
CA ASP A 703 -2.16 17.54 -5.92
C ASP A 703 -1.12 16.46 -6.21
N GLY A 704 -1.50 15.20 -6.00
CA GLY A 704 -0.55 14.11 -6.20
C GLY A 704 -0.12 13.96 -7.65
N HIS A 705 -1.04 14.12 -8.59
CA HIS A 705 -0.76 13.99 -10.01
C HIS A 705 0.24 15.01 -10.54
N GLY A 706 0.61 16.00 -9.73
CA GLY A 706 1.49 17.06 -10.18
C GLY A 706 0.78 18.28 -10.73
N ARG A 707 -0.49 18.16 -11.09
CA ARG A 707 -1.25 19.30 -11.57
C ARG A 707 -1.32 20.38 -10.49
N THR A 708 -1.52 21.62 -10.93
CA THR A 708 -1.55 22.78 -10.04
C THR A 708 -2.89 23.46 -10.23
N VAL A 709 -3.78 23.31 -9.24
CA VAL A 709 -5.03 24.06 -9.27
C VAL A 709 -4.79 25.43 -8.65
N ASP A 710 -5.60 26.40 -9.06
CA ASP A 710 -5.43 27.78 -8.62
C ASP A 710 -6.65 28.24 -7.86
N PHE A 711 -6.42 28.87 -6.72
CA PHE A 711 -7.49 29.38 -5.87
C PHE A 711 -7.62 30.89 -5.95
N ARG A 712 -7.42 31.46 -7.14
CA ARG A 712 -7.40 32.91 -7.28
C ARG A 712 -8.79 33.49 -7.49
N ASN A 713 -9.84 32.69 -7.30
CA ASN A 713 -11.19 33.20 -7.43
C ASN A 713 -12.14 32.70 -6.35
N THR A 714 -11.66 31.89 -5.42
CA THR A 714 -12.49 31.36 -4.35
C THR A 714 -12.43 32.28 -3.14
N ILE A 715 -13.34 32.04 -2.21
CA ILE A 715 -13.43 32.80 -0.97
C ILE A 715 -13.34 31.78 0.16
N LEU A 716 -12.20 31.74 0.83
CA LEU A 716 -11.99 30.77 1.89
C LEU A 716 -12.56 31.31 3.20
N ILE A 717 -13.15 30.42 3.99
CA ILE A 717 -13.74 30.82 5.26
C ILE A 717 -13.43 29.75 6.30
N LEU A 718 -12.88 30.16 7.44
CA LEU A 718 -12.51 29.27 8.51
C LEU A 718 -13.32 29.63 9.74
N THR A 719 -13.96 28.65 10.37
CA THR A 719 -14.68 28.88 11.60
C THR A 719 -13.98 28.18 12.74
N SER A 720 -14.26 28.61 13.96
CA SER A 720 -13.61 28.04 15.13
C SER A 720 -14.39 28.46 16.37
N ASN A 721 -13.89 28.03 17.53
CA ASN A 721 -14.51 28.35 18.79
C ASN A 721 -13.47 28.66 19.86
N LEU A 722 -12.35 29.26 19.46
CA LEU A 722 -11.24 29.45 20.37
C LEU A 722 -11.61 30.42 21.49
N GLY A 723 -11.18 30.09 22.71
CA GLY A 723 -11.43 30.93 23.85
C GLY A 723 -12.84 30.76 24.41
N SER A 724 -13.81 31.42 23.77
CA SER A 724 -15.22 31.27 24.08
C SER A 724 -15.58 31.70 25.50
N GLY A 725 -14.59 32.12 26.29
CA GLY A 725 -14.86 32.53 27.65
C GLY A 725 -14.27 33.88 28.01
N GLY A 726 -13.28 34.33 27.23
CA GLY A 726 -12.65 35.60 27.47
C GLY A 726 -13.34 36.71 26.69
N SER A 727 -13.19 37.94 27.18
CA SER A 727 -13.80 39.06 26.49
C SER A 727 -13.19 39.26 25.11
N ALA A 728 -11.96 39.74 25.06
CA ALA A 728 -11.26 39.95 23.80
C ALA A 728 -9.78 39.61 23.85
N GLU A 729 -9.19 39.43 25.02
CA GLU A 729 -7.78 39.08 25.13
C GLU A 729 -7.55 37.59 25.10
N GLN A 730 -8.45 36.81 25.69
CA GLN A 730 -8.26 35.36 25.69
C GLN A 730 -8.36 34.79 24.29
N VAL A 731 -9.27 35.29 23.46
CA VAL A 731 -9.40 34.75 22.12
C VAL A 731 -8.12 34.98 21.33
N LEU A 732 -7.58 36.20 21.39
CA LEU A 732 -6.34 36.48 20.67
C LEU A 732 -5.17 35.71 21.24
N ALA A 733 -5.09 35.57 22.56
CA ALA A 733 -4.01 34.80 23.15
C ALA A 733 -4.07 33.35 22.73
N ALA A 734 -5.27 32.76 22.75
CA ALA A 734 -5.41 31.37 22.34
C ALA A 734 -5.11 31.20 20.87
N VAL A 735 -5.46 32.19 20.05
CA VAL A 735 -5.15 32.11 18.62
C VAL A 735 -3.65 32.13 18.41
N ARG A 736 -2.97 33.06 19.08
CA ARG A 736 -1.52 33.14 18.95
C ARG A 736 -0.83 31.91 19.53
N ALA A 737 -1.46 31.22 20.47
CA ALA A 737 -0.87 30.03 21.04
C ALA A 737 -1.16 28.78 20.22
N THR A 738 -2.23 28.78 19.43
CA THR A 738 -2.59 27.59 18.67
C THR A 738 -2.17 27.65 17.21
N PHE A 739 -1.94 28.83 16.65
CA PHE A 739 -1.55 28.96 15.26
C PHE A 739 -0.14 29.55 15.17
N LYS A 740 0.44 29.46 13.99
CA LYS A 740 1.74 30.05 13.75
C LYS A 740 1.61 31.53 13.39
N PRO A 741 2.64 32.32 13.67
CA PRO A 741 2.62 33.72 13.20
C PRO A 741 2.53 33.82 11.69
N GLU A 742 3.26 32.98 10.98
CA GLU A 742 3.12 33.03 9.53
C GLU A 742 1.86 32.48 9.05
N PHE A 743 0.97 32.02 9.91
CA PHE A 743 -0.35 31.61 9.48
C PHE A 743 -1.42 32.64 9.83
N ILE A 744 -1.32 33.28 11.00
CA ILE A 744 -2.25 34.36 11.28
C ILE A 744 -1.88 35.61 10.50
N ASN A 745 -0.68 35.67 9.95
CA ASN A 745 -0.27 36.84 9.19
C ASN A 745 -0.75 36.80 7.74
N ARG A 746 -1.19 35.65 7.25
CA ARG A 746 -1.62 35.52 5.88
C ARG A 746 -3.06 35.96 5.66
N LEU A 747 -3.91 35.81 6.67
CA LEU A 747 -5.34 36.04 6.49
C LEU A 747 -5.63 37.53 6.39
N ASP A 748 -6.85 37.82 5.93
CA ASP A 748 -7.41 39.15 6.11
C ASP A 748 -7.91 39.25 7.54
N ASP A 749 -8.73 40.26 7.83
CA ASP A 749 -9.15 40.51 9.21
C ASP A 749 -9.70 39.25 9.86
N VAL A 750 -9.31 39.03 11.11
CA VAL A 750 -9.78 37.89 11.90
C VAL A 750 -10.95 38.38 12.73
N LEU A 751 -12.16 38.17 12.22
CA LEU A 751 -13.34 38.79 12.81
C LEU A 751 -13.73 38.09 14.11
N ILE A 752 -14.41 38.84 14.97
CA ILE A 752 -14.96 38.32 16.21
C ILE A 752 -16.47 38.52 16.17
N PHE A 753 -17.20 37.49 16.53
CA PHE A 753 -18.64 37.61 16.65
C PHE A 753 -18.99 37.93 18.09
N GLU A 754 -20.08 38.66 18.28
CA GLU A 754 -20.36 39.22 19.60
C GLU A 754 -21.11 38.27 20.51
N GLY A 755 -22.32 37.87 20.12
CA GLY A 755 -23.19 37.15 21.01
C GLY A 755 -24.52 37.86 21.12
N LEU A 756 -25.61 37.11 21.01
CA LEU A 756 -26.93 37.71 20.84
C LEU A 756 -27.41 38.38 22.11
N ASN A 757 -28.17 39.46 21.94
CA ASN A 757 -28.75 40.25 23.00
C ASN A 757 -30.24 39.94 23.14
N PRO A 758 -30.83 40.16 24.31
CA PRO A 758 -32.27 39.90 24.46
C PRO A 758 -33.11 40.60 23.43
N GLU A 759 -32.72 41.80 23.02
CA GLU A 759 -33.43 42.48 21.94
C GLU A 759 -33.31 41.75 20.62
N GLU A 760 -32.18 41.09 20.36
CA GLU A 760 -31.90 40.51 19.06
C GLU A 760 -32.51 39.13 18.88
N LEU A 761 -33.42 38.72 19.75
CA LEU A 761 -34.04 37.41 19.59
C LEU A 761 -35.45 37.44 19.05
N VAL A 762 -36.14 38.58 19.10
CA VAL A 762 -37.46 38.63 18.46
C VAL A 762 -37.31 38.55 16.96
N ARG A 763 -36.27 39.18 16.41
CA ARG A 763 -35.97 39.07 14.99
C ARG A 763 -35.51 37.69 14.60
N ILE A 764 -35.17 36.82 15.56
CA ILE A 764 -34.92 35.43 15.23
C ILE A 764 -36.18 34.60 15.41
N VAL A 765 -37.02 34.97 16.37
CA VAL A 765 -38.25 34.23 16.61
C VAL A 765 -39.15 34.29 15.40
N ASP A 766 -39.30 35.48 14.82
CA ASP A 766 -40.16 35.58 13.64
C ASP A 766 -39.56 34.85 12.45
N ILE A 767 -38.23 34.83 12.35
CA ILE A 767 -37.58 34.05 11.30
C ILE A 767 -37.91 32.57 11.45
N GLN A 768 -37.71 32.04 12.66
CA GLN A 768 -37.97 30.62 12.89
C GLN A 768 -39.43 30.28 12.64
N LEU A 769 -40.35 31.14 13.06
CA LEU A 769 -41.75 30.86 12.85
C LEU A 769 -42.11 30.89 11.38
N ALA A 770 -41.53 31.82 10.61
CA ALA A 770 -41.77 31.84 9.18
C ALA A 770 -41.24 30.57 8.53
N GLN A 771 -40.05 30.13 8.93
CA GLN A 771 -39.48 28.91 8.38
C GLN A 771 -40.36 27.71 8.69
N LEU A 772 -40.84 27.61 9.92
CA LEU A 772 -41.70 26.50 10.31
C LEU A 772 -43.01 26.54 9.54
N GLY A 773 -43.58 27.73 9.36
CA GLY A 773 -44.80 27.85 8.57
C GLY A 773 -44.58 27.40 7.14
N LYS A 774 -43.44 27.78 6.56
CA LYS A 774 -43.11 27.30 5.23
C LYS A 774 -42.98 25.79 5.18
N ARG A 775 -42.46 25.18 6.24
CA ARG A 775 -42.40 23.73 6.31
C ARG A 775 -43.79 23.13 6.32
N LEU A 776 -44.59 23.46 7.33
CA LEU A 776 -45.98 23.00 7.36
C LEU A 776 -46.87 23.91 6.52
N ALA A 777 -46.42 24.18 5.31
CA ALA A 777 -47.24 24.77 4.27
C ALA A 777 -47.49 23.80 3.14
N GLN A 778 -46.85 22.64 3.16
CA GLN A 778 -47.11 21.58 2.22
C GLN A 778 -48.42 20.89 2.49
N ARG A 779 -49.07 21.24 3.60
CA ARG A 779 -50.43 20.76 3.81
C ARG A 779 -51.39 21.91 4.07
N ARG A 780 -51.05 23.13 3.70
CA ARG A 780 -51.91 24.30 3.87
C ARG A 780 -52.39 24.42 5.31
N LEU A 781 -51.43 24.61 6.20
CA LEU A 781 -51.68 24.53 7.63
C LEU A 781 -50.99 25.69 8.32
N GLN A 782 -51.06 26.86 7.72
CA GLN A 782 -50.31 28.00 8.22
C GLN A 782 -50.78 28.40 9.61
N LEU A 783 -49.82 28.73 10.47
CA LEU A 783 -50.09 29.11 11.84
C LEU A 783 -50.67 30.52 11.89
N GLN A 784 -50.99 30.97 13.11
CA GLN A 784 -51.45 32.33 13.34
C GLN A 784 -51.04 32.71 14.76
N VAL A 785 -49.86 33.33 14.87
CA VAL A 785 -49.17 33.48 16.14
C VAL A 785 -49.50 34.84 16.74
N SER A 786 -49.75 34.87 18.04
CA SER A 786 -50.06 36.10 18.74
C SER A 786 -48.79 36.82 19.17
N LEU A 787 -48.90 38.14 19.35
CA LEU A 787 -47.74 38.93 19.74
C LEU A 787 -47.32 38.66 21.17
N PRO A 788 -48.22 38.51 22.14
CA PRO A 788 -47.79 37.99 23.44
C PRO A 788 -47.12 36.65 23.34
N ALA A 789 -47.56 35.79 22.43
CA ALA A 789 -46.92 34.50 22.24
C ALA A 789 -45.48 34.66 21.79
N LYS A 790 -45.26 35.51 20.77
CA LYS A 790 -43.91 35.73 20.30
C LYS A 790 -43.03 36.34 21.39
N ARG A 791 -43.58 37.25 22.20
CA ARG A 791 -42.78 37.84 23.26
C ARG A 791 -42.44 36.82 24.34
N TRP A 792 -43.39 35.95 24.71
CA TRP A 792 -43.06 34.89 25.65
C TRP A 792 -42.01 33.96 25.08
N LEU A 793 -42.14 33.61 23.80
CA LEU A 793 -41.23 32.68 23.17
C LEU A 793 -39.82 33.26 23.11
N ALA A 794 -39.71 34.57 22.94
CA ALA A 794 -38.41 35.21 22.92
C ALA A 794 -37.91 35.60 24.30
N GLN A 795 -38.66 35.27 25.35
CA GLN A 795 -38.23 35.51 26.72
C GLN A 795 -37.92 34.23 27.48
N ARG A 796 -38.51 33.11 27.08
CA ARG A 796 -38.27 31.85 27.77
C ARG A 796 -36.90 31.30 27.44
N GLY A 797 -36.62 31.11 26.16
CA GLY A 797 -35.32 30.59 25.77
C GLY A 797 -34.35 31.67 25.38
N PHE A 798 -33.46 32.04 26.31
CA PHE A 798 -32.52 33.12 26.04
C PHE A 798 -31.09 32.84 26.49
N ASP A 799 -30.84 31.93 27.44
CA ASP A 799 -29.62 31.86 28.25
C ASP A 799 -28.36 32.20 27.46
N PRO A 800 -27.57 33.15 27.94
CA PRO A 800 -26.48 33.70 27.13
C PRO A 800 -25.21 32.88 27.21
N VAL A 801 -25.35 31.56 27.15
CA VAL A 801 -24.19 30.68 27.07
C VAL A 801 -24.29 29.68 25.94
N TYR A 802 -25.48 29.43 25.40
CA TYR A 802 -25.66 28.49 24.30
C TYR A 802 -26.16 29.16 23.04
N GLY A 803 -26.12 30.47 22.97
CA GLY A 803 -26.41 31.16 21.71
C GLY A 803 -27.88 31.20 21.42
N ALA A 804 -28.29 30.53 20.33
CA ALA A 804 -29.65 30.63 19.83
C ALA A 804 -30.27 29.29 19.48
N ARG A 805 -29.60 28.19 19.78
CA ARG A 805 -30.20 26.87 19.58
C ARG A 805 -31.26 26.55 20.63
N PRO A 806 -31.09 26.98 21.89
CA PRO A 806 -32.18 26.79 22.85
C PRO A 806 -33.51 27.30 22.34
N LEU A 807 -33.52 28.40 21.60
CA LEU A 807 -34.76 28.92 21.06
C LEU A 807 -35.38 27.92 20.10
N ARG A 808 -34.58 27.29 19.25
CA ARG A 808 -35.12 26.31 18.33
C ARG A 808 -35.70 25.12 19.08
N ARG A 809 -34.96 24.62 20.06
CA ARG A 809 -35.45 23.46 20.80
C ARG A 809 -36.71 23.81 21.57
N LEU A 810 -36.81 25.05 22.01
CA LEU A 810 -38.00 25.49 22.73
C LEU A 810 -39.20 25.58 21.80
N VAL A 811 -39.01 26.15 20.61
CA VAL A 811 -40.09 26.19 19.63
C VAL A 811 -40.60 24.78 19.37
N GLN A 812 -39.68 23.85 19.12
CA GLN A 812 -40.09 22.47 18.91
C GLN A 812 -40.88 21.94 20.11
N GLN A 813 -40.23 21.85 21.27
CA GLN A 813 -40.86 21.25 22.45
C GLN A 813 -42.19 21.89 22.79
N ALA A 814 -42.38 23.19 22.53
CA ALA A 814 -43.62 23.84 22.94
C ALA A 814 -44.70 23.68 21.90
N ILE A 815 -44.42 24.01 20.64
CA ILE A 815 -45.44 24.05 19.60
C ILE A 815 -45.59 22.70 18.91
N GLY A 816 -44.48 22.11 18.45
CA GLY A 816 -44.57 20.95 17.59
C GLY A 816 -45.16 19.74 18.28
N ASP A 817 -44.90 19.58 19.57
CA ASP A 817 -45.45 18.42 20.28
C ASP A 817 -46.98 18.49 20.32
N GLN A 818 -47.51 19.61 20.79
CA GLN A 818 -48.96 19.76 20.82
C GLN A 818 -49.54 19.65 19.42
N LEU A 819 -48.86 20.22 18.43
CA LEU A 819 -49.38 20.18 17.07
C LEU A 819 -49.40 18.75 16.52
N ALA A 820 -48.37 17.97 16.82
CA ALA A 820 -48.34 16.60 16.30
C ALA A 820 -49.32 15.70 17.03
N LYS A 821 -49.54 15.96 18.32
CA LYS A 821 -50.55 15.17 19.02
C LYS A 821 -51.95 15.56 18.59
N MET A 822 -52.15 16.81 18.21
CA MET A 822 -53.44 17.26 17.70
C MET A 822 -53.64 16.89 16.25
N LEU A 823 -52.57 16.64 15.50
CA LEU A 823 -52.71 16.44 14.07
C LEU A 823 -53.09 15.02 13.73
N LEU A 824 -52.46 14.02 14.34
CA LEU A 824 -52.75 12.63 14.03
C LEU A 824 -53.85 12.07 14.92
N ALA A 825 -54.44 12.89 15.77
CA ALA A 825 -55.63 12.53 16.53
C ALA A 825 -56.85 13.18 15.91
N GLY A 826 -56.89 13.25 14.59
CA GLY A 826 -57.96 13.95 13.91
C GLY A 826 -57.98 15.42 14.30
N GLN A 827 -59.13 16.04 14.06
CA GLN A 827 -59.53 17.34 14.57
C GLN A 827 -58.68 18.51 14.07
N VAL A 828 -57.61 18.24 13.33
CA VAL A 828 -56.84 19.35 12.74
C VAL A 828 -56.62 19.02 11.26
N HIS A 829 -57.59 18.37 10.64
CA HIS A 829 -57.52 18.05 9.22
C HIS A 829 -57.10 19.27 8.40
N ASP A 830 -56.51 19.00 7.23
CA ASP A 830 -55.81 19.99 6.44
C ASP A 830 -56.65 21.21 6.07
N GLY A 831 -56.00 22.23 5.52
CA GLY A 831 -56.66 23.47 5.20
C GLY A 831 -57.17 24.16 6.43
N ASP A 832 -56.32 24.31 7.44
CA ASP A 832 -56.72 24.93 8.70
C ASP A 832 -55.69 25.96 9.08
N THR A 833 -56.09 26.88 9.95
CA THR A 833 -55.22 27.95 10.42
C THR A 833 -55.36 28.01 11.94
N VAL A 834 -54.52 27.26 12.63
CA VAL A 834 -54.58 27.15 14.08
C VAL A 834 -53.94 28.37 14.70
N PRO A 835 -54.57 29.01 15.68
CA PRO A 835 -53.93 30.09 16.41
C PRO A 835 -53.25 29.60 17.67
N VAL A 836 -52.21 30.32 18.08
CA VAL A 836 -51.51 30.05 19.31
C VAL A 836 -51.63 31.29 20.20
N ASN A 837 -51.75 31.06 21.51
CA ASN A 837 -51.93 32.15 22.46
C ASN A 837 -51.32 31.74 23.80
N VAL A 838 -51.18 32.74 24.66
CA VAL A 838 -50.46 32.59 25.91
C VAL A 838 -51.41 32.10 26.99
N SER A 839 -51.12 30.95 27.56
CA SER A 839 -51.64 30.53 28.84
C SER A 839 -50.60 30.80 29.91
N PRO A 840 -50.97 30.76 31.22
CA PRO A 840 -50.03 31.19 32.27
C PRO A 840 -48.57 30.80 32.08
N ASP A 841 -48.27 29.52 31.89
CA ASP A 841 -46.91 29.07 31.67
C ASP A 841 -46.73 28.45 30.29
N ALA A 842 -47.48 27.43 29.96
CA ALA A 842 -47.47 26.88 28.60
C ALA A 842 -48.24 27.83 27.70
N ASP A 843 -48.32 27.50 26.42
CA ASP A 843 -49.09 28.32 25.48
C ASP A 843 -49.96 27.39 24.62
N SER A 844 -51.26 27.41 24.88
CA SER A 844 -52.18 26.49 24.25
C SER A 844 -52.60 26.99 22.88
N LEU A 845 -52.90 26.06 21.98
CA LEU A 845 -53.33 26.41 20.64
C LEU A 845 -54.78 26.85 20.65
N GLN B 159 -21.11 5.95 -48.63
CA GLN B 159 -21.88 4.73 -48.42
C GLN B 159 -21.27 3.87 -47.33
N ALA B 160 -20.05 4.20 -46.93
CA ALA B 160 -19.42 3.56 -45.78
C ALA B 160 -19.95 4.10 -44.46
N LEU B 161 -20.62 5.25 -44.48
CA LEU B 161 -21.26 5.76 -43.29
C LEU B 161 -22.60 5.10 -43.02
N GLN B 162 -23.05 4.22 -43.90
CA GLN B 162 -24.28 3.48 -43.64
C GLN B 162 -24.00 2.26 -42.78
N LYS B 163 -22.79 1.71 -42.86
CA LYS B 163 -22.50 0.46 -42.20
C LYS B 163 -22.21 0.63 -40.72
N TYR B 164 -21.55 1.73 -40.33
CA TYR B 164 -21.04 1.86 -38.97
C TYR B 164 -21.72 2.98 -38.20
N SER B 165 -22.96 3.32 -38.57
CA SER B 165 -23.63 4.43 -37.90
C SER B 165 -25.08 4.49 -38.34
N THR B 166 -25.94 4.93 -37.42
CA THR B 166 -27.33 5.23 -37.71
C THR B 166 -27.47 6.73 -38.01
N ASP B 167 -28.70 7.21 -38.07
CA ASP B 167 -28.96 8.60 -38.44
C ASP B 167 -29.81 9.28 -37.37
N LEU B 168 -29.16 10.11 -36.56
CA LEU B 168 -29.86 10.81 -35.48
C LEU B 168 -30.92 11.77 -36.03
N THR B 169 -30.58 12.52 -37.08
CA THR B 169 -31.53 13.49 -37.59
C THR B 169 -32.75 12.80 -38.18
N ALA B 170 -32.54 11.66 -38.85
CA ALA B 170 -33.68 10.91 -39.38
C ALA B 170 -34.53 10.36 -38.26
N ARG B 171 -33.91 9.83 -37.21
CA ARG B 171 -34.69 9.38 -36.06
C ARG B 171 -35.51 10.51 -35.47
N ALA B 172 -34.95 11.72 -35.43
CA ALA B 172 -35.70 12.85 -34.90
C ALA B 172 -36.77 13.34 -35.85
N ARG B 173 -36.64 13.05 -37.14
CA ARG B 173 -37.66 13.49 -38.09
C ARG B 173 -38.95 12.70 -37.94
N GLU B 174 -38.85 11.38 -37.78
CA GLU B 174 -40.02 10.53 -37.62
C GLU B 174 -40.67 10.66 -36.24
N GLY B 175 -40.17 11.55 -35.40
CA GLY B 175 -40.74 11.73 -34.07
C GLY B 175 -40.48 10.55 -33.17
N LYS B 176 -39.21 10.26 -32.93
CA LYS B 176 -38.82 9.14 -32.09
C LYS B 176 -38.03 9.57 -30.86
N LEU B 177 -37.94 10.86 -30.60
CA LEU B 177 -37.13 11.37 -29.51
C LEU B 177 -38.01 12.14 -28.53
N ASP B 178 -37.57 12.18 -27.29
CA ASP B 178 -38.38 12.82 -26.26
C ASP B 178 -38.25 14.34 -26.35
N PRO B 179 -39.30 15.06 -25.98
CA PRO B 179 -39.24 16.52 -25.96
C PRO B 179 -38.17 17.00 -25.01
N VAL B 180 -37.37 17.95 -25.47
CA VAL B 180 -36.29 18.53 -24.68
C VAL B 180 -36.73 19.92 -24.28
N ILE B 181 -36.62 20.22 -22.98
CA ILE B 181 -37.20 21.42 -22.40
C ILE B 181 -36.11 22.20 -21.69
N GLY B 182 -36.11 23.51 -21.86
CA GLY B 182 -35.15 24.31 -21.15
C GLY B 182 -33.75 24.10 -21.69
N ARG B 183 -32.77 24.47 -20.88
CA ARG B 183 -31.35 24.35 -21.23
C ARG B 183 -31.05 25.12 -22.51
N ASP B 184 -31.45 26.38 -22.52
CA ASP B 184 -31.21 27.22 -23.69
C ASP B 184 -29.75 27.57 -23.82
N ASN B 185 -29.12 27.96 -22.71
CA ASN B 185 -27.75 28.42 -22.74
C ASN B 185 -26.81 27.33 -23.24
N GLU B 186 -26.98 26.12 -22.73
CA GLU B 186 -26.13 25.02 -23.17
C GLU B 186 -26.22 24.80 -24.66
N ILE B 187 -27.44 24.82 -25.22
CA ILE B 187 -27.57 24.53 -26.63
C ILE B 187 -27.04 25.69 -27.47
N ARG B 188 -27.22 26.92 -26.99
CA ARG B 188 -26.71 28.03 -27.79
C ARG B 188 -25.19 28.03 -27.78
N ARG B 189 -24.57 27.60 -26.68
CA ARG B 189 -23.12 27.52 -26.66
C ARG B 189 -22.63 26.37 -27.52
N VAL B 190 -23.35 25.25 -27.52
CA VAL B 190 -23.02 24.16 -28.43
C VAL B 190 -23.05 24.65 -29.86
N VAL B 191 -24.04 25.47 -30.20
CA VAL B 191 -24.15 25.98 -31.56
C VAL B 191 -22.98 26.91 -31.89
N GLN B 192 -22.75 27.91 -31.03
CA GLN B 192 -21.73 28.89 -31.37
C GLN B 192 -20.33 28.34 -31.20
N VAL B 193 -20.18 27.13 -30.66
CA VAL B 193 -18.89 26.45 -30.76
C VAL B 193 -18.85 25.60 -32.02
N LEU B 194 -19.93 24.92 -32.35
CA LEU B 194 -20.00 24.08 -33.54
C LEU B 194 -19.95 24.87 -34.83
N SER B 195 -19.99 26.20 -34.76
CA SER B 195 -20.01 27.01 -35.97
C SER B 195 -18.87 28.03 -35.96
N ARG B 196 -17.65 27.57 -35.67
CA ARG B 196 -16.47 28.42 -35.80
C ARG B 196 -15.54 27.83 -36.86
N ARG B 197 -14.45 28.55 -37.12
CA ARG B 197 -13.61 28.24 -38.27
C ARG B 197 -12.83 26.95 -38.07
N THR B 198 -11.98 26.90 -37.05
CA THR B 198 -11.21 25.71 -36.74
C THR B 198 -11.52 25.27 -35.33
N LYS B 199 -11.24 23.99 -35.04
CA LYS B 199 -11.43 23.46 -33.70
C LYS B 199 -12.88 23.61 -33.27
N ASN B 200 -13.79 23.24 -34.17
CA ASN B 200 -15.22 23.44 -33.98
C ASN B 200 -15.86 22.13 -33.53
N ASN B 201 -15.59 21.73 -32.30
CA ASN B 201 -16.15 20.48 -31.78
C ASN B 201 -16.26 20.56 -30.27
N PRO B 202 -17.48 20.67 -29.73
CA PRO B 202 -17.65 20.77 -28.29
C PRO B 202 -17.62 19.41 -27.64
N VAL B 203 -17.61 19.42 -26.31
CA VAL B 203 -17.71 18.23 -25.50
C VAL B 203 -18.52 18.60 -24.28
N LEU B 204 -19.66 17.94 -24.08
CA LEU B 204 -20.46 18.16 -22.89
C LEU B 204 -19.85 17.38 -21.75
N ILE B 205 -19.93 17.94 -20.55
CA ILE B 205 -19.26 17.38 -19.39
C ILE B 205 -20.12 17.62 -18.17
N GLY B 206 -20.18 16.65 -17.28
CA GLY B 206 -21.01 16.77 -16.10
C GLY B 206 -21.42 15.42 -15.56
N GLU B 207 -21.91 15.46 -14.33
CA GLU B 207 -22.24 14.25 -13.60
C GLU B 207 -23.24 13.40 -14.36
N PRO B 208 -23.31 12.10 -14.07
CA PRO B 208 -24.20 11.21 -14.82
C PRO B 208 -25.66 11.41 -14.44
N GLY B 209 -26.50 11.64 -15.44
CA GLY B 209 -27.93 11.75 -15.27
C GLY B 209 -28.49 13.15 -15.46
N VAL B 210 -27.66 14.19 -15.50
CA VAL B 210 -28.17 15.55 -15.53
C VAL B 210 -28.64 15.97 -16.92
N GLY B 211 -28.47 15.12 -17.92
CA GLY B 211 -28.97 15.39 -19.24
C GLY B 211 -27.87 15.89 -20.16
N LYS B 212 -27.27 14.99 -20.91
CA LYS B 212 -26.21 15.35 -21.83
C LYS B 212 -26.41 14.75 -23.19
N THR B 213 -27.15 13.64 -23.29
CA THR B 213 -27.65 13.20 -24.57
C THR B 213 -28.96 13.91 -24.89
N ALA B 214 -29.69 14.33 -23.87
CA ALA B 214 -30.89 15.13 -24.07
C ALA B 214 -30.56 16.42 -24.81
N ILE B 215 -29.39 17.00 -24.56
CA ILE B 215 -29.05 18.25 -25.22
C ILE B 215 -28.80 18.02 -26.70
N VAL B 216 -28.10 16.94 -27.05
CA VAL B 216 -27.86 16.67 -28.46
C VAL B 216 -29.17 16.34 -29.17
N GLU B 217 -30.05 15.59 -28.52
CA GLU B 217 -31.33 15.31 -29.16
C GLU B 217 -32.18 16.57 -29.30
N GLY B 218 -32.09 17.47 -28.32
CA GLY B 218 -32.77 18.74 -28.46
C GLY B 218 -32.24 19.55 -29.63
N LEU B 219 -30.92 19.55 -29.81
CA LEU B 219 -30.34 20.25 -30.94
C LEU B 219 -30.77 19.63 -32.26
N ALA B 220 -30.90 18.31 -32.30
CA ALA B 220 -31.33 17.66 -33.54
C ALA B 220 -32.78 18.02 -33.87
N GLN B 221 -33.67 17.95 -32.89
CA GLN B 221 -35.04 18.36 -33.13
C GLN B 221 -35.10 19.83 -33.54
N ARG B 222 -34.22 20.64 -32.97
CA ARG B 222 -34.17 22.05 -33.29
C ARG B 222 -33.74 22.27 -34.74
N ILE B 223 -32.79 21.47 -35.22
CA ILE B 223 -32.40 21.57 -36.63
C ILE B 223 -33.56 21.15 -37.52
N VAL B 224 -34.23 20.06 -37.19
CA VAL B 224 -35.33 19.60 -38.03
C VAL B 224 -36.42 20.65 -38.09
N ALA B 225 -36.68 21.33 -36.99
CA ALA B 225 -37.68 22.39 -37.01
C ALA B 225 -37.19 23.59 -37.81
N GLY B 226 -35.98 24.08 -37.50
CA GLY B 226 -35.41 25.19 -38.24
C GLY B 226 -35.15 26.42 -37.40
N ASP B 227 -34.85 26.25 -36.12
CA ASP B 227 -34.56 27.38 -35.24
C ASP B 227 -33.08 27.75 -35.25
N VAL B 228 -32.27 27.02 -35.99
CA VAL B 228 -30.81 27.15 -35.92
C VAL B 228 -30.35 28.21 -36.90
N PRO B 229 -29.15 28.77 -36.74
CA PRO B 229 -28.70 29.82 -37.66
C PRO B 229 -28.41 29.28 -39.05
N GLU B 230 -28.08 30.21 -39.93
CA GLU B 230 -27.82 29.87 -41.33
C GLU B 230 -26.63 28.94 -41.48
N SER B 231 -25.65 29.06 -40.61
CA SER B 231 -24.49 28.20 -40.72
C SER B 231 -24.78 26.78 -40.35
N LEU B 232 -26.00 26.46 -39.92
CA LEU B 232 -26.35 25.09 -39.56
C LEU B 232 -27.66 24.64 -40.15
N ARG B 233 -28.44 25.51 -40.78
CA ARG B 233 -29.64 25.07 -41.48
C ARG B 233 -29.31 23.96 -42.46
N ASP B 234 -30.10 22.90 -42.42
CA ASP B 234 -29.96 21.78 -43.35
C ASP B 234 -28.59 21.13 -43.23
N LYS B 235 -28.33 20.56 -42.06
CA LYS B 235 -27.20 19.69 -41.83
C LYS B 235 -27.66 18.46 -41.07
N THR B 236 -27.15 17.30 -41.45
CA THR B 236 -27.55 16.05 -40.82
C THR B 236 -26.54 15.65 -39.76
N ILE B 237 -27.03 15.02 -38.69
CA ILE B 237 -26.19 14.56 -37.60
C ILE B 237 -26.15 13.04 -37.66
N VAL B 238 -24.96 12.49 -37.78
CA VAL B 238 -24.77 11.05 -37.84
C VAL B 238 -24.20 10.58 -36.50
N ALA B 239 -24.64 9.43 -36.03
CA ALA B 239 -24.26 8.92 -34.72
C ALA B 239 -23.23 7.81 -34.93
N LEU B 240 -21.96 8.16 -34.81
CA LEU B 240 -20.90 7.19 -35.01
C LEU B 240 -20.93 6.13 -33.91
N ASP B 241 -20.54 4.91 -34.28
CA ASP B 241 -20.63 3.75 -33.40
C ASP B 241 -19.31 3.01 -33.42
N LEU B 242 -18.41 3.35 -32.49
CA LEU B 242 -17.08 2.78 -32.51
C LEU B 242 -17.07 1.29 -32.22
N GLY B 243 -18.12 0.77 -31.58
CA GLY B 243 -18.13 -0.64 -31.25
C GLY B 243 -18.28 -1.52 -32.47
N SER B 244 -19.15 -1.12 -33.40
CA SER B 244 -19.42 -1.93 -34.57
C SER B 244 -18.37 -1.77 -35.65
N MET B 245 -17.28 -1.06 -35.37
CA MET B 245 -16.18 -0.94 -36.33
C MET B 245 -15.08 -1.95 -36.08
N VAL B 246 -14.84 -2.34 -34.84
CA VAL B 246 -13.80 -3.29 -34.49
C VAL B 246 -14.38 -4.69 -34.44
N ALA B 247 -15.56 -4.87 -35.03
CA ALA B 247 -16.25 -6.16 -34.94
C ALA B 247 -15.42 -7.28 -35.56
N GLY B 248 -15.27 -7.29 -36.87
CA GLY B 248 -14.32 -8.21 -37.45
C GLY B 248 -13.12 -7.47 -38.03
N SER B 249 -12.02 -7.44 -37.30
CA SER B 249 -10.80 -6.80 -37.78
C SER B 249 -9.57 -7.56 -37.32
N LYS B 250 -9.61 -8.89 -37.42
CA LYS B 250 -8.51 -9.66 -36.85
C LYS B 250 -7.23 -9.49 -37.68
N TYR B 251 -7.36 -9.10 -38.94
CA TYR B 251 -6.19 -8.95 -39.78
C TYR B 251 -5.50 -7.62 -39.50
N ARG B 252 -4.28 -7.49 -40.00
CA ARG B 252 -3.34 -6.49 -39.50
C ARG B 252 -3.65 -5.07 -39.93
N GLY B 253 -4.63 -4.84 -40.77
CA GLY B 253 -4.90 -3.47 -41.16
C GLY B 253 -6.35 -3.12 -41.41
N GLU B 254 -7.26 -4.05 -41.12
CA GLU B 254 -8.64 -3.86 -41.58
C GLU B 254 -9.34 -2.74 -40.81
N PHE B 255 -9.07 -2.62 -39.51
CA PHE B 255 -9.73 -1.56 -38.77
C PHE B 255 -9.26 -0.18 -39.24
N GLU B 256 -7.96 -0.02 -39.45
CA GLU B 256 -7.47 1.25 -39.96
C GLU B 256 -8.07 1.54 -41.33
N GLU B 257 -8.21 0.51 -42.17
CA GLU B 257 -8.83 0.72 -43.47
C GLU B 257 -10.26 1.23 -43.31
N ARG B 258 -11.03 0.61 -42.42
CA ARG B 258 -12.41 1.04 -42.20
C ARG B 258 -12.46 2.48 -41.74
N LEU B 259 -11.68 2.82 -40.72
CA LEU B 259 -11.74 4.18 -40.18
C LEU B 259 -11.27 5.19 -41.20
N LYS B 260 -10.33 4.81 -42.06
CA LYS B 260 -9.86 5.74 -43.08
C LYS B 260 -10.93 5.98 -44.13
N ALA B 261 -11.65 4.92 -44.53
CA ALA B 261 -12.75 5.12 -45.44
C ALA B 261 -13.80 6.05 -44.84
N VAL B 262 -14.11 5.84 -43.55
CA VAL B 262 -15.11 6.69 -42.90
C VAL B 262 -14.67 8.14 -42.87
N LEU B 263 -13.40 8.39 -42.51
CA LEU B 263 -12.92 9.76 -42.43
C LEU B 263 -12.89 10.41 -43.82
N ASP B 264 -12.43 9.67 -44.83
CA ASP B 264 -12.42 10.21 -46.17
C ASP B 264 -13.83 10.55 -46.63
N ASP B 265 -14.81 9.71 -46.28
CA ASP B 265 -16.17 9.99 -46.72
C ASP B 265 -16.76 11.19 -45.98
N ILE B 266 -16.39 11.37 -44.71
CA ILE B 266 -16.85 12.56 -44.00
C ILE B 266 -16.27 13.82 -44.63
N LYS B 267 -14.98 13.78 -44.96
CA LYS B 267 -14.35 14.95 -45.56
C LYS B 267 -14.85 15.17 -46.99
N ASN B 268 -15.32 14.11 -47.64
CA ASN B 268 -15.75 14.22 -49.03
C ASN B 268 -16.98 15.10 -49.16
N SER B 269 -17.81 15.16 -48.13
CA SER B 269 -18.90 16.12 -48.11
C SER B 269 -18.34 17.48 -47.72
N ALA B 270 -19.15 18.52 -47.80
CA ALA B 270 -18.70 19.89 -47.59
C ALA B 270 -19.14 20.41 -46.23
N GLY B 271 -19.14 19.55 -45.22
CA GLY B 271 -19.61 19.97 -43.92
C GLY B 271 -21.10 19.81 -43.73
N GLN B 272 -21.74 18.96 -44.52
CA GLN B 272 -23.15 18.64 -44.36
C GLN B 272 -23.37 17.51 -43.37
N ILE B 273 -22.34 17.14 -42.61
CA ILE B 273 -22.43 16.04 -41.65
C ILE B 273 -21.79 16.49 -40.35
N ILE B 274 -22.41 16.14 -39.23
CA ILE B 274 -21.89 16.45 -37.90
C ILE B 274 -21.78 15.14 -37.13
N THR B 275 -20.60 14.54 -37.12
CA THR B 275 -20.42 13.30 -36.40
C THR B 275 -20.60 13.52 -34.90
N PHE B 276 -21.32 12.60 -34.26
CA PHE B 276 -21.66 12.69 -32.85
C PHE B 276 -21.27 11.37 -32.19
N ILE B 277 -20.20 11.41 -31.41
CA ILE B 277 -19.71 10.21 -30.73
C ILE B 277 -20.15 10.26 -29.27
N ASP B 278 -20.89 9.25 -28.86
CA ASP B 278 -21.33 9.13 -27.48
C ASP B 278 -20.37 8.23 -26.73
N GLU B 279 -20.14 8.53 -25.45
CA GLU B 279 -19.15 7.84 -24.64
C GLU B 279 -17.80 7.89 -25.33
N LEU B 280 -17.32 9.10 -25.58
CA LEU B 280 -16.12 9.23 -26.41
C LEU B 280 -14.86 8.86 -25.66
N HIS B 281 -14.94 8.61 -24.35
CA HIS B 281 -13.76 8.12 -23.65
C HIS B 281 -13.30 6.78 -24.19
N THR B 282 -14.15 6.09 -24.94
CA THR B 282 -13.76 4.85 -25.59
C THR B 282 -12.98 5.08 -26.87
N ILE B 283 -12.68 6.34 -27.21
CA ILE B 283 -11.95 6.60 -28.45
C ILE B 283 -10.45 6.46 -28.27
N VAL B 284 -9.98 6.26 -27.05
CA VAL B 284 -8.54 6.18 -26.80
C VAL B 284 -7.98 4.84 -27.29
N GLY B 285 -8.75 3.76 -27.15
CA GLY B 285 -8.25 2.47 -27.53
C GLY B 285 -8.45 2.16 -28.99
N ALA B 286 -9.06 1.01 -29.26
CA ALA B 286 -9.34 0.51 -30.61
C ALA B 286 -8.06 0.11 -31.34
N GLY B 287 -6.93 0.16 -30.65
CA GLY B 287 -5.65 -0.11 -31.28
C GLY B 287 -5.25 -1.55 -31.34
N ALA B 288 -5.12 -2.18 -30.18
CA ALA B 288 -4.69 -3.57 -30.10
C ALA B 288 -4.79 -4.08 -28.66
N ASP B 295 -1.76 3.58 -31.71
CA ASP B 295 -1.99 3.81 -33.13
C ASP B 295 -3.42 3.47 -33.54
N ALA B 296 -4.39 4.12 -32.89
CA ALA B 296 -5.79 4.07 -33.29
C ALA B 296 -6.53 5.11 -32.48
N GLY B 297 -7.63 5.61 -33.05
CA GLY B 297 -8.19 6.84 -32.52
C GLY B 297 -7.17 7.95 -32.45
N ASN B 298 -6.19 7.92 -33.35
CA ASN B 298 -5.05 8.82 -33.35
C ASN B 298 -4.90 9.41 -34.74
N MET B 299 -5.29 8.64 -35.76
CA MET B 299 -5.35 9.19 -37.10
C MET B 299 -6.43 10.24 -37.25
N ILE B 300 -7.30 10.39 -36.25
CA ILE B 300 -8.30 11.46 -36.23
C ILE B 300 -7.72 12.78 -35.79
N LYS B 301 -6.54 12.77 -35.18
CA LYS B 301 -5.96 13.95 -34.57
C LYS B 301 -5.62 15.03 -35.59
N PRO B 302 -5.18 14.69 -36.80
CA PRO B 302 -5.00 15.77 -37.79
C PRO B 302 -6.31 16.42 -38.19
N MET B 303 -7.28 15.63 -38.65
CA MET B 303 -8.53 16.20 -39.12
C MET B 303 -9.29 16.93 -38.02
N LEU B 304 -9.05 16.61 -36.76
CA LEU B 304 -9.71 17.35 -35.69
C LEU B 304 -9.28 18.81 -35.68
N ALA B 305 -7.97 19.06 -35.58
CA ALA B 305 -7.46 20.40 -35.36
C ALA B 305 -7.71 21.35 -36.51
N ARG B 306 -8.21 20.85 -37.64
CA ARG B 306 -8.50 21.70 -38.78
C ARG B 306 -9.97 22.02 -38.93
N GLY B 307 -10.84 21.30 -38.23
CA GLY B 307 -12.25 21.56 -38.30
C GLY B 307 -13.00 20.84 -39.39
N GLU B 308 -12.42 19.78 -39.95
CA GLU B 308 -13.12 19.03 -40.99
C GLU B 308 -14.35 18.32 -40.44
N LEU B 309 -14.16 17.46 -39.46
CA LEU B 309 -15.25 16.73 -38.84
C LEU B 309 -15.70 17.46 -37.59
N ARG B 310 -16.97 17.80 -37.54
CA ARG B 310 -17.54 18.45 -36.37
C ARG B 310 -17.97 17.40 -35.38
N LEU B 311 -17.29 17.36 -34.23
CA LEU B 311 -17.47 16.29 -33.26
C LEU B 311 -18.26 16.82 -32.08
N VAL B 312 -19.33 16.14 -31.73
CA VAL B 312 -20.10 16.44 -30.54
C VAL B 312 -19.99 15.23 -29.62
N GLY B 313 -19.33 15.39 -28.48
CA GLY B 313 -19.12 14.30 -27.57
C GLY B 313 -19.70 14.60 -26.20
N ALA B 314 -19.88 13.54 -25.42
CA ALA B 314 -20.45 13.69 -24.09
C ALA B 314 -20.02 12.51 -23.24
N THR B 315 -19.15 12.76 -22.28
CA THR B 315 -18.72 11.76 -21.31
C THR B 315 -18.92 12.32 -19.91
N THR B 316 -19.00 11.44 -18.92
CA THR B 316 -19.23 11.91 -17.57
C THR B 316 -18.00 12.65 -17.08
N LEU B 317 -18.12 13.22 -15.88
CA LEU B 317 -17.13 14.15 -15.39
C LEU B 317 -15.81 13.50 -15.04
N ASP B 318 -15.83 12.24 -14.57
CA ASP B 318 -14.65 11.65 -13.94
C ASP B 318 -14.01 10.56 -14.79
N GLU B 319 -14.62 10.15 -15.90
CA GLU B 319 -13.86 9.37 -16.86
C GLU B 319 -13.13 10.24 -17.86
N TYR B 320 -13.53 11.50 -17.96
CA TYR B 320 -12.74 12.49 -18.68
C TYR B 320 -11.32 12.54 -18.12
N ARG B 321 -11.19 12.94 -16.85
CA ARG B 321 -9.85 13.09 -16.27
C ARG B 321 -9.16 11.76 -16.07
N LYS B 322 -9.80 10.65 -16.43
CA LYS B 322 -9.18 9.35 -16.31
C LYS B 322 -8.68 8.80 -17.64
N HIS B 323 -9.33 9.11 -18.74
CA HIS B 323 -8.88 8.61 -20.03
C HIS B 323 -8.39 9.69 -20.97
N ILE B 324 -8.95 10.89 -20.93
CA ILE B 324 -8.67 11.94 -21.88
C ILE B 324 -7.56 12.87 -21.38
N GLU B 325 -7.78 13.50 -20.23
CA GLU B 325 -6.81 14.46 -19.71
C GLU B 325 -5.43 13.87 -19.52
N LYS B 326 -5.29 12.55 -19.60
CA LYS B 326 -4.00 11.88 -19.60
C LYS B 326 -3.24 12.07 -20.91
N ASP B 327 -3.87 12.68 -21.90
CA ASP B 327 -3.36 12.72 -23.28
C ASP B 327 -3.44 14.14 -23.83
N ALA B 328 -2.84 15.10 -23.10
CA ALA B 328 -3.02 16.52 -23.37
C ALA B 328 -2.80 16.91 -24.82
N ALA B 329 -2.23 16.03 -25.64
CA ALA B 329 -2.17 16.32 -27.08
C ALA B 329 -3.53 16.20 -27.73
N LEU B 330 -4.41 15.34 -27.22
CA LEU B 330 -5.73 15.13 -27.81
C LEU B 330 -6.81 15.96 -27.15
N GLU B 331 -6.73 16.18 -25.84
CA GLU B 331 -7.72 17.01 -25.18
C GLU B 331 -7.55 18.48 -25.50
N ARG B 332 -6.54 18.85 -26.29
CA ARG B 332 -6.43 20.22 -26.74
C ARG B 332 -7.46 20.53 -27.81
N ARG B 333 -7.86 19.53 -28.59
CA ARG B 333 -8.77 19.72 -29.70
C ARG B 333 -10.23 19.74 -29.28
N PHE B 334 -10.51 19.89 -27.99
CA PHE B 334 -11.88 19.85 -27.50
C PHE B 334 -12.17 21.08 -26.66
N GLN B 335 -13.38 21.61 -26.82
CA GLN B 335 -13.85 22.75 -26.03
C GLN B 335 -14.88 22.22 -25.04
N GLN B 336 -14.62 22.39 -23.76
CA GLN B 336 -15.47 21.79 -22.74
C GLN B 336 -16.73 22.61 -22.54
N VAL B 337 -17.84 21.92 -22.32
CA VAL B 337 -19.10 22.55 -21.96
C VAL B 337 -19.58 21.87 -20.70
N TYR B 338 -19.70 22.63 -19.61
CA TYR B 338 -20.10 22.09 -18.32
C TYR B 338 -21.62 22.10 -18.24
N VAL B 339 -22.20 21.01 -17.75
CA VAL B 339 -23.64 20.83 -17.69
C VAL B 339 -24.01 20.61 -16.23
N GLY B 340 -24.36 21.67 -15.52
CA GLY B 340 -24.74 21.54 -14.14
C GLY B 340 -26.16 21.03 -13.98
N GLU B 341 -26.42 20.41 -12.84
CA GLU B 341 -27.72 19.78 -12.65
C GLU B 341 -28.78 20.84 -12.38
N PRO B 342 -30.03 20.61 -12.77
CA PRO B 342 -31.06 21.63 -12.58
C PRO B 342 -31.50 21.68 -11.12
N SER B 343 -32.47 22.54 -10.87
CA SER B 343 -33.04 22.68 -9.54
C SER B 343 -34.43 22.07 -9.50
N VAL B 344 -35.10 22.23 -8.36
CA VAL B 344 -36.43 21.65 -8.20
C VAL B 344 -37.44 22.35 -9.10
N GLU B 345 -37.40 23.68 -9.15
CA GLU B 345 -38.33 24.41 -10.00
C GLU B 345 -38.21 24.03 -11.46
N ASP B 346 -36.99 23.77 -11.93
CA ASP B 346 -36.80 23.37 -13.32
C ASP B 346 -37.18 21.92 -13.56
N THR B 347 -36.88 21.04 -12.61
CA THR B 347 -37.25 19.64 -12.75
C THR B 347 -38.76 19.51 -12.83
N ILE B 348 -39.49 20.33 -12.08
CA ILE B 348 -40.94 20.32 -12.15
C ILE B 348 -41.40 20.59 -13.58
N GLY B 349 -40.80 21.59 -14.24
CA GLY B 349 -41.19 21.89 -15.61
C GLY B 349 -40.85 20.76 -16.56
N ILE B 350 -39.66 20.18 -16.40
CA ILE B 350 -39.27 19.08 -17.26
C ILE B 350 -40.28 17.94 -17.13
N LEU B 351 -40.73 17.66 -15.92
CA LEU B 351 -41.72 16.61 -15.75
C LEU B 351 -43.05 17.02 -16.34
N ARG B 352 -43.45 18.27 -16.17
CA ARG B 352 -44.70 18.75 -16.76
C ARG B 352 -44.69 18.54 -18.26
N GLY B 353 -43.51 18.61 -18.87
CA GLY B 353 -43.43 18.38 -20.30
C GLY B 353 -43.37 16.92 -20.69
N LEU B 354 -42.73 16.09 -19.88
CA LEU B 354 -42.57 14.68 -20.23
C LEU B 354 -43.76 13.81 -19.83
N LYS B 355 -44.69 14.32 -19.02
CA LYS B 355 -45.77 13.49 -18.50
C LYS B 355 -46.54 12.78 -19.60
N ASP B 356 -46.91 13.52 -20.64
CA ASP B 356 -47.81 12.98 -21.65
C ASP B 356 -47.17 11.92 -22.53
N ARG B 357 -45.92 11.55 -22.28
CA ARG B 357 -45.32 10.43 -22.98
C ARG B 357 -45.43 9.14 -22.19
N TYR B 358 -45.53 9.22 -20.87
CA TYR B 358 -45.83 8.06 -20.05
C TYR B 358 -47.32 7.84 -19.92
N GLU B 359 -48.10 8.92 -19.90
CA GLU B 359 -49.56 8.81 -19.91
C GLU B 359 -50.05 7.91 -21.03
N VAL B 360 -49.29 7.79 -22.12
CA VAL B 360 -49.70 6.95 -23.22
C VAL B 360 -49.21 5.53 -23.02
N HIS B 361 -47.92 5.36 -22.81
CA HIS B 361 -47.33 4.02 -22.70
C HIS B 361 -48.04 3.21 -21.62
N HIS B 362 -48.21 3.77 -20.43
CA HIS B 362 -49.08 3.17 -19.43
C HIS B 362 -50.46 3.80 -19.61
N GLY B 363 -51.49 2.98 -19.70
CA GLY B 363 -52.81 3.55 -19.92
C GLY B 363 -53.37 4.21 -18.68
N VAL B 364 -52.74 5.29 -18.23
CA VAL B 364 -53.14 5.94 -16.98
C VAL B 364 -53.08 7.45 -17.13
N ARG B 365 -53.40 8.15 -16.04
CA ARG B 365 -53.31 9.60 -15.97
C ARG B 365 -52.46 9.99 -14.78
N ILE B 366 -51.72 11.10 -14.91
CA ILE B 366 -50.78 11.54 -13.88
C ILE B 366 -51.15 12.96 -13.46
N THR B 367 -51.19 13.20 -12.16
CA THR B 367 -51.68 14.46 -11.62
C THR B 367 -50.54 15.41 -11.32
N ASP B 368 -50.75 16.69 -11.62
CA ASP B 368 -49.69 17.68 -11.42
C ASP B 368 -49.29 17.78 -9.96
N SER B 369 -50.22 17.58 -9.04
CA SER B 369 -49.84 17.53 -7.64
C SER B 369 -48.94 16.35 -7.34
N ALA B 370 -48.94 15.33 -8.20
CA ALA B 370 -47.98 14.25 -8.09
C ALA B 370 -46.68 14.59 -8.79
N LEU B 371 -46.72 15.36 -9.87
CA LEU B 371 -45.49 15.76 -10.52
C LEU B 371 -44.67 16.70 -9.64
N VAL B 372 -45.33 17.47 -8.78
CA VAL B 372 -44.56 18.30 -7.86
C VAL B 372 -43.97 17.46 -6.73
N ALA B 373 -44.70 16.44 -6.28
CA ALA B 373 -44.23 15.62 -5.16
C ALA B 373 -43.09 14.71 -5.59
N ALA B 374 -43.14 14.17 -6.80
CA ALA B 374 -42.07 13.30 -7.25
C ALA B 374 -40.75 14.04 -7.40
N ALA B 375 -40.75 15.37 -7.32
CA ALA B 375 -39.54 16.15 -7.40
C ALA B 375 -39.14 16.78 -6.08
N THR B 376 -40.10 17.17 -5.25
CA THR B 376 -39.73 17.64 -3.92
C THR B 376 -39.33 16.48 -3.02
N LEU B 377 -39.99 15.34 -3.18
CA LEU B 377 -39.75 14.21 -2.30
C LEU B 377 -38.42 13.53 -2.62
N SER B 378 -38.12 13.38 -3.91
CA SER B 378 -36.89 12.75 -4.34
C SER B 378 -35.70 13.69 -4.29
N ASP B 379 -35.79 14.76 -3.51
CA ASP B 379 -34.67 15.65 -3.30
C ASP B 379 -34.17 15.65 -1.87
N ARG B 380 -34.89 15.01 -0.95
CA ARG B 380 -34.42 14.88 0.42
C ARG B 380 -34.29 13.44 0.87
N TYR B 381 -34.58 12.47 0.02
CA TYR B 381 -34.49 11.07 0.37
C TYR B 381 -33.45 10.31 -0.43
N ILE B 382 -33.37 10.53 -1.73
CA ILE B 382 -32.39 9.83 -2.56
C ILE B 382 -31.25 10.78 -2.89
N THR B 383 -30.17 10.73 -2.11
CA THR B 383 -29.06 11.65 -2.32
C THR B 383 -27.91 11.03 -3.09
N ALA B 384 -27.93 9.72 -3.34
CA ALA B 384 -26.86 9.07 -4.05
C ALA B 384 -26.89 9.33 -5.55
N ARG B 385 -28.00 9.82 -6.08
CA ARG B 385 -28.16 10.07 -7.50
C ARG B 385 -28.50 11.53 -7.74
N PHE B 386 -28.41 11.94 -9.00
CA PHE B 386 -28.61 13.33 -9.35
C PHE B 386 -29.99 13.53 -9.97
N LEU B 387 -30.25 14.75 -10.37
CA LEU B 387 -31.58 15.23 -10.77
C LEU B 387 -31.96 14.68 -12.14
N PRO B 388 -32.88 15.29 -12.88
CA PRO B 388 -34.12 14.61 -13.25
C PRO B 388 -34.16 13.10 -13.16
N ASP B 389 -33.10 12.40 -13.57
CA ASP B 389 -33.17 10.94 -13.60
C ASP B 389 -33.70 10.34 -12.30
N LYS B 390 -33.28 10.84 -11.15
CA LYS B 390 -33.79 10.33 -9.88
C LYS B 390 -35.19 10.81 -9.57
N ALA B 391 -35.84 11.53 -10.47
CA ALA B 391 -37.18 12.01 -10.27
C ALA B 391 -38.16 11.52 -11.31
N ILE B 392 -37.69 10.83 -12.33
CA ILE B 392 -38.55 10.29 -13.38
C ILE B 392 -38.85 8.84 -13.03
N ASP B 393 -37.91 8.20 -12.33
CA ASP B 393 -38.14 6.81 -11.92
C ASP B 393 -39.36 6.70 -11.04
N LEU B 394 -39.56 7.65 -10.13
CA LEU B 394 -40.72 7.55 -9.26
C LEU B 394 -42.01 7.61 -10.06
N VAL B 395 -42.10 8.55 -11.00
CA VAL B 395 -43.30 8.66 -11.82
C VAL B 395 -43.53 7.39 -12.61
N ASP B 396 -42.48 6.88 -13.25
CA ASP B 396 -42.63 5.71 -14.09
C ASP B 396 -43.04 4.48 -13.27
N GLU B 397 -42.39 4.27 -12.13
CA GLU B 397 -42.73 3.13 -11.30
C GLU B 397 -44.15 3.23 -10.77
N ALA B 398 -44.54 4.42 -10.31
CA ALA B 398 -45.91 4.59 -9.82
C ALA B 398 -46.91 4.24 -10.90
N ALA B 399 -46.70 4.71 -12.12
CA ALA B 399 -47.64 4.40 -13.19
C ALA B 399 -47.67 2.90 -13.48
N SER B 400 -46.51 2.25 -13.54
CA SER B 400 -46.50 0.83 -13.84
C SER B 400 -47.21 0.03 -12.76
N ARG B 401 -47.00 0.38 -11.50
CA ARG B 401 -47.68 -0.29 -10.41
C ARG B 401 -49.18 -0.06 -10.49
N LEU B 402 -49.61 1.15 -10.83
CA LEU B 402 -51.04 1.42 -10.94
C LEU B 402 -51.67 0.59 -12.04
N ARG B 403 -50.95 0.40 -13.15
CA ARG B 403 -51.49 -0.43 -14.22
C ARG B 403 -51.59 -1.89 -13.77
N MET B 404 -50.57 -2.40 -13.09
CA MET B 404 -50.68 -3.73 -12.50
C MET B 404 -51.92 -3.84 -11.64
N GLU B 405 -52.14 -2.86 -10.75
CA GLU B 405 -53.32 -2.90 -9.89
C GLU B 405 -54.60 -2.87 -10.70
N ILE B 406 -54.62 -2.09 -11.79
CA ILE B 406 -55.82 -2.01 -12.61
C ILE B 406 -56.19 -3.37 -13.19
N ASP B 407 -55.21 -4.08 -13.72
CA ASP B 407 -55.52 -5.38 -14.31
C ASP B 407 -56.03 -6.37 -13.28
N SER B 408 -55.20 -6.69 -12.29
CA SER B 408 -55.54 -7.64 -11.23
C SER B 408 -56.32 -6.96 -10.12
N ARG B 409 -56.43 -7.60 -8.97
CA ARG B 409 -56.97 -7.00 -7.78
C ARG B 409 -55.98 -5.98 -7.24
N PRO B 410 -56.43 -5.09 -6.34
CA PRO B 410 -55.50 -4.16 -5.71
C PRO B 410 -54.57 -4.86 -4.74
N VAL B 411 -53.56 -4.12 -4.30
CA VAL B 411 -52.66 -4.63 -3.27
C VAL B 411 -53.39 -4.69 -1.94
N GLU B 412 -52.75 -5.34 -0.97
CA GLU B 412 -53.31 -5.63 0.36
C GLU B 412 -54.61 -6.41 0.28
N ILE B 413 -54.91 -6.93 -0.91
CA ILE B 413 -55.98 -7.91 -1.11
C ILE B 413 -55.34 -9.07 -1.86
N ASP B 414 -54.13 -8.83 -2.38
CA ASP B 414 -53.41 -9.87 -3.08
C ASP B 414 -52.52 -10.69 -2.17
N GLU B 415 -51.72 -10.05 -1.32
CA GLU B 415 -50.86 -10.76 -0.38
C GLU B 415 -51.64 -11.51 0.68
N VAL B 416 -52.72 -10.93 1.20
CA VAL B 416 -53.57 -11.63 2.15
C VAL B 416 -54.09 -12.93 1.56
N GLU B 417 -54.34 -12.98 0.26
CA GLU B 417 -54.76 -14.20 -0.40
C GLU B 417 -53.61 -15.14 -0.71
N ARG B 418 -52.46 -14.61 -1.11
CA ARG B 418 -51.30 -15.46 -1.36
C ARG B 418 -50.86 -16.22 -0.12
N LEU B 419 -50.81 -15.57 1.05
CA LEU B 419 -50.36 -16.27 2.23
C LEU B 419 -51.43 -17.21 2.78
N VAL B 420 -52.71 -16.87 2.60
CA VAL B 420 -53.77 -17.80 2.95
C VAL B 420 -53.70 -19.07 2.11
N ARG B 421 -53.48 -18.96 0.81
CA ARG B 421 -53.32 -20.18 0.01
C ARG B 421 -52.06 -20.96 0.33
N ARG B 422 -51.26 -20.50 1.31
CA ARG B 422 -50.07 -21.23 1.74
C ARG B 422 -50.26 -21.84 3.11
N LEU B 423 -50.86 -21.09 4.03
CA LEU B 423 -51.15 -21.62 5.36
C LEU B 423 -52.06 -22.85 5.26
N GLU B 424 -52.90 -22.89 4.23
CA GLU B 424 -53.72 -24.07 3.98
C GLU B 424 -52.85 -25.32 3.82
N ILE B 425 -51.93 -25.29 2.86
CA ILE B 425 -51.06 -26.44 2.62
C ILE B 425 -50.23 -26.74 3.84
N GLU B 426 -49.77 -25.70 4.54
CA GLU B 426 -48.97 -25.90 5.74
C GLU B 426 -49.74 -26.75 6.75
N GLU B 427 -50.94 -26.29 7.14
CA GLU B 427 -51.70 -27.04 8.13
C GLU B 427 -52.15 -28.39 7.60
N MET B 428 -52.36 -28.51 6.28
CA MET B 428 -52.79 -29.79 5.74
C MET B 428 -51.71 -30.85 5.84
N ALA B 429 -50.48 -30.53 5.46
CA ALA B 429 -49.39 -31.49 5.59
C ALA B 429 -48.85 -31.59 7.01
N LEU B 430 -49.21 -30.64 7.88
CA LEU B 430 -48.84 -30.70 9.28
C LEU B 430 -49.79 -31.55 10.11
N SER B 431 -51.09 -31.60 9.79
CA SER B 431 -52.04 -32.36 10.58
C SER B 431 -51.79 -33.86 10.55
N LYS B 432 -50.95 -34.33 9.63
CA LYS B 432 -50.63 -35.75 9.53
C LYS B 432 -49.37 -36.13 10.29
N GLU B 433 -49.01 -35.35 11.32
CA GLU B 433 -47.81 -35.61 12.10
C GLU B 433 -48.17 -36.41 13.34
N GLU B 434 -47.76 -37.68 13.37
CA GLU B 434 -47.98 -38.57 14.50
C GLU B 434 -47.03 -38.17 15.63
N ASP B 435 -47.33 -37.03 16.23
CA ASP B 435 -46.44 -36.44 17.21
C ASP B 435 -47.27 -35.74 18.26
N GLU B 436 -46.65 -35.48 19.42
CA GLU B 436 -47.32 -34.85 20.55
C GLU B 436 -46.90 -33.43 20.79
N ALA B 437 -45.64 -33.09 20.56
CA ALA B 437 -45.20 -31.70 20.73
C ALA B 437 -45.64 -30.84 19.55
N SER B 438 -45.92 -31.48 18.42
CA SER B 438 -46.41 -30.79 17.24
C SER B 438 -47.89 -30.46 17.31
N ALA B 439 -48.59 -30.92 18.36
CA ALA B 439 -50.00 -30.60 18.51
C ALA B 439 -50.22 -29.19 19.04
N GLU B 440 -49.25 -28.63 19.77
CA GLU B 440 -49.38 -27.26 20.22
C GLU B 440 -49.05 -26.27 19.12
N ARG B 441 -48.24 -26.69 18.15
CA ARG B 441 -47.97 -25.83 17.01
C ARG B 441 -49.10 -25.82 16.00
N LEU B 442 -49.67 -26.99 15.70
CA LEU B 442 -50.82 -27.06 14.81
C LEU B 442 -52.03 -26.32 15.33
N ALA B 443 -52.29 -26.39 16.64
CA ALA B 443 -53.42 -25.68 17.24
C ALA B 443 -53.14 -24.20 17.43
N LYS B 444 -51.93 -23.74 17.14
CA LYS B 444 -51.63 -22.32 17.10
C LYS B 444 -51.61 -21.75 15.69
N LEU B 445 -51.10 -22.52 14.73
CA LEU B 445 -51.20 -22.14 13.32
C LEU B 445 -52.63 -22.15 12.84
N ARG B 446 -53.46 -23.08 13.30
CA ARG B 446 -54.84 -23.17 12.90
C ARG B 446 -55.68 -22.00 13.36
N SER B 447 -55.14 -21.12 14.20
CA SER B 447 -55.86 -19.92 14.60
C SER B 447 -55.53 -18.74 13.69
N GLU B 448 -54.27 -18.60 13.28
CA GLU B 448 -53.91 -17.51 12.39
C GLU B 448 -54.53 -17.70 11.02
N LEU B 449 -54.77 -18.95 10.63
CA LEU B 449 -55.44 -19.20 9.36
C LEU B 449 -56.87 -18.66 9.39
N ALA B 450 -57.62 -19.01 10.44
CA ALA B 450 -58.98 -18.49 10.56
C ALA B 450 -58.99 -16.99 10.80
N ASP B 451 -57.91 -16.44 11.36
CA ASP B 451 -57.85 -15.00 11.53
C ASP B 451 -57.59 -14.28 10.21
N GLN B 452 -56.80 -14.88 9.32
CA GLN B 452 -56.55 -14.27 8.03
C GLN B 452 -57.74 -14.43 7.10
N LYS B 453 -58.43 -15.57 7.19
CA LYS B 453 -59.61 -15.80 6.34
C LYS B 453 -60.76 -14.90 6.77
N GLU B 454 -60.56 -14.16 7.87
CA GLU B 454 -61.50 -13.16 8.32
C GLU B 454 -61.29 -11.82 7.64
N LYS B 455 -60.10 -11.24 7.77
CA LYS B 455 -59.84 -9.96 7.12
C LYS B 455 -59.73 -10.07 5.61
N LEU B 456 -59.42 -11.24 5.06
CA LEU B 456 -59.55 -11.39 3.62
C LEU B 456 -60.98 -11.20 3.14
N ALA B 457 -61.93 -11.89 3.75
CA ALA B 457 -63.33 -11.75 3.39
C ALA B 457 -63.90 -10.40 3.79
N GLU B 458 -63.27 -9.71 4.75
CA GLU B 458 -63.65 -8.33 5.02
C GLU B 458 -63.15 -7.37 3.96
N LEU B 459 -61.95 -7.57 3.43
CA LEU B 459 -61.46 -6.76 2.32
C LEU B 459 -62.29 -6.95 1.06
N THR B 460 -62.67 -8.18 0.73
CA THR B 460 -63.49 -8.39 -0.46
C THR B 460 -64.85 -7.72 -0.34
N THR B 461 -65.36 -7.55 0.87
CA THR B 461 -66.59 -6.81 1.10
C THR B 461 -66.38 -5.30 1.04
N ARG B 462 -65.34 -4.79 1.68
CA ARG B 462 -65.04 -3.36 1.65
C ARG B 462 -64.63 -2.88 0.28
N TRP B 463 -64.20 -3.78 -0.60
CA TRP B 463 -63.90 -3.41 -1.97
C TRP B 463 -65.16 -3.25 -2.81
N GLN B 464 -66.21 -4.01 -2.53
CA GLN B 464 -67.45 -3.83 -3.29
C GLN B 464 -68.19 -2.58 -2.85
N ASN B 465 -68.04 -2.19 -1.58
CA ASN B 465 -68.61 -0.93 -1.11
C ASN B 465 -68.09 0.24 -1.93
N GLU B 466 -66.90 0.11 -2.52
CA GLU B 466 -66.37 1.13 -3.39
C GLU B 466 -66.63 0.83 -4.87
N LYS B 467 -66.64 -0.45 -5.25
CA LYS B 467 -66.80 -0.84 -6.64
C LYS B 467 -68.25 -0.73 -7.11
N ASN B 468 -69.19 -0.53 -6.20
CA ASN B 468 -70.57 -0.33 -6.63
C ASN B 468 -70.87 1.16 -6.81
N ALA B 469 -70.51 1.98 -5.83
CA ALA B 469 -70.79 3.41 -5.89
C ALA B 469 -70.04 4.07 -7.03
N LYS B 530 -58.89 5.89 -7.09
CA LYS B 530 -57.77 5.05 -7.48
C LYS B 530 -57.82 4.72 -8.97
N GLU B 531 -57.70 5.75 -9.80
CA GLU B 531 -57.59 5.58 -11.23
C GLU B 531 -56.52 6.45 -11.86
N GLU B 532 -55.84 7.28 -11.06
CA GLU B 532 -54.73 8.07 -11.55
C GLU B 532 -53.78 8.30 -10.39
N VAL B 533 -52.49 8.36 -10.69
CA VAL B 533 -51.49 8.44 -9.63
C VAL B 533 -51.56 9.80 -8.98
N GLY B 534 -51.26 9.84 -7.69
CA GLY B 534 -51.29 11.06 -6.93
C GLY B 534 -50.04 11.23 -6.12
N PRO B 535 -50.05 12.16 -5.17
CA PRO B 535 -48.90 12.30 -4.27
C PRO B 535 -48.77 11.19 -3.25
N ASP B 536 -49.55 10.10 -3.38
CA ASP B 536 -49.47 8.98 -2.47
C ASP B 536 -48.74 7.78 -3.05
N ASP B 537 -48.99 7.45 -4.31
CA ASP B 537 -48.23 6.38 -4.94
C ASP B 537 -46.75 6.72 -4.99
N ILE B 538 -46.42 8.00 -5.19
CA ILE B 538 -45.04 8.42 -5.22
C ILE B 538 -44.38 8.16 -3.88
N ALA B 539 -45.03 8.57 -2.80
CA ALA B 539 -44.49 8.33 -1.47
C ALA B 539 -44.36 6.84 -1.20
N ASP B 540 -45.32 6.04 -1.63
CA ASP B 540 -45.22 4.60 -1.42
C ASP B 540 -44.04 4.02 -2.17
N VAL B 541 -43.72 4.57 -3.35
CA VAL B 541 -42.58 4.07 -4.11
C VAL B 541 -41.27 4.46 -3.43
N VAL B 542 -41.17 5.72 -3.01
CA VAL B 542 -39.93 6.20 -2.42
C VAL B 542 -39.81 5.66 -1.00
N SER B 543 -40.85 4.98 -0.53
CA SER B 543 -40.76 4.26 0.74
C SER B 543 -40.40 2.80 0.57
N ALA B 544 -40.94 2.12 -0.44
CA ALA B 544 -40.48 0.77 -0.73
C ALA B 544 -39.02 0.78 -1.14
N TRP B 545 -38.62 1.80 -1.88
CA TRP B 545 -37.22 2.10 -2.09
C TRP B 545 -36.67 2.79 -0.85
N THR B 546 -35.41 2.52 -0.53
CA THR B 546 -34.69 3.20 0.55
C THR B 546 -35.25 2.91 1.93
N GLY B 547 -36.34 2.16 2.03
CA GLY B 547 -36.81 1.72 3.33
C GLY B 547 -37.39 2.78 4.23
N ILE B 548 -37.13 4.05 3.94
CA ILE B 548 -37.61 5.13 4.81
C ILE B 548 -39.13 5.22 4.70
N PRO B 549 -39.87 5.14 5.78
CA PRO B 549 -41.32 5.29 5.70
C PRO B 549 -41.70 6.76 5.64
N ALA B 550 -42.16 7.20 4.48
CA ALA B 550 -42.73 8.54 4.31
C ALA B 550 -44.08 8.36 3.64
N GLY B 551 -45.10 8.06 4.43
CA GLY B 551 -46.43 7.83 3.90
C GLY B 551 -47.41 8.86 4.42
N ARG B 552 -48.58 8.43 4.87
CA ARG B 552 -49.58 9.35 5.37
C ARG B 552 -50.29 8.82 6.61
N LEU B 553 -49.68 7.86 7.32
CA LEU B 553 -50.25 7.34 8.56
C LEU B 553 -51.63 6.75 8.30
N LEU B 554 -51.64 5.63 7.58
CA LEU B 554 -52.88 5.08 7.05
C LEU B 554 -53.73 4.38 8.11
N GLU B 555 -54.00 5.09 9.21
CA GLU B 555 -55.05 4.74 10.17
C GLU B 555 -54.75 3.43 10.90
N GLY B 556 -53.71 2.72 10.50
CA GLY B 556 -53.33 1.52 11.21
C GLY B 556 -52.07 1.78 12.00
N GLU B 557 -51.24 2.66 11.45
CA GLU B 557 -50.03 3.11 12.11
C GLU B 557 -50.30 4.17 13.16
N THR B 558 -51.32 5.02 12.94
CA THR B 558 -51.60 6.08 13.91
C THR B 558 -52.16 5.51 15.20
N ALA B 559 -53.04 4.51 15.09
CA ALA B 559 -53.54 3.85 16.28
C ALA B 559 -52.44 3.20 17.08
N LYS B 560 -51.35 2.78 16.43
CA LYS B 560 -50.21 2.19 17.09
C LYS B 560 -49.32 3.25 17.72
N LEU B 561 -49.10 4.36 17.02
CA LEU B 561 -48.33 5.46 17.58
C LEU B 561 -49.01 6.08 18.78
N LEU B 562 -50.34 6.08 18.82
CA LEU B 562 -51.03 6.76 19.92
C LEU B 562 -50.77 6.08 21.25
N ARG B 563 -50.56 4.76 21.24
CA ARG B 563 -50.15 4.03 22.43
C ARG B 563 -48.76 3.50 22.19
N MET B 564 -47.76 4.35 22.40
CA MET B 564 -46.38 3.91 22.28
C MET B 564 -45.70 3.76 23.63
N GLU B 565 -45.84 4.74 24.53
CA GLU B 565 -45.32 4.53 25.87
C GLU B 565 -46.08 3.45 26.61
N ASP B 566 -47.03 2.80 25.96
CA ASP B 566 -47.72 1.62 26.47
C ASP B 566 -47.12 0.33 25.91
N GLU B 567 -46.60 0.39 24.69
CA GLU B 567 -45.90 -0.77 24.13
C GLU B 567 -44.45 -0.79 24.54
N LEU B 568 -43.89 0.37 24.88
CA LEU B 568 -42.55 0.40 25.45
C LEU B 568 -42.54 0.00 26.92
N GLY B 569 -43.65 0.23 27.62
CA GLY B 569 -43.75 -0.11 29.02
C GLY B 569 -43.83 -1.58 29.33
N LYS B 570 -43.96 -2.43 28.32
CA LYS B 570 -43.92 -3.87 28.52
C LYS B 570 -42.50 -4.39 28.68
N ARG B 571 -41.50 -3.56 28.43
CA ARG B 571 -40.10 -3.95 28.53
C ARG B 571 -39.29 -3.05 29.43
N VAL B 572 -39.58 -1.76 29.47
CA VAL B 572 -38.96 -0.83 30.40
C VAL B 572 -40.02 -0.40 31.40
N ILE B 573 -39.62 -0.29 32.66
CA ILE B 573 -40.55 -0.01 33.75
C ILE B 573 -40.02 1.17 34.55
N GLY B 574 -40.87 2.15 34.78
CA GLY B 574 -40.42 3.41 35.32
C GLY B 574 -39.92 4.30 34.21
N GLN B 575 -39.10 5.27 34.58
CA GLN B 575 -38.48 6.19 33.62
C GLN B 575 -39.54 6.80 32.70
N LYS B 576 -40.64 7.24 33.30
CA LYS B 576 -41.69 7.89 32.52
C LYS B 576 -41.20 9.17 31.86
N ALA B 577 -40.28 9.88 32.52
CA ALA B 577 -39.77 11.11 31.94
C ALA B 577 -38.98 10.83 30.66
N ALA B 578 -38.33 9.69 30.58
CA ALA B 578 -37.52 9.36 29.41
C ALA B 578 -38.28 8.62 28.34
N VAL B 579 -39.27 7.81 28.69
CA VAL B 579 -40.03 7.12 27.66
C VAL B 579 -40.89 8.10 26.89
N THR B 580 -41.37 9.14 27.56
CA THR B 580 -42.21 10.15 26.91
C THR B 580 -41.38 11.26 26.28
N ALA B 581 -40.10 11.02 26.03
CA ALA B 581 -39.29 11.90 25.21
C ALA B 581 -38.70 11.18 24.00
N VAL B 582 -38.21 9.96 24.17
CA VAL B 582 -37.88 9.12 23.03
C VAL B 582 -39.09 8.94 22.14
N SER B 583 -40.23 8.55 22.73
CA SER B 583 -41.46 8.34 22.00
C SER B 583 -42.06 9.62 21.48
N ASP B 584 -41.56 10.77 21.89
CA ASP B 584 -42.16 12.03 21.54
C ASP B 584 -41.56 12.63 20.28
N ALA B 585 -40.35 12.23 19.91
CA ALA B 585 -39.73 12.67 18.68
C ALA B 585 -39.92 11.68 17.55
N VAL B 586 -40.79 10.67 17.72
CA VAL B 586 -41.18 9.85 16.59
C VAL B 586 -42.50 10.33 16.03
N ARG B 587 -43.44 10.67 16.89
CA ARG B 587 -44.72 11.20 16.41
C ARG B 587 -44.51 12.51 15.67
N ARG B 588 -43.79 13.45 16.27
CA ARG B 588 -43.61 14.75 15.67
C ARG B 588 -42.69 14.73 14.47
N SER B 589 -42.23 13.55 14.07
CA SER B 589 -41.59 13.35 12.78
C SER B 589 -42.46 12.60 11.79
N ARG B 590 -43.29 11.68 12.27
CA ARG B 590 -44.21 10.99 11.38
C ARG B 590 -45.37 11.86 10.96
N ALA B 591 -45.67 12.92 11.71
CA ALA B 591 -46.72 13.84 11.32
C ALA B 591 -46.20 14.99 10.46
N GLY B 592 -44.92 15.00 10.13
CA GLY B 592 -44.38 16.03 9.27
C GLY B 592 -44.19 17.38 9.93
N VAL B 593 -43.49 17.42 11.06
CA VAL B 593 -43.26 18.67 11.77
C VAL B 593 -41.79 18.91 12.05
N SER B 594 -40.96 17.88 12.07
CA SER B 594 -39.56 18.06 12.44
C SER B 594 -38.77 18.67 11.29
N ASP B 595 -37.60 19.19 11.63
CA ASP B 595 -36.72 19.81 10.65
C ASP B 595 -36.30 18.79 9.61
N PRO B 596 -36.49 19.05 8.32
CA PRO B 596 -36.18 18.01 7.33
C PRO B 596 -34.71 17.78 7.11
N ASN B 597 -33.83 18.63 7.64
CA ASN B 597 -32.38 18.41 7.52
C ASN B 597 -31.75 18.54 8.90
N ARG B 598 -31.86 17.48 9.68
CA ARG B 598 -31.22 17.28 10.97
C ARG B 598 -31.66 15.90 11.43
N PRO B 599 -30.90 15.18 12.26
CA PRO B 599 -31.33 13.85 12.67
C PRO B 599 -32.72 13.88 13.29
N THR B 600 -33.39 12.72 13.24
CA THR B 600 -34.75 12.64 13.78
C THR B 600 -34.77 12.99 15.26
N GLY B 601 -33.74 12.59 16.00
CA GLY B 601 -33.61 12.93 17.40
C GLY B 601 -32.24 12.54 17.91
N ALA B 602 -31.63 13.41 18.69
CA ALA B 602 -30.27 13.18 19.19
C ALA B 602 -30.23 13.57 20.66
N PHE B 603 -30.37 12.57 21.54
CA PHE B 603 -30.38 12.81 22.97
C PHE B 603 -29.64 11.71 23.71
N MET B 604 -29.02 12.10 24.82
CA MET B 604 -28.22 11.22 25.66
C MET B 604 -28.92 11.10 27.00
N PHE B 605 -29.15 9.87 27.45
CA PHE B 605 -29.67 9.63 28.78
C PHE B 605 -28.64 8.92 29.64
N LEU B 606 -28.46 9.41 30.87
CA LEU B 606 -27.42 8.96 31.76
C LEU B 606 -27.93 8.94 33.19
N GLY B 607 -27.33 8.08 34.01
CA GLY B 607 -27.71 7.93 35.39
C GLY B 607 -26.90 6.81 36.05
N PRO B 608 -27.39 6.28 37.17
CA PRO B 608 -26.69 5.16 37.82
C PRO B 608 -26.75 3.88 37.02
N THR B 609 -26.21 2.81 37.57
CA THR B 609 -26.05 1.55 36.86
C THR B 609 -27.27 0.65 37.01
N GLY B 610 -27.44 -0.24 36.04
CA GLY B 610 -28.49 -1.24 36.09
C GLY B 610 -29.89 -0.67 36.13
N VAL B 611 -30.06 0.58 35.70
CA VAL B 611 -31.34 1.25 35.79
C VAL B 611 -32.25 0.97 34.59
N GLY B 612 -31.68 0.71 33.42
CA GLY B 612 -32.50 0.39 32.26
C GLY B 612 -32.24 1.29 31.07
N LYS B 613 -31.05 1.88 31.00
CA LYS B 613 -30.75 2.86 29.97
C LYS B 613 -30.10 2.29 28.72
N THR B 614 -29.61 1.05 28.77
CA THR B 614 -29.28 0.32 27.56
C THR B 614 -30.41 -0.59 27.12
N GLU B 615 -31.38 -0.82 28.00
CA GLU B 615 -32.55 -1.61 27.64
C GLU B 615 -33.57 -0.81 26.88
N LEU B 616 -33.75 0.46 27.25
CA LEU B 616 -34.67 1.32 26.52
C LEU B 616 -34.26 1.47 25.06
N ALA B 617 -32.97 1.63 24.80
CA ALA B 617 -32.50 1.72 23.42
C ALA B 617 -32.62 0.41 22.66
N LYS B 618 -33.06 -0.67 23.32
CA LYS B 618 -33.36 -1.90 22.62
C LYS B 618 -34.85 -2.22 22.58
N ALA B 619 -35.62 -1.74 23.55
CA ALA B 619 -37.06 -1.79 23.44
C ALA B 619 -37.57 -0.86 22.36
N LEU B 620 -36.76 0.12 21.98
CA LEU B 620 -37.16 1.08 20.96
C LEU B 620 -36.81 0.56 19.57
N ALA B 621 -35.63 -0.04 19.42
CA ALA B 621 -35.26 -0.63 18.14
C ALA B 621 -36.06 -1.88 17.83
N ASP B 622 -36.87 -2.35 18.78
CA ASP B 622 -37.73 -3.49 18.53
C ASP B 622 -39.15 -3.07 18.20
N PHE B 623 -39.57 -1.90 18.65
CA PHE B 623 -40.89 -1.40 18.32
C PHE B 623 -40.97 -0.99 16.86
N LEU B 624 -39.86 -0.56 16.28
CA LEU B 624 -39.84 0.01 14.94
C LEU B 624 -39.47 -1.00 13.87
N PHE B 625 -38.69 -2.02 14.19
CA PHE B 625 -38.22 -2.99 13.22
C PHE B 625 -38.67 -4.40 13.51
N ASP B 626 -39.19 -4.67 14.70
CA ASP B 626 -39.54 -6.02 15.14
C ASP B 626 -38.34 -6.95 15.15
N ASP B 627 -37.14 -6.42 15.34
CA ASP B 627 -35.94 -7.26 15.46
C ASP B 627 -34.88 -6.45 16.20
N GLU B 628 -34.47 -6.94 17.36
CA GLU B 628 -33.53 -6.22 18.21
C GLU B 628 -32.12 -6.15 17.64
N ARG B 629 -31.83 -6.95 16.60
CA ARG B 629 -30.50 -6.97 16.01
C ARG B 629 -30.48 -6.37 14.61
N ALA B 630 -31.40 -5.45 14.32
CA ALA B 630 -31.39 -4.70 13.07
C ALA B 630 -30.87 -3.28 13.25
N MET B 631 -30.35 -2.96 14.44
CA MET B 631 -29.83 -1.64 14.73
C MET B 631 -28.30 -1.69 14.76
N VAL B 632 -27.71 -0.49 14.82
CA VAL B 632 -26.27 -0.37 14.73
C VAL B 632 -25.72 0.02 16.10
N ARG B 633 -25.08 -0.92 16.77
CA ARG B 633 -24.46 -0.64 18.06
C ARG B 633 -22.96 -0.64 17.92
N ILE B 634 -22.31 0.37 18.47
CA ILE B 634 -20.85 0.40 18.58
C ILE B 634 -20.48 0.68 20.02
N ASP B 635 -19.61 -0.15 20.58
CA ASP B 635 -19.26 -0.08 22.00
C ASP B 635 -18.11 0.89 22.16
N MET B 636 -18.41 2.11 22.57
CA MET B 636 -17.43 3.17 22.55
C MET B 636 -16.36 3.03 23.63
N SER B 637 -16.25 1.87 24.28
CA SER B 637 -15.20 1.70 25.27
C SER B 637 -13.90 1.22 24.66
N GLU B 638 -13.93 0.77 23.41
CA GLU B 638 -12.70 0.38 22.72
C GLU B 638 -12.00 1.55 22.05
N TYR B 639 -12.59 2.74 22.10
CA TYR B 639 -11.97 3.91 21.49
C TYR B 639 -11.20 4.70 22.55
N GLY B 640 -10.24 4.01 23.14
CA GLY B 640 -9.45 4.61 24.20
C GLY B 640 -8.38 5.55 23.69
N GLU B 641 -7.87 5.31 22.49
CA GLU B 641 -6.84 6.15 21.91
C GLU B 641 -7.33 6.80 20.64
N LYS B 642 -6.86 8.02 20.39
CA LYS B 642 -7.42 8.84 19.33
C LYS B 642 -7.27 8.22 17.95
N HIS B 643 -6.26 7.40 17.73
CA HIS B 643 -6.09 6.82 16.40
C HIS B 643 -7.13 5.76 16.09
N THR B 644 -7.94 5.36 17.06
CA THR B 644 -9.02 4.42 16.83
C THR B 644 -10.22 5.06 16.15
N VAL B 645 -10.09 6.30 15.70
CA VAL B 645 -11.17 6.94 14.96
C VAL B 645 -11.26 6.38 13.57
N ALA B 646 -10.11 6.12 12.94
CA ALA B 646 -10.10 5.58 11.57
C ALA B 646 -10.88 4.31 11.44
N ARG B 647 -11.31 3.72 12.54
CA ARG B 647 -12.09 2.50 12.49
C ARG B 647 -13.51 2.76 12.02
N LEU B 648 -14.04 3.96 12.23
CA LEU B 648 -15.41 4.27 11.83
C LEU B 648 -15.49 5.27 10.69
N ILE B 649 -14.38 5.59 10.03
CA ILE B 649 -14.44 6.59 8.98
C ILE B 649 -13.62 6.16 7.76
N GLY B 650 -12.86 5.07 7.87
CA GLY B 650 -12.05 4.60 6.78
C GLY B 650 -10.61 5.09 6.85
N ALA B 651 -9.82 4.64 5.88
CA ALA B 651 -8.43 5.09 5.86
C ALA B 651 -8.13 5.84 4.56
N PRO B 652 -7.37 6.93 4.63
CA PRO B 652 -7.20 7.78 3.46
C PRO B 652 -6.53 7.05 2.32
N PRO B 653 -6.69 7.53 1.09
CA PRO B 653 -6.21 6.77 -0.08
C PRO B 653 -4.69 6.56 -0.06
N GLY B 654 -4.30 5.38 -0.50
CA GLY B 654 -2.91 4.98 -0.47
C GLY B 654 -2.47 4.31 0.80
N TYR B 655 -3.36 3.64 1.51
CA TYR B 655 -3.01 3.00 2.77
C TYR B 655 -3.60 1.60 2.82
N VAL B 656 -3.34 0.90 3.93
CA VAL B 656 -3.55 -0.55 3.96
C VAL B 656 -5.01 -0.89 3.71
N GLY B 657 -5.88 -0.50 4.62
CA GLY B 657 -7.28 -0.78 4.42
C GLY B 657 -8.00 0.40 3.82
N TYR B 658 -8.11 0.41 2.51
CA TYR B 658 -8.78 1.50 1.81
C TYR B 658 -9.92 1.01 0.95
N GLU B 659 -9.78 -0.16 0.34
CA GLU B 659 -10.89 -0.72 -0.41
C GLU B 659 -11.84 -1.42 0.55
N ALA B 660 -12.16 -0.74 1.65
CA ALA B 660 -13.13 -1.24 2.61
C ALA B 660 -14.01 -0.16 3.16
N GLY B 661 -13.74 1.10 2.89
CA GLY B 661 -14.55 2.19 3.43
C GLY B 661 -14.51 2.21 4.94
N GLY B 662 -15.39 3.02 5.50
CA GLY B 662 -15.55 3.07 6.93
C GLY B 662 -16.25 1.83 7.43
N GLN B 663 -16.65 1.89 8.69
CA GLN B 663 -17.38 0.81 9.32
C GLN B 663 -18.71 1.25 9.87
N LEU B 664 -18.77 2.41 10.51
CA LEU B 664 -20.06 3.04 10.79
C LEU B 664 -20.68 3.58 9.52
N THR B 665 -19.87 4.22 8.68
CA THR B 665 -20.36 4.81 7.44
C THR B 665 -21.05 3.79 6.57
N GLU B 666 -20.33 2.74 6.16
CA GLU B 666 -20.93 1.77 5.26
C GLU B 666 -22.12 1.04 5.87
N ALA B 667 -22.31 1.13 7.18
CA ALA B 667 -23.46 0.47 7.78
C ALA B 667 -24.75 1.25 7.58
N VAL B 668 -24.67 2.59 7.56
CA VAL B 668 -25.85 3.42 7.38
C VAL B 668 -26.13 3.74 5.91
N ARG B 669 -25.11 3.77 5.07
CA ARG B 669 -25.31 4.07 3.66
C ARG B 669 -26.17 3.03 2.95
N ARG B 670 -26.39 1.87 3.57
CA ARG B 670 -27.17 0.83 2.92
C ARG B 670 -28.61 0.79 3.40
N ARG B 671 -28.86 1.16 4.65
CA ARG B 671 -30.20 1.22 5.22
C ARG B 671 -30.28 2.45 6.09
N PRO B 672 -30.74 3.56 5.56
CA PRO B 672 -30.67 4.82 6.31
C PRO B 672 -31.87 5.05 7.21
N TYR B 673 -32.32 4.01 7.91
CA TYR B 673 -33.43 4.13 8.84
C TYR B 673 -33.13 3.49 10.18
N THR B 674 -31.93 2.97 10.38
CA THR B 674 -31.59 2.29 11.61
C THR B 674 -31.54 3.28 12.78
N VAL B 675 -31.25 2.77 13.96
CA VAL B 675 -31.13 3.57 15.18
C VAL B 675 -29.76 3.30 15.79
N VAL B 676 -28.89 4.29 15.73
CA VAL B 676 -27.51 4.12 16.16
C VAL B 676 -27.45 4.27 17.68
N LEU B 677 -26.55 3.54 18.31
CA LEU B 677 -26.41 3.52 19.77
C LEU B 677 -24.92 3.56 20.12
N PHE B 678 -24.49 4.65 20.74
CA PHE B 678 -23.11 4.77 21.20
C PHE B 678 -23.08 4.46 22.68
N ASP B 679 -22.69 3.24 23.02
CA ASP B 679 -22.81 2.76 24.40
C ASP B 679 -21.56 3.10 25.19
N GLU B 680 -21.75 3.58 26.42
CA GLU B 680 -20.66 3.93 27.32
C GLU B 680 -19.72 4.95 26.69
N ILE B 681 -20.26 6.14 26.41
CA ILE B 681 -19.54 7.08 25.59
C ILE B 681 -18.46 7.84 26.34
N GLU B 682 -18.60 8.03 27.65
CA GLU B 682 -17.60 8.85 28.33
C GLU B 682 -16.30 8.10 28.57
N LYS B 683 -16.23 6.82 28.24
CA LYS B 683 -15.01 6.03 28.37
C LYS B 683 -14.04 6.23 27.21
N ALA B 684 -14.41 7.00 26.21
CA ALA B 684 -13.59 7.13 25.01
C ALA B 684 -12.65 8.32 25.11
N HIS B 685 -11.91 8.54 24.04
CA HIS B 685 -10.95 9.63 24.02
C HIS B 685 -11.60 10.88 23.47
N PRO B 686 -11.38 12.04 24.08
CA PRO B 686 -12.14 13.23 23.70
C PRO B 686 -11.74 13.79 22.35
N ASP B 687 -11.70 12.92 21.33
CA ASP B 687 -11.56 13.36 19.95
C ASP B 687 -12.67 12.71 19.15
N VAL B 688 -13.10 11.53 19.57
CA VAL B 688 -14.24 10.91 18.93
C VAL B 688 -15.49 11.75 19.15
N PHE B 689 -15.57 12.43 20.30
CA PHE B 689 -16.59 13.45 20.45
C PHE B 689 -16.54 14.45 19.31
N ASP B 690 -15.35 14.95 19.00
CA ASP B 690 -15.23 15.96 17.96
C ASP B 690 -15.52 15.38 16.59
N VAL B 691 -15.40 14.06 16.42
CA VAL B 691 -15.87 13.47 15.17
C VAL B 691 -17.39 13.49 15.12
N LEU B 692 -18.04 13.06 16.20
CA LEU B 692 -19.50 13.12 16.28
C LEU B 692 -20.04 14.53 16.19
N LEU B 693 -19.19 15.54 16.37
CA LEU B 693 -19.66 16.92 16.48
C LEU B 693 -20.53 17.35 15.32
N GLN B 694 -20.26 16.87 14.10
CA GLN B 694 -21.06 17.26 12.95
C GLN B 694 -22.10 16.23 12.57
N VAL B 695 -22.03 15.02 13.11
CA VAL B 695 -23.11 14.05 12.91
C VAL B 695 -24.41 14.59 13.48
N LEU B 696 -24.40 14.93 14.76
CA LEU B 696 -25.47 15.75 15.30
C LEU B 696 -25.52 17.08 14.56
N ASP B 697 -26.70 17.66 14.50
CA ASP B 697 -26.91 19.02 14.02
C ASP B 697 -26.76 19.17 12.51
N GLU B 698 -26.22 18.16 11.82
CA GLU B 698 -26.31 18.16 10.36
C GLU B 698 -26.58 16.81 9.73
N GLY B 699 -26.26 15.71 10.39
CA GLY B 699 -26.48 14.40 9.79
C GLY B 699 -25.64 14.15 8.55
N ARG B 700 -24.34 14.39 8.63
CA ARG B 700 -23.47 14.16 7.49
C ARG B 700 -22.07 13.86 8.00
N LEU B 701 -21.40 12.89 7.39
CA LEU B 701 -19.97 12.72 7.57
C LEU B 701 -19.45 11.87 6.42
N THR B 702 -18.33 12.28 5.85
CA THR B 702 -17.80 11.66 4.65
C THR B 702 -16.56 10.84 4.99
N ASP B 703 -16.45 9.69 4.35
CA ASP B 703 -15.41 8.73 4.64
C ASP B 703 -14.18 8.99 3.77
N GLY B 704 -13.31 7.99 3.69
CA GLY B 704 -12.11 8.14 2.86
C GLY B 704 -12.42 8.28 1.39
N HIS B 705 -13.30 7.43 0.87
CA HIS B 705 -13.66 7.46 -0.54
C HIS B 705 -14.33 8.76 -0.97
N GLY B 706 -14.58 9.69 -0.07
CA GLY B 706 -15.25 10.91 -0.45
C GLY B 706 -16.73 10.77 -0.71
N ARG B 707 -17.40 9.85 -0.05
CA ARG B 707 -18.84 9.65 -0.22
C ARG B 707 -19.53 10.20 1.01
N THR B 708 -20.35 11.24 0.82
CA THR B 708 -21.06 11.84 1.94
C THR B 708 -22.25 10.97 2.30
N VAL B 709 -22.35 10.62 3.58
CA VAL B 709 -23.41 9.76 4.08
C VAL B 709 -24.34 10.60 4.95
N ASP B 710 -25.64 10.45 4.75
CA ASP B 710 -26.62 11.28 5.44
C ASP B 710 -27.22 10.54 6.62
N PHE B 711 -27.42 11.29 7.71
CA PHE B 711 -27.98 10.73 8.94
C PHE B 711 -29.31 11.37 9.31
N ARG B 712 -29.94 12.08 8.39
CA ARG B 712 -31.11 12.88 8.71
C ARG B 712 -32.35 12.07 9.01
N ASN B 713 -32.25 10.75 9.13
CA ASN B 713 -33.40 9.94 9.46
C ASN B 713 -33.16 8.97 10.59
N THR B 714 -31.96 8.91 11.13
CA THR B 714 -31.65 7.99 12.22
C THR B 714 -32.02 8.61 13.55
N ILE B 715 -31.95 7.79 14.60
CA ILE B 715 -32.20 8.24 15.96
C ILE B 715 -30.92 7.99 16.74
N LEU B 716 -30.28 9.05 17.18
CA LEU B 716 -28.98 8.96 17.83
C LEU B 716 -29.16 8.87 19.34
N ILE B 717 -28.54 7.85 19.94
CA ILE B 717 -28.70 7.55 21.35
C ILE B 717 -27.32 7.35 21.95
N LEU B 718 -27.02 8.09 23.01
CA LEU B 718 -25.73 7.98 23.69
C LEU B 718 -25.98 7.68 25.16
N THR B 719 -25.56 6.52 25.63
CA THR B 719 -25.67 6.19 27.04
C THR B 719 -24.46 6.73 27.78
N SER B 720 -24.47 6.55 29.09
CA SER B 720 -23.37 7.02 29.93
C SER B 720 -23.60 6.55 31.35
N ASN B 721 -22.62 6.83 32.21
CA ASN B 721 -22.74 6.52 33.63
C ASN B 721 -22.07 7.60 34.48
N LEU B 722 -22.06 8.84 34.01
CA LEU B 722 -21.41 9.91 34.75
C LEU B 722 -22.11 10.16 36.07
N GLY B 723 -21.47 10.96 36.92
CA GLY B 723 -22.08 11.36 38.17
C GLY B 723 -22.12 10.24 39.18
N SER B 724 -22.93 9.22 38.91
CA SER B 724 -23.04 8.03 39.76
C SER B 724 -23.47 8.39 41.18
N GLY B 725 -24.70 8.88 41.30
CA GLY B 725 -25.29 9.08 42.60
C GLY B 725 -25.59 10.52 42.95
N GLY B 726 -24.89 11.46 42.32
CA GLY B 726 -25.18 12.85 42.54
C GLY B 726 -26.64 13.17 42.26
N SER B 727 -27.18 14.10 43.03
CA SER B 727 -28.63 14.30 42.99
C SER B 727 -29.10 14.78 41.63
N ALA B 728 -28.82 16.04 41.31
CA ALA B 728 -29.05 16.55 39.95
C ALA B 728 -27.95 17.49 39.47
N GLU B 729 -27.21 18.15 40.36
CA GLU B 729 -26.16 19.05 39.94
C GLU B 729 -24.77 18.59 40.33
N GLN B 730 -24.65 17.43 40.99
CA GLN B 730 -23.38 16.74 40.98
C GLN B 730 -23.18 15.98 39.68
N VAL B 731 -24.25 15.78 38.92
CA VAL B 731 -24.17 15.07 37.64
C VAL B 731 -24.24 16.08 36.50
N LEU B 732 -25.11 17.08 36.63
CA LEU B 732 -25.20 18.10 35.61
C LEU B 732 -23.94 18.95 35.52
N ALA B 733 -23.14 18.99 36.58
CA ALA B 733 -21.86 19.68 36.54
C ALA B 733 -20.71 18.73 36.27
N ALA B 734 -20.94 17.44 36.31
CA ALA B 734 -19.93 16.49 35.87
C ALA B 734 -20.02 16.20 34.38
N VAL B 735 -21.17 16.47 33.77
CA VAL B 735 -21.27 16.41 32.31
C VAL B 735 -20.60 17.62 31.70
N ARG B 736 -20.82 18.79 32.30
CA ARG B 736 -20.29 20.07 31.85
C ARG B 736 -18.81 20.14 31.92
N ALA B 737 -18.19 19.35 32.79
CA ALA B 737 -16.74 19.36 32.92
C ALA B 737 -16.07 18.22 32.18
N THR B 738 -16.84 17.34 31.55
CA THR B 738 -16.27 16.32 30.68
C THR B 738 -16.54 16.58 29.21
N PHE B 739 -17.57 17.35 28.88
CA PHE B 739 -17.91 17.67 27.50
C PHE B 739 -17.81 19.18 27.28
N LYS B 740 -17.75 19.57 26.04
CA LYS B 740 -17.64 20.97 25.71
C LYS B 740 -19.00 21.56 25.40
N PRO B 741 -19.18 22.87 25.59
CA PRO B 741 -20.48 23.48 25.30
C PRO B 741 -20.93 23.29 23.88
N GLU B 742 -19.99 23.33 22.92
CA GLU B 742 -20.36 23.11 21.53
C GLU B 742 -20.82 21.69 21.27
N PHE B 743 -20.54 20.75 22.16
CA PHE B 743 -21.06 19.39 22.03
C PHE B 743 -22.34 19.19 22.80
N ILE B 744 -22.49 19.83 23.96
CA ILE B 744 -23.76 19.77 24.67
C ILE B 744 -24.85 20.52 23.94
N ASN B 745 -24.49 21.50 23.12
CA ASN B 745 -25.48 22.35 22.47
C ASN B 745 -26.17 21.67 21.30
N ARG B 746 -25.54 20.70 20.66
CA ARG B 746 -26.20 20.03 19.56
C ARG B 746 -27.28 19.07 20.06
N LEU B 747 -27.11 18.54 21.26
CA LEU B 747 -28.00 17.51 21.79
C LEU B 747 -29.41 18.06 21.99
N ASP B 748 -30.38 17.15 21.96
CA ASP B 748 -31.70 17.44 22.51
C ASP B 748 -31.65 17.25 24.01
N ASP B 749 -32.80 17.14 24.67
CA ASP B 749 -32.85 17.01 26.11
C ASP B 749 -31.89 15.94 26.61
N VAL B 750 -31.18 16.27 27.69
CA VAL B 750 -30.30 15.34 28.39
C VAL B 750 -31.15 14.66 29.46
N LEU B 751 -31.57 13.43 29.19
CA LEU B 751 -32.47 12.72 30.09
C LEU B 751 -31.68 12.18 31.27
N ILE B 752 -32.27 12.29 32.45
CA ILE B 752 -31.68 11.76 33.68
C ILE B 752 -32.51 10.56 34.12
N PHE B 753 -31.86 9.44 34.35
CA PHE B 753 -32.57 8.29 34.85
C PHE B 753 -32.53 8.28 36.39
N GLU B 754 -33.44 7.53 36.98
CA GLU B 754 -33.63 7.54 38.42
C GLU B 754 -33.56 6.12 38.96
N GLY B 755 -33.14 6.00 40.22
CA GLY B 755 -33.06 4.71 40.87
C GLY B 755 -34.37 3.96 40.89
N LEU B 756 -34.36 2.72 41.35
CA LEU B 756 -35.54 1.87 41.35
C LEU B 756 -36.15 1.85 42.74
N ASN B 757 -37.41 2.27 42.84
CA ASN B 757 -38.13 2.18 44.09
C ASN B 757 -38.51 0.74 44.39
N PRO B 758 -38.80 0.41 45.66
CA PRO B 758 -39.17 -0.96 45.99
C PRO B 758 -40.42 -1.43 45.29
N GLU B 759 -41.36 -0.53 44.97
CA GLU B 759 -42.57 -0.96 44.30
C GLU B 759 -42.32 -1.42 42.89
N GLU B 760 -41.47 -0.70 42.14
CA GLU B 760 -41.26 -0.99 40.73
C GLU B 760 -40.22 -2.08 40.51
N LEU B 761 -40.03 -2.94 41.52
CA LEU B 761 -39.29 -4.16 41.36
C LEU B 761 -40.17 -5.40 41.36
N VAL B 762 -41.34 -5.32 42.00
CA VAL B 762 -42.25 -6.45 42.07
C VAL B 762 -42.79 -6.75 40.68
N ARG B 763 -42.57 -5.82 39.75
CA ARG B 763 -43.00 -5.96 38.37
C ARG B 763 -41.88 -6.48 37.47
N ILE B 764 -40.65 -6.02 37.71
CA ILE B 764 -39.52 -6.64 37.04
C ILE B 764 -39.44 -8.11 37.42
N VAL B 765 -39.88 -8.45 38.63
CA VAL B 765 -39.91 -9.87 39.00
C VAL B 765 -40.79 -10.65 38.04
N ASP B 766 -41.98 -10.12 37.76
CA ASP B 766 -42.89 -10.79 36.84
C ASP B 766 -42.29 -10.88 35.45
N ILE B 767 -41.63 -9.81 35.02
CA ILE B 767 -41.00 -9.84 33.69
C ILE B 767 -39.96 -10.94 33.62
N GLN B 768 -39.12 -11.04 34.65
CA GLN B 768 -38.07 -12.07 34.64
C GLN B 768 -38.66 -13.46 34.63
N LEU B 769 -39.69 -13.69 35.44
CA LEU B 769 -40.29 -15.02 35.48
C LEU B 769 -40.94 -15.36 34.16
N ALA B 770 -41.56 -14.38 33.51
CA ALA B 770 -42.13 -14.62 32.19
C ALA B 770 -41.04 -14.97 31.18
N GLN B 771 -39.92 -14.25 31.23
CA GLN B 771 -38.80 -14.55 30.35
C GLN B 771 -38.35 -15.99 30.53
N LEU B 772 -38.10 -16.39 31.78
CA LEU B 772 -37.64 -17.75 32.02
C LEU B 772 -38.66 -18.76 31.56
N GLY B 773 -39.95 -18.50 31.78
CA GLY B 773 -40.97 -19.42 31.33
C GLY B 773 -40.95 -19.59 29.83
N LYS B 774 -40.85 -18.49 29.09
CA LYS B 774 -40.77 -18.58 27.64
C LYS B 774 -39.51 -19.34 27.22
N ARG B 775 -38.44 -19.20 27.99
CA ARG B 775 -37.21 -19.95 27.70
C ARG B 775 -37.40 -21.43 27.97
N LEU B 776 -38.29 -21.79 28.89
CA LEU B 776 -38.52 -23.18 29.22
C LEU B 776 -39.46 -23.89 28.28
N ALA B 777 -40.27 -23.15 27.52
CA ALA B 777 -41.25 -23.78 26.65
C ALA B 777 -40.63 -24.61 25.54
N GLN B 778 -39.31 -24.67 25.46
CA GLN B 778 -38.67 -25.60 24.54
C GLN B 778 -38.87 -27.05 24.94
N ARG B 779 -39.29 -27.31 26.18
CA ARG B 779 -39.58 -28.65 26.65
C ARG B 779 -41.02 -28.81 27.09
N ARG B 780 -41.90 -27.85 26.77
CA ARG B 780 -43.28 -27.87 27.23
C ARG B 780 -43.34 -27.93 28.74
N LEU B 781 -42.41 -27.25 29.39
CA LEU B 781 -42.17 -27.38 30.82
C LEU B 781 -42.49 -26.07 31.50
N GLN B 782 -43.57 -26.03 32.27
CA GLN B 782 -44.04 -24.81 32.91
C GLN B 782 -43.58 -24.79 34.36
N LEU B 783 -44.02 -23.75 35.08
CA LEU B 783 -43.84 -23.70 36.52
C LEU B 783 -44.83 -22.71 37.14
N GLN B 784 -45.37 -23.07 38.29
CA GLN B 784 -46.34 -22.27 39.01
C GLN B 784 -45.63 -21.51 40.13
N VAL B 785 -45.85 -20.21 40.22
CA VAL B 785 -45.19 -19.37 41.22
C VAL B 785 -46.25 -18.77 42.14
N SER B 786 -46.03 -18.93 43.44
CA SER B 786 -46.96 -18.41 44.42
C SER B 786 -46.60 -16.98 44.81
N LEU B 787 -47.63 -16.18 45.06
CA LEU B 787 -47.43 -14.79 45.46
C LEU B 787 -46.46 -14.61 46.62
N PRO B 788 -46.42 -15.49 47.63
CA PRO B 788 -45.36 -15.35 48.64
C PRO B 788 -43.96 -15.38 48.05
N ALA B 789 -43.67 -16.33 47.16
CA ALA B 789 -42.35 -16.34 46.53
C ALA B 789 -42.14 -15.12 45.65
N LYS B 790 -43.19 -14.70 44.94
CA LYS B 790 -43.08 -13.56 44.06
C LYS B 790 -42.77 -12.28 44.81
N ARG B 791 -43.23 -12.14 46.05
CA ARG B 791 -42.88 -10.98 46.85
C ARG B 791 -41.72 -11.24 47.81
N TRP B 792 -41.23 -12.47 47.88
CA TRP B 792 -39.97 -12.75 48.56
C TRP B 792 -38.80 -12.35 47.68
N LEU B 793 -38.83 -12.74 46.41
CA LEU B 793 -37.78 -12.35 45.48
C LEU B 793 -37.64 -10.85 45.43
N ALA B 794 -38.75 -10.12 45.31
CA ALA B 794 -38.71 -8.68 45.18
C ALA B 794 -38.25 -7.99 46.45
N GLN B 795 -38.43 -8.61 47.60
CA GLN B 795 -37.88 -8.07 48.83
C GLN B 795 -36.42 -8.39 49.00
N ARG B 796 -35.94 -9.45 48.35
CA ARG B 796 -34.51 -9.72 48.29
C ARG B 796 -33.82 -9.08 47.09
N GLY B 797 -34.55 -8.30 46.30
CA GLY B 797 -33.90 -7.34 45.44
C GLY B 797 -33.43 -6.17 46.26
N PHE B 798 -32.13 -6.04 46.43
CA PHE B 798 -31.61 -5.16 47.47
C PHE B 798 -30.76 -4.03 46.90
N ASP B 799 -29.97 -3.42 47.78
CA ASP B 799 -28.85 -2.53 47.53
C ASP B 799 -29.14 -1.54 46.42
N PRO B 800 -29.88 -0.47 46.72
CA PRO B 800 -30.15 0.53 45.68
C PRO B 800 -28.88 1.25 45.26
N VAL B 801 -27.88 0.45 44.90
CA VAL B 801 -26.62 0.94 44.37
C VAL B 801 -26.28 0.13 43.14
N TYR B 802 -26.92 -1.04 43.01
CA TYR B 802 -26.69 -1.93 41.89
C TYR B 802 -27.93 -2.12 41.03
N GLY B 803 -28.98 -1.38 41.29
CA GLY B 803 -30.12 -1.38 40.39
C GLY B 803 -30.85 -2.71 40.37
N ALA B 804 -31.08 -3.23 39.15
CA ALA B 804 -31.91 -4.40 38.96
C ALA B 804 -31.15 -5.57 38.37
N ARG B 805 -29.83 -5.55 38.45
CA ARG B 805 -29.03 -6.68 38.03
C ARG B 805 -28.99 -7.78 39.09
N PRO B 806 -28.81 -7.46 40.39
CA PRO B 806 -28.80 -8.52 41.40
C PRO B 806 -29.98 -9.45 41.31
N LEU B 807 -31.14 -8.96 40.88
CA LEU B 807 -32.32 -9.80 40.86
C LEU B 807 -32.18 -10.94 39.86
N ARG B 808 -31.52 -10.69 38.73
CA ARG B 808 -31.34 -11.75 37.74
C ARG B 808 -30.37 -12.81 38.22
N ARG B 809 -29.49 -12.47 39.15
CA ARG B 809 -28.63 -13.48 39.75
C ARG B 809 -29.36 -14.21 40.87
N LEU B 810 -30.19 -13.48 41.63
CA LEU B 810 -30.97 -14.12 42.67
C LEU B 810 -31.91 -15.16 42.10
N VAL B 811 -32.55 -14.85 40.97
CA VAL B 811 -33.47 -15.80 40.37
C VAL B 811 -32.76 -17.09 40.00
N GLN B 812 -31.56 -16.99 39.44
CA GLN B 812 -30.89 -18.21 39.02
C GLN B 812 -30.23 -18.92 40.18
N GLN B 813 -29.84 -18.20 41.23
CA GLN B 813 -29.36 -18.89 42.43
C GLN B 813 -30.48 -19.67 43.11
N ALA B 814 -31.68 -19.10 43.14
CA ALA B 814 -32.78 -19.73 43.86
C ALA B 814 -33.44 -20.82 43.02
N ILE B 815 -34.02 -20.44 41.89
CA ILE B 815 -34.85 -21.35 41.11
C ILE B 815 -34.03 -22.17 40.13
N GLY B 816 -33.20 -21.51 39.34
CA GLY B 816 -32.56 -22.16 38.22
C GLY B 816 -31.60 -23.26 38.64
N ASP B 817 -30.83 -23.02 39.70
CA ASP B 817 -29.86 -24.01 40.15
C ASP B 817 -30.54 -25.32 40.48
N GLN B 818 -31.50 -25.29 41.39
CA GLN B 818 -32.12 -26.54 41.82
C GLN B 818 -33.03 -27.12 40.75
N LEU B 819 -33.61 -26.29 39.88
CA LEU B 819 -34.34 -26.85 38.76
C LEU B 819 -33.41 -27.65 37.86
N ALA B 820 -32.24 -27.11 37.55
CA ALA B 820 -31.30 -27.85 36.71
C ALA B 820 -30.78 -29.08 37.40
N LYS B 821 -30.60 -29.03 38.72
CA LYS B 821 -30.20 -30.23 39.45
C LYS B 821 -31.26 -31.31 39.36
N MET B 822 -32.52 -30.95 39.59
CA MET B 822 -33.61 -31.90 39.48
C MET B 822 -33.86 -32.36 38.06
N LEU B 823 -33.43 -31.59 37.07
CA LEU B 823 -33.83 -31.87 35.70
C LEU B 823 -33.04 -33.01 35.07
N LEU B 824 -31.74 -33.08 35.34
CA LEU B 824 -30.91 -34.17 34.84
C LEU B 824 -30.68 -35.25 35.89
N ALA B 825 -31.47 -35.26 36.95
CA ALA B 825 -31.40 -36.34 37.93
C ALA B 825 -32.68 -37.16 37.89
N GLY B 826 -33.25 -37.30 36.69
CA GLY B 826 -34.56 -37.87 36.59
C GLY B 826 -35.55 -37.00 37.37
N GLN B 827 -36.65 -37.62 37.77
CA GLN B 827 -37.60 -37.07 38.74
C GLN B 827 -38.24 -35.76 38.30
N VAL B 828 -37.93 -35.30 37.09
CA VAL B 828 -38.67 -34.23 36.42
C VAL B 828 -38.53 -34.46 34.93
N HIS B 829 -39.65 -34.55 34.22
CA HIS B 829 -39.63 -34.80 32.79
C HIS B 829 -40.47 -33.74 32.09
N ASP B 830 -40.44 -33.77 30.76
CA ASP B 830 -41.15 -32.76 30.00
C ASP B 830 -42.65 -32.87 30.21
N GLY B 831 -43.36 -31.80 29.86
CA GLY B 831 -44.78 -31.72 30.09
C GLY B 831 -45.18 -31.43 31.52
N ASP B 832 -44.31 -31.68 32.49
CA ASP B 832 -44.63 -31.47 33.88
C ASP B 832 -44.83 -29.98 34.17
N THR B 833 -45.12 -29.68 35.43
CA THR B 833 -45.28 -28.31 35.91
C THR B 833 -44.90 -28.28 37.37
N VAL B 834 -43.83 -27.56 37.70
CA VAL B 834 -43.26 -27.59 39.03
C VAL B 834 -43.75 -26.36 39.79
N PRO B 835 -44.33 -26.53 40.97
CA PRO B 835 -44.72 -25.36 41.77
C PRO B 835 -43.65 -24.95 42.77
N VAL B 836 -43.34 -23.67 42.78
CA VAL B 836 -42.38 -23.13 43.74
C VAL B 836 -43.15 -22.70 44.99
N ASN B 837 -42.49 -22.77 46.14
CA ASN B 837 -43.10 -22.37 47.39
C ASN B 837 -42.01 -21.92 48.35
N VAL B 838 -42.28 -20.84 49.06
CA VAL B 838 -41.28 -20.23 49.94
C VAL B 838 -41.16 -21.09 51.19
N SER B 839 -40.12 -21.90 51.26
CA SER B 839 -39.73 -22.49 52.53
C SER B 839 -39.41 -21.37 53.51
N PRO B 840 -39.45 -21.64 54.84
CA PRO B 840 -39.17 -20.58 55.82
C PRO B 840 -38.05 -19.61 55.46
N ASP B 841 -37.02 -20.06 54.74
CA ASP B 841 -36.00 -19.16 54.23
C ASP B 841 -35.84 -19.21 52.72
N ALA B 842 -35.70 -20.40 52.13
CA ALA B 842 -35.35 -20.54 50.73
C ALA B 842 -36.58 -20.93 49.90
N ASP B 843 -36.36 -21.25 48.64
CA ASP B 843 -37.40 -21.71 47.73
C ASP B 843 -37.27 -23.20 47.48
N SER B 844 -38.40 -23.89 47.53
CA SER B 844 -38.43 -25.33 47.35
C SER B 844 -39.36 -25.69 46.20
N LEU B 845 -38.91 -26.58 45.33
CA LEU B 845 -39.70 -26.93 44.16
C LEU B 845 -40.60 -28.12 44.44
N GLN C 159 -29.70 -16.95 -33.41
CA GLN C 159 -29.17 -18.28 -33.10
C GLN C 159 -27.92 -18.20 -32.24
N ALA C 160 -27.35 -17.00 -32.13
CA ALA C 160 -26.22 -16.81 -31.23
C ALA C 160 -26.60 -17.12 -29.79
N LEU C 161 -27.82 -16.78 -29.40
CA LEU C 161 -28.30 -17.08 -28.06
C LEU C 161 -28.22 -18.57 -27.77
N GLN C 162 -28.74 -19.39 -28.69
CA GLN C 162 -28.71 -20.84 -28.52
C GLN C 162 -27.33 -21.36 -28.18
N LYS C 163 -26.28 -20.63 -28.56
CA LYS C 163 -24.91 -21.06 -28.36
C LYS C 163 -24.27 -20.44 -27.13
N TYR C 164 -24.63 -19.20 -26.80
CA TYR C 164 -23.95 -18.47 -25.74
C TYR C 164 -24.81 -18.29 -24.49
N SER C 165 -25.93 -19.00 -24.39
CA SER C 165 -26.73 -18.90 -23.17
C SER C 165 -27.66 -20.09 -23.07
N THR C 166 -28.10 -20.36 -21.84
CA THR C 166 -29.08 -21.41 -21.59
C THR C 166 -30.46 -20.80 -21.40
N ASP C 167 -31.45 -21.67 -21.20
CA ASP C 167 -32.84 -21.26 -21.08
C ASP C 167 -33.36 -21.59 -19.71
N LEU C 168 -33.80 -20.57 -18.98
CA LEU C 168 -34.32 -20.76 -17.64
C LEU C 168 -35.79 -21.17 -17.65
N THR C 169 -36.61 -20.46 -18.40
CA THR C 169 -38.03 -20.77 -18.44
C THR C 169 -38.30 -22.18 -18.95
N ALA C 170 -37.44 -22.68 -19.84
CA ALA C 170 -37.59 -24.05 -20.31
C ALA C 170 -37.43 -25.04 -19.16
N ARG C 171 -36.37 -24.87 -18.35
CA ARG C 171 -36.21 -25.72 -17.19
C ARG C 171 -37.36 -25.55 -16.21
N ALA C 172 -37.90 -24.34 -16.09
CA ALA C 172 -39.04 -24.13 -15.20
C ALA C 172 -40.25 -24.92 -15.68
N ARG C 173 -40.44 -25.01 -16.99
CA ARG C 173 -41.52 -25.83 -17.52
C ARG C 173 -41.26 -27.31 -17.27
N GLU C 174 -40.04 -27.75 -17.53
CA GLU C 174 -39.68 -29.15 -17.36
C GLU C 174 -39.61 -29.56 -15.89
N GLY C 175 -39.93 -28.67 -14.97
CA GLY C 175 -39.92 -28.97 -13.56
C GLY C 175 -38.56 -29.37 -13.03
N LYS C 176 -37.62 -28.43 -12.99
CA LYS C 176 -36.28 -28.71 -12.51
C LYS C 176 -35.77 -27.66 -11.53
N LEU C 177 -36.60 -26.69 -11.17
CA LEU C 177 -36.21 -25.64 -10.23
C LEU C 177 -36.97 -25.86 -8.92
N ASP C 178 -36.28 -25.66 -7.81
CA ASP C 178 -36.89 -25.89 -6.51
C ASP C 178 -38.08 -24.95 -6.32
N PRO C 179 -39.07 -25.36 -5.52
CA PRO C 179 -40.17 -24.45 -5.22
C PRO C 179 -39.68 -23.24 -4.45
N VAL C 180 -40.34 -22.11 -4.67
CA VAL C 180 -39.97 -20.85 -4.07
C VAL C 180 -41.13 -20.39 -3.20
N ILE C 181 -40.87 -20.16 -1.92
CA ILE C 181 -41.91 -19.89 -0.94
C ILE C 181 -41.68 -18.49 -0.37
N GLY C 182 -42.76 -17.74 -0.25
CA GLY C 182 -42.66 -16.44 0.37
C GLY C 182 -42.03 -15.42 -0.56
N ARG C 183 -41.54 -14.35 0.05
CA ARG C 183 -40.92 -13.23 -0.67
C ARG C 183 -41.87 -12.69 -1.73
N ASP C 184 -43.00 -12.16 -1.26
CA ASP C 184 -43.98 -11.59 -2.17
C ASP C 184 -43.66 -10.15 -2.54
N ASN C 185 -43.27 -9.33 -1.56
CA ASN C 185 -42.94 -7.94 -1.83
C ASN C 185 -41.82 -7.85 -2.87
N GLU C 186 -40.82 -8.74 -2.76
CA GLU C 186 -39.68 -8.65 -3.64
C GLU C 186 -40.05 -9.00 -5.08
N ILE C 187 -40.81 -10.07 -5.28
CA ILE C 187 -41.18 -10.42 -6.64
C ILE C 187 -42.15 -9.39 -7.22
N ARG C 188 -43.01 -8.82 -6.38
CA ARG C 188 -43.86 -7.73 -6.84
C ARG C 188 -43.05 -6.56 -7.34
N ARG C 189 -42.08 -6.11 -6.55
CA ARG C 189 -41.26 -4.97 -6.97
C ARG C 189 -40.44 -5.32 -8.20
N VAL C 190 -39.94 -6.54 -8.28
CA VAL C 190 -39.16 -6.93 -9.45
C VAL C 190 -40.02 -6.85 -10.70
N VAL C 191 -41.24 -7.36 -10.63
CA VAL C 191 -42.11 -7.32 -11.80
C VAL C 191 -42.43 -5.88 -12.18
N GLN C 192 -42.81 -5.06 -11.21
CA GLN C 192 -43.22 -3.72 -11.58
C GLN C 192 -42.07 -2.88 -12.09
N VAL C 193 -40.84 -3.13 -11.64
CA VAL C 193 -39.68 -2.48 -12.24
C VAL C 193 -39.40 -3.05 -13.62
N LEU C 194 -39.58 -4.35 -13.80
CA LEU C 194 -39.30 -5.02 -15.05
C LEU C 194 -40.31 -4.68 -16.13
N SER C 195 -41.39 -4.00 -15.78
CA SER C 195 -42.34 -3.61 -16.83
C SER C 195 -42.62 -2.11 -16.84
N ARG C 196 -41.60 -1.28 -16.80
CA ARG C 196 -41.77 0.16 -16.95
C ARG C 196 -41.15 0.61 -18.27
N ARG C 197 -41.26 1.90 -18.56
CA ARG C 197 -40.98 2.37 -19.90
C ARG C 197 -39.49 2.37 -20.22
N THR C 198 -38.71 3.15 -19.47
CA THR C 198 -37.28 3.27 -19.71
C THR C 198 -36.50 2.85 -18.47
N LYS C 199 -35.31 2.29 -18.70
CA LYS C 199 -34.42 1.89 -17.62
C LYS C 199 -35.09 0.87 -16.71
N ASN C 200 -35.52 -0.22 -17.32
CA ASN C 200 -36.14 -1.33 -16.61
C ASN C 200 -35.08 -2.41 -16.43
N ASN C 201 -34.31 -2.30 -15.35
CA ASN C 201 -33.25 -3.25 -15.06
C ASN C 201 -33.14 -3.43 -13.55
N PRO C 202 -33.87 -4.38 -12.99
CA PRO C 202 -33.79 -4.61 -11.55
C PRO C 202 -32.56 -5.39 -11.17
N VAL C 203 -31.94 -5.00 -10.07
CA VAL C 203 -30.74 -5.63 -9.56
C VAL C 203 -31.02 -6.05 -8.13
N LEU C 204 -31.09 -7.36 -7.90
CA LEU C 204 -31.26 -7.87 -6.54
C LEU C 204 -29.94 -7.79 -5.80
N ILE C 205 -29.95 -7.11 -4.66
CA ILE C 205 -28.75 -6.83 -3.90
C ILE C 205 -28.98 -7.25 -2.45
N GLY C 206 -27.93 -7.72 -1.80
CA GLY C 206 -28.06 -8.15 -0.42
C GLY C 206 -27.07 -9.23 -0.10
N GLU C 207 -26.86 -9.44 1.20
CA GLU C 207 -25.82 -10.31 1.73
C GLU C 207 -25.92 -11.72 1.17
N PRO C 208 -24.83 -12.48 1.19
CA PRO C 208 -24.81 -13.77 0.49
C PRO C 208 -25.58 -14.84 1.24
N GLY C 209 -26.44 -15.55 0.51
CA GLY C 209 -27.20 -16.66 1.07
C GLY C 209 -28.66 -16.40 1.30
N VAL C 210 -29.11 -15.14 1.35
CA VAL C 210 -30.46 -14.84 1.79
C VAL C 210 -31.51 -15.11 0.74
N GLY C 211 -31.12 -15.55 -0.45
CA GLY C 211 -32.06 -15.86 -1.50
C GLY C 211 -32.13 -14.75 -2.52
N LYS C 212 -31.37 -14.87 -3.58
CA LYS C 212 -31.39 -13.90 -4.66
C LYS C 212 -31.50 -14.56 -6.01
N THR C 213 -30.98 -15.78 -6.16
CA THR C 213 -31.31 -16.58 -7.32
C THR C 213 -32.65 -17.26 -7.14
N ALA C 214 -33.01 -17.59 -5.91
CA ALA C 214 -34.30 -18.19 -5.66
C ALA C 214 -35.44 -17.27 -6.09
N ILE C 215 -35.26 -15.97 -5.99
CA ILE C 215 -36.32 -15.05 -6.39
C ILE C 215 -36.51 -15.08 -7.90
N VAL C 216 -35.42 -15.11 -8.65
CA VAL C 216 -35.54 -15.18 -10.10
C VAL C 216 -36.15 -16.51 -10.53
N GLU C 217 -35.79 -17.59 -9.85
CA GLU C 217 -36.42 -18.87 -10.19
C GLU C 217 -37.90 -18.83 -9.86
N GLY C 218 -38.27 -18.20 -8.76
CA GLY C 218 -39.68 -18.04 -8.45
C GLY C 218 -40.40 -17.23 -9.51
N LEU C 219 -39.76 -16.18 -10.02
CA LEU C 219 -40.36 -15.40 -11.09
C LEU C 219 -40.55 -16.25 -12.34
N ALA C 220 -39.58 -17.11 -12.64
CA ALA C 220 -39.71 -17.96 -13.81
C ALA C 220 -40.87 -18.94 -13.67
N GLN C 221 -40.95 -19.62 -12.53
CA GLN C 221 -42.09 -20.52 -12.32
C GLN C 221 -43.40 -19.76 -12.33
N ARG C 222 -43.40 -18.52 -11.85
CA ARG C 222 -44.61 -17.72 -11.85
C ARG C 222 -45.02 -17.37 -13.28
N ILE C 223 -44.05 -17.08 -14.14
CA ILE C 223 -44.36 -16.81 -15.54
C ILE C 223 -44.94 -18.05 -16.20
N VAL C 224 -44.36 -19.21 -15.93
CA VAL C 224 -44.88 -20.45 -16.52
C VAL C 224 -46.31 -20.70 -16.05
N ALA C 225 -46.57 -20.43 -14.77
CA ALA C 225 -47.91 -20.64 -14.24
C ALA C 225 -48.91 -19.66 -14.84
N GLY C 226 -48.70 -18.36 -14.62
CA GLY C 226 -49.59 -17.36 -15.17
C GLY C 226 -49.98 -16.27 -14.21
N ASP C 227 -49.32 -16.18 -13.06
CA ASP C 227 -49.63 -15.17 -12.06
C ASP C 227 -49.10 -13.79 -12.40
N VAL C 228 -48.56 -13.57 -13.60
CA VAL C 228 -47.92 -12.30 -13.91
C VAL C 228 -48.95 -11.37 -14.54
N PRO C 229 -48.71 -10.06 -14.56
CA PRO C 229 -49.60 -9.16 -15.29
C PRO C 229 -49.55 -9.40 -16.79
N GLU C 230 -50.30 -8.61 -17.55
CA GLU C 230 -50.43 -8.88 -18.96
C GLU C 230 -49.11 -8.69 -19.70
N SER C 231 -48.33 -7.67 -19.34
CA SER C 231 -47.16 -7.33 -20.13
C SER C 231 -46.12 -8.45 -20.10
N LEU C 232 -46.15 -9.31 -19.09
CA LEU C 232 -45.14 -10.35 -18.93
C LEU C 232 -45.70 -11.73 -19.25
N ARG C 233 -46.58 -11.84 -20.24
CA ARG C 233 -47.04 -13.13 -20.69
C ARG C 233 -46.10 -13.66 -21.76
N ASP C 234 -45.57 -14.86 -21.53
CA ASP C 234 -44.73 -15.55 -22.52
C ASP C 234 -43.50 -14.71 -22.87
N LYS C 235 -42.62 -14.54 -21.88
CA LYS C 235 -41.47 -13.68 -22.06
C LYS C 235 -40.13 -14.41 -22.15
N THR C 236 -40.06 -15.68 -21.78
CA THR C 236 -38.90 -16.52 -22.09
C THR C 236 -37.61 -15.93 -21.51
N ILE C 237 -37.52 -15.98 -20.18
CA ILE C 237 -36.31 -15.55 -19.49
C ILE C 237 -35.11 -16.33 -20.02
N VAL C 238 -33.97 -15.64 -20.11
CA VAL C 238 -32.73 -16.20 -20.64
C VAL C 238 -31.61 -15.91 -19.66
N ALA C 239 -30.78 -16.91 -19.40
CA ALA C 239 -29.67 -16.79 -18.47
C ALA C 239 -28.38 -16.64 -19.26
N LEU C 240 -27.84 -15.43 -19.32
CA LEU C 240 -26.63 -15.18 -20.06
C LEU C 240 -25.44 -15.89 -19.40
N ASP C 241 -24.30 -15.82 -20.09
CA ASP C 241 -23.08 -16.44 -19.59
C ASP C 241 -21.92 -15.72 -20.26
N LEU C 242 -21.19 -14.90 -19.51
CA LEU C 242 -20.04 -14.21 -20.06
C LEU C 242 -18.76 -15.01 -19.96
N GLY C 243 -18.78 -16.16 -19.30
CA GLY C 243 -17.59 -17.00 -19.28
C GLY C 243 -17.37 -17.72 -20.59
N SER C 244 -18.42 -18.33 -21.13
CA SER C 244 -18.32 -19.03 -22.39
C SER C 244 -18.33 -18.09 -23.58
N MET C 245 -18.38 -16.79 -23.34
CA MET C 245 -18.35 -15.82 -24.43
C MET C 245 -16.95 -15.32 -24.73
N VAL C 246 -16.05 -15.36 -23.75
CA VAL C 246 -14.69 -14.87 -23.90
C VAL C 246 -13.79 -16.08 -24.08
N ALA C 247 -14.36 -17.20 -24.51
CA ALA C 247 -13.64 -18.47 -24.48
C ALA C 247 -12.39 -18.42 -25.33
N GLY C 248 -12.53 -18.38 -26.64
CA GLY C 248 -11.37 -18.14 -27.47
C GLY C 248 -11.58 -16.93 -28.35
N SER C 249 -10.92 -15.84 -28.00
CA SER C 249 -11.07 -14.58 -28.71
C SER C 249 -9.75 -13.83 -28.74
N LYS C 250 -8.64 -14.54 -28.93
CA LYS C 250 -7.34 -13.91 -28.81
C LYS C 250 -7.10 -12.86 -29.90
N TYR C 251 -7.91 -12.83 -30.94
CA TYR C 251 -7.76 -11.90 -32.03
C TYR C 251 -8.39 -10.56 -31.67
N ARG C 252 -8.48 -9.64 -32.64
CA ARG C 252 -8.79 -8.26 -32.31
C ARG C 252 -10.28 -7.99 -32.13
N GLY C 253 -11.15 -8.67 -32.86
CA GLY C 253 -12.55 -8.32 -32.76
C GLY C 253 -13.47 -9.47 -32.37
N GLU C 254 -12.87 -10.59 -31.98
CA GLU C 254 -13.66 -11.81 -31.83
C GLU C 254 -14.64 -11.71 -30.68
N PHE C 255 -14.39 -10.85 -29.69
CA PHE C 255 -15.33 -10.73 -28.59
C PHE C 255 -16.44 -9.74 -28.89
N GLU C 256 -16.08 -8.56 -29.41
CA GLU C 256 -17.10 -7.59 -29.78
C GLU C 256 -18.03 -8.15 -30.83
N GLU C 257 -17.52 -9.02 -31.71
CA GLU C 257 -18.40 -9.62 -32.71
C GLU C 257 -19.49 -10.45 -32.05
N ARG C 258 -19.11 -11.33 -31.14
CA ARG C 258 -20.10 -12.18 -30.47
C ARG C 258 -21.06 -11.33 -29.66
N LEU C 259 -20.56 -10.31 -28.99
CA LEU C 259 -21.44 -9.45 -28.20
C LEU C 259 -22.45 -8.75 -29.09
N LYS C 260 -22.00 -8.24 -30.24
CA LYS C 260 -22.92 -7.59 -31.16
C LYS C 260 -23.95 -8.56 -31.70
N ALA C 261 -23.53 -9.79 -31.99
CA ALA C 261 -24.48 -10.78 -32.47
C ALA C 261 -25.56 -11.04 -31.44
N VAL C 262 -25.17 -11.23 -30.18
CA VAL C 262 -26.16 -11.52 -29.14
C VAL C 262 -27.07 -10.33 -28.93
N LEU C 263 -26.52 -9.11 -28.92
CA LEU C 263 -27.36 -7.94 -28.73
C LEU C 263 -28.34 -7.78 -29.89
N ASP C 264 -27.88 -8.03 -31.11
CA ASP C 264 -28.78 -7.92 -32.25
C ASP C 264 -29.90 -8.94 -32.18
N ASP C 265 -29.59 -10.16 -31.73
CA ASP C 265 -30.65 -11.16 -31.71
C ASP C 265 -31.60 -10.92 -30.53
N ILE C 266 -31.12 -10.29 -29.45
CA ILE C 266 -32.04 -9.87 -28.40
C ILE C 266 -32.95 -8.76 -28.90
N LYS C 267 -32.42 -7.86 -29.73
CA LYS C 267 -33.21 -6.74 -30.20
C LYS C 267 -34.17 -7.14 -31.31
N ASN C 268 -33.83 -8.16 -32.09
CA ASN C 268 -34.68 -8.55 -33.21
C ASN C 268 -36.02 -9.08 -32.71
N SER C 269 -36.01 -9.79 -31.58
CA SER C 269 -37.25 -10.24 -30.99
C SER C 269 -38.07 -9.04 -30.53
N ALA C 270 -39.39 -9.20 -30.49
CA ALA C 270 -40.25 -8.11 -30.11
C ALA C 270 -40.23 -7.91 -28.60
N GLY C 271 -39.09 -7.46 -28.07
CA GLY C 271 -38.97 -7.21 -26.64
C GLY C 271 -39.32 -8.38 -25.75
N GLN C 272 -39.38 -9.58 -26.30
CA GLN C 272 -39.77 -10.75 -25.51
C GLN C 272 -38.71 -11.13 -24.48
N ILE C 273 -37.47 -11.35 -24.94
CA ILE C 273 -36.42 -11.92 -24.11
C ILE C 273 -36.20 -11.08 -22.85
N ILE C 274 -35.97 -11.76 -21.74
CA ILE C 274 -35.63 -11.12 -20.47
C ILE C 274 -34.30 -11.73 -20.02
N THR C 275 -33.20 -11.09 -20.37
CA THR C 275 -31.90 -11.61 -20.00
C THR C 275 -31.71 -11.56 -18.49
N PHE C 276 -30.77 -12.38 -18.00
CA PHE C 276 -30.56 -12.50 -16.57
C PHE C 276 -29.10 -12.89 -16.36
N ILE C 277 -28.33 -11.96 -15.83
CA ILE C 277 -26.90 -12.16 -15.60
C ILE C 277 -26.71 -12.36 -14.11
N ASP C 278 -26.32 -13.56 -13.70
CA ASP C 278 -26.10 -13.84 -12.30
C ASP C 278 -24.70 -13.40 -11.91
N GLU C 279 -24.60 -12.71 -10.77
CA GLU C 279 -23.36 -12.08 -10.34
C GLU C 279 -22.85 -11.14 -11.43
N LEU C 280 -23.63 -10.10 -11.69
CA LEU C 280 -23.28 -9.20 -12.77
C LEU C 280 -22.12 -8.29 -12.42
N HIS C 281 -21.51 -8.45 -11.24
CA HIS C 281 -20.30 -7.69 -10.97
C HIS C 281 -19.13 -8.14 -11.82
N THR C 282 -19.29 -9.19 -12.62
CA THR C 282 -18.24 -9.62 -13.53
C THR C 282 -18.37 -8.99 -14.91
N ILE C 283 -19.40 -8.19 -15.15
CA ILE C 283 -19.61 -7.61 -16.47
C ILE C 283 -18.72 -6.41 -16.74
N VAL C 284 -18.05 -5.88 -15.72
CA VAL C 284 -17.39 -4.59 -15.88
C VAL C 284 -16.20 -4.71 -16.81
N GLY C 285 -15.19 -5.49 -16.44
CA GLY C 285 -14.03 -5.64 -17.29
C GLY C 285 -14.13 -6.85 -18.19
N ALA C 286 -15.14 -6.89 -19.05
CA ALA C 286 -15.38 -8.07 -19.87
C ALA C 286 -14.21 -8.36 -20.78
N GLY C 287 -13.93 -7.46 -21.72
CA GLY C 287 -12.77 -7.64 -22.56
C GLY C 287 -11.86 -6.43 -22.52
N ALA C 288 -10.71 -6.57 -21.91
CA ALA C 288 -9.78 -5.46 -21.75
C ALA C 288 -8.62 -5.63 -22.73
N THR C 289 -7.75 -4.63 -22.79
CA THR C 289 -6.58 -4.69 -23.63
C THR C 289 -5.37 -4.12 -22.90
N ALA C 293 -7.78 2.08 -21.61
CA ALA C 293 -8.17 1.36 -22.81
C ALA C 293 -9.56 0.78 -22.68
N MET C 294 -10.51 1.59 -22.19
CA MET C 294 -11.83 1.11 -21.83
C MET C 294 -12.68 0.95 -23.08
N ASP C 295 -12.98 -0.28 -23.45
CA ASP C 295 -13.86 -0.45 -24.59
C ASP C 295 -15.02 -1.39 -24.35
N ALA C 296 -14.80 -2.51 -23.66
CA ALA C 296 -15.79 -3.57 -23.64
C ALA C 296 -16.52 -3.65 -22.30
N GLY C 297 -17.69 -4.30 -22.33
CA GLY C 297 -18.58 -4.34 -21.20
C GLY C 297 -19.51 -3.16 -21.07
N ASN C 298 -19.24 -2.05 -21.78
CA ASN C 298 -20.12 -0.90 -21.78
C ASN C 298 -20.69 -0.63 -23.17
N MET C 299 -20.58 -1.61 -24.06
CA MET C 299 -21.31 -1.51 -25.32
C MET C 299 -22.80 -1.64 -25.14
N ILE C 300 -23.25 -2.20 -24.02
CA ILE C 300 -24.68 -2.30 -23.73
C ILE C 300 -25.22 -1.03 -23.11
N LYS C 301 -24.37 -0.09 -22.78
CA LYS C 301 -24.75 1.13 -22.08
C LYS C 301 -25.71 2.01 -22.89
N PRO C 302 -25.66 2.00 -24.23
CA PRO C 302 -26.73 2.69 -24.98
C PRO C 302 -28.05 1.97 -24.96
N MET C 303 -28.06 0.65 -24.89
CA MET C 303 -29.31 -0.10 -24.90
C MET C 303 -29.96 -0.20 -23.54
N LEU C 304 -29.19 -0.07 -22.46
CA LEU C 304 -29.79 -0.06 -21.13
C LEU C 304 -30.74 1.11 -20.97
N ALA C 305 -30.30 2.31 -21.36
CA ALA C 305 -31.11 3.50 -21.16
C ALA C 305 -32.44 3.41 -21.89
N ARG C 306 -32.44 3.03 -23.15
CA ARG C 306 -33.69 2.89 -23.89
C ARG C 306 -34.50 1.69 -23.46
N GLY C 307 -33.99 0.86 -22.56
CA GLY C 307 -34.77 -0.26 -22.07
C GLY C 307 -35.13 -1.29 -23.10
N GLU C 308 -34.22 -1.55 -24.05
CA GLU C 308 -34.46 -2.58 -25.05
C GLU C 308 -34.31 -3.97 -24.46
N LEU C 309 -33.18 -4.24 -23.81
CA LEU C 309 -32.96 -5.48 -23.08
C LEU C 309 -33.19 -5.23 -21.60
N ARG C 310 -33.63 -6.27 -20.89
CA ARG C 310 -34.18 -6.02 -19.56
C ARG C 310 -33.17 -6.30 -18.44
N LEU C 311 -32.47 -7.43 -18.49
CA LEU C 311 -31.27 -7.64 -17.66
C LEU C 311 -31.58 -7.55 -16.17
N VAL C 312 -32.35 -8.52 -15.67
CA VAL C 312 -32.45 -8.68 -14.23
C VAL C 312 -31.22 -9.43 -13.72
N GLY C 313 -30.45 -8.79 -12.85
CA GLY C 313 -29.24 -9.38 -12.32
C GLY C 313 -29.23 -9.33 -10.80
N ALA C 314 -28.20 -9.96 -10.24
CA ALA C 314 -28.15 -10.11 -8.78
C ALA C 314 -26.72 -10.30 -8.34
N THR C 315 -26.24 -9.43 -7.46
CA THR C 315 -24.89 -9.53 -6.95
C THR C 315 -24.91 -9.33 -5.44
N THR C 316 -23.82 -9.72 -4.78
CA THR C 316 -23.75 -9.59 -3.34
C THR C 316 -23.62 -8.12 -2.97
N LEU C 317 -23.72 -7.84 -1.68
CA LEU C 317 -23.89 -6.47 -1.23
C LEU C 317 -22.59 -5.68 -1.25
N ASP C 318 -21.44 -6.32 -1.09
CA ASP C 318 -20.18 -5.60 -1.05
C ASP C 318 -19.30 -5.84 -2.27
N GLU C 319 -19.75 -6.60 -3.24
CA GLU C 319 -19.14 -6.59 -4.56
C GLU C 319 -19.93 -5.73 -5.51
N TYR C 320 -20.87 -4.96 -5.00
CA TYR C 320 -21.57 -3.95 -5.77
C TYR C 320 -20.97 -2.58 -5.58
N ARG C 321 -20.35 -2.32 -4.43
CA ARG C 321 -19.62 -1.08 -4.23
C ARG C 321 -18.12 -1.27 -4.30
N LYS C 322 -17.66 -2.45 -4.68
CA LYS C 322 -16.24 -2.66 -4.97
C LYS C 322 -15.96 -2.73 -6.45
N HIS C 323 -16.96 -3.02 -7.26
CA HIS C 323 -16.78 -3.19 -8.69
C HIS C 323 -17.62 -2.26 -9.53
N ILE C 324 -18.87 -2.00 -9.14
CA ILE C 324 -19.79 -1.22 -9.94
C ILE C 324 -19.83 0.23 -9.49
N GLU C 325 -20.08 0.48 -8.20
CA GLU C 325 -20.20 1.84 -7.72
C GLU C 325 -18.98 2.67 -8.06
N LYS C 326 -17.86 2.04 -8.41
CA LYS C 326 -16.69 2.69 -8.96
C LYS C 326 -16.89 3.09 -10.42
N ASP C 327 -18.08 2.92 -10.97
CA ASP C 327 -18.40 3.18 -12.36
C ASP C 327 -19.71 3.93 -12.47
N ALA C 328 -19.82 5.04 -11.74
CA ALA C 328 -21.11 5.69 -11.50
C ALA C 328 -21.94 5.93 -12.75
N ALA C 329 -21.34 5.84 -13.94
CA ALA C 329 -22.11 6.01 -15.15
C ALA C 329 -22.96 4.80 -15.46
N LEU C 330 -22.56 3.61 -15.02
CA LEU C 330 -23.30 2.38 -15.29
C LEU C 330 -24.25 2.01 -14.16
N GLU C 331 -23.90 2.32 -12.92
CA GLU C 331 -24.82 2.11 -11.82
C GLU C 331 -26.13 2.84 -12.06
N ARG C 332 -26.08 3.94 -12.81
CA ARG C 332 -27.28 4.75 -13.03
C ARG C 332 -28.36 3.95 -13.73
N ARG C 333 -27.98 3.00 -14.57
CA ARG C 333 -28.96 2.25 -15.34
C ARG C 333 -29.56 1.07 -14.59
N PHE C 334 -29.29 0.93 -13.30
CA PHE C 334 -29.74 -0.23 -12.54
C PHE C 334 -30.56 0.20 -11.34
N GLN C 335 -31.62 -0.56 -11.09
CA GLN C 335 -32.47 -0.34 -9.93
C GLN C 335 -32.21 -1.42 -8.90
N GLN C 336 -32.01 -1.01 -7.65
CA GLN C 336 -31.63 -1.94 -6.60
C GLN C 336 -32.85 -2.43 -5.82
N VAL C 337 -32.89 -3.73 -5.57
CA VAL C 337 -33.97 -4.37 -4.82
C VAL C 337 -33.32 -5.02 -3.61
N TYR C 338 -33.42 -4.38 -2.45
CA TYR C 338 -32.72 -4.88 -1.28
C TYR C 338 -33.41 -6.12 -0.72
N VAL C 339 -32.67 -7.24 -0.68
CA VAL C 339 -33.21 -8.49 -0.16
C VAL C 339 -32.64 -8.77 1.23
N GLY C 340 -33.41 -8.46 2.26
CA GLY C 340 -32.97 -8.74 3.62
C GLY C 340 -33.28 -10.17 4.03
N GLU C 341 -32.53 -10.66 5.02
CA GLU C 341 -32.65 -12.05 5.39
C GLU C 341 -33.93 -12.28 6.17
N PRO C 342 -34.45 -13.51 6.15
CA PRO C 342 -35.71 -13.77 6.85
C PRO C 342 -35.49 -14.14 8.31
N SER C 343 -36.59 -14.25 9.06
CA SER C 343 -36.53 -14.61 10.46
C SER C 343 -36.68 -16.11 10.63
N VAL C 344 -36.71 -16.56 11.89
CA VAL C 344 -36.87 -17.98 12.16
C VAL C 344 -38.26 -18.45 11.76
N GLU C 345 -39.28 -17.63 12.03
CA GLU C 345 -40.65 -18.01 11.71
C GLU C 345 -40.85 -18.18 10.22
N ASP C 346 -40.19 -17.36 9.41
CA ASP C 346 -40.23 -17.52 7.96
C ASP C 346 -39.37 -18.67 7.48
N THR C 347 -38.22 -18.89 8.11
CA THR C 347 -37.37 -19.99 7.68
C THR C 347 -38.06 -21.33 7.91
N ILE C 348 -38.82 -21.44 9.00
CA ILE C 348 -39.57 -22.67 9.24
C ILE C 348 -40.53 -22.92 8.09
N GLY C 349 -41.25 -21.88 7.67
CA GLY C 349 -42.17 -22.04 6.56
C GLY C 349 -41.47 -22.45 5.29
N ILE C 350 -40.31 -21.84 5.02
CA ILE C 350 -39.53 -22.22 3.84
C ILE C 350 -39.19 -23.69 3.89
N LEU C 351 -38.70 -24.15 5.03
CA LEU C 351 -38.28 -25.54 5.17
C LEU C 351 -39.46 -26.48 5.01
N ARG C 352 -40.63 -26.09 5.50
CA ARG C 352 -41.78 -26.98 5.42
C ARG C 352 -42.15 -27.30 3.97
N GLY C 353 -41.86 -26.41 3.04
CA GLY C 353 -42.13 -26.70 1.65
C GLY C 353 -40.94 -27.29 0.93
N LEU C 354 -39.74 -27.03 1.42
CA LEU C 354 -38.57 -27.70 0.85
C LEU C 354 -38.35 -29.11 1.39
N LYS C 355 -39.14 -29.56 2.35
CA LYS C 355 -38.90 -30.88 2.95
C LYS C 355 -39.50 -31.98 2.09
N ASP C 356 -39.26 -31.94 0.82
CA ASP C 356 -39.64 -33.09 0.03
C ASP C 356 -38.57 -33.54 -0.92
N ARG C 357 -37.85 -32.60 -1.53
CA ARG C 357 -36.78 -32.97 -2.45
C ARG C 357 -35.68 -33.72 -1.72
N TYR C 358 -35.30 -33.26 -0.54
CA TYR C 358 -34.30 -33.96 0.26
C TYR C 358 -34.84 -35.31 0.72
N GLU C 359 -36.06 -35.30 1.25
CA GLU C 359 -36.69 -36.52 1.73
C GLU C 359 -36.84 -37.57 0.64
N VAL C 360 -36.82 -37.16 -0.63
CA VAL C 360 -36.91 -38.11 -1.72
C VAL C 360 -35.54 -38.51 -2.23
N HIS C 361 -34.60 -37.57 -2.26
CA HIS C 361 -33.25 -37.88 -2.73
C HIS C 361 -32.56 -38.86 -1.78
N HIS C 362 -32.62 -38.60 -0.49
CA HIS C 362 -32.20 -39.58 0.51
C HIS C 362 -33.44 -40.38 0.91
N GLY C 363 -33.36 -41.70 0.79
CA GLY C 363 -34.52 -42.52 1.07
C GLY C 363 -34.86 -42.56 2.55
N VAL C 364 -35.32 -41.45 3.11
CA VAL C 364 -35.66 -41.34 4.52
C VAL C 364 -36.95 -40.54 4.66
N ARG C 365 -37.32 -40.26 5.91
CA ARG C 365 -38.44 -39.38 6.24
C ARG C 365 -37.97 -38.40 7.30
N ILE C 366 -38.61 -37.25 7.37
CA ILE C 366 -38.16 -36.14 8.22
C ILE C 366 -39.32 -35.65 9.06
N THR C 367 -39.13 -35.59 10.37
CA THR C 367 -40.15 -35.09 11.27
C THR C 367 -40.15 -33.57 11.29
N ASP C 368 -41.32 -32.99 11.53
CA ASP C 368 -41.43 -31.54 11.59
C ASP C 368 -40.63 -30.94 12.74
N SER C 369 -40.47 -31.70 13.82
CA SER C 369 -39.62 -31.25 14.91
C SER C 369 -38.19 -31.03 14.43
N ALA C 370 -37.73 -31.82 13.46
CA ALA C 370 -36.41 -31.60 12.90
C ALA C 370 -36.31 -30.21 12.30
N LEU C 371 -37.29 -29.83 11.49
CA LEU C 371 -37.27 -28.53 10.85
C LEU C 371 -37.27 -27.42 11.89
N VAL C 372 -38.15 -27.52 12.89
CA VAL C 372 -38.19 -26.47 13.90
C VAL C 372 -36.85 -26.34 14.62
N ALA C 373 -36.33 -27.47 15.11
CA ALA C 373 -35.10 -27.41 15.89
C ALA C 373 -33.92 -26.95 15.04
N ALA C 374 -33.91 -27.29 13.75
CA ALA C 374 -32.84 -26.83 12.89
C ALA C 374 -32.90 -25.32 12.70
N ALA C 375 -34.09 -24.81 12.35
CA ALA C 375 -34.22 -23.38 12.18
C ALA C 375 -33.95 -22.60 13.46
N THR C 376 -34.06 -23.24 14.62
CA THR C 376 -33.72 -22.51 15.84
C THR C 376 -32.24 -22.58 16.18
N LEU C 377 -31.66 -23.79 16.19
CA LEU C 377 -30.26 -23.94 16.57
C LEU C 377 -29.32 -23.29 15.57
N SER C 378 -29.64 -23.39 14.27
CA SER C 378 -28.77 -22.77 13.28
C SER C 378 -28.75 -21.27 13.38
N ASP C 379 -29.69 -20.68 14.10
CA ASP C 379 -29.64 -19.26 14.39
C ASP C 379 -28.98 -18.98 15.72
N ARG C 380 -29.12 -19.88 16.68
CA ARG C 380 -28.52 -19.62 17.97
C ARG C 380 -27.01 -19.81 17.98
N TYR C 381 -26.49 -20.75 17.20
CA TYR C 381 -25.09 -21.13 17.34
C TYR C 381 -24.19 -20.63 16.21
N ILE C 382 -24.57 -20.86 14.97
CA ILE C 382 -23.65 -20.61 13.83
C ILE C 382 -23.83 -19.16 13.44
N THR C 383 -23.10 -18.29 14.13
CA THR C 383 -23.20 -16.84 13.89
C THR C 383 -22.18 -16.37 12.88
N ALA C 384 -22.10 -17.02 11.72
CA ALA C 384 -21.24 -16.54 10.66
C ALA C 384 -21.86 -16.63 9.27
N ARG C 385 -23.03 -17.25 9.13
CA ARG C 385 -23.72 -17.35 7.85
C ARG C 385 -25.13 -16.80 8.01
N PHE C 386 -25.92 -16.91 6.95
CA PHE C 386 -27.24 -16.31 6.94
C PHE C 386 -28.32 -17.36 6.70
N LEU C 387 -29.56 -16.97 7.00
CA LEU C 387 -30.48 -17.90 7.63
C LEU C 387 -31.08 -18.96 6.70
N PRO C 388 -31.53 -18.64 5.48
CA PRO C 388 -32.19 -19.68 4.68
C PRO C 388 -31.27 -20.81 4.27
N ASP C 389 -29.96 -20.71 4.50
CA ASP C 389 -29.01 -21.71 4.04
C ASP C 389 -28.37 -22.48 5.19
N LYS C 390 -27.92 -21.80 6.23
CA LYS C 390 -27.37 -22.52 7.36
C LYS C 390 -28.41 -23.34 8.09
N ALA C 391 -29.68 -23.21 7.72
CA ALA C 391 -30.70 -24.10 8.24
C ALA C 391 -30.98 -25.28 7.32
N ILE C 392 -30.80 -25.11 6.02
CA ILE C 392 -30.97 -26.24 5.11
C ILE C 392 -29.80 -27.18 5.22
N ASP C 393 -28.61 -26.65 5.53
CA ASP C 393 -27.44 -27.51 5.60
C ASP C 393 -27.57 -28.56 6.69
N LEU C 394 -28.08 -28.18 7.86
CA LEU C 394 -28.23 -29.15 8.93
C LEU C 394 -29.16 -30.27 8.53
N VAL C 395 -30.32 -29.92 7.98
CA VAL C 395 -31.28 -30.94 7.55
C VAL C 395 -30.63 -31.87 6.54
N ASP C 396 -29.88 -31.30 5.60
CA ASP C 396 -29.32 -32.12 4.52
C ASP C 396 -28.28 -33.08 5.06
N GLU C 397 -27.39 -32.61 5.93
CA GLU C 397 -26.37 -33.49 6.48
C GLU C 397 -26.98 -34.57 7.36
N ALA C 398 -27.99 -34.21 8.15
CA ALA C 398 -28.64 -35.21 8.97
C ALA C 398 -29.24 -36.31 8.13
N ALA C 399 -29.94 -35.94 7.05
CA ALA C 399 -30.53 -36.96 6.20
C ALA C 399 -29.46 -37.83 5.55
N SER C 400 -28.37 -37.22 5.09
CA SER C 400 -27.32 -38.00 4.46
C SER C 400 -26.70 -38.98 5.44
N ARG C 401 -26.48 -38.55 6.67
CA ARG C 401 -25.94 -39.45 7.69
C ARG C 401 -26.89 -40.60 7.96
N LEU C 402 -28.18 -40.30 8.10
CA LEU C 402 -29.15 -41.35 8.41
C LEU C 402 -29.21 -42.37 7.28
N ARG C 403 -29.13 -41.92 6.04
CA ARG C 403 -29.07 -42.88 4.94
C ARG C 403 -27.77 -43.67 4.97
N MET C 404 -26.67 -43.04 5.38
CA MET C 404 -25.43 -43.79 5.47
C MET C 404 -25.52 -44.86 6.55
N GLU C 405 -26.34 -44.65 7.57
CA GLU C 405 -26.45 -45.65 8.63
C GLU C 405 -27.46 -46.74 8.30
N ILE C 406 -28.29 -46.54 7.27
CA ILE C 406 -29.23 -47.57 6.85
C ILE C 406 -28.47 -48.56 5.98
N ASP C 407 -27.22 -48.22 5.66
CA ASP C 407 -26.28 -49.25 5.26
C ASP C 407 -26.05 -50.20 6.43
N SER C 408 -25.23 -51.22 6.19
CA SER C 408 -25.07 -52.36 7.08
C SER C 408 -25.14 -52.01 8.56
N ARG C 409 -24.23 -51.17 9.04
CA ARG C 409 -24.11 -50.94 10.46
C ARG C 409 -24.26 -49.47 10.79
N PRO C 410 -24.71 -49.16 12.00
CA PRO C 410 -24.78 -47.76 12.41
C PRO C 410 -23.42 -47.25 12.84
N VAL C 411 -23.35 -46.01 13.31
CA VAL C 411 -22.14 -45.48 13.91
C VAL C 411 -22.09 -46.05 15.31
N GLU C 412 -20.95 -45.88 16.00
CA GLU C 412 -20.75 -46.25 17.40
C GLU C 412 -20.67 -47.76 17.56
N ILE C 413 -20.85 -48.50 16.47
CA ILE C 413 -20.51 -49.91 16.42
C ILE C 413 -19.39 -50.06 15.41
N ASP C 414 -19.51 -49.34 14.30
CA ASP C 414 -18.51 -49.34 13.27
C ASP C 414 -17.23 -48.63 13.69
N GLU C 415 -17.32 -47.69 14.63
CA GLU C 415 -16.12 -47.08 15.21
C GLU C 415 -15.40 -48.03 16.16
N VAL C 416 -16.15 -48.75 16.99
CA VAL C 416 -15.53 -49.66 17.94
C VAL C 416 -14.89 -50.83 17.22
N GLU C 417 -15.53 -51.34 16.16
CA GLU C 417 -14.90 -52.43 15.44
C GLU C 417 -13.64 -51.98 14.72
N ARG C 418 -13.64 -50.78 14.16
CA ARG C 418 -12.44 -50.23 13.55
C ARG C 418 -11.31 -50.03 14.55
N LEU C 419 -11.63 -49.57 15.76
CA LEU C 419 -10.63 -49.46 16.80
C LEU C 419 -10.07 -50.84 17.20
N VAL C 420 -10.97 -51.82 17.34
CA VAL C 420 -10.54 -53.15 17.75
C VAL C 420 -9.60 -53.75 16.72
N ARG C 421 -9.89 -53.55 15.44
CA ARG C 421 -9.02 -54.12 14.40
C ARG C 421 -7.61 -53.53 14.48
N ARG C 422 -7.51 -52.22 14.71
CA ARG C 422 -6.19 -51.60 14.82
C ARG C 422 -5.45 -52.10 16.05
N LEU C 423 -6.14 -52.19 17.18
CA LEU C 423 -5.50 -52.69 18.39
C LEU C 423 -4.99 -54.11 18.16
N GLU C 424 -5.76 -54.93 17.43
CA GLU C 424 -5.35 -56.29 17.16
C GLU C 424 -4.14 -56.35 16.26
N ILE C 425 -4.16 -55.58 15.16
CA ILE C 425 -3.04 -55.60 14.22
C ILE C 425 -1.79 -55.01 14.85
N GLU C 426 -1.93 -54.22 15.91
CA GLU C 426 -0.77 -53.75 16.64
C GLU C 426 -0.26 -54.79 17.63
N GLU C 427 -1.18 -55.45 18.34
CA GLU C 427 -0.78 -56.44 19.32
C GLU C 427 -0.19 -57.68 18.67
N MET C 428 -0.55 -57.95 17.42
CA MET C 428 -0.03 -59.11 16.71
C MET C 428 1.39 -58.89 16.20
N ALA C 429 1.78 -57.62 16.04
CA ALA C 429 3.08 -57.33 15.45
C ALA C 429 4.03 -56.78 16.49
N LEU C 430 3.52 -56.41 17.66
CA LEU C 430 4.38 -56.04 18.77
C LEU C 430 4.80 -57.23 19.60
N SER C 431 4.11 -58.37 19.50
CA SER C 431 4.44 -59.53 20.30
C SER C 431 5.86 -60.03 20.04
N LYS C 432 6.30 -60.00 18.78
CA LYS C 432 7.62 -60.50 18.42
C LYS C 432 8.68 -59.41 18.53
N GLU C 433 8.78 -58.82 19.72
CA GLU C 433 9.75 -57.76 20.00
C GLU C 433 10.71 -58.25 21.08
N GLU C 434 11.99 -58.29 20.74
CA GLU C 434 13.02 -58.80 21.65
C GLU C 434 13.49 -57.73 22.63
N ASP C 435 12.65 -57.38 23.59
CA ASP C 435 12.95 -56.33 24.55
C ASP C 435 12.27 -56.64 25.88
N GLU C 436 12.61 -55.86 26.90
CA GLU C 436 12.08 -56.04 28.25
C GLU C 436 11.25 -54.85 28.68
N ALA C 437 11.54 -53.68 28.12
CA ALA C 437 10.75 -52.49 28.43
C ALA C 437 9.44 -52.48 27.66
N SER C 438 9.41 -53.12 26.49
CA SER C 438 8.18 -53.28 25.74
C SER C 438 7.30 -54.38 26.31
N ALA C 439 7.77 -55.09 27.34
CA ALA C 439 6.93 -56.06 28.00
C ALA C 439 5.77 -55.40 28.73
N GLU C 440 6.03 -54.35 29.50
CA GLU C 440 4.96 -53.58 30.09
C GLU C 440 4.21 -52.74 29.06
N ARG C 441 4.91 -52.25 28.03
CA ARG C 441 4.25 -51.51 26.97
C ARG C 441 3.34 -52.40 26.13
N LEU C 442 3.40 -53.71 26.35
CA LEU C 442 2.43 -54.63 25.81
C LEU C 442 1.36 -55.02 26.81
N ALA C 443 1.71 -55.11 28.10
CA ALA C 443 0.81 -55.61 29.13
C ALA C 443 -0.45 -54.79 29.27
N LYS C 444 -0.46 -53.55 28.78
CA LYS C 444 -1.66 -52.72 28.81
C LYS C 444 -2.45 -52.82 27.52
N LEU C 445 -1.76 -53.00 26.40
CA LEU C 445 -2.42 -53.08 25.10
C LEU C 445 -3.41 -54.24 25.06
N ARG C 446 -3.01 -55.39 25.63
CA ARG C 446 -3.88 -56.55 25.66
C ARG C 446 -5.13 -56.28 26.49
N SER C 447 -4.95 -55.70 27.67
CA SER C 447 -6.08 -55.37 28.53
C SER C 447 -7.04 -54.43 27.81
N GLU C 448 -6.50 -53.44 27.11
CA GLU C 448 -7.33 -52.50 26.37
C GLU C 448 -8.12 -53.21 25.28
N LEU C 449 -7.45 -54.10 24.53
CA LEU C 449 -8.15 -54.85 23.49
C LEU C 449 -9.30 -55.65 24.06
N ALA C 450 -9.07 -56.29 25.20
CA ALA C 450 -10.13 -57.09 25.82
C ALA C 450 -11.29 -56.21 26.27
N ASP C 451 -10.99 -55.10 26.93
CA ASP C 451 -12.04 -54.24 27.47
C ASP C 451 -12.80 -53.54 26.36
N GLN C 452 -12.20 -53.47 25.17
CA GLN C 452 -12.93 -52.92 24.02
C GLN C 452 -13.77 -53.99 23.34
N LYS C 453 -13.27 -55.23 23.31
CA LYS C 453 -14.05 -56.30 22.69
C LYS C 453 -15.30 -56.61 23.49
N GLU C 454 -15.22 -56.45 24.82
CA GLU C 454 -16.41 -56.56 25.64
C GLU C 454 -17.48 -55.58 25.18
N LYS C 455 -17.09 -54.32 24.97
CA LYS C 455 -18.03 -53.29 24.57
C LYS C 455 -18.60 -53.59 23.18
N LEU C 456 -17.75 -54.04 22.27
CA LEU C 456 -18.21 -54.42 20.94
C LEU C 456 -19.29 -55.48 21.03
N ALA C 457 -19.03 -56.53 21.81
CA ALA C 457 -20.00 -57.63 21.92
C ALA C 457 -21.29 -57.14 22.55
N GLU C 458 -21.20 -56.27 23.56
CA GLU C 458 -22.40 -55.77 24.20
C GLU C 458 -23.25 -54.96 23.21
N LEU C 459 -22.62 -54.05 22.47
CA LEU C 459 -23.35 -53.27 21.49
C LEU C 459 -23.99 -54.17 20.43
N THR C 460 -23.23 -55.17 19.97
CA THR C 460 -23.76 -56.05 18.94
C THR C 460 -24.97 -56.84 19.44
N THR C 461 -24.95 -57.24 20.71
CA THR C 461 -26.09 -57.97 21.25
C THR C 461 -27.30 -57.06 21.43
N ARG C 462 -27.07 -55.82 21.86
CA ARG C 462 -28.18 -54.89 22.02
C ARG C 462 -28.83 -54.56 20.68
N TRP C 463 -28.02 -54.47 19.62
CA TRP C 463 -28.57 -54.26 18.29
C TRP C 463 -29.51 -55.39 17.90
N GLN C 464 -29.14 -56.62 18.25
CA GLN C 464 -29.98 -57.77 17.91
C GLN C 464 -31.33 -57.68 18.60
N ASN C 465 -31.33 -57.28 19.87
CA ASN C 465 -32.59 -57.09 20.59
C ASN C 465 -33.44 -56.03 19.91
N GLU C 466 -32.84 -54.87 19.63
CA GLU C 466 -33.58 -53.80 18.97
C GLU C 466 -34.10 -54.22 17.61
N LYS C 467 -33.42 -55.15 16.94
CA LYS C 467 -33.80 -55.55 15.58
C LYS C 467 -34.82 -56.69 15.57
N ASN C 468 -34.87 -57.52 16.60
CA ASN C 468 -35.88 -58.57 16.67
C ASN C 468 -37.17 -58.08 17.33
N ALA C 469 -37.07 -57.31 18.41
CA ALA C 469 -38.26 -56.81 19.09
C ALA C 469 -38.96 -55.75 18.25
N LYS C 530 -35.08 -45.95 14.60
CA LYS C 530 -34.22 -45.09 13.80
C LYS C 530 -34.54 -45.22 12.31
N GLU C 531 -35.54 -44.48 11.83
CA GLU C 531 -35.78 -44.40 10.40
C GLU C 531 -36.12 -42.97 9.97
N GLU C 532 -36.14 -42.00 10.87
CA GLU C 532 -36.37 -40.64 10.47
C GLU C 532 -35.55 -39.70 11.34
N VAL C 533 -35.19 -38.57 10.77
CA VAL C 533 -34.35 -37.60 11.48
C VAL C 533 -35.20 -36.87 12.50
N GLY C 534 -34.61 -36.55 13.64
CA GLY C 534 -35.34 -35.96 14.72
C GLY C 534 -34.67 -34.70 15.24
N PRO C 535 -35.26 -34.10 16.27
CA PRO C 535 -34.71 -32.84 16.79
C PRO C 535 -33.42 -32.98 17.54
N ASP C 536 -32.76 -34.14 17.51
CA ASP C 536 -31.48 -34.31 18.17
C ASP C 536 -30.35 -34.71 17.24
N ASP C 537 -30.66 -35.34 16.10
CA ASP C 537 -29.63 -35.55 15.10
C ASP C 537 -29.10 -34.22 14.60
N ILE C 538 -29.98 -33.23 14.48
CA ILE C 538 -29.55 -31.88 14.18
C ILE C 538 -28.58 -31.38 15.23
N ALA C 539 -28.82 -31.72 16.50
CA ALA C 539 -27.89 -31.33 17.54
C ALA C 539 -26.56 -32.04 17.37
N ASP C 540 -26.58 -33.29 16.93
CA ASP C 540 -25.33 -33.99 16.67
C ASP C 540 -24.53 -33.30 15.58
N VAL C 541 -25.21 -32.81 14.54
CA VAL C 541 -24.52 -32.10 13.48
C VAL C 541 -23.95 -30.78 14.00
N VAL C 542 -24.76 -30.00 14.70
CA VAL C 542 -24.30 -28.72 15.24
C VAL C 542 -23.20 -28.92 16.25
N SER C 543 -23.08 -30.10 16.84
CA SER C 543 -21.96 -30.36 17.71
C SER C 543 -20.71 -30.77 16.93
N ALA C 544 -20.88 -31.58 15.89
CA ALA C 544 -19.73 -32.00 15.10
C ALA C 544 -19.12 -30.84 14.34
N TRP C 545 -19.89 -29.81 14.04
CA TRP C 545 -19.42 -28.62 13.35
C TRP C 545 -19.60 -27.45 14.30
N THR C 546 -18.52 -26.71 14.57
CA THR C 546 -18.51 -25.78 15.69
C THR C 546 -18.70 -26.52 17.00
N GLY C 547 -17.66 -27.19 17.47
CA GLY C 547 -17.75 -28.24 18.48
C GLY C 547 -18.40 -27.92 19.82
N ILE C 548 -19.08 -26.79 19.92
CA ILE C 548 -19.97 -26.51 21.03
C ILE C 548 -20.88 -27.70 21.26
N PRO C 549 -20.94 -28.27 22.46
CA PRO C 549 -21.87 -29.38 22.71
C PRO C 549 -23.30 -28.88 22.78
N ALA C 550 -24.13 -29.35 21.86
CA ALA C 550 -25.52 -28.89 21.80
C ALA C 550 -26.50 -30.03 22.01
N GLY C 551 -26.06 -31.17 22.50
CA GLY C 551 -26.90 -32.32 22.65
C GLY C 551 -27.96 -32.21 23.73
N ARG C 552 -28.46 -33.35 24.20
CA ARG C 552 -29.53 -33.40 25.18
C ARG C 552 -29.21 -34.39 26.29
N LEU C 553 -27.92 -34.55 26.61
CA LEU C 553 -27.47 -35.35 27.75
C LEU C 553 -27.95 -36.80 27.63
N LEU C 554 -27.42 -37.49 26.63
CA LEU C 554 -27.86 -38.85 26.30
C LEU C 554 -27.18 -39.90 27.18
N GLU C 555 -27.22 -39.64 28.50
CA GLU C 555 -26.88 -40.63 29.52
C GLU C 555 -25.39 -40.97 29.54
N GLY C 556 -24.65 -40.53 28.52
CA GLY C 556 -23.22 -40.75 28.54
C GLY C 556 -22.51 -39.91 29.57
N GLU C 557 -23.04 -38.71 29.84
CA GLU C 557 -22.35 -37.75 30.68
C GLU C 557 -23.22 -37.15 31.77
N THR C 558 -24.47 -37.59 31.92
CA THR C 558 -25.25 -37.14 33.07
C THR C 558 -24.61 -37.59 34.36
N ALA C 559 -24.14 -38.84 34.39
CA ALA C 559 -23.37 -39.32 35.54
C ALA C 559 -22.13 -38.46 35.75
N LYS C 560 -21.47 -38.08 34.66
CA LYS C 560 -20.26 -37.26 34.78
C LYS C 560 -20.57 -35.90 35.38
N LEU C 561 -21.62 -35.25 34.90
CA LEU C 561 -21.95 -33.93 35.40
C LEU C 561 -22.53 -33.99 36.80
N LEU C 562 -22.98 -35.16 37.24
CA LEU C 562 -23.37 -35.30 38.63
C LEU C 562 -22.18 -35.60 39.52
N ARG C 563 -21.13 -36.19 38.95
CA ARG C 563 -19.91 -36.49 39.68
C ARG C 563 -18.90 -35.36 39.64
N MET C 564 -19.17 -34.31 38.87
CA MET C 564 -18.25 -33.20 38.65
C MET C 564 -17.48 -32.72 39.88
N GLU C 565 -18.16 -32.48 41.00
CA GLU C 565 -17.43 -31.97 42.17
C GLU C 565 -16.39 -32.98 42.64
N ASP C 566 -16.82 -34.20 42.92
CA ASP C 566 -15.89 -35.22 43.40
C ASP C 566 -14.82 -35.54 42.37
N GLU C 567 -15.07 -35.23 41.09
CA GLU C 567 -14.04 -35.48 40.11
C GLU C 567 -13.01 -34.35 40.09
N LEU C 568 -13.44 -33.09 40.15
CA LEU C 568 -12.50 -32.00 40.31
C LEU C 568 -11.78 -32.05 41.65
N GLY C 569 -12.26 -32.85 42.59
CA GLY C 569 -11.51 -33.03 43.81
C GLY C 569 -10.23 -33.80 43.67
N LYS C 570 -10.04 -34.56 42.59
CA LYS C 570 -8.81 -35.31 42.42
C LYS C 570 -7.59 -34.40 42.33
N ARG C 571 -7.74 -33.22 41.76
CA ARG C 571 -6.63 -32.29 41.59
C ARG C 571 -6.64 -31.11 42.53
N VAL C 572 -7.81 -30.56 42.84
CA VAL C 572 -7.92 -29.44 43.76
C VAL C 572 -8.50 -29.94 45.08
N ILE C 573 -8.08 -29.33 46.18
CA ILE C 573 -8.44 -29.77 47.52
C ILE C 573 -8.85 -28.56 48.34
N GLY C 574 -9.98 -28.66 49.00
CA GLY C 574 -10.53 -27.52 49.72
C GLY C 574 -11.33 -26.64 48.77
N GLN C 575 -11.77 -25.50 49.30
CA GLN C 575 -12.51 -24.52 48.53
C GLN C 575 -13.73 -25.15 47.85
N LYS C 576 -14.49 -25.93 48.62
CA LYS C 576 -15.75 -26.44 48.09
C LYS C 576 -16.69 -25.29 47.78
N ALA C 577 -16.62 -24.21 48.56
CA ALA C 577 -17.43 -23.03 48.31
C ALA C 577 -17.21 -22.47 46.92
N ALA C 578 -16.05 -22.67 46.33
CA ALA C 578 -15.76 -22.20 44.99
C ALA C 578 -15.86 -23.30 43.93
N VAL C 579 -15.65 -24.55 44.30
CA VAL C 579 -15.83 -25.62 43.32
C VAL C 579 -17.31 -25.78 42.98
N THR C 580 -18.18 -25.73 43.99
CA THR C 580 -19.60 -25.88 43.74
C THR C 580 -20.12 -24.75 42.85
N ALA C 581 -19.59 -23.55 43.01
CA ALA C 581 -20.05 -22.42 42.21
C ALA C 581 -19.70 -22.57 40.74
N VAL C 582 -18.52 -23.07 40.41
CA VAL C 582 -18.17 -23.34 39.03
C VAL C 582 -18.99 -24.50 38.47
N SER C 583 -19.15 -25.56 39.26
CA SER C 583 -19.87 -26.73 38.77
C SER C 583 -21.32 -26.39 38.48
N ASP C 584 -21.93 -25.53 39.30
CA ASP C 584 -23.33 -25.19 39.07
C ASP C 584 -23.50 -24.44 37.76
N ALA C 585 -22.57 -23.55 37.46
CA ALA C 585 -22.66 -22.81 36.20
C ALA C 585 -22.42 -23.72 35.00
N VAL C 586 -21.54 -24.71 35.14
CA VAL C 586 -21.38 -25.68 34.06
C VAL C 586 -22.64 -26.52 33.92
N ARG C 587 -23.30 -26.80 35.03
CA ARG C 587 -24.40 -27.77 35.02
C ARG C 587 -25.68 -27.15 34.47
N ARG C 588 -26.04 -25.99 34.97
CA ARG C 588 -27.33 -25.45 34.53
C ARG C 588 -27.28 -24.89 33.17
N SER C 589 -26.22 -25.11 32.40
CA SER C 589 -26.21 -24.72 31.00
C SER C 589 -26.48 -25.88 30.06
N ARG C 590 -26.10 -27.10 30.45
CA ARG C 590 -26.44 -28.27 29.65
C ARG C 590 -27.89 -28.68 29.79
N ALA C 591 -28.52 -28.35 30.90
CA ALA C 591 -29.94 -28.61 31.07
C ALA C 591 -30.81 -27.59 30.35
N GLY C 592 -30.20 -26.58 29.74
CA GLY C 592 -30.95 -25.57 29.02
C GLY C 592 -31.76 -24.68 29.91
N VAL C 593 -31.10 -24.07 30.91
CA VAL C 593 -31.77 -23.14 31.80
C VAL C 593 -31.10 -21.77 31.84
N SER C 594 -29.81 -21.66 31.54
CA SER C 594 -29.14 -20.38 31.65
C SER C 594 -29.51 -19.47 30.49
N ASP C 595 -29.15 -18.20 30.64
CA ASP C 595 -29.46 -17.17 29.65
C ASP C 595 -28.77 -17.47 28.33
N PRO C 596 -29.50 -17.63 27.23
CA PRO C 596 -28.85 -18.06 25.98
C PRO C 596 -28.01 -16.97 25.34
N ASN C 597 -28.21 -15.70 25.70
CA ASN C 597 -27.39 -14.61 25.18
C ASN C 597 -26.75 -13.87 26.35
N ARG C 598 -25.69 -14.45 26.87
CA ARG C 598 -24.90 -13.99 27.99
C ARG C 598 -23.81 -15.05 28.13
N PRO C 599 -22.62 -14.72 28.59
CA PRO C 599 -21.58 -15.75 28.73
C PRO C 599 -22.05 -16.90 29.61
N THR C 600 -21.39 -18.05 29.50
CA THR C 600 -21.82 -19.20 30.29
C THR C 600 -21.43 -19.06 31.76
N GLY C 601 -20.71 -17.99 32.09
CA GLY C 601 -20.32 -17.72 33.46
C GLY C 601 -19.12 -16.81 33.52
N ALA C 602 -19.09 -15.87 34.48
CA ALA C 602 -18.00 -14.91 34.58
C ALA C 602 -17.65 -14.72 36.04
N PHE C 603 -16.69 -15.51 36.53
CA PHE C 603 -16.29 -15.48 37.93
C PHE C 603 -14.96 -14.78 38.09
N MET C 604 -14.77 -14.17 39.25
CA MET C 604 -13.48 -13.62 39.64
C MET C 604 -13.23 -14.11 41.06
N PHE C 605 -12.47 -15.18 41.20
CA PHE C 605 -12.13 -15.69 42.52
C PHE C 605 -10.77 -15.21 42.95
N LEU C 606 -10.71 -14.63 44.15
CA LEU C 606 -9.50 -14.04 44.71
C LEU C 606 -9.26 -14.56 46.13
N GLY C 607 -8.03 -14.35 46.59
CA GLY C 607 -7.61 -14.80 47.90
C GLY C 607 -6.11 -14.72 48.04
N PRO C 608 -5.56 -15.23 49.13
CA PRO C 608 -4.10 -15.21 49.31
C PRO C 608 -3.38 -16.11 48.33
N THR C 609 -2.05 -16.14 48.40
CA THR C 609 -1.22 -16.86 47.44
C THR C 609 -1.12 -18.35 47.77
N GLY C 610 -0.70 -19.13 46.78
CA GLY C 610 -0.49 -20.55 46.95
C GLY C 610 -1.72 -21.36 47.26
N VAL C 611 -2.90 -20.78 47.09
CA VAL C 611 -4.13 -21.39 47.58
C VAL C 611 -4.76 -22.30 46.54
N GLY C 612 -4.68 -21.94 45.27
CA GLY C 612 -5.15 -22.86 44.25
C GLY C 612 -6.10 -22.28 43.23
N LYS C 613 -6.14 -20.96 43.11
CA LYS C 613 -7.04 -20.35 42.14
C LYS C 613 -6.67 -20.71 40.72
N THR C 614 -5.42 -20.49 40.32
CA THR C 614 -4.99 -20.92 38.99
C THR C 614 -5.13 -22.42 38.82
N GLU C 615 -4.95 -23.18 39.90
CA GLU C 615 -5.03 -24.63 39.80
C GLU C 615 -6.46 -25.07 39.46
N LEU C 616 -7.45 -24.45 40.08
CA LEU C 616 -8.84 -24.79 39.74
C LEU C 616 -9.14 -24.46 38.29
N ALA C 617 -8.63 -23.34 37.80
CA ALA C 617 -8.87 -22.97 36.42
C ALA C 617 -8.22 -23.93 35.46
N LYS C 618 -7.05 -24.46 35.80
CA LYS C 618 -6.44 -25.46 34.93
C LYS C 618 -7.09 -26.82 35.06
N ALA C 619 -7.64 -27.15 36.23
CA ALA C 619 -8.36 -28.40 36.39
C ALA C 619 -9.68 -28.42 35.64
N LEU C 620 -10.37 -27.29 35.60
CA LEU C 620 -11.62 -27.20 34.87
C LEU C 620 -11.44 -27.45 33.38
N ALA C 621 -10.44 -26.82 32.77
CA ALA C 621 -10.19 -27.04 31.35
C ALA C 621 -9.83 -28.48 31.05
N ASP C 622 -9.08 -29.13 31.92
CA ASP C 622 -8.77 -30.54 31.70
C ASP C 622 -10.01 -31.40 31.84
N PHE C 623 -10.80 -31.17 32.88
CA PHE C 623 -12.04 -31.94 33.03
C PHE C 623 -12.95 -31.77 31.83
N LEU C 624 -12.92 -30.61 31.18
CA LEU C 624 -13.82 -30.37 30.05
C LEU C 624 -13.29 -30.88 28.73
N PHE C 625 -12.04 -30.60 28.36
CA PHE C 625 -11.56 -30.94 27.02
C PHE C 625 -10.43 -31.97 27.01
N ASP C 626 -10.03 -32.50 28.17
CA ASP C 626 -8.96 -33.49 28.29
C ASP C 626 -7.60 -32.95 27.84
N ASP C 627 -7.42 -31.64 27.79
CA ASP C 627 -6.12 -31.09 27.38
C ASP C 627 -6.02 -29.69 27.94
N GLU C 628 -5.19 -29.51 28.97
CA GLU C 628 -5.06 -28.19 29.60
C GLU C 628 -4.50 -27.14 28.66
N ARG C 629 -3.88 -27.53 27.56
CA ARG C 629 -3.39 -26.60 26.57
C ARG C 629 -4.48 -26.20 25.58
N ALA C 630 -5.73 -26.59 25.83
CA ALA C 630 -6.83 -26.24 24.94
C ALA C 630 -7.54 -24.97 25.34
N MET C 631 -7.30 -24.46 26.53
CA MET C 631 -7.92 -23.22 26.96
C MET C 631 -7.07 -22.04 26.52
N VAL C 632 -7.71 -20.88 26.47
CA VAL C 632 -7.06 -19.66 26.01
C VAL C 632 -6.63 -18.89 27.25
N ARG C 633 -5.32 -18.72 27.43
CA ARG C 633 -4.78 -18.06 28.59
C ARG C 633 -4.04 -16.81 28.20
N ILE C 634 -4.34 -15.69 28.86
CA ILE C 634 -3.62 -14.45 28.66
C ILE C 634 -3.21 -13.92 30.02
N ASP C 635 -1.98 -13.40 30.11
CA ASP C 635 -1.40 -12.98 31.37
C ASP C 635 -1.51 -11.47 31.48
N MET C 636 -2.46 -11.00 32.28
CA MET C 636 -2.73 -9.58 32.36
C MET C 636 -1.73 -8.85 33.22
N SER C 637 -0.55 -9.42 33.45
CA SER C 637 0.51 -8.72 34.16
C SER C 637 1.38 -7.88 33.23
N GLU C 638 1.38 -8.17 31.94
CA GLU C 638 2.14 -7.40 30.97
C GLU C 638 1.40 -6.17 30.48
N TYR C 639 0.07 -6.14 30.60
CA TYR C 639 -0.74 -5.01 30.18
C TYR C 639 -0.70 -3.90 31.21
N GLY C 640 0.51 -3.51 31.61
CA GLY C 640 0.63 -2.43 32.57
C GLY C 640 0.42 -1.06 31.98
N GLU C 641 0.74 -0.89 30.70
CA GLU C 641 0.58 0.40 30.03
C GLU C 641 -0.72 0.42 29.25
N LYS C 642 -1.42 1.55 29.33
CA LYS C 642 -2.74 1.67 28.72
C LYS C 642 -2.71 1.28 27.26
N HIS C 643 -1.71 1.76 26.51
CA HIS C 643 -1.68 1.53 25.08
C HIS C 643 -1.55 0.07 24.71
N THR C 644 -1.18 -0.79 25.66
CA THR C 644 -1.00 -2.19 25.36
C THR C 644 -2.31 -2.94 25.15
N VAL C 645 -3.43 -2.22 25.12
CA VAL C 645 -4.70 -2.86 24.85
C VAL C 645 -4.77 -3.39 23.44
N ALA C 646 -4.14 -2.69 22.49
CA ALA C 646 -4.32 -2.99 21.09
C ALA C 646 -3.98 -4.42 20.73
N ARG C 647 -3.23 -5.13 21.56
CA ARG C 647 -2.80 -6.46 21.17
C ARG C 647 -3.87 -7.52 21.37
N LEU C 648 -5.06 -7.15 21.83
CA LEU C 648 -6.14 -8.12 21.93
C LEU C 648 -7.40 -7.66 21.22
N ILE C 649 -7.34 -6.57 20.46
CA ILE C 649 -8.49 -6.14 19.70
C ILE C 649 -8.08 -5.76 18.29
N GLY C 650 -6.78 -5.80 18.01
CA GLY C 650 -6.27 -5.51 16.68
C GLY C 650 -5.90 -4.05 16.51
N ALA C 651 -5.54 -3.71 15.28
CA ALA C 651 -5.20 -2.33 14.98
C ALA C 651 -6.13 -1.79 13.91
N PRO C 652 -6.49 -0.52 13.96
CA PRO C 652 -7.49 0.02 13.05
C PRO C 652 -7.03 -0.07 11.60
N PRO C 653 -7.89 0.26 10.65
CA PRO C 653 -7.46 0.21 9.25
C PRO C 653 -6.46 1.31 8.95
N GLY C 654 -5.41 0.95 8.21
CA GLY C 654 -4.39 1.90 7.82
C GLY C 654 -3.11 1.82 8.61
N TYR C 655 -3.05 1.01 9.68
CA TYR C 655 -1.89 0.97 10.54
C TYR C 655 -1.15 -0.35 10.36
N VAL C 656 -0.03 -0.48 11.08
CA VAL C 656 1.00 -1.45 10.70
C VAL C 656 0.46 -2.88 10.72
N GLY C 657 0.11 -3.37 11.90
CA GLY C 657 -0.38 -4.73 11.96
C GLY C 657 -1.89 -4.77 11.85
N TYR C 658 -2.40 -4.95 10.65
CA TYR C 658 -3.83 -4.84 10.40
C TYR C 658 -4.42 -6.11 9.83
N GLU C 659 -3.73 -6.76 8.89
CA GLU C 659 -4.28 -7.97 8.30
C GLU C 659 -4.30 -9.14 9.27
N ALA C 660 -3.53 -9.07 10.35
CA ALA C 660 -3.50 -10.16 11.30
C ALA C 660 -4.75 -10.23 12.18
N GLY C 661 -5.51 -9.15 12.28
CA GLY C 661 -6.67 -9.17 13.14
C GLY C 661 -6.30 -9.15 14.61
N GLY C 662 -7.32 -9.26 15.45
CA GLY C 662 -7.10 -9.32 16.88
C GLY C 662 -6.40 -10.59 17.29
N GLN C 663 -6.14 -10.71 18.58
CA GLN C 663 -5.46 -11.88 19.12
C GLN C 663 -6.33 -12.73 20.03
N LEU C 664 -6.92 -12.12 21.06
CA LEU C 664 -7.95 -12.79 21.83
C LEU C 664 -9.17 -13.07 20.96
N THR C 665 -9.58 -12.07 20.18
CA THR C 665 -10.70 -12.22 19.27
C THR C 665 -10.46 -13.35 18.27
N GLU C 666 -9.31 -13.32 17.61
CA GLU C 666 -9.08 -14.32 16.58
C GLU C 666 -8.76 -15.70 17.13
N ALA C 667 -8.66 -15.83 18.44
CA ALA C 667 -8.58 -17.16 19.04
C ALA C 667 -9.94 -17.66 19.46
N VAL C 668 -10.80 -16.80 20.00
CA VAL C 668 -12.16 -17.20 20.34
C VAL C 668 -13.04 -17.36 19.11
N ARG C 669 -12.63 -16.81 17.96
CA ARG C 669 -13.40 -16.98 16.74
C ARG C 669 -13.29 -18.39 16.21
N ARG C 670 -12.22 -19.10 16.57
CA ARG C 670 -12.03 -20.49 16.19
C ARG C 670 -12.26 -21.36 17.42
N ARG C 671 -13.13 -22.35 17.28
CA ARG C 671 -13.45 -23.23 18.40
C ARG C 671 -13.96 -22.39 19.58
N PRO C 672 -15.18 -21.87 19.50
CA PRO C 672 -15.69 -20.94 20.51
C PRO C 672 -16.27 -21.63 21.74
N TYR C 673 -15.59 -22.65 22.24
CA TYR C 673 -16.04 -23.36 23.42
C TYR C 673 -15.02 -23.33 24.54
N THR C 674 -13.95 -22.57 24.39
CA THR C 674 -12.82 -22.68 25.30
C THR C 674 -13.16 -22.07 26.65
N VAL C 675 -12.14 -22.02 27.50
CA VAL C 675 -12.18 -21.31 28.79
C VAL C 675 -11.18 -20.18 28.67
N VAL C 676 -11.55 -18.99 29.11
CA VAL C 676 -10.67 -17.84 29.01
C VAL C 676 -10.20 -17.48 30.41
N LEU C 677 -8.90 -17.23 30.56
CA LEU C 677 -8.29 -16.99 31.86
C LEU C 677 -7.54 -15.67 31.83
N PHE C 678 -7.84 -14.80 32.77
CA PHE C 678 -7.15 -13.51 32.91
C PHE C 678 -6.39 -13.51 34.22
N ASP C 679 -5.15 -14.00 34.20
CA ASP C 679 -4.33 -14.02 35.41
C ASP C 679 -4.07 -12.62 35.93
N GLU C 680 -3.95 -12.50 37.24
CA GLU C 680 -3.46 -11.30 37.93
C GLU C 680 -4.08 -10.03 37.33
N ILE C 681 -5.41 -10.00 37.38
CA ILE C 681 -6.14 -8.89 36.79
C ILE C 681 -5.85 -7.57 37.49
N GLU C 682 -5.37 -7.60 38.73
CA GLU C 682 -5.24 -6.36 39.48
C GLU C 682 -4.01 -5.55 39.11
N LYS C 683 -3.15 -6.05 38.24
CA LYS C 683 -1.91 -5.37 37.91
C LYS C 683 -1.98 -4.61 36.60
N ALA C 684 -2.97 -4.86 35.77
CA ALA C 684 -3.10 -4.13 34.52
C ALA C 684 -3.57 -2.71 34.76
N HIS C 685 -3.33 -1.85 33.79
CA HIS C 685 -3.73 -0.46 33.90
C HIS C 685 -5.25 -0.38 34.05
N PRO C 686 -5.75 0.57 34.83
CA PRO C 686 -7.20 0.66 35.04
C PRO C 686 -7.92 1.23 33.84
N ASP C 687 -7.55 0.77 32.64
CA ASP C 687 -8.26 1.07 31.42
C ASP C 687 -8.42 -0.15 30.54
N VAL C 688 -7.76 -1.26 30.85
CA VAL C 688 -8.09 -2.53 30.22
C VAL C 688 -9.33 -3.12 30.85
N PHE C 689 -9.70 -2.68 32.06
CA PHE C 689 -10.92 -3.14 32.69
C PHE C 689 -12.17 -2.77 31.91
N ASP C 690 -12.09 -1.77 31.04
CA ASP C 690 -13.28 -1.31 30.33
C ASP C 690 -13.49 -2.00 28.99
N VAL C 691 -12.45 -2.63 28.43
CA VAL C 691 -12.67 -3.41 27.24
C VAL C 691 -13.48 -4.65 27.56
N LEU C 692 -13.61 -5.00 28.83
CA LEU C 692 -14.29 -6.21 29.24
C LEU C 692 -15.74 -5.98 29.64
N LEU C 693 -16.21 -4.73 29.61
CA LEU C 693 -17.58 -4.47 30.04
C LEU C 693 -18.58 -5.19 29.14
N GLN C 694 -18.52 -4.93 27.83
CA GLN C 694 -19.43 -5.63 26.93
C GLN C 694 -19.14 -7.12 26.93
N VAL C 695 -17.88 -7.52 27.08
CA VAL C 695 -17.52 -8.93 27.03
C VAL C 695 -18.17 -9.70 28.18
N LEU C 696 -18.25 -9.07 29.34
CA LEU C 696 -18.88 -9.74 30.47
C LEU C 696 -20.40 -9.67 30.39
N ASP C 697 -20.95 -8.51 30.01
CA ASP C 697 -22.40 -8.41 30.01
C ASP C 697 -23.04 -9.27 28.93
N GLU C 698 -22.48 -9.31 27.73
CA GLU C 698 -22.92 -10.26 26.72
C GLU C 698 -21.70 -10.74 25.95
N GLY C 699 -21.94 -11.48 24.90
CA GLY C 699 -20.80 -12.15 24.34
C GLY C 699 -20.07 -11.44 23.22
N ARG C 700 -20.18 -10.13 23.09
CA ARG C 700 -19.71 -9.47 21.89
C ARG C 700 -18.44 -8.67 22.14
N LEU C 701 -17.54 -8.73 21.16
CA LEU C 701 -16.31 -7.94 21.15
C LEU C 701 -15.90 -7.80 19.69
N THR C 702 -15.55 -6.57 19.28
CA THR C 702 -15.36 -6.25 17.87
C THR C 702 -13.91 -5.84 17.62
N ASP C 703 -13.27 -6.50 16.66
CA ASP C 703 -11.88 -6.24 16.34
C ASP C 703 -11.78 -5.09 15.36
N GLY C 704 -10.62 -4.95 14.71
CA GLY C 704 -10.42 -3.88 13.75
C GLY C 704 -11.23 -4.00 12.48
N HIS C 705 -11.22 -5.16 11.85
CA HIS C 705 -11.91 -5.35 10.58
C HIS C 705 -13.41 -5.12 10.67
N GLY C 706 -13.95 -4.93 11.86
CA GLY C 706 -15.37 -4.75 12.04
C GLY C 706 -16.16 -6.01 12.27
N ARG C 707 -15.51 -7.16 12.33
CA ARG C 707 -16.24 -8.38 12.64
C ARG C 707 -16.37 -8.54 14.14
N THR C 708 -17.41 -9.27 14.55
CA THR C 708 -17.77 -9.43 15.95
C THR C 708 -17.80 -10.90 16.31
N VAL C 709 -17.16 -11.25 17.41
CA VAL C 709 -17.10 -12.63 17.86
C VAL C 709 -18.03 -12.81 19.04
N ASP C 710 -18.54 -14.02 19.20
CA ASP C 710 -19.49 -14.34 20.25
C ASP C 710 -18.78 -15.06 21.39
N PHE C 711 -19.00 -14.57 22.61
CA PHE C 711 -18.48 -15.21 23.80
C PHE C 711 -19.57 -15.97 24.56
N ARG C 712 -20.76 -16.08 23.97
CA ARG C 712 -21.93 -16.57 24.68
C ARG C 712 -21.76 -17.96 25.25
N ASN C 713 -20.73 -18.70 24.86
CA ASN C 713 -20.56 -20.04 25.43
C ASN C 713 -19.11 -20.30 25.81
N THR C 714 -18.47 -19.32 26.43
CA THR C 714 -17.19 -19.48 27.10
C THR C 714 -17.37 -19.25 28.58
N ILE C 715 -16.37 -19.66 29.36
CA ILE C 715 -16.40 -19.48 30.80
C ILE C 715 -15.24 -18.57 31.18
N LEU C 716 -15.55 -17.31 31.48
CA LEU C 716 -14.48 -16.39 31.83
C LEU C 716 -14.04 -16.61 33.26
N ILE C 717 -12.81 -16.18 33.56
CA ILE C 717 -12.21 -16.39 34.87
C ILE C 717 -11.18 -15.29 35.10
N LEU C 718 -11.22 -14.65 36.28
CA LEU C 718 -10.35 -13.53 36.59
C LEU C 718 -9.70 -13.78 37.93
N THR C 719 -8.46 -14.26 37.94
CA THR C 719 -7.77 -14.53 39.20
C THR C 719 -7.09 -13.26 39.69
N SER C 720 -7.18 -13.02 40.99
CA SER C 720 -6.69 -11.78 41.56
C SER C 720 -5.97 -12.06 42.87
N ASN C 721 -5.44 -11.00 43.49
CA ASN C 721 -4.76 -11.17 44.77
C ASN C 721 -4.95 -9.99 45.73
N LEU C 722 -5.96 -9.16 45.54
CA LEU C 722 -6.13 -8.02 46.45
C LEU C 722 -6.37 -8.51 47.87
N GLY C 723 -6.12 -7.61 48.82
CA GLY C 723 -6.37 -7.90 50.22
C GLY C 723 -5.74 -9.22 50.63
N SER C 724 -4.40 -9.24 50.67
CA SER C 724 -3.64 -10.48 50.77
C SER C 724 -4.24 -11.47 51.76
N GLY C 725 -4.34 -11.08 53.02
CA GLY C 725 -4.95 -11.94 54.01
C GLY C 725 -5.78 -11.21 55.03
N GLY C 726 -6.30 -10.04 54.67
CA GLY C 726 -6.96 -9.19 55.63
C GLY C 726 -8.14 -9.81 56.33
N SER C 727 -9.23 -10.01 55.60
CA SER C 727 -10.44 -10.64 56.09
C SER C 727 -11.35 -10.89 54.90
N ALA C 728 -12.49 -11.54 55.12
CA ALA C 728 -13.48 -11.62 54.06
C ALA C 728 -14.26 -10.32 53.92
N GLU C 729 -13.98 -9.33 54.76
CA GLU C 729 -14.59 -8.02 54.65
C GLU C 729 -13.62 -6.95 54.19
N GLN C 730 -12.34 -7.06 54.54
CA GLN C 730 -11.37 -6.09 54.05
C GLN C 730 -11.12 -6.27 52.56
N VAL C 731 -11.18 -7.51 52.08
CA VAL C 731 -10.95 -7.74 50.67
C VAL C 731 -12.14 -7.27 49.84
N LEU C 732 -13.35 -7.34 50.40
CA LEU C 732 -14.50 -6.76 49.74
C LEU C 732 -14.54 -5.24 49.85
N ALA C 733 -13.69 -4.64 50.67
CA ALA C 733 -13.53 -3.20 50.67
C ALA C 733 -12.33 -2.75 49.85
N ALA C 734 -11.46 -3.69 49.47
CA ALA C 734 -10.39 -3.35 48.53
C ALA C 734 -10.86 -3.53 47.09
N VAL C 735 -11.65 -4.56 46.83
CA VAL C 735 -12.21 -4.74 45.49
C VAL C 735 -13.03 -3.51 45.10
N ARG C 736 -13.87 -3.04 46.01
CA ARG C 736 -14.77 -1.95 45.69
C ARG C 736 -14.03 -0.62 45.54
N ALA C 737 -12.79 -0.54 46.01
CA ALA C 737 -11.99 0.65 45.79
C ALA C 737 -11.06 0.52 44.58
N THR C 738 -10.79 -0.70 44.14
CA THR C 738 -9.95 -0.88 42.97
C THR C 738 -10.74 -0.94 41.67
N PHE C 739 -11.98 -1.43 41.72
CA PHE C 739 -12.81 -1.54 40.53
C PHE C 739 -13.94 -0.53 40.57
N LYS C 740 -14.66 -0.45 39.47
CA LYS C 740 -15.76 0.49 39.32
C LYS C 740 -17.07 -0.16 39.69
N PRO C 741 -18.05 0.62 40.14
CA PRO C 741 -19.34 0.02 40.49
C PRO C 741 -20.03 -0.68 39.33
N GLU C 742 -19.85 -0.22 38.10
CA GLU C 742 -20.50 -0.85 36.97
C GLU C 742 -19.75 -2.06 36.46
N PHE C 743 -18.54 -2.29 36.92
CA PHE C 743 -17.80 -3.47 36.48
C PHE C 743 -18.01 -4.66 37.41
N ILE C 744 -18.12 -4.42 38.72
CA ILE C 744 -18.46 -5.49 39.63
C ILE C 744 -19.86 -5.98 39.39
N ASN C 745 -20.75 -5.12 38.91
CA ASN C 745 -22.12 -5.48 38.66
C ASN C 745 -22.27 -6.49 37.54
N ARG C 746 -21.26 -6.63 36.68
CA ARG C 746 -21.35 -7.59 35.58
C ARG C 746 -21.08 -9.00 36.05
N LEU C 747 -20.25 -9.17 37.07
CA LEU C 747 -19.76 -10.48 37.44
C LEU C 747 -20.84 -11.33 38.05
N ASP C 748 -20.63 -12.64 37.98
CA ASP C 748 -21.38 -13.57 38.82
C ASP C 748 -20.75 -13.55 40.20
N ASP C 749 -21.03 -14.58 41.01
CA ASP C 749 -20.46 -14.69 42.33
C ASP C 749 -18.98 -14.30 42.34
N VAL C 750 -18.60 -13.50 43.32
CA VAL C 750 -17.20 -13.15 43.55
C VAL C 750 -16.69 -14.09 44.64
N LEU C 751 -16.01 -15.15 44.23
CA LEU C 751 -15.59 -16.18 45.15
C LEU C 751 -14.33 -15.76 45.88
N ILE C 752 -14.22 -16.17 47.15
CA ILE C 752 -13.08 -15.86 47.99
C ILE C 752 -12.46 -17.16 48.46
N PHE C 753 -11.15 -17.30 48.27
CA PHE C 753 -10.47 -18.51 48.66
C PHE C 753 -9.94 -18.39 50.07
N GLU C 754 -9.57 -19.53 50.66
CA GLU C 754 -9.23 -19.60 52.07
C GLU C 754 -7.87 -20.23 52.28
N GLY C 755 -7.19 -19.82 53.36
CA GLY C 755 -5.92 -20.42 53.70
C GLY C 755 -6.06 -21.91 53.97
N LEU C 756 -4.92 -22.58 53.94
CA LEU C 756 -4.93 -24.04 54.04
C LEU C 756 -4.71 -24.49 55.47
N ASN C 757 -5.30 -25.63 55.79
CA ASN C 757 -5.22 -26.26 57.10
C ASN C 757 -4.24 -27.40 57.09
N PRO C 758 -3.68 -27.75 58.25
CA PRO C 758 -2.77 -28.91 58.27
C PRO C 758 -3.43 -30.19 57.81
N GLU C 759 -4.75 -30.30 57.97
CA GLU C 759 -5.46 -31.51 57.56
C GLU C 759 -5.76 -31.54 56.08
N GLU C 760 -5.76 -30.37 55.44
CA GLU C 760 -5.94 -30.29 53.99
C GLU C 760 -4.68 -30.45 53.27
N LEU C 761 -3.57 -30.56 54.00
CA LEU C 761 -2.25 -30.57 53.39
C LEU C 761 -1.69 -31.95 53.17
N VAL C 762 -2.12 -32.93 53.98
CA VAL C 762 -1.68 -34.30 53.77
C VAL C 762 -2.14 -34.82 52.41
N ARG C 763 -3.36 -34.49 52.02
CA ARG C 763 -3.84 -34.92 50.71
C ARG C 763 -3.04 -34.26 49.60
N ILE C 764 -2.60 -33.03 49.81
CA ILE C 764 -1.73 -32.39 48.83
C ILE C 764 -0.40 -33.12 48.75
N VAL C 765 0.12 -33.58 49.89
CA VAL C 765 1.32 -34.39 49.87
C VAL C 765 1.10 -35.64 49.03
N ASP C 766 -0.05 -36.28 49.20
CA ASP C 766 -0.36 -37.45 48.39
C ASP C 766 -0.37 -37.10 46.90
N ILE C 767 -0.94 -35.95 46.55
CA ILE C 767 -0.97 -35.56 45.14
C ILE C 767 0.45 -35.35 44.60
N GLN C 768 1.27 -34.63 45.34
CA GLN C 768 2.63 -34.37 44.89
C GLN C 768 3.39 -35.67 44.68
N LEU C 769 3.28 -36.60 45.63
CA LEU C 769 3.94 -37.89 45.47
C LEU C 769 3.38 -38.64 44.27
N ALA C 770 2.08 -38.55 44.02
CA ALA C 770 1.51 -39.21 42.86
C ALA C 770 2.13 -38.67 41.58
N GLN C 771 2.24 -37.35 41.47
CA GLN C 771 2.81 -36.76 40.27
C GLN C 771 4.27 -37.16 40.10
N LEU C 772 5.03 -37.13 41.20
CA LEU C 772 6.45 -37.47 41.11
C LEU C 772 6.63 -38.93 40.71
N GLY C 773 5.78 -39.82 41.23
CA GLY C 773 5.87 -41.21 40.84
C GLY C 773 5.47 -41.42 39.38
N LYS C 774 4.44 -40.70 38.93
CA LYS C 774 4.05 -40.79 37.53
C LYS C 774 5.17 -40.33 36.61
N ARG C 775 5.90 -39.30 37.02
CA ARG C 775 7.04 -38.84 36.22
C ARG C 775 8.19 -39.84 36.25
N LEU C 776 8.48 -40.41 37.41
CA LEU C 776 9.54 -41.40 37.52
C LEU C 776 9.23 -42.68 36.76
N ALA C 777 7.96 -43.02 36.59
CA ALA C 777 7.60 -44.26 35.89
C ALA C 777 8.06 -44.28 34.44
N GLN C 778 8.64 -43.19 33.94
CA GLN C 778 9.23 -43.24 32.61
C GLN C 778 10.48 -44.10 32.59
N ARG C 779 11.22 -44.14 33.69
CA ARG C 779 12.40 -44.98 33.80
C ARG C 779 12.13 -46.22 34.62
N ARG C 780 10.86 -46.58 34.84
CA ARG C 780 10.45 -47.78 35.55
C ARG C 780 11.02 -47.79 36.97
N LEU C 781 10.53 -46.84 37.76
CA LEU C 781 10.78 -46.80 39.20
C LEU C 781 9.47 -46.58 39.93
N GLN C 782 9.54 -46.71 41.25
CA GLN C 782 8.44 -46.31 42.13
C GLN C 782 8.99 -46.21 43.53
N LEU C 783 8.27 -45.53 44.40
CA LEU C 783 8.72 -45.28 45.75
C LEU C 783 7.74 -45.88 46.75
N GLN C 784 8.26 -46.31 47.88
CA GLN C 784 7.46 -46.83 48.98
C GLN C 784 7.60 -45.85 50.14
N VAL C 785 6.63 -44.97 50.28
CA VAL C 785 6.71 -43.89 51.27
C VAL C 785 5.97 -44.32 52.52
N SER C 786 6.70 -44.43 53.63
CA SER C 786 6.10 -44.74 54.90
C SER C 786 5.26 -43.58 55.40
N LEU C 787 4.18 -43.91 56.10
CA LEU C 787 3.34 -42.87 56.72
C LEU C 787 4.11 -41.96 57.67
N PRO C 788 5.12 -42.41 58.40
CA PRO C 788 5.94 -41.44 59.15
C PRO C 788 6.53 -40.36 58.27
N ALA C 789 7.09 -40.71 57.11
CA ALA C 789 7.62 -39.69 56.21
C ALA C 789 6.49 -38.87 55.60
N LYS C 790 5.40 -39.53 55.22
CA LYS C 790 4.28 -38.82 54.63
C LYS C 790 3.69 -37.79 55.56
N ARG C 791 3.78 -37.99 56.86
CA ARG C 791 3.34 -36.97 57.80
C ARG C 791 4.46 -36.02 58.18
N TRP C 792 5.72 -36.44 58.11
CA TRP C 792 6.82 -35.52 58.35
C TRP C 792 6.82 -34.40 57.32
N LEU C 793 6.70 -34.76 56.04
CA LEU C 793 6.67 -33.77 54.98
C LEU C 793 5.60 -32.71 55.25
N ALA C 794 4.36 -33.15 55.45
CA ALA C 794 3.27 -32.23 55.73
C ALA C 794 3.50 -31.44 57.01
N GLN C 795 4.22 -32.02 57.98
CA GLN C 795 4.56 -31.26 59.18
C GLN C 795 5.51 -30.12 58.84
N ARG C 796 6.36 -30.30 57.85
CA ARG C 796 7.30 -29.26 57.44
C ARG C 796 6.70 -28.30 56.42
N GLY C 797 5.46 -28.50 56.01
CA GLY C 797 4.74 -27.52 55.23
C GLY C 797 4.22 -26.42 56.14
N PHE C 798 5.14 -25.64 56.67
CA PHE C 798 4.85 -24.66 57.70
C PHE C 798 4.30 -23.38 57.07
N ASP C 799 4.32 -22.28 57.81
CA ASP C 799 4.08 -20.89 57.44
C ASP C 799 2.88 -20.71 56.52
N PRO C 800 1.68 -20.77 57.06
CA PRO C 800 0.50 -20.43 56.25
C PRO C 800 0.47 -18.95 55.89
N VAL C 801 1.58 -18.48 55.31
CA VAL C 801 1.63 -17.19 54.63
C VAL C 801 2.14 -17.32 53.20
N TYR C 802 2.76 -18.44 52.85
CA TYR C 802 3.18 -18.73 51.48
C TYR C 802 2.41 -19.90 50.89
N GLY C 803 1.28 -20.25 51.48
CA GLY C 803 0.41 -21.25 50.88
C GLY C 803 0.99 -22.64 50.79
N ALA C 804 1.15 -23.14 49.56
CA ALA C 804 1.48 -24.55 49.38
C ALA C 804 2.59 -24.78 48.37
N ARG C 805 3.43 -23.79 48.10
CA ARG C 805 4.65 -23.99 47.32
C ARG C 805 5.79 -24.53 48.18
N PRO C 806 5.98 -24.03 49.42
CA PRO C 806 7.02 -24.63 50.27
C PRO C 806 6.99 -26.13 50.30
N LEU C 807 5.81 -26.75 50.28
CA LEU C 807 5.74 -28.21 50.21
C LEU C 807 6.45 -28.72 48.96
N ARG C 808 6.23 -28.06 47.84
CA ARG C 808 6.83 -28.52 46.59
C ARG C 808 8.35 -28.41 46.64
N ARG C 809 8.84 -27.24 47.05
CA ARG C 809 10.28 -27.06 47.15
C ARG C 809 10.89 -28.01 48.17
N LEU C 810 10.14 -28.35 49.22
CA LEU C 810 10.65 -29.28 50.21
C LEU C 810 10.74 -30.68 49.66
N VAL C 811 9.70 -31.14 48.96
CA VAL C 811 9.77 -32.45 48.31
C VAL C 811 11.00 -32.52 47.42
N GLN C 812 11.23 -31.46 46.63
CA GLN C 812 12.44 -31.42 45.82
C GLN C 812 13.68 -31.57 46.69
N GLN C 813 13.92 -30.60 47.57
CA GLN C 813 15.16 -30.55 48.34
C GLN C 813 15.36 -31.77 49.24
N ALA C 814 14.32 -32.56 49.47
CA ALA C 814 14.46 -33.71 50.37
C ALA C 814 14.55 -35.04 49.64
N ILE C 815 13.96 -35.18 48.45
CA ILE C 815 13.94 -36.44 47.74
C ILE C 815 14.62 -36.34 46.38
N GLY C 816 14.34 -35.29 45.62
CA GLY C 816 14.82 -35.24 44.26
C GLY C 816 16.33 -35.13 44.17
N ASP C 817 16.94 -34.33 45.03
CA ASP C 817 18.39 -34.18 44.97
C ASP C 817 19.09 -35.48 45.34
N GLN C 818 18.65 -36.14 46.41
CA GLN C 818 19.26 -37.40 46.79
C GLN C 818 19.03 -38.47 45.74
N LEU C 819 17.84 -38.48 45.15
CA LEU C 819 17.56 -39.46 44.11
C LEU C 819 18.47 -39.25 42.91
N ALA C 820 18.67 -38.00 42.50
CA ALA C 820 19.59 -37.73 41.40
C ALA C 820 21.01 -38.16 41.76
N LYS C 821 21.46 -37.75 42.95
CA LYS C 821 22.78 -38.14 43.44
C LYS C 821 22.99 -39.64 43.29
N MET C 822 22.13 -40.42 43.92
CA MET C 822 22.25 -41.87 43.86
C MET C 822 21.95 -42.42 42.48
N LEU C 823 21.31 -41.66 41.60
CA LEU C 823 20.87 -42.20 40.32
C LEU C 823 21.98 -42.15 39.29
N LEU C 824 22.67 -41.01 39.17
CA LEU C 824 23.72 -40.91 38.17
C LEU C 824 25.07 -41.39 38.70
N ALA C 825 25.06 -42.28 39.69
CA ALA C 825 26.29 -42.93 40.16
C ALA C 825 26.05 -44.41 40.44
N GLY C 826 25.37 -45.10 39.53
CA GLY C 826 25.03 -46.49 39.77
C GLY C 826 24.12 -46.66 40.97
N GLN C 827 23.94 -47.93 41.34
CA GLN C 827 23.36 -48.41 42.59
C GLN C 827 21.86 -48.17 42.70
N VAL C 828 21.27 -47.44 41.76
CA VAL C 828 19.81 -47.28 41.74
C VAL C 828 19.31 -47.58 40.33
N HIS C 829 19.98 -48.50 39.64
CA HIS C 829 19.69 -48.78 38.23
C HIS C 829 18.20 -48.97 37.98
N ASP C 830 17.79 -48.63 36.76
CA ASP C 830 16.38 -48.65 36.40
C ASP C 830 15.76 -50.01 36.67
N GLY C 831 14.45 -50.03 36.88
CA GLY C 831 13.81 -51.26 37.28
C GLY C 831 13.41 -51.25 38.74
N ASP C 832 14.22 -51.88 39.58
CA ASP C 832 13.91 -52.06 40.98
C ASP C 832 13.50 -50.74 41.65
N THR C 833 12.50 -50.84 42.51
CA THR C 833 12.01 -49.71 43.27
C THR C 833 12.98 -49.37 44.40
N VAL C 834 12.65 -48.33 45.15
CA VAL C 834 13.46 -47.95 46.31
C VAL C 834 12.53 -47.65 47.48
N PRO C 835 12.96 -47.88 48.71
CA PRO C 835 12.20 -47.43 49.87
C PRO C 835 12.70 -46.09 50.41
N VAL C 836 11.78 -45.36 51.01
CA VAL C 836 12.12 -44.11 51.69
C VAL C 836 11.60 -44.18 53.11
N ASN C 837 12.44 -43.72 54.05
CA ASN C 837 12.11 -43.79 55.46
C ASN C 837 12.65 -42.55 56.15
N VAL C 838 12.05 -42.23 57.28
CA VAL C 838 12.47 -41.05 58.04
C VAL C 838 13.71 -41.37 58.85
N SER C 839 14.44 -40.32 59.21
CA SER C 839 15.63 -40.41 60.04
C SER C 839 15.45 -39.42 61.19
N PRO C 840 16.42 -39.30 62.13
CA PRO C 840 16.30 -38.27 63.17
C PRO C 840 15.80 -36.92 62.69
N ASP C 841 16.45 -36.31 61.70
CA ASP C 841 16.02 -35.01 61.19
C ASP C 841 15.51 -35.09 59.76
N ALA C 842 16.35 -35.52 58.83
CA ALA C 842 15.96 -35.65 57.43
C ALA C 842 15.36 -37.02 57.21
N ASP C 843 15.16 -37.38 55.94
CA ASP C 843 14.77 -38.74 55.61
C ASP C 843 15.72 -39.30 54.57
N SER C 844 16.07 -40.56 54.72
CA SER C 844 17.08 -41.21 53.90
C SER C 844 16.43 -42.30 53.06
N LEU C 845 17.23 -42.82 52.13
CA LEU C 845 16.75 -43.81 51.18
C LEU C 845 17.53 -45.10 51.29
N PHE D 4 -11.44 -20.79 -47.98
CA PHE D 4 -11.20 -21.73 -46.90
C PHE D 4 -11.02 -20.99 -45.57
N ASN D 5 -10.77 -21.74 -44.50
CA ASN D 5 -10.78 -21.17 -43.16
C ASN D 5 -9.70 -21.83 -42.31
N PRO D 6 -8.53 -21.20 -42.13
CA PRO D 6 -7.40 -21.90 -41.50
C PRO D 6 -7.34 -21.79 -39.97
N THR D 7 -6.91 -22.87 -39.32
CA THR D 7 -6.46 -22.77 -37.95
C THR D 7 -4.93 -22.62 -37.92
N THR D 8 -4.39 -22.37 -36.73
CA THR D 8 -2.97 -22.03 -36.61
C THR D 8 -2.08 -23.24 -36.85
N LYS D 9 -2.60 -24.45 -36.59
CA LYS D 9 -1.78 -25.64 -36.78
C LYS D 9 -1.62 -25.99 -38.25
N THR D 10 -2.70 -25.83 -39.04
CA THR D 10 -2.59 -26.03 -40.47
C THR D 10 -1.74 -24.95 -41.13
N GLN D 11 -1.82 -23.71 -40.62
CA GLN D 11 -0.95 -22.64 -41.11
C GLN D 11 0.51 -22.94 -40.82
N ALA D 12 0.81 -23.43 -39.62
CA ALA D 12 2.19 -23.77 -39.29
C ALA D 12 2.67 -24.98 -40.09
N ALA D 13 1.79 -25.93 -40.39
CA ALA D 13 2.18 -27.07 -41.21
C ALA D 13 2.47 -26.64 -42.65
N LEU D 14 1.65 -25.75 -43.20
CA LEU D 14 1.89 -25.22 -44.54
C LEU D 14 3.17 -24.40 -44.60
N THR D 15 3.44 -23.60 -43.56
CA THR D 15 4.64 -22.77 -43.52
C THR D 15 5.90 -23.64 -43.37
N ALA D 16 5.83 -24.69 -42.56
CA ALA D 16 6.97 -25.59 -42.39
C ALA D 16 7.24 -26.39 -43.66
N ALA D 17 6.17 -26.87 -44.33
CA ALA D 17 6.34 -27.56 -45.60
C ALA D 17 6.84 -26.64 -46.68
N LEU D 18 6.46 -25.36 -46.66
CA LEU D 18 6.94 -24.42 -47.66
C LEU D 18 8.39 -24.03 -47.42
N GLN D 19 8.81 -23.94 -46.15
CA GLN D 19 10.21 -23.65 -45.86
C GLN D 19 11.10 -24.84 -46.20
N ALA D 20 10.67 -26.06 -45.85
CA ALA D 20 11.43 -27.25 -46.20
C ALA D 20 11.30 -27.61 -47.68
N ALA D 21 10.36 -26.99 -48.41
CA ALA D 21 10.28 -27.17 -49.85
C ALA D 21 11.15 -26.18 -50.59
N SER D 22 11.16 -24.90 -50.15
CA SER D 22 12.05 -23.91 -50.74
C SER D 22 13.50 -24.22 -50.42
N THR D 23 13.77 -24.86 -49.28
CA THR D 23 15.09 -25.43 -49.04
C THR D 23 15.38 -26.57 -50.00
N ALA D 24 14.37 -27.36 -50.36
CA ALA D 24 14.54 -28.50 -51.25
C ALA D 24 14.62 -28.12 -52.71
N GLY D 25 14.13 -26.95 -53.09
CA GLY D 25 14.22 -26.50 -54.47
C GLY D 25 13.32 -27.25 -55.43
N ASN D 26 12.01 -27.13 -55.24
CA ASN D 26 11.05 -27.80 -56.08
C ASN D 26 10.26 -26.81 -56.92
N PRO D 27 9.83 -27.19 -58.12
CA PRO D 27 8.96 -26.29 -58.90
C PRO D 27 7.58 -26.14 -58.29
N GLU D 28 7.03 -27.21 -57.74
CA GLU D 28 5.75 -27.17 -57.04
C GLU D 28 5.82 -28.05 -55.80
N ILE D 29 5.12 -27.64 -54.75
CA ILE D 29 5.16 -28.35 -53.49
C ILE D 29 4.24 -29.57 -53.56
N ARG D 30 4.79 -30.73 -53.23
CA ARG D 30 4.05 -31.98 -53.25
C ARG D 30 3.20 -32.11 -51.98
N PRO D 31 2.16 -32.96 -52.01
CA PRO D 31 1.45 -33.28 -50.77
C PRO D 31 2.28 -34.03 -49.74
N ALA D 32 3.39 -34.65 -50.16
CA ALA D 32 4.24 -35.35 -49.20
C ALA D 32 5.00 -34.38 -48.31
N HIS D 33 5.22 -33.14 -48.77
CA HIS D 33 5.77 -32.09 -47.91
C HIS D 33 4.81 -31.78 -46.76
N LEU D 34 3.52 -31.59 -47.08
CA LEU D 34 2.52 -31.36 -46.05
C LEU D 34 2.35 -32.58 -45.14
N LEU D 35 2.50 -33.78 -45.70
CA LEU D 35 2.37 -34.99 -44.90
C LEU D 35 3.54 -35.13 -43.92
N MET D 36 4.75 -34.80 -44.38
CA MET D 36 5.91 -34.77 -43.49
C MET D 36 5.79 -33.66 -42.46
N ALA D 37 5.17 -32.54 -42.83
CA ALA D 37 4.98 -31.46 -41.86
C ALA D 37 3.95 -31.84 -40.81
N LEU D 38 2.94 -32.62 -41.16
CA LEU D 38 1.90 -32.94 -40.20
C LEU D 38 2.22 -34.15 -39.34
N LEU D 39 2.92 -35.16 -39.87
CA LEU D 39 3.25 -36.31 -39.01
C LEU D 39 4.38 -36.00 -38.05
N THR D 40 5.29 -35.09 -38.41
CA THR D 40 6.36 -34.67 -37.51
C THR D 40 6.07 -33.34 -36.83
N GLN D 41 4.79 -32.98 -36.73
CA GLN D 41 4.38 -31.74 -36.08
C GLN D 41 4.49 -31.88 -34.56
N ASN D 42 4.88 -30.78 -33.91
CA ASN D 42 4.82 -30.74 -32.46
C ASN D 42 3.37 -30.75 -31.99
N ASP D 43 3.11 -31.49 -30.91
CA ASP D 43 1.77 -31.83 -30.43
C ASP D 43 0.92 -32.43 -31.56
N GLY D 44 1.48 -33.41 -32.25
CA GLY D 44 0.84 -33.92 -33.45
C GLY D 44 -0.40 -34.73 -33.15
N ILE D 45 -1.49 -34.38 -33.85
CA ILE D 45 -2.78 -35.04 -33.72
C ILE D 45 -3.02 -35.96 -34.91
N ALA D 46 -1.94 -36.36 -35.59
CA ALA D 46 -2.01 -37.32 -36.68
C ALA D 46 -1.54 -38.71 -36.26
N ALA D 47 -0.47 -38.79 -35.46
CA ALA D 47 -0.03 -40.09 -34.96
C ALA D 47 -1.03 -40.72 -33.98
N PRO D 48 -1.64 -40.01 -33.01
CA PRO D 48 -2.73 -40.66 -32.27
C PRO D 48 -3.99 -40.86 -33.10
N LEU D 49 -4.15 -40.11 -34.19
CA LEU D 49 -5.26 -40.35 -35.10
C LEU D 49 -5.12 -41.70 -35.79
N LEU D 50 -3.90 -42.05 -36.21
CA LEU D 50 -3.68 -43.37 -36.79
C LEU D 50 -3.54 -44.43 -35.70
N GLU D 51 -3.26 -44.02 -34.46
CA GLU D 51 -3.35 -44.97 -33.35
C GLU D 51 -4.81 -45.33 -33.05
N ALA D 52 -5.73 -44.42 -33.38
CA ALA D 52 -7.15 -44.70 -33.16
C ALA D 52 -7.69 -45.71 -34.17
N VAL D 53 -7.03 -45.87 -35.31
CA VAL D 53 -7.46 -46.81 -36.34
C VAL D 53 -6.48 -47.97 -36.50
N GLY D 54 -5.47 -48.06 -35.63
CA GLY D 54 -4.57 -49.19 -35.65
C GLY D 54 -3.57 -49.19 -36.78
N VAL D 55 -2.82 -48.11 -36.93
CA VAL D 55 -1.76 -48.01 -37.91
C VAL D 55 -0.43 -47.86 -37.17
N GLU D 56 0.56 -48.62 -37.62
CA GLU D 56 1.89 -48.57 -37.03
C GLU D 56 2.57 -47.25 -37.38
N PRO D 57 3.36 -46.69 -36.46
CA PRO D 57 4.11 -45.45 -36.75
C PRO D 57 5.52 -45.66 -37.28
N ALA D 58 5.93 -46.90 -37.53
CA ALA D 58 7.26 -47.17 -38.05
C ALA D 58 7.33 -47.10 -39.57
N THR D 59 6.24 -46.73 -40.24
CA THR D 59 6.22 -46.63 -41.69
C THR D 59 5.73 -45.27 -42.18
N VAL D 60 5.33 -44.38 -41.26
CA VAL D 60 4.83 -43.07 -41.66
C VAL D 60 5.93 -42.04 -41.86
N ARG D 61 7.19 -42.42 -41.67
CA ARG D 61 8.31 -41.57 -42.00
C ARG D 61 9.26 -42.23 -42.99
N ALA D 62 8.91 -43.40 -43.51
CA ALA D 62 9.73 -44.09 -44.51
C ALA D 62 9.03 -44.17 -45.87
N GLU D 63 7.80 -44.68 -45.91
CA GLU D 63 7.11 -44.86 -47.18
C GLU D 63 6.61 -43.56 -47.78
N THR D 64 6.50 -42.49 -46.98
CA THR D 64 6.25 -41.17 -47.55
C THR D 64 7.53 -40.38 -47.77
N GLN D 65 8.63 -40.79 -47.12
CA GLN D 65 9.92 -40.21 -47.41
C GLN D 65 10.40 -40.59 -48.80
N ARG D 66 10.01 -41.78 -49.27
CA ARG D 66 10.30 -42.21 -50.64
C ARG D 66 9.48 -41.46 -51.67
N LEU D 67 8.46 -40.71 -51.24
CA LEU D 67 7.72 -39.80 -52.11
C LEU D 67 8.34 -38.41 -52.13
N LEU D 68 9.55 -38.24 -51.62
CA LEU D 68 10.25 -36.95 -51.63
C LEU D 68 11.64 -37.00 -52.22
N ASP D 69 12.40 -38.09 -51.99
CA ASP D 69 13.76 -38.16 -52.52
C ASP D 69 13.80 -38.87 -53.87
N ARG D 70 12.93 -38.44 -54.77
CA ARG D 70 12.93 -38.91 -56.15
C ARG D 70 12.70 -37.78 -57.14
N LEU D 71 12.44 -36.55 -56.67
CA LEU D 71 12.24 -35.25 -57.29
C LEU D 71 13.58 -34.55 -57.46
N PRO D 72 13.78 -33.88 -58.60
CA PRO D 72 15.04 -33.15 -58.82
C PRO D 72 15.13 -31.94 -57.90
N GLN D 73 16.04 -32.02 -56.93
CA GLN D 73 16.19 -30.97 -55.94
C GLN D 73 16.95 -29.77 -56.50
N GLN D 80 10.32 -20.55 -55.74
CA GLN D 80 9.09 -20.56 -54.97
C GLN D 80 8.10 -21.57 -55.54
N PRO D 81 7.86 -22.66 -54.80
CA PRO D 81 6.89 -23.65 -55.26
C PRO D 81 5.46 -23.19 -55.03
N GLN D 82 4.55 -23.79 -55.81
CA GLN D 82 3.13 -23.53 -55.68
C GLN D 82 2.39 -24.84 -55.43
N LEU D 83 1.16 -24.71 -54.92
CA LEU D 83 0.44 -25.86 -54.41
C LEU D 83 -0.05 -26.77 -55.54
N SER D 84 0.09 -28.08 -55.34
CA SER D 84 -0.38 -29.05 -56.30
C SER D 84 -1.90 -29.07 -56.33
N ARG D 85 -2.46 -29.52 -57.45
CA ARG D 85 -3.90 -29.50 -57.64
C ARG D 85 -4.57 -30.60 -56.82
N GLU D 86 -3.84 -31.67 -56.53
CA GLU D 86 -4.31 -32.67 -55.57
C GLU D 86 -4.44 -32.06 -54.18
N SER D 87 -3.54 -31.15 -53.81
CA SER D 87 -3.63 -30.46 -52.53
C SER D 87 -4.82 -29.51 -52.50
N LEU D 88 -5.09 -28.83 -53.61
CA LEU D 88 -6.26 -27.94 -53.65
C LEU D 88 -7.56 -28.73 -53.61
N ALA D 89 -7.60 -29.91 -54.25
CA ALA D 89 -8.76 -30.78 -54.10
C ALA D 89 -8.88 -31.32 -52.69
N ALA D 90 -7.75 -31.54 -52.01
CA ALA D 90 -7.77 -31.97 -50.61
C ALA D 90 -8.38 -30.90 -49.71
N ILE D 91 -7.95 -29.64 -49.87
CA ILE D 91 -8.52 -28.55 -49.09
C ILE D 91 -10.00 -28.31 -49.47
N THR D 92 -10.37 -28.58 -50.74
CA THR D 92 -11.75 -28.42 -51.15
C THR D 92 -12.67 -29.45 -50.49
N THR D 93 -12.29 -30.73 -50.54
CA THR D 93 -13.07 -31.74 -49.83
C THR D 93 -12.99 -31.60 -48.32
N ALA D 94 -11.91 -30.99 -47.81
CA ALA D 94 -11.82 -30.74 -46.38
C ALA D 94 -12.80 -29.64 -45.95
N GLN D 95 -12.88 -28.56 -46.72
CA GLN D 95 -13.84 -27.50 -46.44
C GLN D 95 -15.27 -27.97 -46.65
N GLN D 96 -15.48 -28.90 -47.59
CA GLN D 96 -16.80 -29.50 -47.75
C GLN D 96 -17.15 -30.39 -46.56
N LEU D 97 -16.19 -31.15 -46.06
CA LEU D 97 -16.42 -32.06 -44.94
C LEU D 97 -16.49 -31.33 -43.61
N ALA D 98 -16.13 -30.04 -43.57
CA ALA D 98 -16.28 -29.24 -42.37
C ALA D 98 -17.67 -28.63 -42.24
N THR D 99 -18.53 -28.82 -43.25
CA THR D 99 -19.85 -28.20 -43.24
C THR D 99 -20.90 -29.05 -42.56
N GLU D 100 -20.58 -30.29 -42.19
CA GLU D 100 -21.56 -31.13 -41.50
C GLU D 100 -21.45 -30.97 -39.98
N LEU D 101 -20.23 -31.03 -39.45
CA LEU D 101 -20.00 -30.80 -38.02
C LEU D 101 -19.85 -29.32 -37.69
N ASP D 102 -19.99 -28.44 -38.69
CA ASP D 102 -20.13 -26.97 -38.57
C ASP D 102 -18.99 -26.32 -37.78
N ASP D 103 -17.82 -26.97 -37.77
CA ASP D 103 -16.61 -26.35 -37.24
C ASP D 103 -16.17 -25.27 -38.22
N GLU D 104 -16.03 -24.04 -37.72
CA GLU D 104 -15.88 -22.87 -38.58
C GLU D 104 -14.53 -22.80 -39.29
N TYR D 105 -13.53 -23.55 -38.83
CA TYR D 105 -12.19 -23.50 -39.40
C TYR D 105 -11.74 -24.90 -39.82
N VAL D 106 -10.75 -24.96 -40.70
CA VAL D 106 -10.17 -26.24 -41.09
C VAL D 106 -9.26 -26.69 -39.95
N SER D 107 -9.02 -27.99 -39.87
CA SER D 107 -8.24 -28.58 -38.80
C SER D 107 -7.23 -29.57 -39.37
N THR D 108 -6.41 -30.12 -38.49
CA THR D 108 -5.38 -31.07 -38.93
C THR D 108 -6.01 -32.41 -39.29
N GLU D 109 -7.06 -32.82 -38.56
CA GLU D 109 -7.82 -33.99 -38.99
C GLU D 109 -8.60 -33.70 -40.26
N HIS D 110 -9.02 -32.45 -40.46
CA HIS D 110 -9.67 -32.07 -41.72
C HIS D 110 -8.68 -32.12 -42.88
N VAL D 111 -7.44 -31.67 -42.65
CA VAL D 111 -6.39 -31.80 -43.65
C VAL D 111 -6.10 -33.27 -43.93
N MET D 112 -6.15 -34.11 -42.90
CA MET D 112 -5.90 -35.54 -43.08
C MET D 112 -7.01 -36.22 -43.88
N VAL D 113 -8.27 -35.90 -43.60
CA VAL D 113 -9.34 -36.56 -44.35
C VAL D 113 -9.43 -35.99 -45.77
N GLY D 114 -9.05 -34.73 -45.96
CA GLY D 114 -8.96 -34.19 -47.31
C GLY D 114 -7.84 -34.81 -48.13
N LEU D 115 -6.70 -35.06 -47.49
CA LEU D 115 -5.59 -35.74 -48.17
C LEU D 115 -5.92 -37.20 -48.44
N ALA D 116 -6.70 -37.84 -47.56
CA ALA D 116 -7.14 -39.20 -47.82
C ALA D 116 -8.16 -39.24 -48.95
N THR D 117 -8.96 -38.17 -49.12
CA THR D 117 -9.92 -38.15 -50.21
C THR D 117 -9.40 -37.47 -51.47
N GLY D 118 -8.46 -36.53 -51.33
CA GLY D 118 -7.96 -35.79 -52.48
C GLY D 118 -7.04 -36.59 -53.38
N ASP D 119 -5.88 -36.98 -52.86
CA ASP D 119 -4.90 -37.76 -53.62
C ASP D 119 -5.03 -39.22 -53.26
N SER D 120 -5.15 -40.08 -54.28
CA SER D 120 -5.23 -41.51 -54.04
C SER D 120 -3.88 -42.14 -53.74
N ASP D 121 -2.78 -41.38 -53.89
CA ASP D 121 -1.46 -41.91 -53.56
C ASP D 121 -1.27 -42.10 -52.06
N VAL D 122 -1.71 -41.13 -51.25
CA VAL D 122 -1.64 -41.29 -49.80
C VAL D 122 -2.71 -42.27 -49.33
N ALA D 123 -3.88 -42.29 -50.00
CA ALA D 123 -4.93 -43.23 -49.66
C ALA D 123 -4.51 -44.66 -49.94
N LYS D 124 -3.68 -44.88 -50.97
CA LYS D 124 -3.10 -46.18 -51.24
C LYS D 124 -2.19 -46.64 -50.10
N LEU D 125 -1.39 -45.71 -49.56
CA LEU D 125 -0.49 -46.06 -48.46
C LEU D 125 -1.26 -46.37 -47.18
N LEU D 126 -2.30 -45.56 -46.88
CA LEU D 126 -3.06 -45.83 -45.66
C LEU D 126 -3.97 -47.03 -45.81
N THR D 127 -4.35 -47.41 -47.04
CA THR D 127 -5.07 -48.66 -47.23
C THR D 127 -4.14 -49.87 -47.19
N GLY D 128 -2.90 -49.70 -47.64
CA GLY D 128 -1.93 -50.78 -47.55
C GLY D 128 -1.44 -51.03 -46.14
N HIS D 129 -1.39 -49.99 -45.31
CA HIS D 129 -1.10 -50.18 -43.89
C HIS D 129 -2.33 -50.57 -43.10
N GLY D 130 -3.51 -50.35 -43.65
CA GLY D 130 -4.76 -50.75 -43.04
C GLY D 130 -5.48 -49.59 -42.38
N ALA D 131 -6.41 -48.98 -43.12
CA ALA D 131 -7.24 -47.88 -42.66
C ALA D 131 -8.38 -47.66 -43.65
N SER D 132 -9.59 -47.53 -43.15
CA SER D 132 -10.74 -47.25 -43.99
C SER D 132 -11.27 -45.85 -43.68
N PRO D 133 -11.85 -45.16 -44.69
CA PRO D 133 -12.42 -43.83 -44.41
C PRO D 133 -13.60 -43.84 -43.47
N GLN D 134 -14.27 -44.98 -43.27
CA GLN D 134 -15.28 -45.06 -42.22
C GLN D 134 -14.63 -45.12 -40.84
N ALA D 135 -13.45 -45.72 -40.74
CA ALA D 135 -12.77 -45.84 -39.45
C ALA D 135 -12.03 -44.58 -39.07
N LEU D 136 -11.35 -43.93 -40.02
CA LEU D 136 -10.62 -42.71 -39.71
C LEU D 136 -11.53 -41.48 -39.59
N ARG D 137 -12.79 -41.61 -40.00
CA ARG D 137 -13.77 -40.59 -39.64
C ARG D 137 -14.26 -40.78 -38.21
N GLU D 138 -13.99 -41.93 -37.60
CA GLU D 138 -14.22 -42.14 -36.18
C GLU D 138 -12.93 -42.08 -35.37
N ALA D 139 -11.82 -41.69 -36.01
CA ALA D 139 -10.55 -41.63 -35.30
C ALA D 139 -10.52 -40.47 -34.32
N PHE D 140 -11.11 -39.34 -34.70
CA PHE D 140 -11.05 -38.16 -33.85
C PHE D 140 -12.09 -38.15 -32.75
N VAL D 141 -13.29 -38.70 -33.00
CA VAL D 141 -14.41 -38.58 -32.06
C VAL D 141 -14.13 -39.32 -30.75
N LYS D 142 -13.22 -40.30 -30.76
CA LYS D 142 -12.76 -40.93 -29.54
C LYS D 142 -11.59 -40.19 -28.89
N VAL D 143 -10.95 -39.26 -29.60
CA VAL D 143 -9.91 -38.42 -29.00
C VAL D 143 -10.29 -36.94 -28.96
N ARG D 144 -11.41 -36.54 -29.58
CA ARG D 144 -11.97 -35.21 -29.36
C ARG D 144 -12.91 -35.20 -28.17
N GLY D 145 -13.99 -35.97 -28.25
CA GLY D 145 -15.03 -35.94 -27.23
C GLY D 145 -16.33 -35.38 -27.79
N THR D 150 -18.62 -26.52 -31.46
CA THR D 150 -17.90 -27.68 -30.97
C THR D 150 -16.39 -27.47 -31.05
N SER D 151 -15.96 -26.50 -31.85
CA SER D 151 -14.54 -26.20 -32.00
C SER D 151 -14.31 -24.70 -32.14
N PRO D 152 -13.45 -24.12 -31.32
CA PRO D 152 -12.94 -22.77 -31.60
C PRO D 152 -11.79 -22.80 -32.58
N GLU D 153 -11.11 -21.67 -32.77
CA GLU D 153 -9.87 -21.63 -33.53
C GLU D 153 -8.77 -22.53 -32.95
N PRO D 154 -8.28 -22.35 -31.68
CA PRO D 154 -7.12 -23.13 -31.25
C PRO D 154 -7.48 -24.51 -30.73
N GLU D 155 -6.51 -25.19 -30.13
CA GLU D 155 -6.70 -26.56 -29.67
C GLU D 155 -6.32 -26.66 -28.19
N ALA D 156 -7.28 -26.39 -27.31
CA ALA D 156 -7.14 -26.60 -25.88
C ALA D 156 -8.24 -27.51 -25.34
N THR D 157 -9.03 -28.12 -26.22
CA THR D 157 -10.02 -29.15 -25.95
C THR D 157 -9.27 -30.48 -26.02
N TYR D 158 -9.95 -31.55 -26.45
CA TYR D 158 -9.34 -32.85 -26.79
C TYR D 158 -8.83 -33.56 -25.55
N GLN D 159 -9.75 -33.98 -24.70
CA GLN D 159 -9.50 -34.66 -23.42
C GLN D 159 -8.68 -33.76 -22.50
N ALA D 160 -9.33 -32.68 -22.05
CA ALA D 160 -8.67 -31.69 -21.20
C ALA D 160 -8.45 -32.22 -19.80
N LEU D 161 -9.22 -33.22 -19.36
CA LEU D 161 -8.96 -33.80 -18.05
C LEU D 161 -7.67 -34.60 -18.02
N GLN D 162 -7.31 -35.24 -19.12
CA GLN D 162 -6.13 -36.08 -19.12
C GLN D 162 -4.84 -35.29 -19.20
N LYS D 163 -4.89 -34.03 -19.58
CA LYS D 163 -3.69 -33.22 -19.69
C LYS D 163 -3.57 -32.15 -18.62
N TYR D 164 -4.59 -31.94 -17.80
CA TYR D 164 -4.52 -30.97 -16.72
C TYR D 164 -4.83 -31.59 -15.37
N SER D 165 -4.66 -32.91 -15.23
CA SER D 165 -4.96 -33.58 -13.98
C SER D 165 -4.28 -34.93 -13.95
N THR D 166 -4.13 -35.47 -12.75
CA THR D 166 -3.69 -36.84 -12.55
C THR D 166 -4.75 -37.60 -11.76
N ASP D 167 -4.66 -38.93 -11.79
CA ASP D 167 -5.67 -39.80 -11.20
C ASP D 167 -5.17 -40.28 -9.85
N LEU D 168 -5.90 -39.95 -8.79
CA LEU D 168 -5.51 -40.40 -7.46
C LEU D 168 -5.96 -41.83 -7.19
N THR D 169 -7.11 -42.23 -7.74
CA THR D 169 -7.60 -43.58 -7.54
C THR D 169 -6.74 -44.60 -8.29
N ALA D 170 -6.37 -44.28 -9.53
CA ALA D 170 -5.45 -45.14 -10.28
C ALA D 170 -4.06 -45.12 -9.68
N ARG D 171 -3.70 -44.05 -8.98
CA ARG D 171 -2.45 -44.05 -8.24
C ARG D 171 -2.55 -44.91 -6.99
N ALA D 172 -3.76 -45.07 -6.45
CA ALA D 172 -3.92 -45.92 -5.28
C ALA D 172 -3.98 -47.39 -5.65
N ARG D 173 -4.42 -47.72 -6.87
CA ARG D 173 -4.47 -49.13 -7.27
C ARG D 173 -3.10 -49.70 -7.55
N GLU D 174 -2.14 -48.87 -7.97
CA GLU D 174 -0.78 -49.35 -8.15
C GLU D 174 0.01 -49.42 -6.86
N GLY D 175 -0.60 -49.09 -5.73
CA GLY D 175 0.07 -49.21 -4.45
C GLY D 175 1.11 -48.17 -4.17
N LYS D 176 1.10 -47.06 -4.90
CA LYS D 176 2.06 -45.99 -4.65
C LYS D 176 1.49 -44.92 -3.73
N LEU D 177 0.96 -45.35 -2.60
CA LEU D 177 0.42 -44.44 -1.60
C LEU D 177 0.79 -44.93 -0.22
N ASP D 178 0.41 -44.19 0.78
CA ASP D 178 0.86 -44.46 2.14
C ASP D 178 -0.25 -45.07 2.98
N PRO D 179 0.10 -45.92 3.95
CA PRO D 179 -0.91 -46.53 4.81
C PRO D 179 -1.47 -45.59 5.86
N VAL D 180 -2.55 -44.87 5.51
CA VAL D 180 -3.21 -43.99 6.47
C VAL D 180 -3.79 -44.78 7.63
N ILE D 181 -3.44 -44.38 8.85
CA ILE D 181 -3.81 -45.08 10.08
C ILE D 181 -4.69 -44.15 10.90
N GLY D 182 -5.88 -44.62 11.27
CA GLY D 182 -6.72 -43.86 12.16
C GLY D 182 -7.53 -42.79 11.46
N ARG D 183 -7.98 -41.82 12.26
CA ARG D 183 -8.77 -40.67 11.82
C ARG D 183 -10.05 -41.10 11.10
N ASP D 184 -10.91 -41.82 11.82
CA ASP D 184 -12.15 -42.29 11.24
C ASP D 184 -13.25 -41.24 11.29
N ASN D 185 -13.20 -40.33 12.26
CA ASN D 185 -14.19 -39.27 12.36
C ASN D 185 -14.09 -38.32 11.20
N GLU D 186 -12.88 -37.98 10.79
CA GLU D 186 -12.70 -37.01 9.71
C GLU D 186 -13.09 -37.61 8.36
N ILE D 187 -12.74 -38.87 8.12
CA ILE D 187 -13.12 -39.50 6.86
C ILE D 187 -14.62 -39.76 6.83
N ARG D 188 -15.22 -40.06 7.97
CA ARG D 188 -16.68 -40.22 8.01
C ARG D 188 -17.39 -38.90 7.75
N ARG D 189 -16.84 -37.80 8.25
CA ARG D 189 -17.45 -36.49 8.00
C ARG D 189 -17.28 -36.07 6.54
N VAL D 190 -16.11 -36.33 5.94
CA VAL D 190 -15.89 -36.02 4.53
C VAL D 190 -16.81 -36.85 3.64
N VAL D 191 -17.01 -38.12 4.00
CA VAL D 191 -17.91 -38.98 3.22
C VAL D 191 -19.36 -38.51 3.34
N GLN D 192 -19.80 -38.15 4.54
CA GLN D 192 -21.19 -37.75 4.69
C GLN D 192 -21.46 -36.33 4.20
N VAL D 193 -20.43 -35.51 4.01
CA VAL D 193 -20.62 -34.22 3.35
C VAL D 193 -20.57 -34.37 1.84
N LEU D 194 -19.71 -35.26 1.34
CA LEU D 194 -19.54 -35.50 -0.09
C LEU D 194 -20.73 -36.15 -0.76
N SER D 195 -21.72 -36.60 0.00
CA SER D 195 -22.88 -37.29 -0.52
C SER D 195 -24.17 -36.55 -0.18
N ARG D 196 -24.13 -35.22 -0.25
CA ARG D 196 -25.27 -34.39 0.03
C ARG D 196 -26.08 -34.19 -1.24
N ARG D 197 -27.07 -33.28 -1.21
CA ARG D 197 -27.85 -32.97 -2.38
C ARG D 197 -27.31 -31.74 -3.11
N THR D 198 -27.20 -30.63 -2.39
CA THR D 198 -26.60 -29.42 -2.91
C THR D 198 -25.45 -29.00 -1.98
N LYS D 199 -24.47 -28.34 -2.58
CA LYS D 199 -23.32 -27.74 -1.87
C LYS D 199 -22.50 -28.78 -1.13
N ASN D 200 -22.17 -29.86 -1.83
CA ASN D 200 -21.42 -30.96 -1.24
C ASN D 200 -19.92 -30.78 -1.50
N ASN D 201 -19.35 -29.79 -0.81
CA ASN D 201 -17.93 -29.45 -0.97
C ASN D 201 -17.29 -29.31 0.40
N PRO D 202 -16.50 -30.28 0.84
CA PRO D 202 -15.77 -30.14 2.10
C PRO D 202 -14.36 -29.60 1.90
N VAL D 203 -13.89 -28.89 2.92
CA VAL D 203 -12.57 -28.29 2.94
C VAL D 203 -11.92 -28.66 4.26
N LEU D 204 -10.81 -29.37 4.20
CA LEU D 204 -10.10 -29.76 5.40
C LEU D 204 -9.19 -28.62 5.83
N ILE D 205 -9.33 -28.19 7.08
CA ILE D 205 -8.66 -26.99 7.58
C ILE D 205 -7.88 -27.36 8.82
N GLY D 206 -6.60 -27.00 8.84
CA GLY D 206 -5.79 -27.28 10.01
C GLY D 206 -4.43 -26.61 9.90
N GLU D 207 -3.70 -26.66 11.01
CA GLU D 207 -2.35 -26.11 11.08
C GLU D 207 -1.41 -26.99 10.26
N PRO D 208 -0.27 -26.45 9.80
CA PRO D 208 0.55 -27.19 8.82
C PRO D 208 1.24 -28.41 9.40
N GLY D 209 1.02 -29.55 8.76
CA GLY D 209 1.69 -30.79 9.13
C GLY D 209 0.83 -31.81 9.82
N VAL D 210 -0.45 -31.52 10.06
CA VAL D 210 -1.28 -32.38 10.90
C VAL D 210 -1.96 -33.51 10.15
N GLY D 211 -1.71 -33.63 8.84
CA GLY D 211 -2.30 -34.74 8.11
C GLY D 211 -3.53 -34.40 7.30
N LYS D 212 -3.48 -33.33 6.51
CA LYS D 212 -4.63 -32.92 5.72
C LYS D 212 -4.73 -33.65 4.39
N THR D 213 -3.61 -33.84 3.69
CA THR D 213 -3.63 -34.59 2.44
C THR D 213 -3.84 -36.08 2.68
N ALA D 214 -3.33 -36.60 3.81
CA ALA D 214 -3.44 -38.01 4.12
C ALA D 214 -4.87 -38.47 4.32
N ILE D 215 -5.78 -37.58 4.70
CA ILE D 215 -7.18 -37.95 4.80
C ILE D 215 -7.77 -38.21 3.42
N VAL D 216 -7.36 -37.43 2.42
CA VAL D 216 -7.83 -37.66 1.06
C VAL D 216 -7.20 -38.92 0.48
N GLU D 217 -5.94 -39.19 0.83
CA GLU D 217 -5.34 -40.45 0.40
C GLU D 217 -6.02 -41.66 1.05
N GLY D 218 -6.42 -41.51 2.32
CA GLY D 218 -7.19 -42.56 2.97
C GLY D 218 -8.55 -42.75 2.36
N LEU D 219 -9.18 -41.66 1.90
CA LEU D 219 -10.45 -41.78 1.19
C LEU D 219 -10.28 -42.49 -0.15
N ALA D 220 -9.17 -42.24 -0.84
CA ALA D 220 -8.93 -42.92 -2.10
C ALA D 220 -8.69 -44.41 -1.90
N GLN D 221 -7.91 -44.77 -0.88
CA GLN D 221 -7.69 -46.17 -0.56
C GLN D 221 -8.97 -46.85 -0.08
N ARG D 222 -9.83 -46.10 0.60
CA ARG D 222 -11.12 -46.62 1.02
C ARG D 222 -12.07 -46.83 -0.16
N ILE D 223 -11.96 -45.99 -1.20
CA ILE D 223 -12.77 -46.17 -2.40
C ILE D 223 -12.30 -47.39 -3.18
N VAL D 224 -10.99 -47.57 -3.29
CA VAL D 224 -10.44 -48.73 -3.99
C VAL D 224 -10.79 -50.02 -3.26
N ALA D 225 -10.69 -50.00 -1.93
CA ALA D 225 -11.00 -51.19 -1.14
C ALA D 225 -12.48 -51.46 -0.98
N GLY D 226 -13.36 -50.59 -1.49
CA GLY D 226 -14.79 -50.85 -1.44
C GLY D 226 -15.42 -50.73 -0.07
N ASP D 227 -14.86 -49.89 0.79
CA ASP D 227 -15.36 -49.70 2.16
C ASP D 227 -16.22 -48.45 2.28
N VAL D 228 -17.01 -48.17 1.26
CA VAL D 228 -17.68 -46.88 1.11
C VAL D 228 -19.18 -47.15 1.19
N PRO D 229 -20.03 -46.16 1.49
CA PRO D 229 -21.48 -46.37 1.34
C PRO D 229 -21.96 -46.59 -0.08
N GLU D 230 -23.27 -46.71 -0.24
CA GLU D 230 -23.86 -47.27 -1.46
C GLU D 230 -23.68 -46.34 -2.66
N SER D 231 -24.01 -45.08 -2.52
CA SER D 231 -23.89 -44.16 -3.65
C SER D 231 -22.55 -43.44 -3.67
N LEU D 232 -21.45 -44.16 -3.48
CA LEU D 232 -20.14 -43.55 -3.64
C LEU D 232 -19.12 -44.53 -4.21
N ARG D 233 -19.57 -45.60 -4.86
CA ARG D 233 -18.66 -46.62 -5.35
C ARG D 233 -18.20 -46.30 -6.76
N ASP D 234 -16.90 -46.53 -7.01
CA ASP D 234 -16.21 -46.31 -8.28
C ASP D 234 -16.36 -44.86 -8.74
N LYS D 235 -15.77 -43.97 -7.96
CA LYS D 235 -15.98 -42.54 -8.16
C LYS D 235 -14.75 -41.78 -8.62
N THR D 236 -13.57 -42.39 -8.57
CA THR D 236 -12.39 -42.00 -9.37
C THR D 236 -11.96 -40.55 -9.10
N ILE D 237 -11.46 -40.30 -7.89
CA ILE D 237 -11.16 -38.93 -7.50
C ILE D 237 -9.93 -38.42 -8.26
N VAL D 238 -9.95 -37.13 -8.57
CA VAL D 238 -9.10 -36.54 -9.61
C VAL D 238 -8.36 -35.34 -9.01
N ALA D 239 -7.03 -35.35 -9.15
CA ALA D 239 -6.19 -34.32 -8.55
C ALA D 239 -5.95 -33.22 -9.59
N LEU D 240 -6.86 -32.27 -9.63
CA LEU D 240 -6.75 -31.14 -10.53
C LEU D 240 -5.67 -30.17 -10.04
N ASP D 241 -4.99 -29.53 -10.99
CA ASP D 241 -4.01 -28.51 -10.64
C ASP D 241 -4.19 -27.31 -11.57
N LEU D 242 -4.00 -26.13 -11.01
CA LEU D 242 -4.26 -24.87 -11.70
C LEU D 242 -3.00 -24.16 -12.16
N GLY D 243 -1.83 -24.52 -11.63
CA GLY D 243 -0.60 -23.94 -12.11
C GLY D 243 -0.24 -24.33 -13.51
N SER D 244 -0.76 -25.46 -13.99
CA SER D 244 -0.51 -25.94 -15.34
C SER D 244 -1.51 -25.42 -16.36
N MET D 245 -2.61 -24.81 -15.91
CA MET D 245 -3.56 -24.22 -16.83
C MET D 245 -3.37 -22.73 -17.02
N VAL D 246 -2.83 -22.03 -16.02
CA VAL D 246 -2.50 -20.62 -16.15
C VAL D 246 -1.06 -20.44 -16.63
N ALA D 247 -0.38 -21.53 -16.99
CA ALA D 247 1.06 -21.51 -17.23
C ALA D 247 1.42 -20.81 -18.52
N GLY D 248 1.07 -21.38 -19.67
CA GLY D 248 1.28 -20.65 -20.89
C GLY D 248 0.00 -20.12 -21.48
N SER D 249 -0.33 -18.87 -21.17
CA SER D 249 -1.47 -18.19 -21.78
C SER D 249 -1.25 -16.70 -21.55
N LYS D 250 -0.87 -15.98 -22.59
CA LYS D 250 -0.76 -14.53 -22.51
C LYS D 250 -1.49 -13.96 -23.72
N TYR D 251 -2.82 -13.90 -23.61
CA TYR D 251 -3.75 -13.44 -24.65
C TYR D 251 -5.10 -13.29 -23.98
N ARG D 252 -6.03 -12.66 -24.69
CA ARG D 252 -7.37 -12.50 -24.16
C ARG D 252 -8.16 -13.78 -24.37
N GLY D 253 -8.77 -14.29 -23.31
CA GLY D 253 -9.67 -15.41 -23.42
C GLY D 253 -8.98 -16.73 -23.71
N GLU D 254 -7.88 -16.99 -23.02
CA GLU D 254 -7.11 -18.21 -23.24
C GLU D 254 -7.07 -19.13 -22.04
N PHE D 255 -7.23 -18.60 -20.83
CA PHE D 255 -7.37 -19.45 -19.66
C PHE D 255 -8.81 -19.91 -19.50
N GLU D 256 -9.77 -19.07 -19.90
CA GLU D 256 -11.18 -19.38 -19.76
C GLU D 256 -11.60 -20.55 -20.62
N GLU D 257 -10.98 -20.73 -21.80
CA GLU D 257 -11.34 -21.87 -22.63
C GLU D 257 -10.82 -23.17 -22.04
N ARG D 258 -9.65 -23.14 -21.38
CA ARG D 258 -9.14 -24.35 -20.74
C ARG D 258 -9.98 -24.73 -19.54
N LEU D 259 -10.32 -23.74 -18.70
CA LEU D 259 -11.17 -24.02 -17.55
C LEU D 259 -12.57 -24.45 -17.97
N LYS D 260 -13.08 -23.89 -19.08
CA LYS D 260 -14.39 -24.29 -19.57
C LYS D 260 -14.37 -25.71 -20.12
N ALA D 261 -13.27 -26.11 -20.77
CA ALA D 261 -13.16 -27.47 -21.25
C ALA D 261 -13.05 -28.46 -20.10
N VAL D 262 -12.34 -28.09 -19.03
CA VAL D 262 -12.22 -28.97 -17.87
C VAL D 262 -13.56 -29.13 -17.17
N LEU D 263 -14.31 -28.03 -16.98
CA LEU D 263 -15.61 -28.12 -16.34
C LEU D 263 -16.61 -28.88 -17.20
N ASP D 264 -16.56 -28.71 -18.52
CA ASP D 264 -17.48 -29.43 -19.38
C ASP D 264 -17.13 -30.90 -19.47
N ASP D 265 -15.85 -31.27 -19.30
CA ASP D 265 -15.52 -32.68 -19.25
C ASP D 265 -15.88 -33.31 -17.91
N ILE D 266 -15.87 -32.52 -16.83
CA ILE D 266 -16.35 -33.05 -15.56
C ILE D 266 -17.85 -33.27 -15.60
N LYS D 267 -18.60 -32.29 -16.09
CA LYS D 267 -20.06 -32.38 -16.01
C LYS D 267 -20.69 -33.11 -17.19
N ASN D 268 -19.96 -33.35 -18.28
CA ASN D 268 -20.52 -34.12 -19.38
C ASN D 268 -20.36 -35.62 -19.20
N SER D 269 -19.73 -36.05 -18.12
CA SER D 269 -19.94 -37.40 -17.65
C SER D 269 -21.13 -37.40 -16.70
N ALA D 270 -21.34 -38.51 -16.01
CA ALA D 270 -22.28 -38.48 -14.90
C ALA D 270 -21.58 -37.91 -13.68
N GLY D 271 -22.28 -37.90 -12.55
CA GLY D 271 -21.65 -37.41 -11.35
C GLY D 271 -20.69 -38.40 -10.74
N GLN D 272 -19.55 -38.65 -11.39
CA GLN D 272 -18.57 -39.60 -10.89
C GLN D 272 -17.14 -39.14 -11.12
N ILE D 273 -16.90 -37.84 -11.10
CA ILE D 273 -15.58 -37.25 -11.29
C ILE D 273 -15.30 -36.31 -10.11
N ILE D 274 -15.45 -36.82 -8.88
CA ILE D 274 -15.01 -36.12 -7.66
C ILE D 274 -13.65 -35.48 -7.86
N THR D 275 -13.55 -34.17 -7.63
CA THR D 275 -12.31 -33.46 -7.87
C THR D 275 -11.66 -33.08 -6.56
N PHE D 276 -10.34 -32.87 -6.60
CA PHE D 276 -9.56 -32.60 -5.41
C PHE D 276 -8.56 -31.51 -5.75
N ILE D 277 -8.75 -30.32 -5.19
CA ILE D 277 -7.83 -29.21 -5.41
C ILE D 277 -7.08 -28.97 -4.11
N ASP D 278 -5.81 -29.35 -4.09
CA ASP D 278 -4.98 -29.12 -2.93
C ASP D 278 -4.50 -27.68 -2.92
N GLU D 279 -4.52 -27.07 -1.74
CA GLU D 279 -4.15 -25.67 -1.51
C GLU D 279 -4.96 -24.73 -2.41
N LEU D 280 -6.28 -24.70 -2.15
CA LEU D 280 -7.18 -23.91 -2.97
C LEU D 280 -7.33 -22.48 -2.49
N HIS D 281 -6.38 -21.97 -1.73
CA HIS D 281 -6.29 -20.53 -1.60
C HIS D 281 -5.70 -19.89 -2.86
N THR D 282 -5.10 -20.69 -3.72
CA THR D 282 -4.57 -20.23 -5.01
C THR D 282 -5.62 -20.27 -6.11
N ILE D 283 -6.90 -20.35 -5.77
CA ILE D 283 -7.95 -20.42 -6.78
C ILE D 283 -8.56 -19.05 -7.06
N VAL D 284 -8.25 -18.04 -6.25
CA VAL D 284 -8.83 -16.72 -6.47
C VAL D 284 -8.07 -15.96 -7.55
N GLY D 285 -6.94 -16.49 -8.01
CA GLY D 285 -6.13 -15.80 -8.98
C GLY D 285 -6.53 -16.03 -10.42
N ALA D 286 -5.54 -16.02 -11.32
CA ALA D 286 -5.68 -16.08 -12.78
C ALA D 286 -6.53 -14.95 -13.35
N GLY D 287 -6.57 -13.79 -12.67
CA GLY D 287 -7.53 -12.74 -12.93
C GLY D 287 -7.38 -12.00 -14.24
N ALA D 288 -6.33 -11.22 -14.38
CA ALA D 288 -6.10 -10.47 -15.61
C ALA D 288 -4.62 -10.43 -15.95
N ASP D 295 -12.91 -11.75 -12.86
CA ASP D 295 -13.53 -12.79 -13.69
C ASP D 295 -12.62 -14.01 -13.80
N ALA D 296 -12.19 -14.57 -12.66
CA ALA D 296 -11.43 -15.80 -12.64
C ALA D 296 -11.54 -16.41 -11.26
N GLY D 297 -11.58 -17.75 -11.22
CA GLY D 297 -11.97 -18.45 -10.00
C GLY D 297 -13.40 -18.17 -9.61
N ASN D 298 -14.22 -17.81 -10.59
CA ASN D 298 -15.54 -17.22 -10.45
C ASN D 298 -16.50 -17.84 -11.43
N MET D 299 -15.99 -18.55 -12.44
CA MET D 299 -16.79 -19.41 -13.30
C MET D 299 -17.24 -20.66 -12.58
N ILE D 300 -16.51 -21.05 -11.54
CA ILE D 300 -16.75 -22.32 -10.85
C ILE D 300 -17.94 -22.28 -9.92
N LYS D 301 -18.51 -21.11 -9.67
CA LYS D 301 -19.52 -20.91 -8.63
C LYS D 301 -20.92 -21.43 -8.95
N PRO D 302 -21.49 -21.27 -10.16
CA PRO D 302 -22.78 -21.93 -10.42
C PRO D 302 -22.71 -23.44 -10.41
N MET D 303 -21.58 -24.03 -10.76
CA MET D 303 -21.42 -25.47 -10.58
C MET D 303 -21.10 -25.83 -9.14
N LEU D 304 -20.53 -24.90 -8.38
CA LEU D 304 -20.23 -25.19 -6.98
C LEU D 304 -21.51 -25.29 -6.16
N ALA D 305 -22.39 -24.30 -6.27
CA ALA D 305 -23.59 -24.36 -5.44
C ALA D 305 -24.74 -25.06 -6.13
N ARG D 306 -24.47 -26.19 -6.77
CA ARG D 306 -25.53 -27.05 -7.25
C ARG D 306 -25.15 -28.52 -7.17
N GLY D 307 -23.94 -28.83 -6.70
CA GLY D 307 -23.51 -30.21 -6.61
C GLY D 307 -23.19 -30.87 -7.93
N GLU D 308 -22.47 -30.17 -8.81
CA GLU D 308 -22.03 -30.76 -10.06
C GLU D 308 -20.60 -31.26 -9.99
N LEU D 309 -19.72 -30.50 -9.34
CA LEU D 309 -18.38 -30.94 -9.00
C LEU D 309 -18.27 -31.01 -7.49
N ARG D 310 -17.51 -31.99 -6.99
CA ARG D 310 -17.52 -32.23 -5.56
C ARG D 310 -16.49 -31.37 -4.82
N LEU D 311 -15.26 -31.30 -5.33
CA LEU D 311 -14.23 -30.36 -4.92
C LEU D 311 -13.84 -30.52 -3.45
N VAL D 312 -13.24 -31.67 -3.14
CA VAL D 312 -12.51 -31.79 -1.89
C VAL D 312 -11.29 -30.90 -1.96
N GLY D 313 -11.11 -30.05 -0.93
CA GLY D 313 -9.98 -29.17 -0.88
C GLY D 313 -9.35 -29.19 0.50
N ALA D 314 -8.14 -28.65 0.57
CA ALA D 314 -7.40 -28.66 1.83
C ALA D 314 -6.49 -27.46 1.86
N THR D 315 -6.54 -26.70 2.95
CA THR D 315 -5.75 -25.50 3.08
C THR D 315 -5.43 -25.28 4.55
N THR D 316 -4.66 -24.23 4.83
CA THR D 316 -4.23 -23.92 6.18
C THR D 316 -5.25 -22.95 6.78
N LEU D 317 -5.14 -22.70 8.09
CA LEU D 317 -6.02 -21.74 8.74
C LEU D 317 -5.70 -20.31 8.30
N ASP D 318 -4.42 -19.97 8.22
CA ASP D 318 -4.02 -18.60 7.95
C ASP D 318 -4.28 -18.22 6.50
N GLU D 319 -4.04 -19.15 5.57
CA GLU D 319 -4.36 -18.88 4.17
C GLU D 319 -5.86 -18.82 3.93
N TYR D 320 -6.64 -19.59 4.70
CA TYR D 320 -8.09 -19.50 4.60
C TYR D 320 -8.59 -18.16 5.09
N ARG D 321 -8.02 -17.65 6.18
CA ARG D 321 -8.42 -16.34 6.67
C ARG D 321 -7.97 -15.24 5.70
N LYS D 322 -6.81 -15.40 5.10
CA LYS D 322 -6.25 -14.33 4.28
C LYS D 322 -6.92 -14.25 2.92
N HIS D 323 -7.10 -15.37 2.23
CA HIS D 323 -7.50 -15.34 0.83
C HIS D 323 -8.98 -15.65 0.60
N ILE D 324 -9.51 -16.71 1.21
CA ILE D 324 -10.86 -17.12 0.86
C ILE D 324 -11.91 -16.32 1.62
N GLU D 325 -11.61 -15.87 2.83
CA GLU D 325 -12.61 -15.16 3.63
C GLU D 325 -12.83 -13.72 3.16
N LYS D 326 -12.09 -13.24 2.17
CA LYS D 326 -12.37 -11.95 1.54
C LYS D 326 -13.41 -12.06 0.43
N ASP D 327 -13.94 -13.25 0.18
CA ASP D 327 -14.82 -13.57 -0.94
C ASP D 327 -16.01 -14.39 -0.44
N ALA D 328 -16.73 -13.83 0.54
CA ALA D 328 -17.74 -14.56 1.33
C ALA D 328 -18.82 -15.24 0.50
N ALA D 329 -19.09 -14.75 -0.70
CA ALA D 329 -19.99 -15.45 -1.61
C ALA D 329 -19.43 -16.77 -2.09
N LEU D 330 -18.11 -16.93 -2.10
CA LEU D 330 -17.48 -18.21 -2.40
C LEU D 330 -17.25 -19.03 -1.14
N GLU D 331 -16.99 -18.35 -0.02
CA GLU D 331 -16.85 -19.00 1.27
C GLU D 331 -18.15 -19.64 1.75
N ARG D 332 -19.30 -19.19 1.24
CA ARG D 332 -20.56 -19.87 1.51
C ARG D 332 -20.58 -21.29 0.97
N ARG D 333 -19.88 -21.55 -0.13
CA ARG D 333 -20.03 -22.78 -0.90
C ARG D 333 -19.17 -23.93 -0.36
N PHE D 334 -18.46 -23.73 0.75
CA PHE D 334 -17.54 -24.73 1.26
C PHE D 334 -17.92 -25.09 2.69
N GLN D 335 -17.89 -26.38 3.01
CA GLN D 335 -18.16 -26.88 4.35
C GLN D 335 -16.83 -27.18 5.04
N GLN D 336 -16.58 -26.53 6.16
CA GLN D 336 -15.29 -26.69 6.82
C GLN D 336 -15.26 -27.96 7.66
N VAL D 337 -14.13 -28.66 7.59
CA VAL D 337 -13.87 -29.83 8.42
C VAL D 337 -12.57 -29.53 9.17
N TYR D 338 -12.68 -29.33 10.48
CA TYR D 338 -11.51 -28.97 11.27
C TYR D 338 -10.69 -30.20 11.57
N VAL D 339 -9.39 -30.13 11.29
CA VAL D 339 -8.45 -31.20 11.58
C VAL D 339 -7.51 -30.70 12.67
N GLY D 340 -7.55 -31.33 13.83
CA GLY D 340 -6.66 -30.97 14.92
C GLY D 340 -5.51 -31.95 15.02
N GLU D 341 -4.42 -31.50 15.66
CA GLU D 341 -3.28 -32.39 15.72
C GLU D 341 -3.48 -33.47 16.78
N PRO D 342 -2.98 -34.67 16.53
CA PRO D 342 -3.25 -35.78 17.44
C PRO D 342 -2.32 -35.74 18.65
N SER D 343 -2.69 -36.54 19.65
CA SER D 343 -1.89 -36.67 20.85
C SER D 343 -0.70 -37.59 20.60
N VAL D 344 0.08 -37.84 21.66
CA VAL D 344 1.29 -38.63 21.53
C VAL D 344 0.98 -40.09 21.23
N GLU D 345 -0.15 -40.59 21.74
CA GLU D 345 -0.50 -41.99 21.53
C GLU D 345 -0.91 -42.27 20.09
N ASP D 346 -1.67 -41.36 19.50
CA ASP D 346 -2.04 -41.53 18.10
C ASP D 346 -0.83 -41.38 17.18
N THR D 347 0.13 -40.54 17.57
CA THR D 347 1.38 -40.44 16.82
C THR D 347 2.18 -41.73 16.92
N ILE D 348 2.14 -42.37 18.10
CA ILE D 348 2.83 -43.65 18.26
C ILE D 348 2.18 -44.73 17.39
N GLY D 349 0.84 -44.71 17.31
CA GLY D 349 0.16 -45.64 16.42
C GLY D 349 0.46 -45.39 14.95
N ILE D 350 0.57 -44.11 14.57
CA ILE D 350 0.93 -43.73 13.21
C ILE D 350 2.33 -44.22 12.86
N LEU D 351 3.28 -44.04 13.78
CA LEU D 351 4.66 -44.47 13.54
C LEU D 351 4.77 -45.99 13.48
N ARG D 352 4.00 -46.69 14.33
CA ARG D 352 3.97 -48.15 14.27
C ARG D 352 3.38 -48.65 12.97
N GLY D 353 2.42 -47.92 12.40
CA GLY D 353 1.92 -48.28 11.09
C GLY D 353 2.91 -48.01 9.98
N LEU D 354 3.66 -46.92 10.09
CA LEU D 354 4.54 -46.47 9.00
C LEU D 354 5.96 -47.00 9.09
N LYS D 355 6.28 -47.82 10.10
CA LYS D 355 7.66 -48.26 10.31
C LYS D 355 8.23 -49.09 9.15
N ASP D 356 7.39 -49.82 8.42
CA ASP D 356 7.89 -50.77 7.44
C ASP D 356 8.48 -50.10 6.20
N ARG D 357 7.89 -48.97 5.78
CA ARG D 357 8.41 -48.25 4.62
C ARG D 357 9.77 -47.64 4.90
N TYR D 358 9.98 -47.14 6.12
CA TYR D 358 11.29 -46.63 6.47
C TYR D 358 12.28 -47.74 6.76
N GLU D 359 11.81 -48.90 7.20
CA GLU D 359 12.71 -50.03 7.37
C GLU D 359 13.14 -50.64 6.03
N VAL D 360 12.35 -50.45 4.98
CA VAL D 360 12.74 -50.97 3.68
C VAL D 360 13.41 -49.92 2.79
N HIS D 361 13.24 -48.62 3.08
CA HIS D 361 13.91 -47.60 2.31
C HIS D 361 15.41 -47.57 2.62
N HIS D 362 15.75 -47.29 3.88
CA HIS D 362 17.11 -47.48 4.35
C HIS D 362 17.25 -48.92 4.83
N GLY D 363 18.44 -49.49 4.66
CA GLY D 363 18.63 -50.87 5.02
C GLY D 363 18.98 -51.08 6.48
N VAL D 364 18.10 -50.68 7.39
CA VAL D 364 18.35 -50.72 8.82
C VAL D 364 17.18 -51.41 9.50
N ARG D 365 17.25 -51.44 10.82
CA ARG D 365 16.13 -51.87 11.65
C ARG D 365 15.79 -50.77 12.65
N ILE D 366 14.52 -50.64 12.99
CA ILE D 366 14.04 -49.60 13.89
C ILE D 366 13.21 -50.26 14.97
N THR D 367 13.60 -50.06 16.22
CA THR D 367 12.90 -50.67 17.34
C THR D 367 11.63 -49.88 17.66
N ASP D 368 10.83 -50.42 18.59
CA ASP D 368 9.62 -49.72 19.00
C ASP D 368 9.91 -48.63 20.02
N SER D 369 10.92 -48.85 20.88
CA SER D 369 11.29 -47.83 21.86
C SER D 369 11.87 -46.60 21.18
N ALA D 370 12.46 -46.77 19.98
CA ALA D 370 12.89 -45.62 19.19
C ALA D 370 11.70 -44.78 18.74
N LEU D 371 10.60 -45.44 18.36
CA LEU D 371 9.40 -44.71 17.95
C LEU D 371 8.76 -43.99 19.13
N VAL D 372 8.71 -44.65 20.29
CA VAL D 372 8.15 -44.02 21.48
C VAL D 372 9.02 -42.83 21.91
N ALA D 373 10.34 -42.97 21.84
CA ALA D 373 11.24 -41.89 22.19
C ALA D 373 11.14 -40.74 21.22
N ALA D 374 10.91 -41.02 19.93
CA ALA D 374 10.71 -39.96 18.95
C ALA D 374 9.46 -39.17 19.24
N ALA D 375 8.33 -39.87 19.46
CA ALA D 375 7.07 -39.19 19.72
C ALA D 375 7.04 -38.46 21.06
N THR D 376 7.90 -38.84 22.01
CA THR D 376 7.95 -38.10 23.27
C THR D 376 8.91 -36.91 23.22
N LEU D 377 10.14 -37.13 22.75
CA LEU D 377 11.13 -36.06 22.73
C LEU D 377 10.80 -35.00 21.70
N SER D 378 10.12 -35.37 20.61
CA SER D 378 9.70 -34.39 19.63
C SER D 378 8.61 -33.48 20.17
N ASP D 379 7.79 -34.00 21.09
CA ASP D 379 6.75 -33.18 21.71
C ASP D 379 7.31 -32.32 22.83
N ARG D 380 8.31 -32.83 23.56
CA ARG D 380 8.82 -32.10 24.71
C ARG D 380 9.67 -30.90 24.31
N TYR D 381 10.44 -31.00 23.23
CA TYR D 381 11.45 -29.99 22.93
C TYR D 381 11.17 -29.16 21.70
N ILE D 382 10.83 -29.77 20.57
CA ILE D 382 10.57 -29.01 19.36
C ILE D 382 9.15 -28.44 19.42
N THR D 383 9.05 -27.17 19.83
CA THR D 383 7.75 -26.55 20.12
C THR D 383 7.31 -25.57 19.05
N ALA D 384 7.98 -25.55 17.90
CA ALA D 384 7.59 -24.66 16.82
C ALA D 384 6.78 -25.35 15.73
N ARG D 385 6.72 -26.67 15.72
CA ARG D 385 6.08 -27.44 14.67
C ARG D 385 4.98 -28.30 15.27
N PHE D 386 4.41 -29.18 14.46
CA PHE D 386 3.22 -29.94 14.83
C PHE D 386 3.45 -31.42 14.57
N LEU D 387 2.67 -32.25 15.25
CA LEU D 387 3.18 -33.54 15.73
C LEU D 387 3.44 -34.61 14.65
N PRO D 388 2.49 -35.01 13.79
CA PRO D 388 2.66 -36.29 13.08
C PRO D 388 3.77 -36.32 12.04
N ASP D 389 4.33 -35.17 11.64
CA ASP D 389 5.52 -35.18 10.80
C ASP D 389 6.77 -34.74 11.53
N LYS D 390 6.60 -33.97 12.61
CA LYS D 390 7.71 -33.64 13.49
C LYS D 390 8.29 -34.89 14.15
N ALA D 391 7.46 -35.90 14.39
CA ALA D 391 7.98 -37.16 14.90
C ALA D 391 8.61 -38.01 13.81
N ILE D 392 8.13 -37.89 12.57
CA ILE D 392 8.64 -38.70 11.48
C ILE D 392 10.02 -38.20 11.02
N ASP D 393 10.25 -36.89 11.14
CA ASP D 393 11.51 -36.29 10.72
C ASP D 393 12.70 -36.83 11.52
N LEU D 394 12.51 -37.05 12.82
CA LEU D 394 13.60 -37.58 13.65
C LEU D 394 13.95 -39.01 13.27
N VAL D 395 12.94 -39.83 12.99
CA VAL D 395 13.17 -41.22 12.59
C VAL D 395 13.88 -41.27 11.26
N ASP D 396 13.48 -40.43 10.32
CA ASP D 396 14.11 -40.43 8.99
C ASP D 396 15.54 -39.92 9.05
N GLU D 397 15.80 -38.89 9.87
CA GLU D 397 17.15 -38.36 9.99
C GLU D 397 18.07 -39.36 10.68
N ALA D 398 17.59 -40.03 11.73
CA ALA D 398 18.41 -41.01 12.43
C ALA D 398 18.71 -42.22 11.56
N ALA D 399 17.72 -42.67 10.76
CA ALA D 399 17.97 -43.79 9.86
C ALA D 399 18.95 -43.41 8.76
N SER D 400 18.88 -42.18 8.25
CA SER D 400 19.82 -41.77 7.21
C SER D 400 21.23 -41.63 7.75
N ARG D 401 21.38 -41.13 8.99
CA ARG D 401 22.69 -41.07 9.63
C ARG D 401 23.28 -42.46 9.84
N LEU D 402 22.46 -43.41 10.28
CA LEU D 402 22.97 -44.76 10.50
C LEU D 402 23.33 -45.45 9.19
N ARG D 403 22.60 -45.15 8.11
CA ARG D 403 22.97 -45.72 6.82
C ARG D 403 24.26 -45.10 6.29
N MET D 404 24.47 -43.81 6.52
CA MET D 404 25.73 -43.21 6.10
C MET D 404 26.90 -43.66 6.95
N GLU D 405 26.64 -44.10 8.18
CA GLU D 405 27.72 -44.61 9.02
C GLU D 405 28.04 -46.07 8.74
N ILE D 406 27.04 -46.88 8.38
CA ILE D 406 27.29 -48.28 8.08
C ILE D 406 28.07 -48.41 6.78
N ASP D 407 27.66 -47.67 5.75
CA ASP D 407 28.48 -47.56 4.57
C ASP D 407 29.63 -46.58 4.82
N SER D 408 30.55 -46.52 3.86
CA SER D 408 31.69 -45.58 3.82
C SER D 408 32.64 -45.71 5.01
N ARG D 409 32.55 -46.81 5.77
CA ARG D 409 33.44 -47.03 6.92
C ARG D 409 33.82 -48.50 6.96
N PRO D 410 34.83 -48.91 6.17
CA PRO D 410 35.28 -50.30 6.20
C PRO D 410 36.13 -50.60 7.44
N LYS D 530 23.46 -53.48 17.16
CA LYS D 530 24.64 -52.74 16.72
C LYS D 530 24.41 -52.08 15.37
N GLU D 531 23.41 -52.60 14.63
CA GLU D 531 23.07 -52.10 13.32
C GLU D 531 21.59 -51.71 13.24
N GLU D 532 21.08 -51.10 14.30
CA GLU D 532 19.68 -50.72 14.33
C GLU D 532 19.53 -49.40 15.09
N VAL D 533 18.46 -48.68 14.76
CA VAL D 533 18.20 -47.39 15.37
C VAL D 533 17.55 -47.61 16.73
N GLY D 534 18.15 -47.06 17.78
CA GLY D 534 17.63 -47.17 19.11
C GLY D 534 17.25 -45.82 19.67
N PRO D 535 16.78 -45.78 20.92
CA PRO D 535 16.31 -44.51 21.49
C PRO D 535 17.41 -43.55 21.88
N ASP D 536 18.68 -43.92 21.74
CA ASP D 536 19.80 -43.03 22.02
C ASP D 536 20.28 -42.30 20.79
N ASP D 537 19.79 -42.67 19.61
CA ASP D 537 20.10 -41.93 18.39
C ASP D 537 19.09 -40.84 18.12
N ILE D 538 17.83 -41.05 18.49
CA ILE D 538 16.82 -40.00 18.40
C ILE D 538 17.15 -38.87 19.35
N ALA D 539 17.73 -39.19 20.51
CA ALA D 539 18.20 -38.16 21.42
C ALA D 539 19.36 -37.39 20.82
N ASP D 540 20.21 -38.06 20.05
CA ASP D 540 21.31 -37.38 19.39
C ASP D 540 20.81 -36.44 18.28
N VAL D 541 19.76 -36.85 17.58
CA VAL D 541 19.19 -35.98 16.55
C VAL D 541 18.51 -34.77 17.17
N VAL D 542 17.70 -34.99 18.22
CA VAL D 542 16.99 -33.88 18.84
C VAL D 542 17.90 -33.03 19.71
N SER D 543 19.13 -33.48 19.97
CA SER D 543 20.14 -32.64 20.59
C SER D 543 21.05 -31.96 19.58
N ALA D 544 21.09 -32.46 18.34
CA ALA D 544 21.93 -31.84 17.33
C ALA D 544 21.38 -30.48 16.92
N TRP D 545 20.09 -30.42 16.59
CA TRP D 545 19.43 -29.13 16.50
C TRP D 545 18.69 -28.84 17.79
N THR D 546 18.43 -27.55 18.01
CA THR D 546 17.89 -26.89 19.20
C THR D 546 18.84 -26.89 20.40
N GLY D 547 19.99 -27.57 20.31
CA GLY D 547 21.06 -27.45 21.28
C GLY D 547 20.79 -27.98 22.68
N ILE D 548 19.61 -28.52 22.94
CA ILE D 548 19.25 -28.98 24.28
C ILE D 548 19.93 -30.31 24.56
N PRO D 549 20.49 -30.55 25.76
CA PRO D 549 21.23 -31.78 26.01
C PRO D 549 20.39 -33.01 26.32
N ALA D 550 19.14 -33.04 25.85
CA ALA D 550 18.23 -34.18 25.96
C ALA D 550 18.88 -35.50 25.63
N GLY D 551 18.82 -36.42 26.59
CA GLY D 551 19.50 -37.70 26.46
C GLY D 551 19.42 -38.45 27.77
N ARG D 552 20.30 -39.44 27.93
CA ARG D 552 20.30 -40.24 29.15
C ARG D 552 21.71 -40.50 29.64
N LEU D 553 22.54 -39.46 29.66
CA LEU D 553 23.80 -39.38 30.41
C LEU D 553 24.81 -40.46 30.00
N LEU D 554 25.33 -40.28 28.79
CA LEU D 554 26.45 -41.10 28.33
C LEU D 554 27.66 -40.97 29.25
N GLU D 555 28.51 -41.99 29.24
CA GLU D 555 29.67 -42.05 30.10
C GLU D 555 30.69 -40.99 29.69
N GLY D 556 31.25 -40.31 30.68
CA GLY D 556 32.09 -39.15 30.47
C GLY D 556 31.38 -37.84 30.75
N GLU D 557 30.06 -37.83 30.63
CA GLU D 557 29.26 -36.69 31.04
C GLU D 557 28.95 -36.76 32.52
N THR D 558 28.61 -37.95 33.02
CA THR D 558 28.33 -38.10 34.44
C THR D 558 29.59 -37.98 35.29
N ALA D 559 30.74 -38.31 34.71
CA ALA D 559 32.00 -38.08 35.39
C ALA D 559 32.28 -36.59 35.56
N LYS D 560 31.84 -35.78 34.61
CA LYS D 560 31.93 -34.34 34.77
C LYS D 560 30.88 -33.83 35.75
N LEU D 561 29.69 -34.42 35.73
CA LEU D 561 28.59 -33.90 36.53
C LEU D 561 28.75 -34.21 38.01
N LEU D 562 29.34 -35.36 38.35
CA LEU D 562 29.57 -35.65 39.76
C LEU D 562 30.71 -34.81 40.32
N ARG D 563 31.67 -34.46 39.48
CA ARG D 563 32.80 -33.61 39.87
C ARG D 563 32.51 -32.16 39.48
N MET D 564 31.40 -31.64 39.98
CA MET D 564 30.91 -30.33 39.56
C MET D 564 31.27 -29.21 40.50
N GLU D 565 31.11 -29.40 41.81
CA GLU D 565 31.42 -28.35 42.77
C GLU D 565 32.91 -28.08 42.84
N ASP D 566 33.74 -29.08 42.51
CA ASP D 566 35.18 -28.86 42.48
C ASP D 566 35.60 -28.17 41.20
N GLU D 567 35.00 -28.55 40.07
CA GLU D 567 35.37 -27.96 38.79
C GLU D 567 34.82 -26.54 38.65
N LEU D 568 33.66 -26.27 39.25
CA LEU D 568 33.14 -24.92 39.29
C LEU D 568 33.84 -24.07 40.35
N GLY D 569 34.55 -24.70 41.28
CA GLY D 569 35.32 -24.02 42.29
C GLY D 569 36.67 -23.53 41.85
N LYS D 570 37.03 -23.75 40.58
CA LYS D 570 38.26 -23.20 40.03
C LYS D 570 38.18 -21.70 39.81
N ARG D 571 36.98 -21.12 39.81
CA ARG D 571 36.82 -19.69 39.57
C ARG D 571 36.06 -18.97 40.67
N VAL D 572 35.40 -19.67 41.58
CA VAL D 572 34.67 -19.05 42.67
C VAL D 572 35.24 -19.61 43.98
N ILE D 573 35.99 -18.78 44.69
CA ILE D 573 36.60 -19.18 45.95
C ILE D 573 35.58 -19.00 47.07
N GLY D 574 35.37 -20.04 47.85
CA GLY D 574 34.38 -19.99 48.89
C GLY D 574 32.98 -20.17 48.31
N GLN D 575 31.99 -19.64 49.04
CA GLN D 575 30.57 -19.70 48.70
C GLN D 575 30.09 -21.14 48.49
N LYS D 576 30.19 -21.93 49.55
CA LYS D 576 29.88 -23.35 49.45
C LYS D 576 28.39 -23.63 49.37
N ALA D 577 27.55 -22.72 49.87
CA ALA D 577 26.12 -22.95 49.82
C ALA D 577 25.55 -22.72 48.42
N ALA D 578 26.05 -21.72 47.70
CA ALA D 578 25.47 -21.40 46.40
C ALA D 578 25.89 -22.39 45.33
N VAL D 579 27.16 -22.83 45.37
CA VAL D 579 27.69 -23.73 44.36
C VAL D 579 26.99 -25.08 44.43
N THR D 580 26.74 -25.56 45.65
CA THR D 580 26.07 -26.85 45.81
C THR D 580 24.61 -26.78 45.40
N ALA D 581 23.94 -25.64 45.62
CA ALA D 581 22.55 -25.51 45.21
C ALA D 581 22.41 -25.44 43.69
N VAL D 582 23.28 -24.68 43.04
CA VAL D 582 23.28 -24.60 41.58
C VAL D 582 23.61 -25.96 40.96
N SER D 583 24.61 -26.65 41.52
CA SER D 583 24.98 -27.97 41.02
C SER D 583 23.89 -29.00 41.26
N ASP D 584 23.15 -28.87 42.37
CA ASP D 584 22.04 -29.78 42.62
C ASP D 584 20.91 -29.54 41.65
N ALA D 585 20.69 -28.28 41.25
CA ALA D 585 19.68 -28.00 40.23
C ALA D 585 20.05 -28.60 38.88
N VAL D 586 21.32 -28.47 38.48
CA VAL D 586 21.74 -29.01 37.19
C VAL D 586 21.71 -30.53 37.19
N ARG D 587 22.16 -31.16 38.27
CA ARG D 587 22.12 -32.62 38.37
C ARG D 587 20.70 -33.14 38.46
N ARG D 588 19.81 -32.43 39.15
CA ARG D 588 18.41 -32.81 39.22
C ARG D 588 17.73 -32.67 37.86
N SER D 589 18.16 -31.70 37.06
CA SER D 589 17.59 -31.54 35.73
C SER D 589 18.04 -32.65 34.79
N ARG D 590 19.34 -32.94 34.77
CA ARG D 590 19.84 -33.89 33.79
C ARG D 590 19.80 -35.33 34.30
N ALA D 591 19.36 -35.57 35.53
CA ALA D 591 19.15 -36.93 35.99
C ALA D 591 17.75 -37.43 35.70
N GLY D 592 16.82 -36.55 35.38
CA GLY D 592 15.48 -36.94 35.01
C GLY D 592 14.44 -36.90 36.11
N VAL D 593 14.68 -36.17 37.20
CA VAL D 593 13.72 -36.01 38.28
C VAL D 593 13.54 -34.51 38.53
N SER D 594 12.62 -33.90 37.81
CA SER D 594 12.32 -32.47 37.90
C SER D 594 11.02 -32.23 37.17
N ASP D 595 10.42 -31.09 37.45
CA ASP D 595 9.16 -30.73 36.83
C ASP D 595 9.39 -30.37 35.36
N PRO D 596 8.79 -31.09 34.41
CA PRO D 596 9.03 -30.78 33.00
C PRO D 596 8.36 -29.52 32.51
N ASN D 597 7.44 -28.92 33.27
CA ASN D 597 6.83 -27.65 32.88
C ASN D 597 6.99 -26.65 34.03
N ARG D 598 8.21 -26.10 34.12
CA ARG D 598 8.70 -25.13 35.09
C ARG D 598 10.14 -24.87 34.68
N PRO D 599 10.73 -23.72 34.98
CA PRO D 599 12.15 -23.52 34.66
C PRO D 599 13.05 -24.40 35.51
N THR D 600 14.27 -24.58 35.02
CA THR D 600 15.24 -25.47 35.64
C THR D 600 16.02 -24.81 36.77
N GLY D 601 15.54 -23.70 37.31
CA GLY D 601 16.20 -23.02 38.40
C GLY D 601 15.92 -21.53 38.38
N ALA D 602 15.58 -20.96 39.53
CA ALA D 602 15.12 -19.58 39.60
C ALA D 602 15.76 -18.86 40.79
N PHE D 603 17.09 -18.94 40.90
CA PHE D 603 17.76 -18.50 42.11
C PHE D 603 17.92 -17.00 42.17
N MET D 604 17.85 -16.47 43.39
CA MET D 604 18.27 -15.12 43.70
C MET D 604 19.33 -15.19 44.78
N PHE D 605 20.52 -14.69 44.50
CA PHE D 605 21.54 -14.58 45.53
C PHE D 605 22.01 -13.15 45.71
N LEU D 606 22.23 -12.80 46.97
CA LEU D 606 22.52 -11.43 47.36
C LEU D 606 23.43 -11.45 48.58
N GLY D 607 23.96 -10.28 48.92
CA GLY D 607 24.86 -10.16 50.04
C GLY D 607 25.64 -8.86 50.02
N PRO D 608 26.93 -8.93 50.37
CA PRO D 608 27.77 -7.73 50.34
C PRO D 608 28.27 -7.41 48.93
N THR D 609 29.14 -6.42 48.81
CA THR D 609 29.62 -5.95 47.52
C THR D 609 30.96 -6.60 47.19
N GLY D 610 31.12 -7.01 45.93
CA GLY D 610 32.39 -7.56 45.47
C GLY D 610 32.68 -8.95 45.97
N VAL D 611 31.67 -9.79 46.07
CA VAL D 611 31.82 -11.09 46.72
C VAL D 611 31.84 -12.25 45.71
N GLY D 612 31.25 -12.08 44.53
CA GLY D 612 31.29 -13.15 43.56
C GLY D 612 29.94 -13.63 43.05
N LYS D 613 28.94 -12.74 43.01
CA LYS D 613 27.63 -13.12 42.50
C LYS D 613 27.65 -13.23 40.98
N THR D 614 27.96 -12.11 40.32
CA THR D 614 28.03 -12.06 38.86
C THR D 614 29.14 -12.97 38.32
N GLU D 615 30.21 -13.13 39.08
CA GLU D 615 31.28 -14.02 38.65
C GLU D 615 30.87 -15.48 38.76
N LEU D 616 30.02 -15.84 39.73
CA LEU D 616 29.51 -17.21 39.81
C LEU D 616 28.56 -17.49 38.66
N ALA D 617 27.74 -16.49 38.29
CA ALA D 617 26.87 -16.65 37.12
C ALA D 617 27.69 -16.86 35.84
N LYS D 618 28.74 -16.07 35.66
CA LYS D 618 29.59 -16.22 34.49
C LYS D 618 30.37 -17.54 34.51
N ALA D 619 30.76 -18.01 35.70
CA ALA D 619 31.45 -19.28 35.80
C ALA D 619 30.53 -20.45 35.46
N LEU D 620 29.26 -20.36 35.86
CA LEU D 620 28.30 -21.40 35.51
C LEU D 620 28.05 -21.45 34.01
N ALA D 621 27.92 -20.27 33.38
CA ALA D 621 27.72 -20.21 31.93
C ALA D 621 28.93 -20.76 31.19
N ASP D 622 30.14 -20.42 31.64
CA ASP D 622 31.34 -20.95 31.00
C ASP D 622 31.51 -22.44 31.24
N PHE D 623 31.02 -22.95 32.38
CA PHE D 623 31.11 -24.37 32.66
C PHE D 623 30.23 -25.18 31.71
N LEU D 624 28.94 -24.85 31.65
CA LEU D 624 28.05 -25.72 30.89
C LEU D 624 27.74 -25.22 29.49
N PHE D 625 28.45 -24.20 28.99
CA PHE D 625 28.36 -23.85 27.58
C PHE D 625 29.68 -23.86 26.84
N ASP D 626 30.82 -23.84 27.56
CA ASP D 626 32.17 -23.61 27.01
C ASP D 626 32.23 -22.32 26.20
N ASP D 627 31.49 -21.30 26.63
CA ASP D 627 31.43 -20.03 25.92
C ASP D 627 30.98 -18.99 26.92
N GLU D 628 31.83 -17.99 27.18
CA GLU D 628 31.49 -16.95 28.15
C GLU D 628 30.40 -16.04 27.62
N ARG D 629 30.26 -15.93 26.30
CA ARG D 629 29.31 -15.02 25.67
C ARG D 629 28.09 -15.76 25.14
N ALA D 630 27.69 -16.84 25.80
CA ALA D 630 26.51 -17.60 25.40
C ALA D 630 25.33 -17.40 26.34
N MET D 631 25.42 -16.46 27.27
CA MET D 631 24.33 -16.18 28.19
C MET D 631 23.73 -14.82 27.89
N VAL D 632 22.51 -14.63 28.37
CA VAL D 632 21.71 -13.44 28.07
C VAL D 632 21.62 -12.64 29.35
N ARG D 633 22.41 -11.59 29.46
CA ARG D 633 22.33 -10.73 30.64
C ARG D 633 21.67 -9.41 30.28
N ILE D 634 20.79 -8.95 31.15
CA ILE D 634 20.24 -7.61 31.05
C ILE D 634 20.64 -6.87 32.31
N ASP D 635 20.84 -5.57 32.16
CA ASP D 635 21.33 -4.70 33.23
C ASP D 635 20.14 -3.89 33.73
N MET D 636 19.60 -4.30 34.87
CA MET D 636 18.37 -3.73 35.38
C MET D 636 18.53 -2.33 35.94
N SER D 637 19.73 -1.76 35.97
CA SER D 637 19.88 -0.37 36.36
C SER D 637 19.44 0.59 35.27
N GLU D 638 19.26 0.12 34.04
CA GLU D 638 18.76 0.94 32.96
C GLU D 638 17.25 1.07 32.93
N TYR D 639 16.56 0.36 33.82
CA TYR D 639 15.10 0.22 33.75
C TYR D 639 14.42 0.97 34.88
N GLY D 640 14.91 2.17 35.21
CA GLY D 640 14.31 2.96 36.26
C GLY D 640 12.99 3.59 35.90
N GLU D 641 12.64 3.62 34.61
CA GLU D 641 11.37 4.20 34.17
C GLU D 641 10.43 3.10 33.71
N LYS D 642 9.15 3.47 33.60
CA LYS D 642 8.09 2.49 33.43
C LYS D 642 8.02 1.94 32.01
N HIS D 643 8.27 2.76 31.00
CA HIS D 643 8.05 2.32 29.63
C HIS D 643 9.12 1.39 29.12
N THR D 644 10.30 1.35 29.75
CA THR D 644 11.39 0.52 29.26
C THR D 644 11.19 -0.97 29.51
N VAL D 645 10.04 -1.41 30.03
CA VAL D 645 9.67 -2.81 29.96
C VAL D 645 9.46 -3.23 28.51
N ALA D 646 9.04 -2.28 27.65
CA ALA D 646 8.76 -2.57 26.26
C ALA D 646 9.98 -2.99 25.45
N ARG D 647 11.19 -2.85 26.00
CA ARG D 647 12.36 -3.38 25.33
C ARG D 647 12.38 -4.91 25.36
N LEU D 648 11.84 -5.52 26.40
CA LEU D 648 11.87 -6.97 26.50
C LEU D 648 10.53 -7.63 26.19
N ILE D 649 9.54 -6.84 25.75
CA ILE D 649 8.24 -7.34 25.36
C ILE D 649 7.94 -7.04 23.89
N GLY D 650 8.14 -5.80 23.48
CA GLY D 650 7.85 -5.37 22.13
C GLY D 650 6.70 -4.39 22.10
N ALA D 651 6.40 -3.95 20.94
CA ALA D 651 5.30 -3.02 20.87
C ALA D 651 4.03 -3.72 20.39
N PRO D 652 2.85 -3.25 20.78
CA PRO D 652 1.61 -3.87 20.32
C PRO D 652 1.35 -3.56 18.86
N PRO D 653 0.32 -4.16 18.24
CA PRO D 653 0.01 -3.83 16.85
C PRO D 653 -0.40 -2.38 16.67
N GLY D 654 0.16 -1.77 15.62
CA GLY D 654 -0.15 -0.40 15.28
C GLY D 654 0.82 0.65 15.78
N TYR D 655 1.93 0.25 16.38
CA TYR D 655 2.89 1.18 16.93
C TYR D 655 4.21 1.05 16.18
N VAL D 656 5.24 1.74 16.67
CA VAL D 656 6.40 2.08 15.84
C VAL D 656 7.28 0.87 15.54
N GLY D 657 7.93 0.33 16.55
CA GLY D 657 8.69 -0.88 16.29
C GLY D 657 7.90 -2.10 16.67
N TYR D 658 7.16 -2.65 15.71
CA TYR D 658 6.23 -3.73 16.01
C TYR D 658 6.70 -5.06 15.46
N GLU D 659 7.24 -5.08 14.24
CA GLU D 659 7.76 -6.28 13.63
C GLU D 659 9.12 -6.68 14.17
N ALA D 660 9.78 -5.83 14.94
CA ALA D 660 11.08 -6.18 15.50
C ALA D 660 10.98 -7.12 16.69
N GLY D 661 9.82 -7.19 17.34
CA GLY D 661 9.68 -8.05 18.49
C GLY D 661 10.31 -7.47 19.73
N GLY D 662 10.57 -8.34 20.71
CA GLY D 662 11.22 -7.93 21.93
C GLY D 662 12.66 -8.39 21.97
N GLN D 663 13.45 -7.85 22.90
CA GLN D 663 14.84 -8.29 23.01
C GLN D 663 14.94 -9.66 23.65
N LEU D 664 14.28 -9.83 24.80
CA LEU D 664 14.39 -11.07 25.56
C LEU D 664 13.67 -12.21 24.88
N THR D 665 12.50 -11.93 24.29
CA THR D 665 11.73 -12.95 23.60
C THR D 665 12.48 -13.48 22.38
N GLU D 666 13.02 -12.60 21.55
CA GLU D 666 13.79 -13.03 20.40
C GLU D 666 15.15 -13.59 20.78
N ALA D 667 15.67 -13.27 21.96
CA ALA D 667 16.95 -13.81 22.37
C ALA D 667 16.82 -15.16 23.06
N VAL D 668 15.63 -15.54 23.51
CA VAL D 668 15.42 -16.86 24.09
C VAL D 668 14.82 -17.78 23.04
N ARG D 669 14.13 -17.20 22.04
CA ARG D 669 13.48 -18.01 21.02
C ARG D 669 14.49 -18.75 20.15
N ARG D 670 15.58 -18.09 19.78
CA ARG D 670 16.78 -18.80 19.34
C ARG D 670 17.68 -18.95 20.55
N ARG D 671 18.48 -20.04 20.56
CA ARG D 671 19.29 -20.49 21.68
C ARG D 671 18.40 -20.64 22.92
N PRO D 672 17.52 -21.66 22.99
CA PRO D 672 16.66 -21.78 24.16
C PRO D 672 17.27 -22.61 25.27
N TYR D 673 18.54 -22.39 25.58
CA TYR D 673 19.22 -23.14 26.62
C TYR D 673 20.11 -22.23 27.47
N THR D 674 20.17 -20.94 27.16
CA THR D 674 21.09 -20.01 27.79
C THR D 674 20.74 -19.78 29.26
N VAL D 675 21.65 -19.09 29.94
CA VAL D 675 21.44 -18.62 31.30
C VAL D 675 21.00 -17.18 31.20
N VAL D 676 19.90 -16.83 31.86
CA VAL D 676 19.38 -15.47 31.84
C VAL D 676 19.78 -14.81 33.14
N LEU D 677 20.44 -13.66 33.03
CA LEU D 677 20.97 -12.94 34.18
C LEU D 677 20.30 -11.59 34.27
N PHE D 678 19.79 -11.24 35.45
CA PHE D 678 19.14 -9.97 35.69
C PHE D 678 20.03 -9.22 36.68
N ASP D 679 21.00 -8.48 36.17
CA ASP D 679 22.02 -7.89 37.01
C ASP D 679 21.46 -6.73 37.82
N GLU D 680 21.66 -6.79 39.13
CA GLU D 680 21.27 -5.75 40.11
C GLU D 680 19.79 -5.41 40.05
N ILE D 681 18.90 -6.36 40.31
CA ILE D 681 17.47 -6.10 40.19
C ILE D 681 17.02 -5.57 41.56
N GLU D 682 17.35 -4.31 41.79
CA GLU D 682 16.71 -3.47 42.79
C GLU D 682 16.57 -2.05 42.29
N LYS D 683 17.29 -1.69 41.23
CA LYS D 683 17.25 -0.34 40.67
C LYS D 683 16.06 -0.14 39.74
N ALA D 684 15.49 -1.23 39.22
CA ALA D 684 14.24 -1.11 38.48
C ALA D 684 13.11 -0.79 39.45
N HIS D 685 12.16 0.01 38.99
CA HIS D 685 11.11 0.40 39.90
C HIS D 685 10.04 -0.69 39.86
N PRO D 686 9.26 -0.89 40.97
CA PRO D 686 8.52 -2.15 41.12
C PRO D 686 7.35 -2.38 40.17
N ASP D 687 7.61 -2.36 38.87
CA ASP D 687 6.66 -2.79 37.88
C ASP D 687 7.32 -3.59 36.78
N VAL D 688 8.64 -3.79 36.85
CA VAL D 688 9.32 -4.77 36.01
C VAL D 688 9.29 -6.14 36.67
N PHE D 689 8.90 -6.21 37.94
CA PHE D 689 8.85 -7.50 38.63
C PHE D 689 7.65 -8.32 38.18
N ASP D 690 6.59 -7.66 37.75
CA ASP D 690 5.33 -8.34 37.45
C ASP D 690 5.33 -9.07 36.11
N VAL D 691 6.35 -8.88 35.28
CA VAL D 691 6.52 -9.70 34.10
C VAL D 691 7.28 -10.97 34.43
N LEU D 692 8.28 -10.86 35.30
CA LEU D 692 8.93 -12.03 35.86
C LEU D 692 8.04 -12.78 36.83
N LEU D 693 6.91 -12.20 37.23
CA LEU D 693 5.93 -12.91 38.06
C LEU D 693 5.40 -14.15 37.36
N GLN D 694 5.34 -14.14 36.04
CA GLN D 694 4.93 -15.32 35.30
C GLN D 694 6.00 -15.82 34.32
N VAL D 695 7.14 -15.13 34.19
CA VAL D 695 8.29 -15.80 33.59
C VAL D 695 8.76 -16.94 34.49
N LEU D 696 8.98 -16.64 35.77
CA LEU D 696 9.13 -17.66 36.79
C LEU D 696 7.84 -18.43 36.97
N ASP D 697 7.97 -19.66 37.47
CA ASP D 697 6.89 -20.59 37.89
C ASP D 697 6.08 -21.17 36.73
N GLU D 698 6.25 -20.66 35.52
CA GLU D 698 5.60 -21.28 34.38
C GLU D 698 6.45 -21.38 33.12
N GLY D 699 7.44 -20.52 32.94
CA GLY D 699 8.18 -20.49 31.70
C GLY D 699 7.35 -20.03 30.51
N ARG D 700 6.61 -18.95 30.68
CA ARG D 700 5.84 -18.36 29.58
C ARG D 700 6.18 -16.89 29.47
N LEU D 701 6.22 -16.39 28.24
CA LEU D 701 6.33 -14.96 27.99
C LEU D 701 5.78 -14.69 26.60
N THR D 702 4.90 -13.70 26.50
CA THR D 702 4.24 -13.35 25.25
C THR D 702 4.75 -12.02 24.75
N ASP D 703 5.14 -11.97 23.48
CA ASP D 703 5.61 -10.72 22.89
C ASP D 703 4.44 -9.95 22.32
N GLY D 704 4.72 -8.91 21.52
CA GLY D 704 3.67 -8.10 20.95
C GLY D 704 2.93 -8.77 19.81
N HIS D 705 3.55 -9.76 19.16
CA HIS D 705 2.91 -10.48 18.07
C HIS D 705 1.88 -11.47 18.56
N GLY D 706 1.96 -11.91 19.81
CA GLY D 706 1.10 -12.95 20.30
C GLY D 706 1.70 -14.33 20.33
N ARG D 707 2.99 -14.47 19.99
CA ARG D 707 3.67 -15.75 20.15
C ARG D 707 4.01 -15.96 21.62
N THR D 708 4.46 -17.17 21.94
CA THR D 708 4.84 -17.49 23.31
C THR D 708 6.11 -18.32 23.30
N VAL D 709 7.17 -17.79 23.87
CA VAL D 709 8.39 -18.54 24.05
C VAL D 709 8.30 -19.30 25.36
N ASP D 710 9.18 -20.29 25.50
CA ASP D 710 9.20 -21.13 26.69
C ASP D 710 10.53 -21.00 27.39
N PHE D 711 10.50 -20.86 28.70
CA PHE D 711 11.68 -20.75 29.54
C PHE D 711 11.89 -22.01 30.37
N ARG D 712 11.36 -23.14 29.92
CA ARG D 712 11.30 -24.34 30.74
C ARG D 712 12.64 -25.05 30.88
N ASN D 713 13.65 -24.66 30.13
CA ASN D 713 14.96 -25.29 30.26
C ASN D 713 16.06 -24.25 30.17
N THR D 714 15.85 -23.11 30.81
CA THR D 714 16.88 -22.12 31.07
C THR D 714 17.11 -22.07 32.57
N ILE D 715 18.13 -21.33 32.97
CA ILE D 715 18.43 -21.10 34.38
C ILE D 715 18.36 -19.60 34.60
N LEU D 716 17.37 -19.16 35.35
CA LEU D 716 17.23 -17.75 35.67
C LEU D 716 17.97 -17.43 36.93
N ILE D 717 18.71 -16.32 36.91
CA ILE D 717 19.55 -15.90 38.01
C ILE D 717 19.41 -14.39 38.13
N LEU D 718 19.12 -13.90 39.32
CA LEU D 718 18.87 -12.47 39.52
C LEU D 718 19.51 -12.03 40.82
N THR D 719 20.50 -11.15 40.72
CA THR D 719 21.31 -10.70 41.84
C THR D 719 20.82 -9.35 42.35
N SER D 720 21.17 -9.03 43.58
CA SER D 720 20.72 -7.79 44.20
C SER D 720 21.71 -7.41 45.30
N ASN D 721 21.39 -6.32 45.99
CA ASN D 721 22.26 -5.81 47.05
C ASN D 721 21.48 -5.29 48.24
N LEU D 722 20.33 -5.89 48.52
CA LEU D 722 19.52 -5.46 49.66
C LEU D 722 20.19 -5.86 50.96
N GLY D 723 20.20 -4.96 51.94
CA GLY D 723 20.92 -5.25 53.15
C GLY D 723 22.36 -4.81 53.06
N SER D 724 23.21 -5.76 52.65
CA SER D 724 24.63 -5.55 52.31
C SER D 724 25.41 -5.02 53.51
N GLY D 725 25.52 -5.88 54.51
CA GLY D 725 26.31 -5.57 55.68
C GLY D 725 25.68 -6.09 56.96
N GLY D 726 24.37 -6.29 56.94
CA GLY D 726 23.67 -6.78 58.11
C GLY D 726 23.84 -8.28 58.29
N SER D 727 23.01 -8.83 59.17
CA SER D 727 23.00 -10.26 59.41
C SER D 727 22.13 -10.94 58.36
N ALA D 728 21.88 -12.24 58.53
CA ALA D 728 21.02 -12.96 57.60
C ALA D 728 19.55 -12.63 57.77
N GLU D 729 19.17 -11.99 58.88
CA GLU D 729 17.78 -11.59 59.09
C GLU D 729 17.53 -10.15 58.68
N GLN D 730 18.52 -9.27 58.81
CA GLN D 730 18.36 -7.89 58.34
C GLN D 730 18.26 -7.81 56.82
N VAL D 731 18.90 -8.73 56.10
CA VAL D 731 18.75 -8.75 54.65
C VAL D 731 17.44 -9.42 54.24
N LEU D 732 16.95 -10.36 55.05
CA LEU D 732 15.70 -11.02 54.75
C LEU D 732 14.51 -10.12 55.01
N ALA D 733 14.57 -9.29 56.04
CA ALA D 733 13.55 -8.27 56.27
C ALA D 733 13.54 -7.23 55.15
N ALA D 734 14.71 -6.88 54.61
CA ALA D 734 14.75 -5.94 53.49
C ALA D 734 14.21 -6.56 52.21
N VAL D 735 14.44 -7.85 52.01
CA VAL D 735 13.85 -8.55 50.88
C VAL D 735 12.33 -8.59 51.00
N ARG D 736 11.83 -8.93 52.20
CA ARG D 736 10.39 -8.96 52.42
C ARG D 736 9.75 -7.57 52.42
N ALA D 737 10.53 -6.52 52.61
CA ALA D 737 10.00 -5.17 52.55
C ALA D 737 10.13 -4.54 51.17
N THR D 738 10.97 -5.09 50.29
CA THR D 738 11.11 -4.54 48.96
C THR D 738 10.29 -5.28 47.91
N PHE D 739 10.15 -6.59 48.03
CA PHE D 739 9.35 -7.39 47.10
C PHE D 739 8.01 -7.73 47.74
N LYS D 740 7.20 -8.46 47.01
CA LYS D 740 5.86 -8.84 47.41
C LYS D 740 5.81 -10.33 47.72
N PRO D 741 4.84 -10.78 48.55
CA PRO D 741 4.79 -12.22 48.87
C PRO D 741 4.40 -13.10 47.70
N GLU D 742 3.81 -12.55 46.64
CA GLU D 742 3.59 -13.33 45.43
C GLU D 742 4.89 -13.63 44.72
N PHE D 743 5.87 -12.74 44.83
CA PHE D 743 7.13 -12.82 44.11
C PHE D 743 8.13 -13.74 44.79
N ILE D 744 8.24 -13.66 46.12
CA ILE D 744 9.17 -14.49 46.86
C ILE D 744 8.69 -15.94 46.86
N ASN D 745 7.39 -16.17 46.70
CA ASN D 745 6.87 -17.53 46.67
C ASN D 745 7.22 -18.25 45.38
N ARG D 746 7.49 -17.53 44.29
CA ARG D 746 7.77 -18.17 43.01
C ARG D 746 9.14 -18.82 43.02
N LEU D 747 10.16 -18.08 43.43
CA LEU D 747 11.52 -18.48 43.18
C LEU D 747 12.02 -19.47 44.23
N ASP D 748 13.14 -20.12 43.90
CA ASP D 748 13.77 -21.13 44.72
C ASP D 748 14.54 -20.51 45.88
N ASP D 749 15.46 -21.27 46.46
CA ASP D 749 16.14 -20.87 47.68
C ASP D 749 16.89 -19.54 47.51
N VAL D 750 16.62 -18.61 48.41
CA VAL D 750 17.24 -17.29 48.43
C VAL D 750 18.61 -17.45 49.08
N LEU D 751 19.67 -17.25 48.33
CA LEU D 751 21.01 -17.47 48.85
C LEU D 751 21.59 -16.15 49.36
N ILE D 752 22.17 -16.19 50.56
CA ILE D 752 22.88 -15.06 51.14
C ILE D 752 24.36 -15.35 51.01
N PHE D 753 25.08 -14.48 50.33
CA PHE D 753 26.52 -14.70 50.16
C PHE D 753 27.26 -14.27 51.41
N GLU D 754 28.37 -14.95 51.69
CA GLU D 754 29.14 -14.71 52.90
C GLU D 754 30.05 -13.52 52.72
N GLY D 755 30.96 -13.31 53.66
CA GLY D 755 32.01 -12.33 53.52
C GLY D 755 33.27 -13.00 52.99
N LEU D 756 34.19 -12.20 52.48
CA LEU D 756 35.44 -12.72 51.96
C LEU D 756 36.36 -13.04 53.13
N ASN D 757 36.80 -14.29 53.21
CA ASN D 757 37.67 -14.72 54.29
C ASN D 757 39.07 -14.15 54.08
N PRO D 758 39.66 -13.50 55.09
CA PRO D 758 40.96 -12.82 54.88
C PRO D 758 42.11 -13.78 54.62
N GLU D 759 41.97 -15.04 54.99
CA GLU D 759 42.97 -16.04 54.64
C GLU D 759 42.92 -16.38 53.15
N GLU D 760 41.77 -16.22 52.51
CA GLU D 760 41.53 -16.76 51.18
C GLU D 760 41.42 -15.69 50.10
N LEU D 761 42.24 -14.66 50.15
CA LEU D 761 42.33 -13.79 48.97
C LEU D 761 43.54 -14.10 48.12
N VAL D 762 44.50 -14.86 48.64
CA VAL D 762 45.68 -15.22 47.88
C VAL D 762 45.32 -16.12 46.70
N ARG D 763 44.26 -16.92 46.84
CA ARG D 763 43.82 -17.72 45.71
C ARG D 763 43.14 -16.86 44.64
N ILE D 764 42.45 -15.80 45.05
CA ILE D 764 41.88 -14.85 44.10
C ILE D 764 42.99 -14.13 43.34
N VAL D 765 44.07 -13.78 44.04
CA VAL D 765 45.21 -13.15 43.39
C VAL D 765 45.88 -14.13 42.43
N ASP D 766 45.91 -15.42 42.79
CA ASP D 766 46.43 -16.43 41.87
C ASP D 766 45.56 -16.56 40.62
N ILE D 767 44.24 -16.44 40.77
CA ILE D 767 43.34 -16.49 39.63
C ILE D 767 43.58 -15.31 38.69
N GLN D 768 43.70 -14.11 39.26
CA GLN D 768 43.93 -12.91 38.43
C GLN D 768 45.29 -12.95 37.76
N LEU D 769 46.32 -13.44 38.46
CA LEU D 769 47.63 -13.55 37.86
C LEU D 769 47.68 -14.62 36.78
N ALA D 770 46.90 -15.70 36.93
CA ALA D 770 46.85 -16.70 35.87
C ALA D 770 46.11 -16.18 34.65
N GLN D 771 45.08 -15.33 34.85
CA GLN D 771 44.41 -14.71 33.71
C GLN D 771 45.35 -13.77 32.97
N LEU D 772 46.11 -12.94 33.72
CA LEU D 772 47.09 -12.05 33.11
C LEU D 772 48.20 -12.83 32.41
N GLY D 773 48.59 -13.98 32.96
CA GLY D 773 49.58 -14.81 32.29
C GLY D 773 49.04 -15.48 31.04
N LYS D 774 47.75 -15.78 31.02
CA LYS D 774 47.13 -16.31 29.81
C LYS D 774 47.05 -15.26 28.72
N ARG D 775 46.85 -13.98 29.10
CA ARG D 775 46.93 -12.93 28.09
C ARG D 775 48.35 -12.77 27.56
N LEU D 776 49.36 -13.02 28.39
CA LEU D 776 50.76 -12.96 27.97
C LEU D 776 51.24 -14.33 27.47
N ALA D 777 50.49 -14.86 26.52
CA ALA D 777 50.83 -16.13 25.89
C ALA D 777 50.87 -16.06 24.38
N GLN D 778 50.46 -14.95 23.77
CA GLN D 778 50.72 -14.76 22.35
C GLN D 778 52.19 -14.50 22.10
N ARG D 779 52.87 -13.89 23.07
CA ARG D 779 54.31 -13.88 23.17
C ARG D 779 54.74 -15.10 23.96
N ARG D 780 55.97 -15.13 24.42
CA ARG D 780 56.39 -16.18 25.35
C ARG D 780 56.92 -15.57 26.65
N LEU D 781 56.29 -14.47 27.08
CA LEU D 781 56.62 -13.88 28.37
C LEU D 781 55.99 -14.69 29.50
N GLN D 782 56.70 -14.76 30.61
CA GLN D 782 56.21 -15.40 31.82
C GLN D 782 56.44 -14.46 33.00
N LEU D 783 55.77 -14.74 34.10
CA LEU D 783 55.95 -13.96 35.31
C LEU D 783 56.52 -14.83 36.43
N GLN D 784 57.29 -14.18 37.30
CA GLN D 784 57.97 -14.83 38.41
C GLN D 784 57.63 -14.10 39.70
N VAL D 785 56.32 -13.94 39.94
CA VAL D 785 55.83 -13.17 41.07
C VAL D 785 56.21 -13.86 42.39
N SER D 786 56.81 -13.10 43.29
CA SER D 786 57.28 -13.62 44.56
C SER D 786 56.13 -13.77 45.54
N LEU D 787 56.44 -14.35 46.69
CA LEU D 787 55.41 -14.54 47.73
C LEU D 787 55.01 -13.25 48.44
N PRO D 788 55.93 -12.41 48.96
CA PRO D 788 55.44 -11.18 49.61
C PRO D 788 54.93 -10.15 48.64
N ALA D 789 55.30 -10.22 47.37
CA ALA D 789 54.68 -9.35 46.38
C ALA D 789 53.22 -9.73 46.15
N LYS D 790 52.94 -11.02 46.10
CA LYS D 790 51.58 -11.51 46.03
C LYS D 790 50.80 -11.16 47.29
N ARG D 791 51.47 -11.21 48.45
CA ARG D 791 50.81 -10.84 49.69
C ARG D 791 50.48 -9.35 49.74
N TRP D 792 51.39 -8.51 49.22
CA TRP D 792 51.12 -7.09 49.17
C TRP D 792 50.04 -6.76 48.14
N LEU D 793 50.00 -7.49 47.04
CA LEU D 793 48.91 -7.34 46.08
C LEU D 793 47.57 -7.73 46.69
N ALA D 794 47.56 -8.76 47.54
CA ALA D 794 46.35 -9.11 48.27
C ALA D 794 46.02 -8.07 49.34
N GLN D 795 47.01 -7.33 49.80
CA GLN D 795 46.77 -6.31 50.83
C GLN D 795 46.23 -5.01 50.27
N ARG D 796 46.34 -4.78 48.97
CA ARG D 796 45.80 -3.58 48.34
C ARG D 796 44.59 -3.95 47.50
N GLY D 797 43.50 -3.22 47.68
CA GLY D 797 42.27 -3.55 46.98
C GLY D 797 41.55 -4.74 47.55
N PHE D 798 41.28 -4.71 48.87
CA PHE D 798 40.53 -5.77 49.51
C PHE D 798 39.59 -5.24 50.59
N ASP D 799 39.32 -3.94 50.60
CA ASP D 799 38.61 -3.26 51.68
C ASP D 799 37.19 -3.79 51.83
N PRO D 800 36.67 -3.92 53.06
CA PRO D 800 35.42 -4.66 53.26
C PRO D 800 34.18 -3.93 52.78
N VAL D 801 34.25 -2.63 52.54
CA VAL D 801 33.08 -1.93 52.03
C VAL D 801 32.87 -2.24 50.55
N TYR D 802 33.94 -2.52 49.79
CA TYR D 802 33.81 -2.78 48.37
C TYR D 802 34.31 -4.16 47.97
N GLY D 803 34.82 -4.95 48.90
CA GLY D 803 35.19 -6.33 48.60
C GLY D 803 36.40 -6.41 47.69
N ALA D 804 36.43 -7.46 46.86
CA ALA D 804 37.52 -7.69 45.93
C ALA D 804 37.34 -6.97 44.60
N ARG D 805 36.50 -5.92 44.57
CA ARG D 805 36.31 -5.21 43.30
C ARG D 805 37.51 -4.37 42.89
N PRO D 806 38.12 -3.50 43.76
CA PRO D 806 39.23 -2.68 43.21
C PRO D 806 40.58 -3.42 43.24
N LEU D 807 40.63 -4.58 42.59
CA LEU D 807 41.85 -5.36 42.54
C LEU D 807 42.39 -5.50 41.12
N ARG D 808 41.54 -5.92 40.18
CA ARG D 808 41.98 -6.25 38.82
C ARG D 808 42.57 -5.04 38.12
N ARG D 809 41.86 -3.90 38.21
CA ARG D 809 42.38 -2.64 37.70
C ARG D 809 43.70 -2.28 38.38
N LEU D 810 43.78 -2.51 39.70
CA LEU D 810 45.01 -2.33 40.46
C LEU D 810 46.16 -3.13 39.86
N VAL D 811 45.87 -4.40 39.51
CA VAL D 811 46.88 -5.29 38.94
C VAL D 811 47.44 -4.69 37.66
N GLN D 812 46.57 -4.13 36.81
CA GLN D 812 47.04 -3.53 35.58
C GLN D 812 47.90 -2.31 35.87
N GLN D 813 47.45 -1.47 36.80
CA GLN D 813 48.24 -0.28 37.07
C GLN D 813 49.43 -0.57 37.97
N ALA D 814 49.65 -1.82 38.36
CA ALA D 814 50.90 -2.19 38.98
C ALA D 814 51.79 -3.02 38.06
N ILE D 815 51.24 -3.55 36.97
CA ILE D 815 52.05 -4.40 36.11
C ILE D 815 51.96 -3.94 34.67
N GLY D 816 50.72 -3.85 34.15
CA GLY D 816 50.42 -3.68 32.75
C GLY D 816 51.10 -2.53 32.04
N ASP D 817 50.81 -1.29 32.47
CA ASP D 817 51.53 -0.14 31.96
C ASP D 817 53.01 -0.20 32.31
N GLN D 818 53.34 -0.76 33.48
CA GLN D 818 54.74 -0.94 33.84
C GLN D 818 55.42 -2.00 32.98
N LEU D 819 54.66 -2.83 32.29
CA LEU D 819 55.24 -3.63 31.22
C LEU D 819 55.12 -2.95 29.87
N ALA D 820 54.08 -2.12 29.69
CA ALA D 820 53.75 -1.60 28.37
C ALA D 820 54.79 -0.59 27.90
N LYS D 821 55.31 0.23 28.82
CA LYS D 821 56.41 1.11 28.48
C LYS D 821 57.74 0.40 28.44
N MET D 822 57.82 -0.83 28.94
CA MET D 822 59.07 -1.56 28.99
C MET D 822 59.15 -2.61 27.88
N LEU D 823 58.33 -2.46 26.85
CA LEU D 823 58.39 -3.37 25.72
C LEU D 823 58.54 -2.66 24.37
N LEU D 824 57.92 -1.50 24.19
CA LEU D 824 58.15 -0.75 22.96
C LEU D 824 59.49 -0.04 22.98
N ALA D 825 60.07 0.17 24.17
CA ALA D 825 61.40 0.75 24.32
C ALA D 825 62.47 -0.34 24.45
N GLY D 826 62.21 -1.51 23.88
CA GLY D 826 63.15 -2.61 23.95
C GLY D 826 63.23 -3.20 25.35
N GLN D 827 64.37 -3.83 25.62
CA GLN D 827 64.93 -4.18 26.95
C GLN D 827 64.13 -5.22 27.72
N VAL D 828 62.97 -5.64 27.21
CA VAL D 828 62.31 -6.89 27.56
C VAL D 828 61.82 -7.50 26.26
N HIS D 829 62.22 -8.73 25.99
CA HIS D 829 61.83 -9.40 24.76
C HIS D 829 61.03 -10.65 25.09
N ASP D 830 60.54 -11.31 24.04
CA ASP D 830 59.77 -12.53 24.22
C ASP D 830 60.68 -13.68 24.65
N GLY D 831 60.33 -14.32 25.76
CA GLY D 831 61.11 -15.40 26.33
C GLY D 831 61.63 -15.14 27.72
N ASP D 832 61.79 -13.88 28.10
CA ASP D 832 62.33 -13.55 29.42
C ASP D 832 61.22 -13.65 30.47
N THR D 833 61.39 -14.55 31.43
CA THR D 833 60.46 -14.68 32.54
C THR D 833 60.74 -13.54 33.52
N VAL D 834 59.88 -12.53 33.47
CA VAL D 834 60.15 -11.29 34.22
C VAL D 834 59.84 -11.50 35.69
N PRO D 835 60.73 -11.13 36.60
CA PRO D 835 60.41 -11.17 38.03
C PRO D 835 59.91 -9.84 38.57
N VAL D 836 59.13 -9.93 39.64
CA VAL D 836 58.68 -8.74 40.35
C VAL D 836 59.34 -8.74 41.73
N ASN D 837 59.22 -7.61 42.43
CA ASN D 837 59.92 -7.42 43.68
C ASN D 837 58.98 -6.85 44.73
N VAL D 838 59.54 -6.61 45.92
CA VAL D 838 58.76 -6.41 47.13
C VAL D 838 59.07 -5.07 47.79
N SER D 839 59.33 -4.04 46.97
CA SER D 839 59.69 -2.66 47.36
C SER D 839 58.76 -2.10 48.44
N PRO D 840 59.28 -1.27 49.36
CA PRO D 840 58.41 -0.70 50.42
C PRO D 840 57.33 0.22 49.86
N ASP D 841 57.61 0.93 48.78
CA ASP D 841 56.64 1.69 48.02
C ASP D 841 55.86 0.78 47.09
N ALA D 842 55.23 1.35 46.06
CA ALA D 842 54.54 0.59 45.04
C ALA D 842 55.45 -0.43 44.36
N ASP D 843 54.81 -1.43 43.74
CA ASP D 843 55.50 -2.65 43.31
C ASP D 843 56.52 -2.39 42.22
N SER D 844 57.77 -2.72 42.51
CA SER D 844 58.86 -2.61 41.55
C SER D 844 58.99 -3.92 40.79
N LEU D 845 59.63 -3.84 39.63
CA LEU D 845 59.82 -5.02 38.80
C LEU D 845 60.83 -5.97 39.43
N GLN E 159 16.62 -35.95 -23.48
CA GLN E 159 17.59 -36.04 -24.56
C GLN E 159 17.03 -35.37 -25.81
N ALA E 160 15.75 -35.01 -25.75
CA ALA E 160 15.04 -34.45 -26.90
C ALA E 160 14.95 -32.94 -26.83
N LEU E 161 15.01 -32.36 -25.63
CA LEU E 161 14.93 -30.92 -25.44
C LEU E 161 16.13 -30.42 -24.67
N GLN E 162 17.30 -31.02 -24.93
CA GLN E 162 18.51 -30.68 -24.18
C GLN E 162 19.14 -29.40 -24.70
N LYS E 163 18.36 -28.32 -24.75
CA LYS E 163 18.85 -27.04 -25.25
C LYS E 163 18.85 -25.95 -24.21
N TYR E 164 18.15 -26.13 -23.09
CA TYR E 164 18.13 -25.16 -22.02
C TYR E 164 18.74 -25.72 -20.74
N SER E 165 19.75 -26.58 -20.90
CA SER E 165 20.36 -27.26 -19.78
C SER E 165 21.62 -27.96 -20.26
N THR E 166 22.61 -28.04 -19.38
CA THR E 166 23.89 -28.66 -19.69
C THR E 166 24.02 -29.97 -18.94
N ASP E 167 25.13 -30.68 -19.20
CA ASP E 167 25.42 -31.94 -18.53
C ASP E 167 26.56 -31.71 -17.56
N LEU E 168 26.62 -32.54 -16.52
CA LEU E 168 27.70 -32.48 -15.55
C LEU E 168 28.49 -33.78 -15.45
N THR E 169 27.85 -34.93 -15.70
CA THR E 169 28.53 -36.21 -15.63
C THR E 169 29.15 -36.62 -16.96
N ALA E 170 28.64 -36.14 -18.09
CA ALA E 170 29.23 -36.48 -19.38
C ALA E 170 30.60 -35.81 -19.52
N ARG E 171 30.64 -34.48 -19.46
CA ARG E 171 31.90 -33.78 -19.50
C ARG E 171 32.82 -34.16 -18.35
N ALA E 172 32.32 -34.85 -17.34
CA ALA E 172 33.18 -35.40 -16.30
C ALA E 172 33.90 -36.66 -16.76
N ARG E 173 33.45 -37.28 -17.84
CA ARG E 173 34.22 -38.33 -18.48
C ARG E 173 35.42 -37.78 -19.25
N GLU E 174 35.47 -36.47 -19.45
CA GLU E 174 36.57 -35.81 -20.12
C GLU E 174 37.51 -35.10 -19.16
N GLY E 175 37.11 -34.90 -17.91
CA GLY E 175 37.91 -34.12 -17.01
C GLY E 175 37.92 -32.64 -17.28
N LYS E 176 36.88 -32.10 -17.92
CA LYS E 176 36.80 -30.67 -18.18
C LYS E 176 36.58 -29.86 -16.90
N LEU E 177 36.63 -30.48 -15.74
CA LEU E 177 36.34 -29.84 -14.47
C LEU E 177 37.56 -29.87 -13.57
N ASP E 178 37.56 -29.02 -12.60
CA ASP E 178 38.70 -28.98 -11.70
C ASP E 178 38.52 -29.96 -10.55
N PRO E 179 39.58 -30.68 -10.16
CA PRO E 179 39.54 -31.41 -8.89
C PRO E 179 39.24 -30.45 -7.75
N VAL E 180 38.54 -30.95 -6.74
CA VAL E 180 37.77 -30.10 -5.85
C VAL E 180 38.29 -30.21 -4.42
N ILE E 181 39.61 -30.37 -4.27
CA ILE E 181 40.21 -30.53 -2.95
C ILE E 181 39.66 -29.48 -1.99
N GLY E 182 39.49 -29.86 -0.74
CA GLY E 182 38.78 -29.05 0.23
C GLY E 182 37.29 -29.32 0.18
N ARG E 183 36.60 -28.87 1.23
CA ARG E 183 35.15 -28.99 1.33
C ARG E 183 34.70 -30.43 1.12
N ASP E 184 35.21 -31.33 1.95
CA ASP E 184 34.85 -32.74 1.89
C ASP E 184 33.67 -33.08 2.79
N ASN E 185 33.25 -32.15 3.64
CA ASN E 185 32.16 -32.41 4.56
C ASN E 185 30.81 -32.10 3.93
N GLU E 186 30.74 -31.04 3.13
CA GLU E 186 29.48 -30.68 2.50
C GLU E 186 29.02 -31.76 1.54
N ILE E 187 29.95 -32.46 0.88
CA ILE E 187 29.54 -33.53 -0.02
C ILE E 187 28.89 -34.67 0.73
N ARG E 188 29.45 -35.02 1.89
CA ARG E 188 28.81 -36.03 2.72
C ARG E 188 27.43 -35.57 3.18
N ARG E 189 27.32 -34.29 3.56
CA ARG E 189 26.01 -33.77 3.97
C ARG E 189 24.99 -33.88 2.85
N VAL E 190 25.38 -33.49 1.63
CA VAL E 190 24.44 -33.51 0.52
C VAL E 190 24.04 -34.95 0.19
N VAL E 191 25.02 -35.85 0.11
CA VAL E 191 24.69 -37.22 -0.23
C VAL E 191 23.87 -37.88 0.87
N GLN E 192 23.98 -37.39 2.11
CA GLN E 192 23.15 -37.95 3.16
C GLN E 192 21.72 -37.42 3.09
N VAL E 193 21.55 -36.14 2.76
CA VAL E 193 20.20 -35.60 2.65
C VAL E 193 19.50 -36.15 1.41
N LEU E 194 20.26 -36.48 0.38
CA LEU E 194 19.71 -36.98 -0.87
C LEU E 194 19.26 -38.40 -0.79
N SER E 195 19.34 -39.09 0.35
CA SER E 195 18.99 -40.49 0.41
C SER E 195 17.89 -40.76 1.44
N ARG E 196 17.09 -39.75 1.75
CA ARG E 196 15.99 -39.92 2.70
C ARG E 196 14.74 -40.40 1.95
N ARG E 197 13.60 -40.35 2.63
CA ARG E 197 12.33 -40.63 1.99
C ARG E 197 11.46 -39.39 1.81
N THR E 198 11.63 -38.40 2.68
CA THR E 198 10.93 -37.13 2.58
C THR E 198 11.90 -36.01 2.91
N LYS E 199 11.57 -34.81 2.43
CA LYS E 199 12.38 -33.62 2.66
C LYS E 199 13.81 -33.82 2.18
N ASN E 200 13.97 -34.61 1.13
CA ASN E 200 15.24 -34.81 0.45
C ASN E 200 15.46 -33.62 -0.50
N ASN E 201 16.35 -33.78 -1.48
CA ASN E 201 16.73 -32.80 -2.50
C ASN E 201 17.10 -31.46 -1.88
N PRO E 202 18.31 -31.35 -1.35
CA PRO E 202 18.69 -30.15 -0.60
C PRO E 202 18.95 -28.94 -1.47
N VAL E 203 19.44 -27.86 -0.85
CA VAL E 203 19.74 -26.62 -1.53
C VAL E 203 20.93 -25.98 -0.81
N LEU E 204 21.94 -25.56 -1.57
CA LEU E 204 23.13 -24.97 -0.98
C LEU E 204 22.93 -23.48 -0.75
N ILE E 205 23.29 -23.02 0.44
CA ILE E 205 23.02 -21.65 0.87
C ILE E 205 24.33 -20.99 1.28
N GLY E 206 24.68 -19.90 0.62
CA GLY E 206 25.89 -19.19 0.96
C GLY E 206 26.09 -17.98 0.08
N GLU E 207 27.13 -17.22 0.41
CA GLU E 207 27.49 -16.03 -0.33
C GLU E 207 27.88 -16.40 -1.77
N PRO E 208 27.93 -15.43 -2.68
CA PRO E 208 28.32 -15.73 -4.05
C PRO E 208 29.83 -15.82 -4.20
N GLY E 209 30.29 -16.87 -4.86
CA GLY E 209 31.71 -17.06 -5.11
C GLY E 209 32.41 -17.83 -4.02
N VAL E 210 31.68 -18.71 -3.34
CA VAL E 210 32.24 -19.50 -2.26
C VAL E 210 32.47 -20.95 -2.64
N GLY E 211 31.78 -21.47 -3.66
CA GLY E 211 32.08 -22.81 -4.12
C GLY E 211 30.90 -23.76 -4.13
N LYS E 212 29.69 -23.24 -4.25
CA LYS E 212 28.51 -24.10 -4.33
C LYS E 212 28.56 -24.96 -5.58
N THR E 213 28.68 -24.33 -6.73
CA THR E 213 28.86 -25.07 -7.98
C THR E 213 30.07 -25.98 -7.88
N ALA E 214 31.14 -25.52 -7.23
CA ALA E 214 32.31 -26.37 -7.06
C ALA E 214 31.96 -27.65 -6.33
N ILE E 215 31.12 -27.56 -5.31
CA ILE E 215 30.72 -28.73 -4.54
C ILE E 215 29.91 -29.69 -5.40
N VAL E 216 28.96 -29.16 -6.17
CA VAL E 216 28.14 -30.07 -6.97
C VAL E 216 28.99 -30.73 -8.04
N GLU E 217 29.98 -30.01 -8.57
CA GLU E 217 30.88 -30.62 -9.56
C GLU E 217 31.73 -31.72 -8.92
N GLY E 218 32.22 -31.48 -7.72
CA GLY E 218 32.94 -32.53 -7.02
C GLY E 218 32.06 -33.73 -6.74
N LEU E 219 30.78 -33.50 -6.47
CA LEU E 219 29.85 -34.62 -6.29
C LEU E 219 29.73 -35.42 -7.58
N ALA E 220 29.55 -34.74 -8.70
CA ALA E 220 29.50 -35.43 -9.98
C ALA E 220 30.76 -36.24 -10.22
N GLN E 221 31.92 -35.69 -9.83
CA GLN E 221 33.18 -36.39 -10.08
C GLN E 221 33.31 -37.61 -9.18
N ARG E 222 32.87 -37.50 -7.93
CA ARG E 222 32.83 -38.69 -7.07
C ARG E 222 31.85 -39.71 -7.61
N ILE E 223 30.80 -39.28 -8.29
CA ILE E 223 29.90 -40.23 -8.93
C ILE E 223 30.61 -41.00 -10.02
N VAL E 224 31.22 -40.28 -10.98
CA VAL E 224 31.83 -40.97 -12.12
C VAL E 224 32.98 -41.84 -11.66
N ALA E 225 33.66 -41.44 -10.59
CA ALA E 225 34.70 -42.30 -10.03
C ALA E 225 34.10 -43.53 -9.37
N GLY E 226 33.10 -43.33 -8.51
CA GLY E 226 32.44 -44.36 -7.76
C GLY E 226 32.95 -44.40 -6.34
N ASP E 227 32.24 -43.68 -5.46
CA ASP E 227 32.50 -43.70 -4.03
C ASP E 227 31.24 -43.66 -3.19
N VAL E 228 30.09 -43.36 -3.79
CA VAL E 228 28.84 -43.12 -3.08
C VAL E 228 28.11 -44.46 -2.91
N PRO E 229 27.07 -44.52 -2.07
CA PRO E 229 26.28 -45.75 -1.99
C PRO E 229 25.56 -46.03 -3.31
N GLU E 230 25.23 -47.29 -3.50
CA GLU E 230 24.57 -47.71 -4.73
C GLU E 230 23.18 -47.12 -4.88
N SER E 231 22.61 -46.57 -3.81
CA SER E 231 21.35 -45.85 -3.93
C SER E 231 21.51 -44.65 -4.85
N LEU E 232 22.66 -44.01 -4.80
CA LEU E 232 22.95 -42.86 -5.64
C LEU E 232 23.81 -43.20 -6.84
N ARG E 233 24.45 -44.37 -6.83
CA ARG E 233 25.25 -44.80 -7.97
C ARG E 233 24.41 -44.81 -9.24
N ASP E 234 25.07 -44.60 -10.39
CA ASP E 234 24.44 -44.71 -11.70
C ASP E 234 23.37 -43.66 -11.91
N LYS E 235 23.74 -42.40 -11.71
CA LYS E 235 22.84 -41.27 -11.95
C LYS E 235 23.61 -40.13 -12.59
N THR E 236 22.92 -39.36 -13.41
CA THR E 236 23.51 -38.18 -14.03
C THR E 236 23.06 -36.92 -13.30
N ILE E 237 23.75 -35.82 -13.57
CA ILE E 237 23.36 -34.52 -13.05
C ILE E 237 23.28 -33.55 -14.21
N VAL E 238 22.29 -32.66 -14.14
CA VAL E 238 22.06 -31.66 -15.17
C VAL E 238 21.84 -30.32 -14.49
N ALA E 239 22.44 -29.27 -15.04
CA ALA E 239 22.26 -27.93 -14.53
C ALA E 239 21.12 -27.25 -15.27
N LEU E 240 20.68 -26.11 -14.75
CA LEU E 240 19.64 -25.31 -15.37
C LEU E 240 20.08 -23.86 -15.41
N ASP E 241 20.07 -23.27 -16.59
CA ASP E 241 20.30 -21.84 -16.74
C ASP E 241 18.97 -21.11 -16.82
N LEU E 242 18.66 -20.32 -15.79
CA LEU E 242 17.41 -19.58 -15.78
C LEU E 242 17.42 -18.41 -16.75
N GLY E 243 18.58 -17.78 -16.91
CA GLY E 243 18.71 -16.65 -17.81
C GLY E 243 18.46 -16.97 -19.27
N SER E 244 18.35 -18.26 -19.61
CA SER E 244 18.13 -18.65 -21.00
C SER E 244 16.68 -18.56 -21.42
N MET E 245 15.75 -18.36 -20.48
CA MET E 245 14.33 -18.24 -20.77
C MET E 245 13.88 -16.78 -20.88
N VAL E 246 14.08 -15.99 -19.83
CA VAL E 246 13.60 -14.61 -19.79
C VAL E 246 14.69 -13.63 -20.25
N ARG E 252 5.91 -10.41 -21.49
CA ARG E 252 6.09 -11.29 -20.35
C ARG E 252 5.33 -12.61 -20.54
N GLY E 253 5.92 -13.70 -20.11
CA GLY E 253 5.35 -15.02 -20.28
C GLY E 253 6.23 -15.93 -21.12
N GLU E 254 5.72 -17.14 -21.34
CA GLU E 254 6.34 -18.20 -22.14
C GLU E 254 7.54 -18.83 -21.42
N PHE E 255 7.97 -18.18 -20.34
CA PHE E 255 8.87 -18.81 -19.39
C PHE E 255 8.26 -20.07 -18.84
N GLU E 256 6.98 -20.00 -18.46
CA GLU E 256 6.29 -21.17 -17.94
C GLU E 256 6.03 -22.19 -19.04
N GLU E 257 5.86 -21.75 -20.29
CA GLU E 257 5.70 -22.70 -21.39
C GLU E 257 6.96 -23.55 -21.57
N ARG E 258 8.12 -22.89 -21.65
CA ARG E 258 9.36 -23.65 -21.76
C ARG E 258 9.62 -24.48 -20.50
N LEU E 259 9.25 -23.95 -19.33
CA LEU E 259 9.47 -24.69 -18.09
C LEU E 259 8.64 -25.97 -18.06
N LYS E 260 7.40 -25.90 -18.53
CA LYS E 260 6.56 -27.10 -18.57
C LYS E 260 7.06 -28.07 -19.63
N ALA E 261 7.53 -27.56 -20.77
CA ALA E 261 8.14 -28.44 -21.76
C ALA E 261 9.35 -29.16 -21.17
N VAL E 262 10.09 -28.48 -20.30
CA VAL E 262 11.24 -29.11 -19.64
C VAL E 262 10.79 -30.16 -18.65
N LEU E 263 9.83 -29.80 -17.79
CA LEU E 263 9.34 -30.71 -16.77
C LEU E 263 8.78 -31.99 -17.39
N ASP E 264 8.15 -31.88 -18.55
CA ASP E 264 7.66 -33.08 -19.23
C ASP E 264 8.80 -34.02 -19.56
N ASP E 265 9.90 -33.50 -20.11
CA ASP E 265 11.06 -34.33 -20.40
C ASP E 265 11.63 -34.93 -19.14
N ILE E 266 11.72 -34.14 -18.07
CA ILE E 266 12.27 -34.65 -16.81
C ILE E 266 11.43 -35.80 -16.29
N LYS E 267 10.10 -35.67 -16.41
CA LYS E 267 9.23 -36.75 -15.95
C LYS E 267 9.35 -37.97 -16.86
N ASN E 268 9.49 -37.75 -18.15
CA ASN E 268 9.67 -38.86 -19.09
C ASN E 268 10.99 -39.58 -18.88
N SER E 269 11.96 -38.91 -18.22
CA SER E 269 13.18 -39.59 -17.83
C SER E 269 12.89 -40.87 -17.05
N ALA E 270 11.80 -40.89 -16.29
CA ALA E 270 11.30 -42.10 -15.64
C ALA E 270 12.38 -42.75 -14.77
N GLY E 271 13.08 -41.94 -14.01
CA GLY E 271 14.11 -42.43 -13.10
C GLY E 271 14.37 -41.42 -12.02
N GLN E 272 15.65 -41.29 -11.64
CA GLN E 272 16.07 -40.35 -10.61
C GLN E 272 17.17 -39.45 -11.16
N ILE E 273 16.95 -38.91 -12.36
CA ILE E 273 17.96 -38.10 -13.03
C ILE E 273 18.00 -36.72 -12.39
N ILE E 274 18.95 -36.55 -11.48
CA ILE E 274 18.98 -35.36 -10.64
C ILE E 274 19.30 -34.12 -11.46
N THR E 275 18.57 -33.05 -11.17
CA THR E 275 18.80 -31.76 -11.80
C THR E 275 19.66 -30.90 -10.90
N PHE E 276 19.86 -29.66 -11.32
CA PHE E 276 20.57 -28.67 -10.51
C PHE E 276 20.16 -27.30 -11.00
N ILE E 277 19.72 -26.44 -10.09
CA ILE E 277 19.19 -25.14 -10.45
C ILE E 277 19.94 -24.07 -9.67
N ASP E 278 20.62 -23.19 -10.41
CA ASP E 278 21.40 -22.13 -9.81
C ASP E 278 20.51 -20.89 -9.72
N GLU E 279 20.50 -20.25 -8.55
CA GLU E 279 19.64 -19.10 -8.28
C GLU E 279 18.17 -19.43 -8.56
N LEU E 280 17.67 -20.42 -7.83
CA LEU E 280 16.28 -20.82 -8.01
C LEU E 280 15.30 -19.76 -7.56
N HIS E 281 15.72 -18.80 -6.73
CA HIS E 281 14.76 -17.82 -6.23
C HIS E 281 14.24 -16.90 -7.33
N THR E 282 14.66 -17.11 -8.58
CA THR E 282 14.02 -16.49 -9.73
C THR E 282 12.77 -17.24 -10.15
N ILE E 283 12.70 -18.54 -9.86
CA ILE E 283 11.47 -19.29 -10.07
C ILE E 283 10.49 -19.04 -8.93
N VAL E 284 10.99 -19.07 -7.70
CA VAL E 284 10.17 -18.80 -6.53
C VAL E 284 10.88 -17.80 -5.61
N GLY E 297 6.82 -21.55 -8.90
CA GLY E 297 6.11 -21.53 -7.64
C GLY E 297 5.13 -22.67 -7.51
N ASN E 298 3.83 -22.34 -7.51
CA ASN E 298 2.78 -23.35 -7.43
C ASN E 298 2.69 -24.22 -8.67
N MET E 299 3.60 -24.05 -9.63
CA MET E 299 3.53 -24.82 -10.87
C MET E 299 4.27 -26.14 -10.75
N ILE E 300 5.25 -26.23 -9.86
CA ILE E 300 6.11 -27.40 -9.78
C ILE E 300 5.91 -28.20 -8.50
N LYS E 301 5.18 -27.68 -7.51
CA LYS E 301 4.99 -28.42 -6.27
C LYS E 301 4.33 -29.78 -6.50
N PRO E 302 3.31 -29.91 -7.36
CA PRO E 302 2.82 -31.26 -7.66
C PRO E 302 3.87 -32.14 -8.30
N MET E 303 4.77 -31.55 -9.09
CA MET E 303 5.88 -32.33 -9.62
C MET E 303 6.79 -32.80 -8.50
N LEU E 304 6.92 -32.00 -7.44
CA LEU E 304 7.84 -32.35 -6.37
C LEU E 304 7.26 -33.45 -5.48
N ALA E 305 6.03 -33.26 -5.01
CA ALA E 305 5.46 -34.19 -4.04
C ALA E 305 4.87 -35.41 -4.72
N ARG E 306 5.63 -36.02 -5.62
CA ARG E 306 5.24 -37.30 -6.19
C ARG E 306 6.38 -38.29 -6.31
N GLY E 307 7.63 -37.84 -6.34
CA GLY E 307 8.75 -38.75 -6.39
C GLY E 307 9.27 -39.05 -7.77
N GLU E 308 9.55 -38.02 -8.56
CA GLU E 308 10.16 -38.23 -9.87
C GLU E 308 11.39 -37.38 -10.11
N LEU E 309 11.44 -36.15 -9.59
CA LEU E 309 12.59 -35.28 -9.80
C LEU E 309 13.34 -35.10 -8.50
N ARG E 310 14.59 -34.69 -8.60
CA ARG E 310 15.42 -34.34 -7.45
C ARG E 310 16.24 -33.12 -7.82
N LEU E 311 15.95 -31.99 -7.19
CA LEU E 311 16.61 -30.74 -7.52
C LEU E 311 17.66 -30.40 -6.48
N VAL E 312 18.75 -29.79 -6.93
CA VAL E 312 19.76 -29.21 -6.06
C VAL E 312 19.87 -27.74 -6.43
N GLY E 313 19.88 -26.87 -5.43
CA GLY E 313 19.76 -25.45 -5.65
C GLY E 313 20.96 -24.64 -5.19
N ALA E 314 20.78 -23.32 -5.20
CA ALA E 314 21.82 -22.39 -4.77
C ALA E 314 21.21 -21.01 -4.62
N THR E 315 21.55 -20.31 -3.56
CA THR E 315 21.14 -18.93 -3.34
C THR E 315 21.97 -18.35 -2.21
N THR E 316 21.59 -17.17 -1.73
CA THR E 316 22.17 -16.60 -0.53
C THR E 316 21.13 -16.55 0.57
N LEU E 317 21.60 -16.22 1.78
CA LEU E 317 20.73 -16.31 2.96
C LEU E 317 19.57 -15.33 2.88
N ASP E 318 19.86 -14.05 2.65
CA ASP E 318 18.80 -13.05 2.62
C ASP E 318 17.82 -13.27 1.46
N GLU E 319 18.31 -13.67 0.29
CA GLU E 319 17.43 -14.10 -0.79
C GLU E 319 16.51 -15.24 -0.36
N TYR E 320 17.07 -16.29 0.22
CA TYR E 320 16.26 -17.40 0.70
C TYR E 320 15.22 -16.92 1.69
N ARG E 321 15.59 -15.99 2.58
CA ARG E 321 14.63 -15.43 3.52
C ARG E 321 13.54 -14.62 2.82
N LYS E 322 13.78 -14.21 1.59
CA LYS E 322 12.82 -13.37 0.88
C LYS E 322 11.92 -14.20 -0.03
N HIS E 323 12.51 -14.91 -0.98
CA HIS E 323 11.74 -15.65 -1.96
C HIS E 323 11.34 -17.04 -1.50
N ILE E 324 11.93 -17.55 -0.42
CA ILE E 324 11.67 -18.90 0.05
C ILE E 324 11.15 -18.90 1.48
N GLU E 325 10.74 -17.74 1.99
CA GLU E 325 10.21 -17.74 3.35
C GLU E 325 8.87 -17.05 3.49
N LYS E 326 8.63 -15.96 2.75
CA LYS E 326 7.37 -15.26 2.90
C LYS E 326 6.24 -15.98 2.18
N ASP E 327 6.37 -16.17 0.87
CA ASP E 327 5.33 -16.83 0.09
C ASP E 327 5.66 -18.28 -0.22
N ALA E 328 6.60 -18.89 0.51
CA ALA E 328 7.11 -20.19 0.12
C ALA E 328 6.07 -21.31 0.19
N ALA E 329 5.67 -21.68 1.40
CA ALA E 329 4.86 -22.87 1.68
C ALA E 329 5.47 -24.16 1.13
N LEU E 330 6.69 -24.08 0.58
CA LEU E 330 7.41 -25.24 0.06
C LEU E 330 8.65 -25.54 0.88
N GLU E 331 8.98 -24.68 1.84
CA GLU E 331 10.07 -24.91 2.77
C GLU E 331 10.01 -26.29 3.42
N ARG E 332 8.88 -26.98 3.32
CA ARG E 332 8.77 -28.31 3.89
C ARG E 332 9.32 -29.40 2.98
N ARG E 333 9.96 -29.04 1.86
CA ARG E 333 10.59 -30.05 1.03
C ARG E 333 11.97 -29.62 0.54
N PHE E 334 12.55 -28.59 1.15
CA PHE E 334 13.90 -28.13 0.84
C PHE E 334 14.73 -28.16 2.11
N GLN E 335 15.90 -28.77 2.03
CA GLN E 335 16.81 -28.85 3.15
C GLN E 335 17.96 -27.89 2.94
N GLN E 336 18.25 -27.07 3.95
CA GLN E 336 19.30 -26.07 3.87
C GLN E 336 20.65 -26.69 4.16
N VAL E 337 21.62 -26.40 3.30
CA VAL E 337 23.00 -26.83 3.47
C VAL E 337 23.87 -25.59 3.38
N TYR E 338 24.77 -25.42 4.33
CA TYR E 338 25.50 -24.16 4.49
C TYR E 338 26.92 -24.28 3.96
N VAL E 339 27.36 -23.25 3.26
CA VAL E 339 28.73 -23.16 2.75
C VAL E 339 29.22 -21.76 3.13
N GLY E 340 29.90 -21.65 4.27
CA GLY E 340 30.13 -20.32 4.81
C GLY E 340 31.12 -19.49 4.04
N GLU E 341 32.42 -19.77 4.18
CA GLU E 341 33.49 -19.23 3.34
C GLU E 341 34.81 -19.83 3.82
N PRO E 342 35.78 -20.03 2.95
CA PRO E 342 37.03 -20.65 3.38
C PRO E 342 37.84 -19.70 4.25
N SER E 343 38.83 -20.28 4.94
CA SER E 343 39.78 -19.50 5.71
C SER E 343 40.97 -19.13 4.83
N VAL E 344 41.84 -18.28 5.36
CA VAL E 344 43.03 -17.88 4.61
C VAL E 344 43.93 -19.08 4.37
N GLU E 345 44.29 -19.80 5.43
CA GLU E 345 45.16 -20.95 5.31
C GLU E 345 44.56 -22.08 4.49
N ASP E 346 43.25 -22.06 4.28
CA ASP E 346 42.61 -23.07 3.45
C ASP E 346 42.54 -22.67 1.99
N THR E 347 42.17 -21.42 1.71
CA THR E 347 42.21 -20.93 0.35
C THR E 347 43.63 -20.92 -0.18
N ILE E 348 44.63 -20.87 0.71
CA ILE E 348 46.01 -20.98 0.26
C ILE E 348 46.28 -22.35 -0.33
N GLY E 349 45.80 -23.41 0.34
CA GLY E 349 45.91 -24.73 -0.23
C GLY E 349 45.11 -24.88 -1.51
N ILE E 350 43.93 -24.27 -1.54
CA ILE E 350 43.12 -24.29 -2.77
C ILE E 350 43.91 -23.69 -3.93
N LEU E 351 44.46 -22.50 -3.71
CA LEU E 351 45.26 -21.84 -4.73
C LEU E 351 46.41 -22.73 -5.18
N ARG E 352 47.25 -23.16 -4.25
CA ARG E 352 48.41 -23.95 -4.64
C ARG E 352 48.03 -25.29 -5.25
N GLY E 353 46.78 -25.72 -5.11
CA GLY E 353 46.32 -26.85 -5.86
C GLY E 353 45.93 -26.47 -7.27
N LEU E 354 45.33 -25.29 -7.42
CA LEU E 354 44.95 -24.77 -8.74
C LEU E 354 46.04 -23.91 -9.33
N LYS E 355 47.26 -24.43 -9.41
CA LYS E 355 48.42 -23.64 -9.81
C LYS E 355 49.04 -24.08 -11.13
N ASP E 356 49.30 -25.38 -11.28
CA ASP E 356 49.94 -25.88 -12.50
C ASP E 356 49.16 -25.50 -13.74
N ARG E 357 47.82 -25.42 -13.63
CA ARG E 357 46.99 -24.99 -14.74
C ARG E 357 47.52 -23.70 -15.35
N TYR E 358 47.55 -22.64 -14.55
CA TYR E 358 48.02 -21.35 -15.05
C TYR E 358 49.50 -21.40 -15.41
N GLU E 359 50.27 -22.27 -14.75
CA GLU E 359 51.69 -22.42 -15.06
C GLU E 359 51.92 -22.92 -16.47
N VAL E 360 50.88 -23.40 -17.14
CA VAL E 360 50.99 -23.82 -18.53
C VAL E 360 50.14 -22.88 -19.38
N HIS E 361 49.12 -22.28 -18.76
CA HIS E 361 48.28 -21.36 -19.52
C HIS E 361 49.06 -20.10 -19.86
N HIS E 362 49.49 -19.33 -18.86
CA HIS E 362 50.45 -18.26 -19.14
C HIS E 362 51.86 -18.85 -19.10
N GLY E 363 52.30 -19.20 -17.89
CA GLY E 363 53.54 -19.91 -17.67
C GLY E 363 54.67 -18.93 -17.42
N VAL E 364 54.93 -18.59 -16.16
CA VAL E 364 56.16 -17.90 -15.85
C VAL E 364 56.85 -18.62 -14.71
N ARG E 365 56.27 -18.50 -13.52
CA ARG E 365 56.73 -19.15 -12.31
C ARG E 365 55.80 -18.69 -11.19
N ILE E 366 55.67 -19.46 -10.13
CA ILE E 366 54.77 -19.09 -9.04
C ILE E 366 55.50 -19.31 -7.73
N THR E 367 55.40 -18.35 -6.83
CA THR E 367 56.02 -18.44 -5.52
C THR E 367 54.95 -18.47 -4.44
N ASP E 368 55.12 -19.38 -3.48
CA ASP E 368 54.21 -19.43 -2.33
C ASP E 368 54.13 -18.08 -1.64
N SER E 369 55.22 -17.31 -1.70
CA SER E 369 55.19 -15.95 -1.17
C SER E 369 54.16 -15.11 -1.91
N ALA E 370 54.18 -15.15 -3.25
CA ALA E 370 53.17 -14.43 -4.01
C ALA E 370 51.78 -14.91 -3.66
N LEU E 371 51.60 -16.23 -3.52
CA LEU E 371 50.27 -16.76 -3.24
C LEU E 371 49.75 -16.26 -1.89
N VAL E 372 50.56 -16.38 -0.84
CA VAL E 372 50.11 -15.95 0.48
C VAL E 372 49.93 -14.44 0.52
N ALA E 373 50.75 -13.72 -0.25
CA ALA E 373 50.59 -12.27 -0.32
C ALA E 373 49.26 -11.89 -0.92
N ALA E 374 48.92 -12.50 -2.07
CA ALA E 374 47.62 -12.27 -2.67
C ALA E 374 46.51 -12.59 -1.69
N ALA E 375 46.58 -13.74 -1.04
CA ALA E 375 45.56 -14.14 -0.09
C ALA E 375 45.38 -13.07 0.98
N THR E 376 46.45 -12.73 1.69
CA THR E 376 46.30 -11.83 2.84
C THR E 376 45.91 -10.43 2.39
N LEU E 377 46.38 -9.99 1.22
CA LEU E 377 46.08 -8.61 0.79
C LEU E 377 44.64 -8.50 0.30
N SER E 378 44.15 -9.52 -0.40
CA SER E 378 42.74 -9.54 -0.75
C SER E 378 41.89 -9.56 0.50
N ASP E 379 42.20 -10.46 1.43
CA ASP E 379 41.46 -10.53 2.69
C ASP E 379 41.46 -9.18 3.40
N ARG E 380 42.59 -8.45 3.34
CA ARG E 380 42.73 -7.23 4.11
C ARG E 380 42.02 -6.05 3.48
N TYR E 381 42.26 -5.80 2.19
CA TYR E 381 41.78 -4.57 1.58
C TYR E 381 40.63 -4.74 0.61
N ILE E 382 40.43 -5.94 0.07
CA ILE E 382 39.28 -6.22 -0.78
C ILE E 382 38.16 -6.73 0.11
N THR E 383 37.27 -5.82 0.51
CA THR E 383 36.16 -6.15 1.39
C THR E 383 34.83 -6.22 0.64
N ALA E 384 34.87 -6.46 -0.67
CA ALA E 384 33.66 -6.51 -1.46
C ALA E 384 33.29 -7.93 -1.88
N ARG E 385 34.26 -8.72 -2.35
CA ARG E 385 34.02 -10.07 -2.80
C ARG E 385 34.55 -11.07 -1.77
N PHE E 386 34.49 -12.35 -2.10
CA PHE E 386 34.81 -13.41 -1.17
C PHE E 386 35.92 -14.31 -1.73
N LEU E 387 36.38 -15.23 -0.88
CA LEU E 387 37.78 -15.64 -0.96
C LEU E 387 38.10 -16.49 -2.18
N PRO E 388 37.48 -17.66 -2.40
CA PRO E 388 38.05 -18.62 -3.37
C PRO E 388 38.24 -18.04 -4.76
N ASP E 389 37.36 -17.14 -5.19
CA ASP E 389 37.53 -16.48 -6.48
C ASP E 389 38.17 -15.11 -6.37
N LYS E 390 37.99 -14.42 -5.24
CA LYS E 390 38.63 -13.13 -5.06
C LYS E 390 40.15 -13.26 -5.18
N ALA E 391 40.71 -14.30 -4.58
CA ALA E 391 42.17 -14.47 -4.66
C ALA E 391 42.60 -14.87 -6.07
N ILE E 392 41.88 -15.81 -6.68
CA ILE E 392 42.25 -16.29 -8.00
C ILE E 392 42.17 -15.17 -9.03
N ASP E 393 41.23 -14.24 -8.84
CA ASP E 393 41.13 -13.09 -9.74
C ASP E 393 42.45 -12.33 -9.78
N LEU E 394 42.92 -11.89 -8.62
CA LEU E 394 44.19 -11.19 -8.55
C LEU E 394 45.35 -12.02 -9.08
N VAL E 395 45.41 -13.31 -8.72
CA VAL E 395 46.52 -14.14 -9.18
C VAL E 395 46.57 -14.17 -10.69
N ASP E 396 45.44 -14.46 -11.34
CA ASP E 396 45.46 -14.62 -12.79
C ASP E 396 45.66 -13.29 -13.49
N GLU E 397 45.06 -12.21 -12.98
CA GLU E 397 45.28 -10.91 -13.58
C GLU E 397 46.74 -10.51 -13.51
N ALA E 398 47.39 -10.72 -12.37
CA ALA E 398 48.79 -10.36 -12.24
C ALA E 398 49.67 -11.21 -13.14
N ALA E 399 49.38 -12.51 -13.23
CA ALA E 399 50.16 -13.35 -14.13
C ALA E 399 50.02 -12.88 -15.57
N SER E 400 48.82 -12.47 -15.97
CA SER E 400 48.64 -11.98 -17.33
C SER E 400 49.35 -10.64 -17.55
N ARG E 401 49.32 -9.76 -16.55
CA ARG E 401 50.06 -8.51 -16.67
C ARG E 401 51.54 -8.77 -16.86
N LEU E 402 52.08 -9.74 -16.10
CA LEU E 402 53.48 -10.08 -16.23
C LEU E 402 53.78 -10.70 -17.58
N ARG E 403 52.84 -11.45 -18.14
CA ARG E 403 53.02 -11.97 -19.49
C ARG E 403 53.04 -10.83 -20.51
N MET E 404 52.15 -9.85 -20.34
CA MET E 404 52.08 -8.75 -21.28
C MET E 404 53.28 -7.82 -21.16
N GLU E 405 53.94 -7.83 -19.99
CA GLU E 405 55.13 -7.02 -19.77
C GLU E 405 56.23 -7.26 -20.79
N ILE E 406 56.28 -8.44 -21.42
CA ILE E 406 57.43 -8.85 -22.20
C ILE E 406 57.35 -8.35 -23.65
N ASP E 407 56.44 -7.42 -23.92
CA ASP E 407 56.40 -6.74 -25.21
C ASP E 407 57.77 -6.19 -25.58
N LYS E 530 62.76 -9.49 -15.11
CA LYS E 530 61.91 -10.09 -14.09
C LYS E 530 61.13 -11.27 -14.66
N GLU E 531 61.67 -12.48 -14.44
CA GLU E 531 61.03 -13.70 -14.95
C GLU E 531 60.31 -14.46 -13.84
N GLU E 532 59.78 -13.75 -12.85
CA GLU E 532 59.16 -14.39 -11.69
C GLU E 532 58.07 -13.47 -11.16
N VAL E 533 57.15 -14.06 -10.39
CA VAL E 533 56.11 -13.31 -9.71
C VAL E 533 56.45 -13.24 -8.22
N GLY E 534 55.86 -12.27 -7.54
CA GLY E 534 56.20 -12.05 -6.15
C GLY E 534 55.20 -11.19 -5.40
N PRO E 535 55.46 -10.99 -4.11
CA PRO E 535 54.50 -10.22 -3.29
C PRO E 535 54.33 -8.79 -3.74
N ASP E 536 55.42 -8.07 -4.01
CA ASP E 536 55.29 -6.74 -4.60
C ASP E 536 54.62 -6.82 -5.97
N ASP E 537 54.93 -7.86 -6.75
CA ASP E 537 54.29 -8.13 -8.02
C ASP E 537 52.78 -8.29 -7.89
N ILE E 538 52.26 -8.37 -6.67
CA ILE E 538 50.82 -8.42 -6.44
C ILE E 538 50.31 -7.18 -5.73
N ALA E 539 51.09 -6.62 -4.80
CA ALA E 539 50.71 -5.36 -4.17
C ALA E 539 50.56 -4.26 -5.21
N ASP E 540 51.38 -4.28 -6.27
CA ASP E 540 51.20 -3.33 -7.35
C ASP E 540 49.82 -3.47 -7.98
N VAL E 541 49.37 -4.71 -8.19
CA VAL E 541 48.05 -4.94 -8.76
C VAL E 541 46.97 -4.44 -7.81
N VAL E 542 47.12 -4.72 -6.52
CA VAL E 542 46.12 -4.28 -5.55
C VAL E 542 46.07 -2.76 -5.50
N SER E 543 47.22 -2.11 -5.67
CA SER E 543 47.25 -0.65 -5.67
C SER E 543 46.61 -0.09 -6.93
N ALA E 544 46.90 -0.69 -8.08
CA ALA E 544 46.23 -0.28 -9.32
C ALA E 544 44.74 -0.58 -9.26
N TRP E 545 44.34 -1.48 -8.37
CA TRP E 545 42.92 -1.79 -8.19
C TRP E 545 42.22 -0.76 -7.31
N THR E 546 42.77 -0.50 -6.12
CA THR E 546 42.16 0.44 -5.19
C THR E 546 42.52 1.89 -5.49
N GLY E 547 43.79 2.24 -5.40
CA GLY E 547 44.23 3.61 -5.51
C GLY E 547 45.29 3.94 -4.49
N ILE E 548 45.26 3.25 -3.36
CA ILE E 548 46.27 3.44 -2.32
C ILE E 548 47.61 2.91 -2.82
N PRO E 549 48.72 3.62 -2.61
CA PRO E 549 49.98 3.22 -3.24
C PRO E 549 50.59 1.98 -2.62
N ALA E 550 51.39 1.29 -3.44
CA ALA E 550 51.93 -0.02 -3.07
C ALA E 550 52.95 0.08 -1.94
N GLY E 551 53.37 1.28 -1.57
CA GLY E 551 54.31 1.40 -0.46
C GLY E 551 53.67 1.06 0.87
N ARG E 552 52.59 1.76 1.22
CA ARG E 552 51.93 1.56 2.50
C ARG E 552 51.34 0.16 2.65
N LEU E 553 51.27 -0.61 1.58
CA LEU E 553 50.69 -1.95 1.61
C LEU E 553 51.69 -2.96 2.18
N LEU E 554 52.26 -2.58 3.32
CA LEU E 554 53.24 -3.39 4.02
C LEU E 554 52.97 -3.27 5.51
N GLU E 555 53.94 -3.65 6.35
CA GLU E 555 53.76 -3.74 7.79
C GLU E 555 52.89 -2.61 8.33
N GLY E 556 51.94 -2.97 9.19
CA GLY E 556 50.98 -2.01 9.69
C GLY E 556 51.03 -1.77 11.18
N GLU E 557 52.15 -2.13 11.82
CA GLU E 557 52.35 -1.85 13.24
C GLU E 557 53.50 -0.88 13.47
N THR E 558 54.71 -1.24 13.07
CA THR E 558 55.85 -0.35 13.22
C THR E 558 55.83 0.74 12.17
N ALA E 559 55.57 0.38 10.91
CA ALA E 559 55.47 1.36 9.85
C ALA E 559 54.33 2.34 10.06
N LYS E 560 53.45 2.08 11.01
CA LYS E 560 52.45 3.07 11.42
C LYS E 560 52.86 3.84 12.67
N LEU E 561 53.31 3.14 13.71
CA LEU E 561 53.67 3.84 14.94
C LEU E 561 54.79 4.83 14.71
N LEU E 562 55.72 4.51 13.79
CA LEU E 562 56.83 5.42 13.56
C LEU E 562 56.42 6.61 12.70
N ARG E 563 55.25 6.53 12.07
CA ARG E 563 54.72 7.65 11.30
C ARG E 563 53.94 8.63 12.16
N MET E 564 53.70 8.31 13.43
CA MET E 564 52.99 9.18 14.35
C MET E 564 53.73 10.49 14.60
N GLU E 565 54.86 10.68 13.94
CA GLU E 565 55.62 11.92 13.96
C GLU E 565 54.94 12.93 13.05
N ASP E 566 55.69 13.93 12.61
CA ASP E 566 55.20 15.16 11.99
C ASP E 566 54.09 14.93 10.97
N GLU E 567 53.93 13.70 10.47
CA GLU E 567 52.79 13.42 9.60
C GLU E 567 51.48 13.84 10.27
N LEU E 568 51.44 13.82 11.60
CA LEU E 568 50.39 14.54 12.30
C LEU E 568 50.63 16.05 12.20
N GLY E 569 51.82 16.50 12.55
CA GLY E 569 52.14 17.93 12.51
C GLY E 569 52.12 18.54 11.14
N LYS E 570 51.88 17.75 10.09
CA LYS E 570 51.65 18.34 8.79
C LYS E 570 50.31 19.08 8.75
N ARG E 571 49.30 18.52 9.40
CA ARG E 571 47.96 19.11 9.46
C ARG E 571 47.74 19.90 10.73
N VAL E 572 48.30 19.45 11.86
CA VAL E 572 48.23 20.19 13.11
C VAL E 572 49.50 21.00 13.23
N ILE E 573 49.48 22.01 14.09
CA ILE E 573 50.57 22.97 14.24
C ILE E 573 50.89 23.14 15.71
N GLY E 574 52.18 23.25 16.02
CA GLY E 574 52.62 23.43 17.38
C GLY E 574 52.15 22.29 18.25
N GLN E 575 52.01 22.58 19.55
CA GLN E 575 51.46 21.64 20.51
C GLN E 575 52.22 20.31 20.47
N LYS E 576 53.54 20.41 20.31
CA LYS E 576 54.33 19.20 20.08
C LYS E 576 54.30 18.29 21.29
N ALA E 577 54.25 18.85 22.50
CA ALA E 577 54.00 18.02 23.67
C ALA E 577 52.70 17.26 23.54
N ALA E 578 51.66 17.93 23.04
CA ALA E 578 50.37 17.28 22.85
C ALA E 578 50.48 16.11 21.86
N VAL E 579 51.07 16.37 20.70
CA VAL E 579 51.15 15.34 19.68
C VAL E 579 52.00 14.17 20.16
N THR E 580 53.12 14.45 20.83
CA THR E 580 53.94 13.37 21.35
C THR E 580 53.17 12.56 22.40
N ALA E 581 52.43 13.23 23.28
CA ALA E 581 51.67 12.51 24.29
C ALA E 581 50.61 11.62 23.66
N VAL E 582 49.86 12.14 22.69
CA VAL E 582 48.82 11.37 22.05
C VAL E 582 49.43 10.19 21.30
N SER E 583 50.61 10.40 20.70
CA SER E 583 51.28 9.31 20.00
C SER E 583 51.72 8.22 20.96
N ASP E 584 52.25 8.60 22.13
CA ASP E 584 52.51 7.61 23.16
C ASP E 584 51.24 6.82 23.48
N ALA E 585 50.13 7.54 23.71
CA ALA E 585 48.89 6.89 24.07
C ALA E 585 48.49 5.85 23.04
N VAL E 586 48.52 6.21 21.75
CA VAL E 586 48.09 5.28 20.73
C VAL E 586 49.09 4.15 20.53
N ARG E 587 50.39 4.40 20.71
CA ARG E 587 51.37 3.34 20.53
C ARG E 587 51.26 2.30 21.64
N ARG E 588 51.40 2.72 22.89
CA ARG E 588 51.39 1.78 24.00
C ARG E 588 50.04 1.11 24.20
N SER E 589 48.98 1.65 23.61
CA SER E 589 47.68 0.99 23.71
C SER E 589 47.53 -0.13 22.69
N ARG E 590 48.14 -0.01 21.53
CA ARG E 590 48.09 -1.02 20.50
C ARG E 590 49.17 -2.08 20.69
N ALA E 591 49.88 -2.06 21.81
CA ALA E 591 50.92 -3.05 22.05
C ALA E 591 50.33 -4.45 22.15
N GLY E 592 49.30 -4.62 22.97
CA GLY E 592 48.68 -5.92 23.08
C GLY E 592 48.82 -6.56 24.45
N VAL E 593 48.82 -5.75 25.51
CA VAL E 593 48.85 -6.25 26.87
C VAL E 593 47.72 -5.72 27.73
N SER E 594 47.10 -4.60 27.36
CA SER E 594 46.00 -4.07 28.16
C SER E 594 44.75 -4.91 27.97
N ASP E 595 43.73 -4.61 28.77
CA ASP E 595 42.46 -5.32 28.69
C ASP E 595 41.86 -5.17 27.30
N PRO E 596 41.32 -6.23 26.74
CA PRO E 596 40.89 -6.17 25.34
C PRO E 596 39.56 -5.47 25.15
N ASN E 597 38.89 -5.13 26.25
CA ASN E 597 37.54 -4.53 26.21
C ASN E 597 37.60 -3.15 26.86
N ARG E 598 37.92 -2.16 26.05
CA ARG E 598 38.17 -0.78 26.47
C ARG E 598 38.35 0.05 25.21
N PRO E 599 38.08 1.35 25.22
CA PRO E 599 38.43 2.17 24.06
C PRO E 599 39.92 2.11 23.78
N THR E 600 40.28 2.50 22.56
CA THR E 600 41.70 2.57 22.21
C THR E 600 42.36 3.85 22.68
N GLY E 601 41.59 4.77 23.27
CA GLY E 601 42.13 5.99 23.84
C GLY E 601 41.03 6.87 24.40
N ALA E 602 41.22 7.40 25.61
CA ALA E 602 40.17 8.14 26.31
C ALA E 602 40.71 9.40 26.95
N PHE E 603 41.50 10.15 26.21
CA PHE E 603 42.12 11.36 26.71
C PHE E 603 41.27 12.59 26.39
N MET E 604 41.49 13.64 27.16
CA MET E 604 40.80 14.91 26.96
C MET E 604 41.82 16.03 26.98
N PHE E 605 41.48 17.14 26.32
CA PHE E 605 42.38 18.28 26.31
C PHE E 605 41.59 19.57 26.31
N LEU E 606 42.11 20.55 27.04
CA LEU E 606 41.39 21.77 27.37
C LEU E 606 42.32 22.96 27.21
N GLY E 607 41.73 24.15 27.20
CA GLY E 607 42.47 25.37 27.06
C GLY E 607 41.74 26.40 26.22
N PRO E 608 42.48 27.21 25.48
CA PRO E 608 41.86 28.24 24.65
C PRO E 608 41.16 27.63 23.45
N THR E 609 40.30 28.43 22.83
CA THR E 609 39.55 27.95 21.67
C THR E 609 40.33 28.19 20.38
N GLY E 610 39.84 27.59 19.30
CA GLY E 610 40.29 27.90 17.97
C GLY E 610 41.76 27.71 17.68
N VAL E 611 42.54 27.19 18.63
CA VAL E 611 43.96 26.96 18.35
C VAL E 611 44.20 25.64 17.63
N GLY E 612 43.15 24.90 17.31
CA GLY E 612 43.30 23.63 16.63
C GLY E 612 42.84 22.46 17.47
N LYS E 613 41.97 22.73 18.44
CA LYS E 613 41.49 21.66 19.31
C LYS E 613 40.85 20.54 18.50
N THR E 614 39.90 20.87 17.64
CA THR E 614 39.33 19.88 16.75
C THR E 614 40.32 19.40 15.71
N GLU E 615 41.24 20.26 15.28
CA GLU E 615 42.07 19.94 14.12
C GLU E 615 42.98 18.75 14.40
N LEU E 616 43.45 18.62 15.65
CA LEU E 616 44.22 17.44 15.99
C LEU E 616 43.44 16.16 15.71
N ALA E 617 42.15 16.14 16.09
CA ALA E 617 41.35 14.95 15.86
C ALA E 617 41.03 14.77 14.38
N LYS E 618 40.72 15.87 13.69
CA LYS E 618 40.45 15.77 12.26
C LYS E 618 41.65 15.24 11.50
N ALA E 619 42.85 15.49 12.01
CA ALA E 619 44.04 14.93 11.38
C ALA E 619 44.28 13.50 11.82
N LEU E 620 44.02 13.19 13.10
CA LEU E 620 44.26 11.86 13.62
C LEU E 620 43.35 10.83 12.96
N ALA E 621 42.12 11.22 12.63
CA ALA E 621 41.21 10.30 11.95
C ALA E 621 41.74 9.93 10.57
N ASP E 622 42.47 10.84 9.92
CA ASP E 622 43.01 10.57 8.60
C ASP E 622 44.14 9.54 8.66
N PHE E 623 44.99 9.62 9.67
CA PHE E 623 46.16 8.75 9.72
C PHE E 623 45.78 7.33 10.10
N LEU E 624 44.85 7.16 11.04
CA LEU E 624 44.54 5.83 11.55
C LEU E 624 43.40 5.18 10.79
N PHE E 625 42.23 5.82 10.75
CA PHE E 625 41.05 5.26 10.12
C PHE E 625 40.89 5.71 8.67
N ASP E 626 41.86 6.45 8.13
CA ASP E 626 41.97 6.71 6.69
C ASP E 626 40.87 7.61 6.18
N ASP E 627 40.40 8.54 7.01
CA ASP E 627 39.41 9.50 6.56
C ASP E 627 39.28 10.61 7.58
N GLU E 628 38.93 11.81 7.11
CA GLU E 628 38.55 12.89 8.01
C GLU E 628 37.05 13.02 8.12
N ARG E 629 36.29 12.30 7.30
CA ARG E 629 34.86 12.12 7.53
C ARG E 629 34.61 10.86 8.36
N ALA E 630 35.33 10.77 9.47
CA ALA E 630 35.20 9.68 10.42
C ALA E 630 34.85 10.17 11.80
N MET E 631 35.17 11.42 12.13
CA MET E 631 34.85 11.92 13.44
C MET E 631 33.35 12.15 13.57
N VAL E 632 32.88 12.12 14.81
CA VAL E 632 31.51 12.48 15.16
C VAL E 632 31.56 13.41 16.35
N ARG E 633 30.87 14.54 16.24
CA ARG E 633 30.89 15.57 17.27
C ARG E 633 29.48 15.72 17.82
N ILE E 634 29.34 15.57 19.13
CA ILE E 634 28.06 15.72 19.80
C ILE E 634 28.21 16.72 20.92
N ASP E 635 27.56 17.87 20.75
CA ASP E 635 27.64 18.95 21.71
C ASP E 635 27.03 18.52 23.03
N MET E 636 27.71 18.81 24.12
CA MET E 636 27.14 18.63 25.45
C MET E 636 26.49 19.92 25.93
N SER E 637 25.65 20.52 25.10
CA SER E 637 24.91 21.72 25.49
C SER E 637 23.41 21.53 25.52
N GLU E 638 22.86 20.68 24.64
CA GLU E 638 21.50 20.22 24.85
C GLU E 638 21.39 19.37 26.10
N TYR E 639 22.42 18.55 26.35
CA TYR E 639 22.36 17.57 27.43
C TYR E 639 22.58 18.26 28.75
N GLY E 640 21.71 19.22 29.08
CA GLY E 640 21.81 19.93 30.34
C GLY E 640 20.61 19.67 31.23
N GLU E 641 19.78 18.72 30.84
CA GLU E 641 18.59 18.37 31.62
C GLU E 641 18.64 16.90 32.00
N LYS E 642 17.76 16.53 32.93
CA LYS E 642 17.75 15.16 33.44
C LYS E 642 17.28 14.18 32.38
N HIS E 643 16.25 14.54 31.62
CA HIS E 643 15.64 13.60 30.70
C HIS E 643 16.44 13.41 29.43
N THR E 644 16.99 14.49 28.88
CA THR E 644 17.64 14.45 27.57
C THR E 644 18.86 13.57 27.53
N VAL E 645 19.25 12.96 28.65
CA VAL E 645 20.40 12.06 28.63
C VAL E 645 20.04 10.79 27.87
N ALA E 646 18.78 10.40 27.88
CA ALA E 646 18.40 9.24 27.08
C ALA E 646 18.16 9.58 25.65
N ARG E 647 18.43 10.79 25.18
CA ARG E 647 18.27 11.07 23.77
C ARG E 647 19.35 10.39 22.94
N LEU E 648 20.51 10.15 23.52
CA LEU E 648 21.61 9.54 22.78
C LEU E 648 21.54 8.02 22.80
N ILE E 649 20.42 7.45 23.22
CA ILE E 649 20.15 6.01 23.03
C ILE E 649 18.83 5.83 22.29
N GLY E 650 17.73 6.27 22.90
CA GLY E 650 16.42 6.24 22.29
C GLY E 650 15.70 5.00 22.77
N ALA E 651 14.91 5.12 23.83
CA ALA E 651 14.83 3.95 24.67
C ALA E 651 13.90 2.84 24.17
N PRO E 652 12.59 3.06 24.08
CA PRO E 652 11.69 1.94 24.00
C PRO E 652 11.24 1.69 22.57
N PRO E 653 10.84 0.50 22.25
CA PRO E 653 10.16 0.27 20.97
C PRO E 653 8.71 0.72 21.02
N GLY E 654 8.40 1.84 20.39
CA GLY E 654 7.04 2.35 20.36
C GLY E 654 6.89 3.76 20.89
N TYR E 655 7.96 4.51 21.06
CA TYR E 655 7.89 5.86 21.58
C TYR E 655 8.50 6.82 20.55
N VAL E 656 8.65 8.09 20.94
CA VAL E 656 8.89 9.14 19.96
C VAL E 656 10.16 8.86 19.16
N GLY E 657 11.31 8.87 19.82
CA GLY E 657 12.52 8.58 19.09
C GLY E 657 12.88 7.12 19.22
N TYR E 658 12.44 6.32 18.30
CA TYR E 658 12.87 4.93 18.33
C TYR E 658 13.63 4.52 17.08
N GLU E 659 13.03 4.71 15.90
CA GLU E 659 13.68 4.37 14.65
C GLU E 659 14.77 5.38 14.29
N ALA E 660 14.72 6.57 14.88
CA ALA E 660 15.81 7.53 14.71
C ALA E 660 17.07 7.11 15.43
N GLY E 661 16.98 6.13 16.33
CA GLY E 661 18.13 5.66 17.06
C GLY E 661 18.68 6.72 18.00
N GLY E 662 19.75 6.35 18.68
CA GLY E 662 20.43 7.26 19.56
C GLY E 662 21.42 8.12 18.81
N GLN E 663 21.90 9.17 19.47
CA GLN E 663 22.88 10.03 18.83
C GLN E 663 24.29 9.46 18.94
N LEU E 664 24.60 8.84 20.08
CA LEU E 664 25.94 8.32 20.31
C LEU E 664 26.14 6.92 19.77
N THR E 665 25.11 6.09 19.73
CA THR E 665 25.24 4.70 19.33
C THR E 665 24.94 4.46 17.87
N GLU E 666 23.84 5.02 17.35
CA GLU E 666 23.49 4.79 15.96
C GLU E 666 24.60 5.25 15.02
N ALA E 667 25.43 6.18 15.46
CA ALA E 667 26.58 6.61 14.69
C ALA E 667 27.80 5.74 14.94
N VAL E 668 27.68 4.64 15.66
CA VAL E 668 28.80 3.78 15.98
C VAL E 668 28.58 2.35 15.50
N ARG E 669 27.39 1.79 15.74
CA ARG E 669 27.15 0.41 15.33
C ARG E 669 27.33 0.22 13.84
N ARG E 670 27.19 1.29 13.07
CA ARG E 670 27.67 1.34 11.71
C ARG E 670 28.96 2.15 11.68
N ARG E 671 29.97 1.65 10.96
CA ARG E 671 31.29 2.24 10.96
C ARG E 671 31.82 2.36 12.38
N PRO E 672 32.23 1.26 13.01
CA PRO E 672 32.69 1.29 14.40
C PRO E 672 34.16 1.66 14.55
N TYR E 673 34.59 2.69 13.82
CA TYR E 673 35.98 3.11 13.85
C TYR E 673 36.10 4.63 13.88
N THR E 674 35.17 5.29 14.53
CA THR E 674 35.09 6.75 14.49
C THR E 674 36.04 7.36 15.51
N VAL E 675 35.93 8.67 15.68
CA VAL E 675 36.67 9.41 16.69
C VAL E 675 35.70 10.38 17.36
N VAL E 676 35.19 10.01 18.52
CA VAL E 676 34.06 10.71 19.12
C VAL E 676 34.57 11.95 19.85
N LEU E 677 33.98 13.10 19.54
CA LEU E 677 34.26 14.34 20.24
C LEU E 677 33.14 14.69 21.20
N PHE E 678 33.44 15.56 22.15
CA PHE E 678 32.48 16.04 23.13
C PHE E 678 32.76 17.51 23.39
N ASP E 679 32.09 18.39 22.66
CA ASP E 679 32.22 19.81 22.92
C ASP E 679 31.75 20.15 24.32
N GLU E 680 32.49 21.05 24.96
CA GLU E 680 32.14 21.66 26.25
C GLU E 680 31.46 20.65 27.19
N ILE E 681 32.18 19.53 27.40
CA ILE E 681 31.71 18.48 28.30
C ILE E 681 31.36 19.02 29.68
N GLU E 682 32.05 20.06 30.15
CA GLU E 682 31.81 20.57 31.50
C GLU E 682 30.41 21.14 31.68
N LYS E 683 29.63 21.27 30.62
CA LYS E 683 28.26 21.75 30.72
C LYS E 683 27.23 20.64 30.71
N ALA E 684 27.63 19.42 30.36
CA ALA E 684 26.71 18.30 30.31
C ALA E 684 26.19 17.99 31.70
N HIS E 685 24.95 17.50 31.76
CA HIS E 685 24.35 17.19 33.05
C HIS E 685 25.09 16.03 33.71
N PRO E 686 25.25 16.05 35.03
CA PRO E 686 25.96 14.96 35.70
C PRO E 686 25.18 13.66 35.71
N ASP E 687 24.72 13.23 34.54
CA ASP E 687 24.16 11.89 34.39
C ASP E 687 24.71 11.24 33.15
N VAL E 688 25.20 12.06 32.21
CA VAL E 688 25.88 11.53 31.03
C VAL E 688 27.13 10.79 31.44
N PHE E 689 27.76 11.22 32.53
CA PHE E 689 28.99 10.59 32.99
C PHE E 689 28.76 9.12 33.34
N ASP E 690 27.53 8.75 33.69
CA ASP E 690 27.24 7.35 33.95
C ASP E 690 27.39 6.52 32.67
N VAL E 691 26.75 6.97 31.58
CA VAL E 691 26.90 6.30 30.29
C VAL E 691 28.36 6.30 29.87
N LEU E 692 29.03 7.43 30.07
CA LEU E 692 30.41 7.56 29.62
C LEU E 692 31.33 6.59 30.35
N LEU E 693 31.23 6.53 31.67
CA LEU E 693 31.98 5.56 32.45
C LEU E 693 31.61 4.14 32.10
N GLN E 694 30.34 3.87 31.80
CA GLN E 694 29.99 2.54 31.34
C GLN E 694 30.69 2.19 30.03
N VAL E 695 30.86 3.18 29.14
CA VAL E 695 31.60 2.94 27.91
C VAL E 695 33.05 2.61 28.21
N LEU E 696 33.76 3.55 28.83
CA LEU E 696 35.21 3.44 28.96
C LEU E 696 35.62 2.52 30.09
N ASP E 697 34.70 1.76 30.67
CA ASP E 697 35.05 0.71 31.60
C ASP E 697 34.73 -0.68 31.07
N GLU E 698 33.91 -0.77 30.04
CA GLU E 698 33.70 -2.03 29.33
C GLU E 698 33.29 -1.70 27.89
N GLY E 699 33.99 -2.30 26.94
CA GLY E 699 33.76 -1.96 25.55
C GLY E 699 32.47 -2.51 24.98
N ARG E 700 31.34 -2.03 25.50
CA ARG E 700 30.04 -2.44 24.98
C ARG E 700 28.98 -1.49 25.51
N LEU E 701 27.86 -1.44 24.80
CA LEU E 701 26.71 -0.63 25.18
C LEU E 701 25.50 -1.18 24.45
N THR E 702 24.32 -0.93 25.00
CA THR E 702 23.09 -1.51 24.48
C THR E 702 22.13 -0.40 24.11
N ASP E 703 21.79 -0.31 22.82
CA ASP E 703 20.93 0.75 22.34
C ASP E 703 19.47 0.42 22.64
N GLY E 704 18.56 1.20 22.05
CA GLY E 704 17.15 1.01 22.32
C GLY E 704 16.56 -0.19 21.63
N HIS E 705 16.98 -0.46 20.39
CA HIS E 705 16.41 -1.58 19.65
C HIS E 705 16.64 -2.90 20.38
N GLY E 706 17.84 -3.09 20.92
CA GLY E 706 18.21 -4.35 21.53
C GLY E 706 19.56 -4.83 21.03
N ARG E 707 20.11 -4.12 20.04
CA ARG E 707 21.43 -4.46 19.53
C ARG E 707 22.49 -4.29 20.63
N THR E 708 23.67 -4.82 20.35
CA THR E 708 24.85 -4.60 21.17
C THR E 708 25.92 -3.92 20.33
N VAL E 709 26.39 -2.77 20.80
CA VAL E 709 27.43 -2.01 20.13
C VAL E 709 28.71 -2.14 20.93
N ASP E 710 29.84 -2.03 20.24
CA ASP E 710 31.15 -2.20 20.87
C ASP E 710 32.02 -0.98 20.62
N PHE E 711 32.68 -0.51 21.68
CA PHE E 711 33.55 0.65 21.60
C PHE E 711 35.02 0.29 21.77
N ARG E 712 35.41 -0.95 21.49
CA ARG E 712 36.74 -1.41 21.85
C ARG E 712 37.79 -1.07 20.81
N ASN E 713 37.41 -0.40 19.72
CA ASN E 713 38.42 0.12 18.82
C ASN E 713 38.06 1.51 18.31
N THR E 714 37.64 2.39 19.22
CA THR E 714 37.41 3.79 18.92
C THR E 714 38.27 4.67 19.81
N ILE E 715 38.16 5.97 19.63
CA ILE E 715 38.93 6.95 20.37
C ILE E 715 37.99 8.03 20.88
N LEU E 716 37.90 8.18 22.19
CA LEU E 716 37.12 9.25 22.79
C LEU E 716 37.98 10.50 22.89
N ILE E 717 37.33 11.65 22.88
CA ILE E 717 38.01 12.95 22.96
C ILE E 717 37.05 13.92 23.63
N LEU E 718 37.51 14.57 24.69
CA LEU E 718 36.66 15.46 25.47
C LEU E 718 37.28 16.85 25.51
N THR E 719 36.80 17.74 24.64
CA THR E 719 37.26 19.11 24.61
C THR E 719 36.66 19.87 25.78
N SER E 720 37.13 21.10 25.96
CA SER E 720 36.63 21.95 27.04
C SER E 720 37.17 23.36 26.83
N ASN E 721 36.42 24.32 27.34
CA ASN E 721 36.82 25.71 27.28
C ASN E 721 37.22 26.26 28.64
N LEU E 722 37.40 25.40 29.64
CA LEU E 722 37.96 25.83 30.90
C LEU E 722 39.39 26.32 30.70
N GLY E 723 39.91 27.03 31.70
CA GLY E 723 41.24 27.58 31.60
C GLY E 723 41.22 28.99 31.04
N SER E 724 40.30 29.81 31.56
CA SER E 724 40.24 31.20 31.11
C SER E 724 41.50 31.96 31.52
N GLY E 725 41.76 32.03 32.82
CA GLY E 725 42.94 32.69 33.32
C GLY E 725 43.99 31.71 33.79
N GLY E 726 43.56 30.55 34.26
CA GLY E 726 44.49 29.55 34.77
C GLY E 726 45.48 29.13 33.69
N SER E 727 46.77 29.29 34.00
CA SER E 727 47.80 28.86 33.06
C SER E 727 48.06 27.37 33.20
N ALA E 728 48.54 26.95 34.37
CA ALA E 728 48.66 25.52 34.68
C ALA E 728 48.40 25.25 36.15
N GLU E 729 48.01 26.27 36.93
CA GLU E 729 48.00 26.17 38.38
C GLU E 729 46.60 25.94 38.94
N GLN E 730 45.66 26.82 38.60
CA GLN E 730 44.29 26.66 39.09
C GLN E 730 43.40 25.97 38.07
N VAL E 731 43.83 25.83 36.82
CA VAL E 731 43.01 25.15 35.83
C VAL E 731 42.84 23.69 36.21
N LEU E 732 43.90 23.05 36.71
CA LEU E 732 43.80 21.65 37.10
C LEU E 732 43.01 21.49 38.39
N ALA E 733 43.12 22.45 39.30
CA ALA E 733 42.24 22.44 40.47
C ALA E 733 40.78 22.54 40.05
N ALA E 734 40.49 23.41 39.08
CA ALA E 734 39.12 23.58 38.61
C ALA E 734 38.60 22.31 37.95
N VAL E 735 39.42 21.67 37.10
CA VAL E 735 38.96 20.44 36.45
C VAL E 735 39.01 19.23 37.36
N ARG E 736 39.67 19.33 38.50
CA ARG E 736 39.61 18.28 39.51
C ARG E 736 38.44 18.46 40.46
N ALA E 737 37.94 19.69 40.58
CA ALA E 737 36.80 19.97 41.43
C ALA E 737 35.48 19.98 40.68
N THR E 738 35.49 20.18 39.36
CA THR E 738 34.28 20.25 38.58
C THR E 738 33.80 18.87 38.14
N PHE E 739 34.71 18.04 37.66
CA PHE E 739 34.36 16.69 37.27
C PHE E 739 34.52 15.73 38.45
N LYS E 740 33.95 14.54 38.30
CA LYS E 740 34.04 13.55 39.36
C LYS E 740 35.48 13.07 39.47
N PRO E 741 36.00 12.93 40.69
CA PRO E 741 37.43 12.65 40.84
C PRO E 741 37.84 11.27 40.39
N GLU E 742 36.99 10.27 40.63
CA GLU E 742 37.31 8.91 40.20
C GLU E 742 37.02 8.68 38.72
N PHE E 743 36.31 9.58 38.07
CA PHE E 743 36.18 9.50 36.61
C PHE E 743 37.52 9.75 35.94
N ILE E 744 38.16 10.86 36.27
CA ILE E 744 39.47 11.19 35.72
C ILE E 744 40.54 10.19 36.08
N ASN E 745 40.29 9.32 37.06
CA ASN E 745 41.24 8.23 37.32
C ASN E 745 41.31 7.27 36.16
N ARG E 746 40.22 7.13 35.40
CA ARG E 746 40.18 6.18 34.29
C ARG E 746 40.61 6.81 32.97
N LEU E 747 40.73 8.13 32.89
CA LEU E 747 41.17 8.74 31.66
C LEU E 747 42.66 8.51 31.43
N ASP E 748 43.11 8.92 30.26
CA ASP E 748 44.53 9.00 29.92
C ASP E 748 45.03 10.41 30.23
N ASP E 749 46.18 10.77 29.66
CA ASP E 749 46.75 12.11 29.84
C ASP E 749 45.70 13.19 29.60
N VAL E 750 45.87 14.31 30.30
CA VAL E 750 44.86 15.37 30.35
C VAL E 750 45.49 16.63 29.79
N LEU E 751 46.38 16.45 28.80
CA LEU E 751 47.26 17.50 28.31
C LEU E 751 46.50 18.80 28.04
N ILE E 752 47.20 19.92 28.23
CA ILE E 752 46.64 21.25 28.12
C ILE E 752 47.26 21.93 26.91
N PHE E 753 46.43 22.39 25.98
CA PHE E 753 46.94 23.13 24.83
C PHE E 753 47.52 24.45 25.31
N GLU E 754 48.67 24.81 24.75
CA GLU E 754 49.32 26.08 25.03
C GLU E 754 48.95 27.09 23.95
N GLY E 755 48.78 28.35 24.36
CA GLY E 755 48.39 29.41 23.46
C GLY E 755 49.26 29.51 22.22
N LEU E 756 48.69 30.04 21.14
CA LEU E 756 49.47 30.27 19.93
C LEU E 756 50.54 31.32 20.19
N ASN E 757 51.79 30.91 20.08
CA ASN E 757 52.89 31.86 20.21
C ASN E 757 52.69 33.00 19.20
N PRO E 758 52.61 34.24 19.66
CA PRO E 758 52.32 35.36 18.74
C PRO E 758 53.24 35.41 17.53
N GLU E 759 54.42 34.79 17.60
CA GLU E 759 55.18 34.54 16.39
C GLU E 759 54.61 33.33 15.64
N GLU E 760 54.24 32.28 16.36
CA GLU E 760 53.76 31.07 15.71
C GLU E 760 52.29 31.19 15.34
N LEU E 761 51.94 32.33 14.75
CA LEU E 761 50.80 32.43 13.86
C LEU E 761 51.23 32.26 12.41
N VAL E 762 52.54 32.35 12.16
CA VAL E 762 53.09 32.28 10.82
C VAL E 762 52.85 30.92 10.19
N ARG E 763 53.05 29.83 10.91
CA ARG E 763 52.93 28.51 10.29
C ARG E 763 51.50 28.23 9.87
N ILE E 764 50.53 28.55 10.73
CA ILE E 764 49.13 28.30 10.41
C ILE E 764 48.71 29.14 9.23
N VAL E 765 49.08 30.42 9.21
CA VAL E 765 48.67 31.28 8.11
C VAL E 765 49.38 30.86 6.83
N ASP E 766 50.59 30.29 6.96
CA ASP E 766 51.30 29.83 5.78
C ASP E 766 50.66 28.57 5.22
N ILE E 767 50.17 27.68 6.07
CA ILE E 767 49.40 26.54 5.60
C ILE E 767 48.13 27.01 4.91
N GLN E 768 47.40 27.92 5.56
CA GLN E 768 46.21 28.50 4.95
C GLN E 768 46.51 29.11 3.59
N LEU E 769 47.64 29.81 3.47
CA LEU E 769 47.94 30.54 2.24
C LEU E 769 48.41 29.60 1.14
N ALA E 770 49.24 28.61 1.49
CA ALA E 770 49.63 27.60 0.52
C ALA E 770 48.44 26.76 0.08
N GLN E 771 47.46 26.59 0.97
CA GLN E 771 46.22 25.94 0.56
C GLN E 771 45.47 26.80 -0.45
N LEU E 772 45.15 28.04 -0.07
CA LEU E 772 44.42 28.91 -0.97
C LEU E 772 45.20 29.22 -2.24
N GLY E 773 46.50 28.91 -2.28
CA GLY E 773 47.21 28.94 -3.55
C GLY E 773 46.63 27.99 -4.58
N LYS E 774 45.93 26.95 -4.14
CA LYS E 774 45.21 26.07 -5.04
C LYS E 774 43.97 26.73 -5.64
N ARG E 775 43.39 27.70 -4.95
CA ARG E 775 42.07 28.22 -5.34
C ARG E 775 42.07 28.66 -6.80
N LEU E 776 42.87 29.67 -7.13
CA LEU E 776 42.87 30.19 -8.50
C LEU E 776 43.92 29.48 -9.35
N ALA E 777 43.89 28.16 -9.34
CA ALA E 777 44.63 27.36 -10.30
C ALA E 777 43.78 27.02 -11.52
N GLN E 778 42.45 27.18 -11.41
CA GLN E 778 41.59 26.98 -12.56
C GLN E 778 41.92 27.97 -13.66
N ARG E 779 42.54 29.10 -13.30
CA ARG E 779 43.07 30.06 -14.24
C ARG E 779 44.59 30.17 -14.18
N ARG E 780 45.22 29.40 -13.29
CA ARG E 780 46.68 29.33 -13.16
C ARG E 780 47.29 30.66 -12.74
N LEU E 781 46.49 31.57 -12.22
CA LEU E 781 47.01 32.83 -11.73
C LEU E 781 47.84 32.59 -10.47
N GLN E 782 48.99 33.23 -10.41
CA GLN E 782 49.91 33.09 -9.29
C GLN E 782 49.68 34.19 -8.27
N LEU E 783 50.19 33.96 -7.06
CA LEU E 783 49.88 34.81 -5.92
C LEU E 783 51.16 35.46 -5.39
N GLN E 784 51.01 36.68 -4.90
CA GLN E 784 52.08 37.40 -4.23
C GLN E 784 51.94 37.25 -2.72
N VAL E 785 53.08 37.19 -2.05
CA VAL E 785 53.13 37.20 -0.60
C VAL E 785 54.07 38.31 -0.16
N SER E 786 53.67 39.03 0.89
CA SER E 786 54.54 40.03 1.49
C SER E 786 54.38 39.90 3.00
N LEU E 787 55.45 39.52 3.68
CA LEU E 787 55.39 39.23 5.11
C LEU E 787 54.74 40.34 5.93
N PRO E 788 54.92 41.64 5.63
CA PRO E 788 54.13 42.64 6.35
C PRO E 788 52.63 42.50 6.13
N ALA E 789 52.20 42.27 4.88
CA ALA E 789 50.78 42.09 4.63
C ALA E 789 50.23 40.86 5.34
N LYS E 790 50.87 39.72 5.14
CA LYS E 790 50.39 38.50 5.78
C LYS E 790 50.44 38.59 7.30
N ARG E 791 51.41 39.29 7.86
CA ARG E 791 51.42 39.53 9.30
C ARG E 791 50.36 40.54 9.70
N TRP E 792 49.93 41.41 8.78
CA TRP E 792 48.87 42.36 9.08
C TRP E 792 47.52 41.65 9.25
N LEU E 793 47.42 40.39 8.83
CA LEU E 793 46.23 39.61 9.12
C LEU E 793 46.16 39.24 10.60
N ALA E 794 47.30 39.11 11.25
CA ALA E 794 47.34 38.59 12.61
C ALA E 794 46.69 39.56 13.60
N GLN E 795 47.27 40.75 13.74
CA GLN E 795 46.84 41.68 14.79
C GLN E 795 45.41 42.15 14.58
N ARG E 796 44.81 41.91 13.42
CA ARG E 796 43.45 42.33 13.15
C ARG E 796 42.50 41.17 12.93
N GLY E 797 43.00 39.93 12.98
CA GLY E 797 42.13 38.79 12.74
C GLY E 797 42.28 37.64 13.71
N PHE E 798 43.24 37.74 14.64
CA PHE E 798 43.42 36.68 15.62
C PHE E 798 42.19 36.56 16.52
N ASP E 799 41.88 37.62 17.26
CA ASP E 799 40.70 37.66 18.13
C ASP E 799 40.71 36.48 19.09
N PRO E 800 41.55 36.50 20.12
CA PRO E 800 41.63 35.35 21.02
C PRO E 800 40.43 35.18 21.92
N VAL E 801 39.23 35.29 21.37
CA VAL E 801 38.02 34.86 22.05
C VAL E 801 37.38 33.80 21.16
N TYR E 802 37.77 33.81 19.89
CA TYR E 802 37.39 32.79 18.93
C TYR E 802 38.58 32.07 18.31
N GLY E 803 39.74 32.08 18.96
CA GLY E 803 40.89 31.37 18.45
C GLY E 803 41.44 31.93 17.16
N ALA E 804 41.24 31.21 16.06
CA ALA E 804 41.66 31.65 14.73
C ALA E 804 40.59 31.34 13.70
N ARG E 805 39.33 31.32 14.15
CA ARG E 805 38.23 30.94 13.26
C ARG E 805 38.03 31.89 12.08
N PRO E 806 38.03 33.22 12.25
CA PRO E 806 37.65 34.09 11.12
C PRO E 806 38.68 34.15 10.01
N LEU E 807 39.92 33.76 10.26
CA LEU E 807 41.02 34.00 9.32
C LEU E 807 40.85 33.28 7.99
N ARG E 808 39.77 32.52 7.82
CA ARG E 808 39.50 31.94 6.51
C ARG E 808 38.58 32.82 5.69
N ARG E 809 37.43 33.21 6.26
CA ARG E 809 36.55 34.15 5.58
C ARG E 809 37.24 35.49 5.40
N LEU E 810 37.85 36.00 6.47
CA LEU E 810 38.62 37.24 6.43
C LEU E 810 39.44 37.40 5.17
N VAL E 811 40.18 36.36 4.78
CA VAL E 811 41.08 36.45 3.65
C VAL E 811 40.40 36.04 2.35
N GLN E 812 39.55 35.02 2.38
CA GLN E 812 38.95 34.58 1.13
C GLN E 812 37.99 35.63 0.57
N GLN E 813 37.12 36.19 1.41
CA GLN E 813 36.22 37.23 0.91
C GLN E 813 37.01 38.43 0.43
N ALA E 814 37.98 38.90 1.24
CA ALA E 814 38.77 40.06 0.87
C ALA E 814 39.44 39.85 -0.49
N ILE E 815 40.35 38.88 -0.58
CA ILE E 815 41.10 38.71 -1.83
C ILE E 815 40.16 38.35 -2.98
N GLY E 816 39.39 37.28 -2.84
CA GLY E 816 38.57 36.83 -3.94
C GLY E 816 37.59 37.89 -4.43
N ASP E 817 36.72 38.36 -3.55
CA ASP E 817 35.67 39.29 -3.96
C ASP E 817 36.14 40.74 -4.02
N GLN E 818 37.42 41.01 -3.75
CA GLN E 818 37.99 42.31 -4.08
C GLN E 818 38.66 42.28 -5.45
N LEU E 819 39.29 41.16 -5.79
CA LEU E 819 39.78 40.96 -7.14
C LEU E 819 38.66 40.65 -8.12
N ALA E 820 37.47 40.27 -7.63
CA ALA E 820 36.37 39.89 -8.51
C ALA E 820 36.06 40.93 -9.57
N LYS E 821 36.56 42.16 -9.41
CA LYS E 821 36.47 43.13 -10.50
C LYS E 821 37.58 42.93 -11.52
N MET E 822 38.83 42.82 -11.06
CA MET E 822 39.95 42.61 -11.96
C MET E 822 39.88 41.28 -12.68
N LEU E 823 39.60 40.19 -11.96
CA LEU E 823 39.46 38.87 -12.55
C LEU E 823 38.43 38.82 -13.66
N LEU E 824 37.65 39.89 -13.84
CA LEU E 824 36.65 40.02 -14.89
C LEU E 824 37.03 41.05 -15.93
N ALA E 825 37.75 42.11 -15.53
CA ALA E 825 38.10 43.17 -16.45
C ALA E 825 39.49 42.98 -17.06
N GLY E 826 40.50 42.86 -16.20
CA GLY E 826 41.87 42.64 -16.65
C GLY E 826 42.83 42.65 -15.47
N GLN E 827 43.97 43.30 -15.62
CA GLN E 827 44.98 43.51 -14.58
C GLN E 827 45.66 42.21 -14.17
N VAL E 828 45.25 41.06 -14.71
CA VAL E 828 45.77 39.78 -14.24
C VAL E 828 45.84 38.81 -15.42
N HIS E 829 46.85 37.94 -15.39
CA HIS E 829 46.86 36.75 -16.22
C HIS E 829 47.65 35.67 -15.46
N ASP E 830 47.78 34.49 -16.07
CA ASP E 830 48.36 33.36 -15.35
C ASP E 830 49.88 33.38 -15.42
N GLY E 831 50.46 34.56 -15.26
CA GLY E 831 51.88 34.69 -15.01
C GLY E 831 52.07 35.83 -14.04
N ASP E 832 50.97 36.43 -13.64
CA ASP E 832 50.97 37.58 -12.77
C ASP E 832 50.78 37.14 -11.33
N THR E 833 51.79 37.42 -10.51
CA THR E 833 51.73 37.14 -9.08
C THR E 833 50.68 37.99 -8.38
N VAL E 834 50.03 38.91 -9.10
CA VAL E 834 48.99 39.80 -8.57
C VAL E 834 49.51 40.48 -7.31
N PRO E 835 50.44 41.43 -7.44
CA PRO E 835 51.01 42.05 -6.25
C PRO E 835 49.97 42.80 -5.45
N VAL E 836 49.67 42.27 -4.27
CA VAL E 836 48.77 42.92 -3.32
C VAL E 836 49.60 43.34 -2.12
N ASN E 837 49.24 44.49 -1.55
CA ASN E 837 50.04 45.05 -0.48
C ASN E 837 49.12 45.78 0.49
N VAL E 838 49.72 46.39 1.50
CA VAL E 838 49.01 47.06 2.58
C VAL E 838 48.85 48.52 2.21
N SER E 839 47.63 48.92 1.88
CA SER E 839 47.33 50.34 1.90
C SER E 839 47.32 50.81 3.34
N PRO E 840 47.61 52.08 3.60
CA PRO E 840 47.66 52.59 4.97
C PRO E 840 46.44 52.24 5.81
N ASP E 841 45.33 51.92 5.16
CA ASP E 841 44.09 51.61 5.89
C ASP E 841 43.67 50.16 5.71
N ALA E 842 43.51 49.72 4.46
CA ALA E 842 43.02 48.38 4.17
C ALA E 842 43.94 47.65 3.20
N ASP E 843 43.50 46.50 2.70
CA ASP E 843 44.35 45.65 1.85
C ASP E 843 43.93 45.84 0.39
N SER E 844 44.47 46.88 -0.23
CA SER E 844 44.31 47.07 -1.66
C SER E 844 45.33 46.22 -2.41
N LEU E 845 45.41 46.38 -3.71
CA LEU E 845 46.45 45.71 -4.49
C LEU E 845 47.71 46.56 -4.53
N GLN F 159 34.05 -18.96 -43.64
CA GLN F 159 34.24 -18.14 -44.83
C GLN F 159 32.91 -17.66 -45.40
N ALA F 160 31.81 -18.10 -44.78
CA ALA F 160 30.48 -17.68 -45.18
C ALA F 160 29.98 -16.48 -44.39
N LEU F 161 30.87 -15.76 -43.71
CA LEU F 161 30.52 -14.52 -43.03
C LEU F 161 31.08 -13.30 -43.74
N GLN F 162 31.76 -13.49 -44.87
CA GLN F 162 32.33 -12.38 -45.62
C GLN F 162 31.26 -11.44 -46.17
N LYS F 163 30.03 -11.91 -46.30
CA LYS F 163 28.91 -11.06 -46.72
C LYS F 163 28.15 -10.47 -45.55
N TYR F 164 27.88 -11.27 -44.52
CA TYR F 164 27.06 -10.85 -43.40
C TYR F 164 27.80 -9.96 -42.42
N SER F 165 29.12 -9.85 -42.56
CA SER F 165 29.92 -9.03 -41.67
C SER F 165 30.99 -8.31 -42.48
N THR F 166 31.40 -7.14 -41.98
CA THR F 166 32.47 -6.39 -42.59
C THR F 166 33.80 -7.06 -42.23
N ASP F 167 34.91 -6.37 -42.50
CA ASP F 167 36.21 -6.91 -42.13
C ASP F 167 37.09 -5.80 -41.62
N LEU F 168 37.99 -6.14 -40.70
CA LEU F 168 38.99 -5.21 -40.21
C LEU F 168 40.38 -5.83 -40.22
N THR F 169 40.51 -7.06 -40.69
CA THR F 169 41.81 -7.63 -41.01
C THR F 169 42.33 -7.15 -42.35
N ALA F 170 41.43 -6.83 -43.29
CA ALA F 170 41.79 -6.35 -44.62
C ALA F 170 41.72 -4.84 -44.75
N ARG F 171 40.74 -4.20 -44.12
CA ARG F 171 40.70 -2.75 -44.10
C ARG F 171 41.95 -2.19 -43.44
N ALA F 172 42.52 -2.91 -42.48
CA ALA F 172 43.72 -2.44 -41.82
C ALA F 172 44.95 -2.63 -42.71
N ARG F 173 44.99 -3.69 -43.51
CA ARG F 173 46.08 -3.87 -44.47
C ARG F 173 46.00 -2.82 -45.57
N GLU F 174 44.78 -2.47 -45.99
CA GLU F 174 44.61 -1.43 -47.00
C GLU F 174 44.92 -0.06 -46.44
N GLY F 175 44.63 0.16 -45.16
CA GLY F 175 45.12 1.33 -44.47
C GLY F 175 44.08 2.36 -44.07
N LYS F 176 42.80 2.10 -44.30
CA LYS F 176 41.77 3.08 -44.01
C LYS F 176 41.17 2.74 -42.65
N LEU F 177 41.24 3.71 -41.72
CA LEU F 177 40.72 3.59 -40.37
C LEU F 177 40.61 4.99 -39.79
N ASP F 178 39.67 5.18 -38.87
CA ASP F 178 39.48 6.48 -38.26
C ASP F 178 40.68 6.84 -37.38
N PRO F 179 40.93 8.13 -37.16
CA PRO F 179 42.09 8.53 -36.34
C PRO F 179 42.02 8.05 -34.91
N VAL F 180 42.94 7.19 -34.51
CA VAL F 180 42.99 6.68 -33.15
C VAL F 180 44.28 7.15 -32.50
N ILE F 181 44.17 8.12 -31.60
CA ILE F 181 45.29 8.59 -30.79
C ILE F 181 44.88 8.48 -29.33
N GLY F 182 45.83 8.10 -28.49
CA GLY F 182 45.53 7.82 -27.09
C GLY F 182 44.91 6.46 -26.93
N ARG F 183 44.37 6.23 -25.73
CA ARG F 183 43.70 4.99 -25.37
C ARG F 183 44.60 3.77 -25.50
N ASP F 184 45.91 3.98 -25.56
CA ASP F 184 46.84 2.86 -25.71
C ASP F 184 46.89 2.02 -24.44
N ASN F 185 46.79 2.67 -23.28
CA ASN F 185 46.66 1.90 -22.05
C ASN F 185 45.37 1.09 -22.03
N GLU F 186 44.29 1.63 -22.62
CA GLU F 186 43.06 0.86 -22.73
C GLU F 186 43.25 -0.35 -23.62
N ILE F 187 43.92 -0.18 -24.76
CA ILE F 187 44.21 -1.31 -25.64
C ILE F 187 45.02 -2.36 -24.88
N ARG F 188 46.01 -1.91 -24.12
CA ARG F 188 46.83 -2.82 -23.33
C ARG F 188 45.97 -3.59 -22.33
N ARG F 189 45.03 -2.89 -21.69
CA ARG F 189 44.14 -3.55 -20.75
C ARG F 189 43.30 -4.60 -21.45
N VAL F 190 42.81 -4.30 -22.65
CA VAL F 190 41.95 -5.24 -23.37
C VAL F 190 42.74 -6.49 -23.76
N VAL F 191 43.94 -6.30 -24.30
CA VAL F 191 44.71 -7.49 -24.68
C VAL F 191 45.14 -8.25 -23.44
N GLN F 192 45.41 -7.55 -22.33
CA GLN F 192 45.79 -8.23 -21.10
C GLN F 192 44.66 -9.10 -20.58
N VAL F 193 43.43 -8.58 -20.61
CA VAL F 193 42.32 -9.38 -20.12
C VAL F 193 41.99 -10.49 -21.12
N LEU F 194 42.30 -10.29 -22.40
CA LEU F 194 42.13 -11.39 -23.34
C LEU F 194 43.13 -12.50 -23.10
N SER F 195 44.33 -12.17 -22.64
CA SER F 195 45.34 -13.19 -22.34
C SER F 195 45.16 -13.62 -20.89
N ARG F 196 44.05 -14.31 -20.64
CA ARG F 196 43.73 -14.83 -19.32
C ARG F 196 43.12 -16.21 -19.49
N ARG F 197 42.76 -16.83 -18.37
CA ARG F 197 42.07 -18.11 -18.42
C ARG F 197 40.58 -17.98 -18.19
N THR F 198 40.15 -17.20 -17.21
CA THR F 198 38.73 -17.03 -16.93
C THR F 198 38.42 -15.55 -16.85
N LYS F 199 37.14 -15.23 -17.05
CA LYS F 199 36.67 -13.84 -17.03
C LYS F 199 37.37 -13.00 -18.11
N ASN F 200 37.82 -13.65 -19.18
CA ASN F 200 38.45 -12.92 -20.28
C ASN F 200 37.35 -12.28 -21.12
N ASN F 201 37.70 -11.85 -22.33
CA ASN F 201 36.78 -11.30 -23.33
C ASN F 201 35.97 -10.14 -22.75
N PRO F 202 36.57 -8.96 -22.65
CA PRO F 202 35.97 -7.85 -21.90
C PRO F 202 34.74 -7.25 -22.53
N VAL F 203 34.23 -6.19 -21.89
CA VAL F 203 33.14 -5.38 -22.40
C VAL F 203 33.44 -3.93 -22.05
N LEU F 204 33.20 -3.03 -23.00
CA LEU F 204 33.52 -1.61 -22.79
C LEU F 204 32.30 -0.91 -22.20
N ILE F 205 32.51 -0.12 -21.16
CA ILE F 205 31.43 0.57 -20.46
C ILE F 205 31.70 2.07 -20.50
N GLY F 206 30.66 2.85 -20.80
CA GLY F 206 30.78 4.29 -20.88
C GLY F 206 29.48 4.97 -21.25
N GLU F 207 29.54 5.92 -22.18
CA GLU F 207 28.37 6.64 -22.69
C GLU F 207 28.61 6.90 -24.17
N PRO F 208 27.54 7.17 -24.93
CA PRO F 208 27.71 7.36 -26.37
C PRO F 208 28.59 8.55 -26.70
N GLY F 209 29.62 8.29 -27.48
CA GLY F 209 30.54 9.31 -27.94
C GLY F 209 31.81 9.46 -27.14
N VAL F 210 32.28 8.41 -26.46
CA VAL F 210 33.51 8.44 -25.69
C VAL F 210 34.71 7.98 -26.53
N GLY F 211 34.49 7.06 -27.45
CA GLY F 211 35.54 6.65 -28.34
C GLY F 211 35.92 5.20 -28.20
N LYS F 212 34.99 4.36 -27.77
CA LYS F 212 35.29 2.93 -27.70
C LYS F 212 35.24 2.29 -29.08
N THR F 213 34.39 2.79 -29.97
CA THR F 213 34.50 2.44 -31.37
C THR F 213 35.92 2.70 -31.87
N ALA F 214 36.43 3.89 -31.61
CA ALA F 214 37.81 4.21 -31.95
C ALA F 214 38.80 3.30 -31.24
N ILE F 215 38.48 2.89 -30.01
CA ILE F 215 39.36 1.99 -29.27
C ILE F 215 39.53 0.68 -30.02
N VAL F 216 38.42 0.07 -30.42
CA VAL F 216 38.54 -1.20 -31.12
C VAL F 216 39.19 -0.99 -32.49
N GLU F 217 38.97 0.16 -33.11
CA GLU F 217 39.61 0.41 -34.41
C GLU F 217 41.12 0.51 -34.28
N GLY F 218 41.60 1.25 -33.28
CA GLY F 218 43.03 1.31 -33.03
C GLY F 218 43.59 -0.04 -32.60
N LEU F 219 42.81 -0.82 -31.86
CA LEU F 219 43.20 -2.18 -31.55
C LEU F 219 43.45 -2.97 -32.82
N ALA F 220 42.55 -2.84 -33.79
CA ALA F 220 42.70 -3.57 -35.04
C ALA F 220 43.94 -3.11 -35.81
N GLN F 221 44.18 -1.80 -35.85
CA GLN F 221 45.37 -1.31 -36.54
C GLN F 221 46.64 -1.81 -35.88
N ARG F 222 46.70 -1.74 -34.54
CA ARG F 222 47.85 -2.28 -33.83
C ARG F 222 47.99 -3.78 -34.07
N ILE F 223 46.86 -4.47 -34.20
CA ILE F 223 46.91 -5.90 -34.49
C ILE F 223 47.59 -6.15 -35.82
N VAL F 224 47.17 -5.43 -36.86
CA VAL F 224 47.74 -5.66 -38.18
C VAL F 224 49.20 -5.22 -38.22
N ALA F 225 49.57 -4.26 -37.38
CA ALA F 225 50.98 -3.86 -37.32
C ALA F 225 51.82 -4.94 -36.65
N GLY F 226 51.43 -5.37 -35.46
CA GLY F 226 52.11 -6.41 -34.73
C GLY F 226 52.79 -5.90 -33.47
N ASP F 227 52.09 -6.02 -32.34
CA ASP F 227 52.62 -5.66 -31.03
C ASP F 227 52.15 -6.65 -29.97
N VAL F 228 51.99 -7.91 -30.33
CA VAL F 228 51.12 -8.83 -29.61
C VAL F 228 51.92 -9.91 -28.89
N PRO F 229 51.28 -10.69 -28.01
CA PRO F 229 51.92 -11.90 -27.48
C PRO F 229 51.89 -13.05 -28.49
N GLU F 230 52.29 -14.23 -28.04
CA GLU F 230 52.36 -15.38 -28.93
C GLU F 230 50.97 -15.89 -29.32
N SER F 231 50.00 -15.82 -28.40
CA SER F 231 48.66 -16.36 -28.65
C SER F 231 47.83 -15.48 -29.58
N LEU F 232 48.44 -14.50 -30.23
CA LEU F 232 47.73 -13.48 -30.98
C LEU F 232 48.30 -13.38 -32.40
N ARG F 233 48.34 -14.52 -33.09
CA ARG F 233 48.85 -14.56 -34.46
C ARG F 233 47.90 -13.85 -35.41
N ASP F 234 47.79 -12.53 -35.23
CA ASP F 234 47.02 -11.57 -36.02
C ASP F 234 45.51 -11.68 -35.76
N LYS F 235 45.07 -12.79 -35.16
CA LYS F 235 43.78 -12.93 -34.48
C LYS F 235 42.58 -12.54 -35.33
N THR F 236 42.81 -12.03 -36.55
CA THR F 236 41.80 -11.75 -37.56
C THR F 236 40.48 -11.32 -36.94
N ILE F 237 40.54 -10.31 -36.08
CA ILE F 237 39.33 -9.87 -35.38
C ILE F 237 38.33 -9.35 -36.40
N VAL F 238 37.08 -9.77 -36.23
CA VAL F 238 35.98 -9.37 -37.11
C VAL F 238 34.85 -8.83 -36.25
N ALA F 239 33.81 -8.34 -36.91
CA ALA F 239 32.59 -7.91 -36.25
C ALA F 239 31.44 -8.81 -36.66
N LEU F 240 30.33 -8.68 -35.95
CA LEU F 240 29.09 -9.31 -36.36
C LEU F 240 28.07 -8.23 -36.66
N ASP F 241 27.87 -7.97 -37.96
CA ASP F 241 27.12 -6.80 -38.41
C ASP F 241 25.69 -6.87 -37.88
N LEU F 242 25.37 -5.95 -36.96
CA LEU F 242 24.00 -5.76 -36.56
C LEU F 242 23.20 -4.97 -37.59
N GLY F 243 23.79 -4.70 -38.75
CA GLY F 243 23.04 -4.22 -39.90
C GLY F 243 22.73 -5.37 -40.84
N SER F 244 22.62 -6.57 -40.28
CA SER F 244 22.36 -7.78 -41.05
C SER F 244 21.05 -8.45 -40.63
N MET F 245 20.07 -7.67 -40.17
CA MET F 245 18.81 -8.23 -39.71
C MET F 245 17.62 -7.48 -40.31
N PHE F 255 14.65 -16.33 -39.44
CA PHE F 255 15.71 -15.46 -38.96
C PHE F 255 16.71 -16.26 -38.14
N GLU F 256 16.22 -16.99 -37.15
CA GLU F 256 17.07 -17.81 -36.31
C GLU F 256 17.64 -19.02 -37.04
N GLU F 257 17.21 -19.28 -38.26
CA GLU F 257 17.77 -20.33 -39.09
C GLU F 257 19.07 -19.91 -39.76
N ARG F 258 19.28 -18.62 -39.96
CA ARG F 258 20.51 -18.09 -40.54
C ARG F 258 21.63 -17.99 -39.52
N LEU F 259 21.30 -17.80 -38.25
CA LEU F 259 22.32 -17.57 -37.24
C LEU F 259 23.14 -18.83 -36.98
N LYS F 260 22.58 -20.01 -37.25
CA LYS F 260 23.40 -21.21 -37.25
C LYS F 260 24.44 -21.15 -38.35
N ALA F 261 24.04 -20.67 -39.53
CA ALA F 261 24.99 -20.51 -40.63
C ALA F 261 26.06 -19.47 -40.31
N VAL F 262 25.70 -18.45 -39.53
CA VAL F 262 26.70 -17.45 -39.15
C VAL F 262 27.63 -17.99 -38.07
N LEU F 263 27.07 -18.65 -37.07
CA LEU F 263 27.84 -19.14 -35.93
C LEU F 263 28.70 -20.34 -36.27
N ASP F 264 28.34 -21.13 -37.29
CA ASP F 264 29.11 -22.34 -37.59
C ASP F 264 30.51 -22.03 -38.07
N ASP F 265 30.68 -20.95 -38.85
CA ASP F 265 32.01 -20.54 -39.27
C ASP F 265 32.93 -20.23 -38.10
N ILE F 266 32.46 -19.48 -37.11
CA ILE F 266 33.30 -19.21 -35.96
C ILE F 266 33.48 -20.46 -35.12
N LYS F 267 32.44 -21.30 -35.07
CA LYS F 267 32.49 -22.50 -34.25
C LYS F 267 33.58 -23.45 -34.74
N ASN F 268 33.66 -23.65 -36.05
CA ASN F 268 34.68 -24.55 -36.59
C ASN F 268 36.07 -23.97 -36.44
N SER F 269 36.19 -22.66 -36.31
CA SER F 269 37.50 -22.05 -36.17
C SER F 269 38.07 -22.32 -34.78
N ALA F 270 39.38 -22.12 -34.66
CA ALA F 270 40.12 -22.33 -33.42
C ALA F 270 40.33 -21.02 -32.67
N GLY F 271 39.35 -20.13 -32.71
CA GLY F 271 39.47 -18.88 -32.02
C GLY F 271 40.38 -17.89 -32.70
N GLN F 272 40.32 -17.81 -34.03
CA GLN F 272 41.11 -16.85 -34.77
C GLN F 272 40.27 -15.81 -35.48
N ILE F 273 38.95 -15.89 -35.40
CA ILE F 273 38.08 -14.99 -36.13
C ILE F 273 37.19 -14.26 -35.13
N ILE F 274 37.72 -14.00 -33.94
CA ILE F 274 36.90 -13.53 -32.82
C ILE F 274 36.08 -12.31 -33.23
N THR F 275 34.90 -12.18 -32.63
CA THR F 275 33.90 -11.20 -33.05
C THR F 275 33.86 -10.02 -32.08
N PHE F 276 33.20 -8.96 -32.52
CA PHE F 276 32.97 -7.76 -31.72
C PHE F 276 31.50 -7.39 -31.86
N ILE F 277 30.69 -7.77 -30.88
CA ILE F 277 29.26 -7.48 -30.92
C ILE F 277 29.09 -6.04 -30.48
N ASP F 278 29.12 -5.13 -31.44
CA ASP F 278 28.83 -3.74 -31.16
C ASP F 278 27.40 -3.61 -30.65
N GLU F 279 27.26 -3.10 -29.43
CA GLU F 279 25.95 -2.89 -28.82
C GLU F 279 25.22 -4.21 -28.63
N LEU F 280 25.81 -5.10 -27.83
CA LEU F 280 25.17 -6.37 -27.46
C LEU F 280 24.17 -6.22 -26.33
N HIS F 281 24.07 -5.04 -25.74
CA HIS F 281 23.13 -4.75 -24.66
C HIS F 281 21.72 -5.27 -24.93
N THR F 282 21.32 -5.35 -26.20
CA THR F 282 20.01 -5.88 -26.57
C THR F 282 20.06 -7.34 -26.96
N ILE F 283 21.22 -7.84 -27.38
CA ILE F 283 21.34 -9.27 -27.70
C ILE F 283 21.03 -10.12 -26.48
N VAL F 284 21.33 -9.61 -25.29
CA VAL F 284 21.03 -10.31 -24.05
C VAL F 284 20.33 -9.38 -23.07
N ASN F 298 20.52 -18.36 -24.82
CA ASN F 298 19.77 -19.32 -25.63
C ASN F 298 20.65 -19.86 -26.74
N MET F 299 21.18 -18.95 -27.56
CA MET F 299 22.03 -19.33 -28.68
C MET F 299 23.50 -18.99 -28.45
N ILE F 300 23.80 -17.80 -27.94
CA ILE F 300 25.17 -17.40 -27.68
C ILE F 300 25.64 -17.83 -26.29
N LYS F 301 24.75 -17.98 -25.32
CA LYS F 301 25.18 -18.37 -23.99
C LYS F 301 25.74 -19.80 -23.93
N PRO F 302 25.08 -20.83 -24.45
CA PRO F 302 25.73 -22.16 -24.44
C PRO F 302 26.99 -22.20 -25.29
N MET F 303 27.02 -21.46 -26.40
CA MET F 303 28.24 -21.35 -27.19
C MET F 303 29.27 -20.46 -26.52
N LEU F 304 28.93 -19.85 -25.38
CA LEU F 304 29.93 -19.14 -24.60
C LEU F 304 30.43 -19.99 -23.44
N ALA F 305 29.56 -20.85 -22.89
CA ALA F 305 29.94 -21.72 -21.78
C ALA F 305 30.96 -22.78 -22.17
N ARG F 306 31.14 -23.03 -23.47
CA ARG F 306 32.22 -23.90 -23.91
C ARG F 306 33.51 -23.14 -24.15
N GLY F 307 33.44 -21.82 -24.34
CA GLY F 307 34.62 -21.01 -24.47
C GLY F 307 35.29 -21.07 -25.83
N GLU F 308 34.61 -20.62 -26.88
CA GLU F 308 35.16 -20.63 -28.22
C GLU F 308 35.19 -19.28 -28.91
N LEU F 309 34.29 -18.36 -28.57
CA LEU F 309 34.32 -17.02 -29.15
C LEU F 309 34.59 -16.00 -28.05
N ARG F 310 35.27 -14.92 -28.45
CA ARG F 310 35.60 -13.84 -27.53
C ARG F 310 34.43 -12.89 -27.30
N LEU F 311 33.80 -12.42 -28.37
CA LEU F 311 32.59 -11.62 -28.26
C LEU F 311 32.87 -10.37 -27.44
N VAL F 312 33.72 -9.51 -28.00
CA VAL F 312 34.09 -8.26 -27.32
C VAL F 312 32.88 -7.34 -27.27
N GLY F 313 32.59 -6.84 -26.06
CA GLY F 313 31.42 -6.03 -25.84
C GLY F 313 31.74 -4.56 -25.67
N ALA F 314 30.72 -3.74 -25.89
CA ALA F 314 30.82 -2.30 -25.69
C ALA F 314 29.42 -1.72 -25.56
N THR F 315 29.05 -1.29 -24.35
CA THR F 315 27.73 -0.73 -24.09
C THR F 315 27.89 0.48 -23.18
N THR F 316 26.79 0.92 -22.59
CA THR F 316 26.77 1.97 -21.59
C THR F 316 26.45 1.40 -20.22
N LEU F 317 26.74 2.20 -19.20
CA LEU F 317 26.77 1.69 -17.82
C LEU F 317 25.36 1.39 -17.30
N ASP F 318 24.40 2.27 -17.57
CA ASP F 318 23.06 2.07 -17.05
C ASP F 318 22.38 0.87 -17.71
N GLU F 319 22.47 0.78 -19.05
CA GLU F 319 21.97 -0.41 -19.74
C GLU F 319 22.69 -1.66 -19.29
N TYR F 320 23.98 -1.57 -19.00
CA TYR F 320 24.71 -2.71 -18.45
C TYR F 320 24.08 -3.16 -17.14
N ARG F 321 23.92 -2.23 -16.20
CA ARG F 321 23.37 -2.57 -14.90
C ARG F 321 21.96 -3.14 -15.02
N LYS F 322 21.20 -2.65 -15.99
CA LYS F 322 19.85 -3.17 -16.18
C LYS F 322 19.86 -4.58 -16.76
N HIS F 323 20.62 -4.79 -17.83
CA HIS F 323 20.58 -6.07 -18.53
C HIS F 323 21.44 -7.11 -17.85
N ILE F 324 22.74 -6.88 -17.78
CA ILE F 324 23.71 -7.93 -17.49
C ILE F 324 24.51 -7.64 -16.23
N GLU F 325 23.89 -7.00 -15.25
CA GLU F 325 24.48 -6.88 -13.94
C GLU F 325 23.92 -7.87 -12.94
N LYS F 326 22.62 -8.15 -13.01
CA LYS F 326 21.97 -9.03 -12.07
C LYS F 326 22.04 -10.50 -12.47
N ASP F 327 22.40 -10.79 -13.72
CA ASP F 327 22.48 -12.15 -14.20
C ASP F 327 23.91 -12.63 -14.08
N ALA F 328 24.23 -13.29 -12.97
CA ALA F 328 25.55 -13.85 -12.76
C ALA F 328 25.80 -15.11 -13.57
N ALA F 329 24.80 -15.59 -14.31
CA ALA F 329 24.98 -16.77 -15.15
C ALA F 329 25.97 -16.47 -16.29
N LEU F 330 26.06 -15.20 -16.68
CA LEU F 330 26.93 -14.79 -17.77
C LEU F 330 28.00 -13.79 -17.31
N GLU F 331 27.94 -13.36 -16.05
CA GLU F 331 28.89 -12.36 -15.55
C GLU F 331 30.23 -12.99 -15.18
N ARG F 332 30.36 -14.31 -15.33
CA ARG F 332 31.64 -14.98 -15.13
C ARG F 332 32.51 -14.98 -16.39
N ARG F 333 32.03 -14.38 -17.49
CA ARG F 333 32.79 -14.30 -18.72
C ARG F 333 32.76 -12.89 -19.31
N PHE F 334 32.65 -11.86 -18.47
CA PHE F 334 32.58 -10.48 -18.93
C PHE F 334 33.27 -9.61 -17.90
N GLN F 335 34.42 -9.03 -18.26
CA GLN F 335 35.12 -8.10 -17.39
C GLN F 335 34.96 -6.69 -17.94
N GLN F 336 34.18 -5.87 -17.25
CA GLN F 336 33.91 -4.53 -17.74
C GLN F 336 35.18 -3.69 -17.74
N VAL F 337 35.37 -2.93 -18.82
CA VAL F 337 36.52 -2.06 -18.97
C VAL F 337 35.98 -0.64 -19.05
N TYR F 338 36.27 0.16 -18.02
CA TYR F 338 35.80 1.53 -17.97
C TYR F 338 36.64 2.38 -18.91
N VAL F 339 36.04 3.41 -19.50
CA VAL F 339 36.74 4.39 -20.32
C VAL F 339 36.24 5.78 -19.94
N GLY F 340 37.12 6.76 -19.98
CA GLY F 340 36.73 8.15 -19.79
C GLY F 340 36.75 8.93 -21.07
N GLU F 341 36.07 10.07 -21.10
CA GLU F 341 36.04 10.88 -22.31
C GLU F 341 37.29 11.72 -22.54
N PRO F 342 37.73 12.54 -21.58
CA PRO F 342 38.53 13.71 -21.95
C PRO F 342 39.98 13.36 -22.27
N SER F 343 40.42 13.89 -23.41
CA SER F 343 41.82 13.81 -23.79
C SER F 343 42.24 15.12 -24.46
N VAL F 344 41.89 16.26 -23.85
CA VAL F 344 41.77 17.56 -24.49
C VAL F 344 42.86 17.83 -25.52
N GLU F 345 44.12 17.62 -25.12
CA GLU F 345 45.24 17.91 -25.98
C GLU F 345 45.27 16.99 -27.20
N ASP F 346 44.58 15.85 -27.14
CA ASP F 346 44.43 14.98 -28.30
C ASP F 346 43.05 15.06 -28.91
N THR F 347 42.04 15.54 -28.16
CA THR F 347 40.79 15.92 -28.79
C THR F 347 41.04 16.97 -29.85
N ILE F 348 41.96 17.89 -29.59
CA ILE F 348 42.29 18.86 -30.63
C ILE F 348 42.95 18.19 -31.82
N GLY F 349 43.77 17.15 -31.58
CA GLY F 349 44.34 16.41 -32.69
C GLY F 349 43.29 15.64 -33.47
N ILE F 350 42.25 15.18 -32.78
CA ILE F 350 41.15 14.49 -33.46
C ILE F 350 40.35 15.47 -34.30
N LEU F 351 40.06 16.64 -33.75
CA LEU F 351 39.48 17.72 -34.55
C LEU F 351 40.32 17.97 -35.80
N ARG F 352 41.64 17.98 -35.65
CA ARG F 352 42.52 18.14 -36.80
C ARG F 352 42.34 17.00 -37.80
N GLY F 353 42.40 15.77 -37.32
CA GLY F 353 42.18 14.61 -38.18
C GLY F 353 40.81 14.59 -38.82
N LEU F 354 39.89 15.43 -38.34
CA LEU F 354 38.59 15.60 -38.97
C LEU F 354 38.40 16.98 -39.59
N LYS F 355 39.26 17.95 -39.27
CA LYS F 355 39.14 19.28 -39.83
C LYS F 355 39.15 19.24 -41.35
N ASP F 356 39.89 18.33 -41.94
CA ASP F 356 39.90 18.23 -43.39
C ASP F 356 38.57 17.91 -43.96
N ARG F 357 37.83 17.04 -43.29
CA ARG F 357 36.58 16.53 -43.82
C ARG F 357 35.41 17.45 -43.55
N TYR F 358 35.57 18.47 -42.71
CA TYR F 358 34.46 19.40 -42.48
C TYR F 358 34.62 20.67 -43.28
N GLU F 359 35.81 20.91 -43.84
CA GLU F 359 36.00 22.07 -44.68
C GLU F 359 35.58 21.86 -46.12
N VAL F 360 35.15 20.65 -46.47
CA VAL F 360 34.83 20.38 -47.86
C VAL F 360 33.41 20.83 -48.21
N HIS F 361 32.40 20.34 -47.47
CA HIS F 361 31.04 20.82 -47.70
C HIS F 361 30.94 22.30 -47.38
N HIS F 362 31.16 22.65 -46.13
CA HIS F 362 31.18 24.06 -45.76
C HIS F 362 32.41 24.74 -46.35
N GLY F 363 32.17 25.72 -47.20
CA GLY F 363 33.27 26.48 -47.77
C GLY F 363 33.85 27.44 -46.75
N VAL F 364 34.33 26.92 -45.63
CA VAL F 364 34.79 27.74 -44.52
C VAL F 364 36.16 27.24 -44.07
N ARG F 365 36.83 28.07 -43.28
CA ARG F 365 38.10 27.72 -42.65
C ARG F 365 37.88 27.50 -41.17
N ILE F 366 38.23 26.32 -40.70
CA ILE F 366 38.12 25.94 -39.29
C ILE F 366 39.48 26.14 -38.65
N THR F 367 39.65 27.26 -37.95
CA THR F 367 40.96 27.64 -37.45
C THR F 367 41.30 26.93 -36.15
N ASP F 368 42.60 26.82 -35.89
CA ASP F 368 43.08 26.28 -34.63
C ASP F 368 42.58 27.07 -33.43
N SER F 369 42.35 28.37 -33.60
CA SER F 369 41.71 29.14 -32.53
C SER F 369 40.38 28.53 -32.16
N ALA F 370 39.57 28.20 -33.18
CA ALA F 370 38.28 27.55 -32.92
C ALA F 370 38.47 26.17 -32.32
N LEU F 371 39.41 25.39 -32.85
CA LEU F 371 39.70 24.08 -32.29
C LEU F 371 39.98 24.16 -30.80
N VAL F 372 40.89 25.06 -30.41
CA VAL F 372 41.33 25.11 -29.03
C VAL F 372 40.29 25.78 -28.14
N ALA F 373 39.44 26.65 -28.69
CA ALA F 373 38.40 27.25 -27.88
C ALA F 373 37.28 26.25 -27.60
N ALA F 374 36.78 25.59 -28.64
CA ALA F 374 35.77 24.56 -28.46
C ALA F 374 36.27 23.39 -27.63
N ALA F 375 37.54 23.02 -27.77
CA ALA F 375 38.13 22.00 -26.92
C ALA F 375 38.21 22.43 -25.47
N THR F 376 38.07 23.73 -25.20
CA THR F 376 38.27 24.25 -23.85
C THR F 376 37.05 24.91 -23.26
N LEU F 377 36.04 25.24 -24.06
CA LEU F 377 34.95 26.03 -23.49
C LEU F 377 33.70 25.20 -23.22
N SER F 378 33.17 24.50 -24.23
CA SER F 378 31.95 23.74 -24.06
C SER F 378 32.09 22.57 -23.10
N ASP F 379 33.28 22.33 -22.58
CA ASP F 379 33.50 21.18 -21.71
C ASP F 379 32.77 21.32 -20.38
N ARG F 380 33.06 22.39 -19.64
CA ARG F 380 32.44 22.58 -18.33
C ARG F 380 31.02 23.14 -18.46
N TYR F 381 30.73 23.87 -19.52
CA TYR F 381 29.48 24.59 -19.62
C TYR F 381 28.36 23.72 -20.17
N ILE F 382 28.55 23.15 -21.35
CA ILE F 382 27.50 22.32 -21.97
C ILE F 382 27.72 20.90 -21.44
N THR F 383 27.25 20.68 -20.22
CA THR F 383 27.42 19.38 -19.57
C THR F 383 26.15 18.55 -19.69
N ALA F 384 25.81 18.25 -20.93
CA ALA F 384 24.76 17.28 -21.23
C ALA F 384 25.28 16.13 -22.08
N ARG F 385 26.09 16.43 -23.07
CA ARG F 385 26.80 15.43 -23.85
C ARG F 385 28.27 15.45 -23.47
N PHE F 386 29.07 14.68 -24.19
CA PHE F 386 30.43 14.41 -23.81
C PHE F 386 31.39 14.94 -24.86
N LEU F 387 32.61 15.27 -24.41
CA LEU F 387 33.57 15.99 -25.24
C LEU F 387 33.82 15.32 -26.60
N PRO F 388 34.15 14.03 -26.68
CA PRO F 388 34.69 13.50 -27.94
C PRO F 388 33.74 13.56 -29.12
N ASP F 389 32.45 13.88 -28.92
CA ASP F 389 31.60 14.22 -30.05
C ASP F 389 30.90 15.57 -29.89
N LYS F 390 30.77 16.08 -28.67
CA LYS F 390 30.16 17.40 -28.54
C LYS F 390 31.12 18.49 -29.02
N ALA F 391 32.42 18.31 -28.80
CA ALA F 391 33.39 19.20 -29.41
C ALA F 391 33.40 19.06 -30.93
N ILE F 392 32.84 17.95 -31.44
CA ILE F 392 32.69 17.80 -32.88
C ILE F 392 31.46 18.52 -33.37
N ASP F 393 30.33 18.35 -32.67
CA ASP F 393 29.10 18.95 -33.13
C ASP F 393 29.13 20.46 -33.00
N LEU F 394 29.86 20.99 -32.02
CA LEU F 394 29.99 22.44 -31.95
C LEU F 394 30.64 22.98 -33.21
N VAL F 395 31.73 22.37 -33.65
CA VAL F 395 32.41 22.89 -34.83
C VAL F 395 31.56 22.65 -36.07
N ASP F 396 30.84 21.52 -36.13
CA ASP F 396 29.99 21.28 -37.30
C ASP F 396 28.90 22.34 -37.40
N GLU F 397 28.21 22.62 -36.30
CA GLU F 397 27.16 23.62 -36.33
C GLU F 397 27.70 25.02 -36.55
N ALA F 398 28.87 25.34 -35.99
CA ALA F 398 29.48 26.63 -36.29
C ALA F 398 29.77 26.76 -37.77
N ALA F 399 30.28 25.70 -38.38
CA ALA F 399 30.53 25.73 -39.81
C ALA F 399 29.26 25.96 -40.60
N SER F 400 28.19 25.24 -40.26
CA SER F 400 26.94 25.41 -41.00
C SER F 400 26.36 26.80 -40.82
N ARG F 401 26.43 27.33 -39.60
CA ARG F 401 25.92 28.67 -39.33
C ARG F 401 26.69 29.72 -40.12
N LEU F 402 28.02 29.59 -40.16
CA LEU F 402 28.81 30.53 -40.93
C LEU F 402 28.51 30.41 -42.42
N ARG F 403 28.44 29.19 -42.93
CA ARG F 403 28.14 29.00 -44.34
C ARG F 403 26.79 29.61 -44.70
N MET F 404 25.83 29.54 -43.78
CA MET F 404 24.55 30.20 -44.00
C MET F 404 24.73 31.71 -44.06
N GLU F 405 25.41 32.28 -43.07
CA GLU F 405 25.50 33.74 -43.04
C GLU F 405 26.40 34.31 -44.12
N ILE F 406 27.20 33.47 -44.80
CA ILE F 406 27.97 33.96 -45.93
C ILE F 406 27.06 34.45 -47.03
N ASP F 407 25.87 33.86 -47.16
CA ASP F 407 24.83 34.45 -47.99
C ASP F 407 24.63 35.90 -47.58
N SER F 408 24.32 36.76 -48.56
CA SER F 408 24.51 38.21 -48.47
C SER F 408 24.23 38.79 -47.10
N ARG F 409 23.00 38.64 -46.61
CA ARG F 409 22.74 39.26 -45.32
C ARG F 409 22.96 38.26 -44.20
N PRO F 410 23.86 38.56 -43.27
CA PRO F 410 24.14 37.62 -42.18
C PRO F 410 23.19 37.76 -41.02
N VAL F 411 23.46 37.02 -39.94
CA VAL F 411 22.73 37.15 -38.68
C VAL F 411 22.86 38.58 -38.20
N GLU F 412 21.89 39.05 -37.41
CA GLU F 412 21.79 40.38 -36.83
C GLU F 412 21.81 41.46 -37.91
N ILE F 413 21.75 41.04 -39.17
CA ILE F 413 21.48 41.91 -40.29
C ILE F 413 20.22 41.35 -40.93
N ASP F 414 19.92 40.10 -40.63
CA ASP F 414 18.68 39.45 -41.03
C ASP F 414 17.63 39.48 -39.92
N GLU F 415 17.94 40.09 -38.78
CA GLU F 415 17.04 40.06 -37.63
C GLU F 415 16.29 41.36 -37.43
N VAL F 416 17.00 42.48 -37.30
CA VAL F 416 16.31 43.74 -37.08
C VAL F 416 15.53 44.13 -38.33
N GLU F 417 15.98 43.69 -39.51
CA GLU F 417 15.22 43.95 -40.72
C GLU F 417 13.89 43.23 -40.71
N ARG F 418 13.86 41.96 -40.32
CA ARG F 418 12.62 41.22 -40.18
C ARG F 418 11.77 41.76 -39.05
N LEU F 419 12.38 42.39 -38.07
CA LEU F 419 11.64 43.03 -36.98
C LEU F 419 11.01 44.34 -37.44
N VAL F 420 11.77 45.18 -38.13
CA VAL F 420 11.26 46.51 -38.48
C VAL F 420 10.21 46.39 -39.58
N ARG F 421 10.36 45.41 -40.47
CA ARG F 421 9.34 45.19 -41.49
C ARG F 421 8.02 44.79 -40.85
N ARG F 422 8.08 43.82 -39.95
CA ARG F 422 6.88 43.39 -39.24
C ARG F 422 6.30 44.53 -38.41
N LEU F 423 7.16 45.26 -37.70
CA LEU F 423 6.71 46.36 -36.85
C LEU F 423 5.92 47.38 -37.66
N GLU F 424 6.40 47.72 -38.85
CA GLU F 424 5.70 48.70 -39.68
C GLU F 424 4.27 48.27 -39.94
N ILE F 425 4.10 47.03 -40.43
CA ILE F 425 2.77 46.53 -40.73
C ILE F 425 1.87 46.59 -39.51
N GLU F 426 2.45 46.52 -38.31
CA GLU F 426 1.66 46.67 -37.10
C GLU F 426 1.26 48.14 -36.89
N GLU F 427 1.94 49.06 -37.55
CA GLU F 427 1.58 50.47 -37.40
C GLU F 427 0.56 50.89 -38.44
N MET F 428 0.67 50.40 -39.67
CA MET F 428 -0.24 50.78 -40.75
C MET F 428 -1.62 50.17 -40.59
N ALA F 429 -1.83 49.40 -39.52
CA ALA F 429 -3.13 48.79 -39.27
C ALA F 429 -3.75 49.40 -38.03
N LEU F 430 -3.01 50.28 -37.35
CA LEU F 430 -3.50 50.94 -36.15
C LEU F 430 -3.97 52.36 -36.37
N SER F 431 -3.51 53.02 -37.44
CA SER F 431 -4.03 54.35 -37.76
C SER F 431 -5.53 54.31 -38.00
N LYS F 432 -5.99 53.30 -38.73
CA LYS F 432 -7.41 53.13 -39.03
C LYS F 432 -8.14 52.45 -37.86
N GLU F 433 -7.97 53.00 -36.67
CA GLU F 433 -8.59 52.50 -35.45
C GLU F 433 -9.31 53.66 -34.78
N GLU F 434 -10.64 53.62 -34.80
CA GLU F 434 -11.44 54.71 -34.23
C GLU F 434 -11.55 54.56 -32.72
N ASP F 435 -10.43 54.39 -32.05
CA ASP F 435 -10.41 54.19 -30.60
C ASP F 435 -9.42 55.15 -29.97
N GLU F 436 -9.70 55.50 -28.72
CA GLU F 436 -8.84 56.38 -27.96
C GLU F 436 -7.95 55.54 -27.04
N ALA F 437 -8.42 54.34 -26.71
CA ALA F 437 -7.64 53.49 -25.82
C ALA F 437 -6.48 52.82 -26.55
N SER F 438 -6.57 52.70 -27.88
CA SER F 438 -5.48 52.14 -28.67
C SER F 438 -4.54 53.22 -29.19
N ALA F 439 -4.84 54.49 -28.95
CA ALA F 439 -3.90 55.55 -29.32
C ALA F 439 -2.62 55.44 -28.54
N GLU F 440 -2.72 55.17 -27.24
CA GLU F 440 -1.54 55.00 -26.40
C GLU F 440 -0.74 53.76 -26.78
N ARG F 441 -1.36 52.79 -27.44
CA ARG F 441 -0.61 51.69 -28.02
C ARG F 441 -0.08 52.04 -29.41
N LEU F 442 -0.76 52.94 -30.11
CA LEU F 442 -0.22 53.50 -31.34
C LEU F 442 0.89 54.51 -31.07
N ALA F 443 0.83 55.23 -29.95
CA ALA F 443 1.83 56.20 -29.59
C ALA F 443 3.11 55.57 -29.06
N LYS F 444 3.16 54.27 -28.87
CA LYS F 444 4.37 53.60 -28.43
C LYS F 444 4.96 52.67 -29.48
N LEU F 445 4.12 51.89 -30.16
CA LEU F 445 4.61 51.06 -31.26
C LEU F 445 5.35 51.91 -32.29
N ARG F 446 4.87 53.13 -32.52
CA ARG F 446 5.60 54.05 -33.39
C ARG F 446 7.00 54.29 -32.86
N SER F 447 7.12 54.55 -31.56
CA SER F 447 8.41 54.93 -30.99
C SER F 447 9.42 53.78 -31.11
N GLU F 448 9.01 52.58 -30.72
CA GLU F 448 9.92 51.45 -30.79
C GLU F 448 10.34 51.17 -32.23
N LEU F 449 9.45 51.42 -33.18
CA LEU F 449 9.84 51.36 -34.58
C LEU F 449 10.90 52.41 -34.87
N ALA F 450 10.69 53.64 -34.39
CA ALA F 450 11.65 54.70 -34.60
C ALA F 450 12.97 54.40 -33.89
N ASP F 451 12.94 53.56 -32.87
CA ASP F 451 14.16 53.23 -32.16
C ASP F 451 14.89 52.06 -32.82
N GLN F 452 14.13 51.17 -33.46
CA GLN F 452 14.75 50.01 -34.11
C GLN F 452 15.22 50.35 -35.51
N LYS F 453 14.56 51.31 -36.16
CA LYS F 453 14.96 51.71 -37.52
C LYS F 453 16.39 52.19 -37.54
N GLU F 454 16.79 52.95 -36.53
CA GLU F 454 18.15 53.49 -36.48
C GLU F 454 19.18 52.37 -36.37
N LYS F 455 19.00 51.50 -35.38
CA LYS F 455 19.98 50.44 -35.12
C LYS F 455 20.13 49.52 -36.33
N LEU F 456 19.12 49.52 -37.19
CA LEU F 456 19.29 48.88 -38.49
C LEU F 456 20.28 49.65 -39.34
N ALA F 457 20.14 50.97 -39.40
CA ALA F 457 21.02 51.80 -40.21
C ALA F 457 22.46 51.71 -39.71
N GLU F 458 22.64 51.89 -38.41
CA GLU F 458 23.99 51.92 -37.83
C GLU F 458 24.77 50.67 -38.19
N LEU F 459 24.15 49.49 -38.07
CA LEU F 459 24.82 48.26 -38.50
C LEU F 459 25.03 48.25 -40.00
N THR F 460 24.02 48.68 -40.76
CA THR F 460 24.12 48.67 -42.21
C THR F 460 25.25 49.56 -42.70
N THR F 461 25.38 50.76 -42.13
CA THR F 461 26.48 51.65 -42.50
C THR F 461 27.82 51.00 -42.19
N ARG F 462 27.99 50.46 -40.98
CA ARG F 462 29.24 49.85 -40.60
C ARG F 462 29.56 48.63 -41.45
N TRP F 463 28.54 48.05 -42.11
CA TRP F 463 28.77 46.86 -42.92
C TRP F 463 29.68 47.16 -44.09
N GLN F 464 29.39 48.24 -44.83
CA GLN F 464 30.19 48.56 -46.01
C GLN F 464 31.66 48.80 -45.65
N ASN F 465 31.91 49.25 -44.42
CA ASN F 465 33.29 49.39 -43.95
C ASN F 465 34.05 48.09 -44.11
N GLU F 466 33.52 47.01 -43.54
CA GLU F 466 34.13 45.70 -43.70
C GLU F 466 33.97 45.14 -45.10
N LYS F 467 33.11 45.75 -45.93
CA LYS F 467 32.89 45.27 -47.28
C LYS F 467 33.96 45.76 -48.27
N ASN F 468 34.59 46.89 -47.99
CA ASN F 468 35.60 47.45 -48.89
C ASN F 468 37.02 47.29 -48.34
N ALA F 469 37.17 47.35 -47.02
CA ALA F 469 38.48 47.15 -46.41
C ALA F 469 38.93 45.70 -46.56
N LYS F 530 32.46 38.58 -42.02
CA LYS F 530 33.21 37.44 -41.50
C LYS F 530 33.20 36.31 -42.51
N GLU F 531 34.38 35.70 -42.73
CA GLU F 531 34.51 34.64 -43.73
C GLU F 531 35.28 33.43 -43.21
N GLU F 532 35.36 33.25 -41.89
CA GLU F 532 36.18 32.19 -41.33
C GLU F 532 35.68 31.89 -39.93
N VAL F 533 35.96 30.67 -39.47
CA VAL F 533 35.53 30.27 -38.13
C VAL F 533 36.52 30.80 -37.10
N GLY F 534 36.00 31.23 -35.96
CA GLY F 534 36.83 31.77 -34.91
C GLY F 534 36.37 31.34 -33.53
N PRO F 535 36.67 32.16 -32.52
CA PRO F 535 36.25 31.85 -31.15
C PRO F 535 34.93 32.48 -30.72
N ASP F 536 34.36 33.37 -31.52
CA ASP F 536 33.13 34.05 -31.15
C ASP F 536 31.89 33.26 -31.56
N ASP F 537 31.89 32.69 -32.77
CA ASP F 537 30.80 31.81 -33.17
C ASP F 537 30.73 30.59 -32.25
N ILE F 538 31.85 30.22 -31.66
CA ILE F 538 31.83 29.14 -30.68
C ILE F 538 30.92 29.49 -29.52
N ALA F 539 31.22 30.58 -28.82
CA ALA F 539 30.39 31.00 -27.70
C ALA F 539 28.96 31.26 -28.14
N ASP F 540 28.79 31.74 -29.38
CA ASP F 540 27.46 31.90 -29.95
C ASP F 540 26.69 30.59 -29.88
N VAL F 541 27.26 29.52 -30.44
CA VAL F 541 26.57 28.23 -30.44
C VAL F 541 26.43 27.70 -29.02
N VAL F 542 27.34 28.08 -28.12
CA VAL F 542 27.16 27.70 -26.72
C VAL F 542 25.90 28.30 -26.15
N SER F 543 25.74 29.62 -26.29
CA SER F 543 24.57 30.29 -25.74
C SER F 543 23.28 29.74 -26.34
N ALA F 544 23.27 29.50 -27.65
CA ALA F 544 22.11 28.90 -28.29
C ALA F 544 21.92 27.43 -27.92
N TRP F 545 22.77 26.90 -27.04
CA TRP F 545 22.64 25.53 -26.58
C TRP F 545 22.31 25.53 -25.09
N THR F 546 21.25 24.80 -24.73
CA THR F 546 20.80 24.62 -23.34
C THR F 546 20.56 25.95 -22.63
N GLY F 547 20.44 27.05 -23.37
CA GLY F 547 20.21 28.35 -22.78
C GLY F 547 21.33 28.87 -21.91
N ILE F 548 22.37 28.07 -21.65
CA ILE F 548 23.43 28.46 -20.74
C ILE F 548 24.26 29.57 -21.38
N PRO F 549 24.52 30.67 -20.68
CA PRO F 549 25.42 31.70 -21.22
C PRO F 549 26.87 31.45 -20.86
N ALA F 550 27.69 31.34 -21.90
CA ALA F 550 29.12 31.09 -21.75
C ALA F 550 29.84 31.77 -22.91
N GLY F 551 30.27 33.01 -22.70
CA GLY F 551 31.07 33.69 -23.69
C GLY F 551 32.29 34.34 -23.08
N ARG F 552 33.06 35.03 -23.91
CA ARG F 552 34.24 35.74 -23.40
C ARG F 552 33.87 36.90 -22.51
N LEU F 553 33.21 37.93 -23.05
CA LEU F 553 32.55 38.95 -22.26
C LEU F 553 31.53 39.62 -23.17
N LEU F 554 30.25 39.40 -22.92
CA LEU F 554 29.25 39.43 -23.98
C LEU F 554 28.73 40.83 -24.30
N GLU F 555 29.45 41.88 -23.92
CA GLU F 555 29.34 43.22 -24.51
C GLU F 555 27.95 43.83 -24.40
N GLY F 556 27.01 43.12 -23.78
CA GLY F 556 25.74 43.70 -23.41
C GLY F 556 25.43 43.32 -21.97
N GLU F 557 26.23 42.40 -21.45
CA GLU F 557 26.07 41.85 -20.12
C GLU F 557 27.09 42.41 -19.14
N THR F 558 27.88 43.40 -19.56
CA THR F 558 29.03 43.85 -18.79
C THR F 558 28.68 44.75 -17.62
N ALA F 559 27.85 45.78 -17.82
CA ALA F 559 27.53 46.73 -16.77
C ALA F 559 26.36 46.29 -15.91
N LYS F 560 25.61 45.28 -16.36
CA LYS F 560 24.53 44.74 -15.53
C LYS F 560 25.07 44.13 -14.25
N LEU F 561 26.07 43.25 -14.37
CA LEU F 561 26.52 42.47 -13.22
C LEU F 561 27.27 43.31 -12.20
N LEU F 562 27.91 44.40 -12.63
CA LEU F 562 28.55 45.28 -11.66
C LEU F 562 27.52 46.18 -10.98
N ARG F 563 26.34 46.28 -11.58
CA ARG F 563 25.20 47.02 -11.06
C ARG F 563 24.22 46.13 -10.32
N MET F 564 24.57 44.87 -10.08
CA MET F 564 23.62 43.88 -9.56
C MET F 564 23.13 44.25 -8.18
N GLU F 565 24.05 44.51 -7.26
CA GLU F 565 23.66 44.90 -5.89
C GLU F 565 22.75 46.11 -5.90
N ASP F 566 22.91 46.99 -6.88
CA ASP F 566 22.08 48.18 -6.95
C ASP F 566 20.84 47.94 -7.79
N GLU F 567 20.97 47.19 -8.88
CA GLU F 567 19.83 46.83 -9.71
C GLU F 567 18.81 46.01 -8.93
N LEU F 568 19.28 45.18 -8.00
CA LEU F 568 18.37 44.39 -7.19
C LEU F 568 17.71 45.23 -6.11
N GLY F 569 18.30 46.35 -5.73
CA GLY F 569 17.69 47.25 -4.78
C GLY F 569 16.49 48.00 -5.28
N LYS F 570 16.03 47.72 -6.50
CA LYS F 570 14.78 48.29 -6.98
C LYS F 570 13.58 47.49 -6.49
N ARG F 571 13.78 46.24 -6.10
CA ARG F 571 12.69 45.37 -5.70
C ARG F 571 12.79 44.88 -4.27
N VAL F 572 13.98 44.72 -3.72
CA VAL F 572 14.19 44.26 -2.35
C VAL F 572 14.92 45.37 -1.60
N ILE F 573 14.47 45.66 -0.40
CA ILE F 573 14.96 46.80 0.36
C ILE F 573 15.50 46.31 1.70
N GLY F 574 16.69 46.77 2.06
CA GLY F 574 17.32 46.33 3.28
C GLY F 574 18.22 45.13 3.06
N GLN F 575 18.67 44.56 4.18
CA GLN F 575 19.55 43.38 4.16
C GLN F 575 20.74 43.58 3.21
N LYS F 576 21.53 44.62 3.48
CA LYS F 576 22.75 44.83 2.70
C LYS F 576 23.66 43.62 2.80
N ALA F 577 23.77 43.04 3.99
CA ALA F 577 24.61 41.86 4.17
C ALA F 577 24.14 40.71 3.30
N ALA F 578 22.84 40.56 3.12
CA ALA F 578 22.32 39.46 2.32
C ALA F 578 22.44 39.71 0.83
N VAL F 579 22.23 40.95 0.39
CA VAL F 579 22.36 41.23 -1.04
C VAL F 579 23.82 41.15 -1.47
N THR F 580 24.74 41.64 -0.64
CA THR F 580 26.16 41.48 -0.94
C THR F 580 26.51 40.02 -1.13
N ALA F 581 26.02 39.16 -0.24
CA ALA F 581 26.37 37.75 -0.30
C ALA F 581 25.75 37.06 -1.51
N VAL F 582 24.45 37.26 -1.74
CA VAL F 582 23.81 36.60 -2.87
C VAL F 582 24.40 37.11 -4.18
N SER F 583 24.92 38.34 -4.19
CA SER F 583 25.51 38.90 -5.39
C SER F 583 26.92 38.38 -5.65
N ASP F 584 27.77 38.31 -4.62
CA ASP F 584 29.16 37.92 -4.84
C ASP F 584 29.30 36.49 -5.34
N ALA F 585 28.20 35.75 -5.50
CA ALA F 585 28.25 34.38 -5.96
C ALA F 585 27.65 34.18 -7.35
N VAL F 586 27.19 35.22 -8.01
CA VAL F 586 26.77 35.11 -9.40
C VAL F 586 27.88 35.53 -10.34
N ARG F 587 28.62 36.58 -9.96
CA ARG F 587 29.80 36.97 -10.72
C ARG F 587 30.84 35.86 -10.69
N ARG F 588 31.11 35.29 -9.51
CA ARG F 588 32.11 34.24 -9.40
C ARG F 588 31.77 33.01 -10.23
N SER F 589 30.54 32.92 -10.73
CA SER F 589 30.18 31.93 -11.73
C SER F 589 30.28 32.46 -13.14
N ARG F 590 29.95 33.74 -13.34
CA ARG F 590 30.11 34.33 -14.66
C ARG F 590 31.55 34.70 -14.93
N ALA F 591 32.40 34.70 -13.90
CA ALA F 591 33.82 34.92 -14.08
C ALA F 591 34.59 33.63 -14.39
N GLY F 592 34.11 32.48 -13.92
CA GLY F 592 34.83 31.24 -14.10
C GLY F 592 35.74 30.87 -12.94
N VAL F 593 35.48 31.41 -11.76
CA VAL F 593 36.33 31.18 -10.60
C VAL F 593 35.82 30.07 -9.68
N SER F 594 34.51 29.93 -9.55
CA SER F 594 33.93 29.07 -8.51
C SER F 594 34.23 27.60 -8.77
N ASP F 595 33.89 26.78 -7.78
CA ASP F 595 34.14 25.35 -7.86
C ASP F 595 33.29 24.72 -8.96
N PRO F 596 33.88 23.90 -9.83
CA PRO F 596 33.15 23.43 -11.01
C PRO F 596 32.27 22.22 -10.74
N ASN F 597 32.41 21.56 -9.60
CA ASN F 597 31.54 20.43 -9.24
C ASN F 597 30.85 20.75 -7.91
N ARG F 598 29.81 21.56 -7.99
CA ARG F 598 28.95 22.03 -6.92
C ARG F 598 27.95 22.97 -7.57
N PRO F 599 26.76 23.19 -7.00
CA PRO F 599 25.86 24.16 -7.60
C PRO F 599 26.50 25.53 -7.70
N THR F 600 26.10 26.29 -8.72
CA THR F 600 26.60 27.65 -8.88
C THR F 600 26.28 28.53 -7.69
N GLY F 601 25.49 28.03 -6.76
CA GLY F 601 25.24 28.67 -5.48
C GLY F 601 24.17 27.91 -4.74
N ALA F 602 24.38 27.67 -3.45
CA ALA F 602 23.40 26.93 -2.66
C ALA F 602 23.61 27.32 -1.20
N PHE F 603 22.68 28.10 -0.66
CA PHE F 603 22.77 28.57 0.71
C PHE F 603 21.40 29.00 1.18
N MET F 604 21.27 29.19 2.49
CA MET F 604 19.98 29.38 3.14
C MET F 604 19.95 30.74 3.83
N PHE F 605 18.79 31.39 3.79
CA PHE F 605 18.51 32.51 4.66
C PHE F 605 17.23 32.26 5.43
N LEU F 606 17.18 32.76 6.67
CA LEU F 606 16.08 32.52 7.58
C LEU F 606 15.99 33.68 8.55
N GLY F 607 14.80 33.88 9.10
CA GLY F 607 14.55 34.97 10.01
C GLY F 607 13.06 35.19 10.18
N PRO F 608 12.67 36.32 10.78
CA PRO F 608 11.24 36.56 11.04
C PRO F 608 10.44 36.68 9.74
N THR F 609 9.12 36.72 9.85
CA THR F 609 8.25 36.71 8.69
C THR F 609 7.95 38.12 8.22
N GLY F 610 7.65 38.25 6.93
CA GLY F 610 7.38 39.54 6.35
C GLY F 610 8.60 40.43 6.25
N VAL F 611 9.77 39.83 6.01
CA VAL F 611 11.01 40.57 5.84
C VAL F 611 11.45 40.60 4.38
N GLY F 612 11.20 39.53 3.64
CA GLY F 612 11.50 39.51 2.24
C GLY F 612 12.23 38.26 1.80
N LYS F 613 12.29 37.25 2.66
CA LYS F 613 13.06 36.05 2.32
C LYS F 613 12.47 35.29 1.15
N THR F 614 11.30 35.68 0.65
CA THR F 614 10.77 35.14 -0.60
C THR F 614 10.81 36.15 -1.74
N GLU F 615 10.51 37.42 -1.45
CA GLU F 615 10.61 38.45 -2.48
C GLU F 615 12.03 38.55 -3.00
N LEU F 616 13.03 38.24 -2.18
CA LEU F 616 14.41 38.29 -2.64
C LEU F 616 14.67 37.23 -3.70
N ALA F 617 14.23 36.00 -3.47
CA ALA F 617 14.40 34.95 -4.46
C ALA F 617 13.61 35.26 -5.71
N LYS F 618 12.40 35.79 -5.55
CA LYS F 618 11.61 36.16 -6.73
C LYS F 618 12.31 37.25 -7.54
N ALA F 619 12.79 38.30 -6.88
CA ALA F 619 13.55 39.32 -7.56
C ALA F 619 14.78 38.76 -8.26
N LEU F 620 15.44 37.78 -7.66
CA LEU F 620 16.58 37.15 -8.30
C LEU F 620 16.16 36.44 -9.58
N ALA F 621 15.07 35.67 -9.52
CA ALA F 621 14.63 34.95 -10.72
C ALA F 621 14.06 35.87 -11.79
N ASP F 622 13.65 37.08 -11.42
CA ASP F 622 13.05 37.99 -12.38
C ASP F 622 14.05 38.65 -13.31
N PHE F 623 15.27 38.93 -12.83
CA PHE F 623 16.23 39.64 -13.68
C PHE F 623 17.25 38.73 -14.34
N LEU F 624 17.16 37.42 -14.13
CA LEU F 624 18.01 36.51 -14.91
C LEU F 624 17.25 35.91 -16.08
N PHE F 625 15.94 35.70 -15.92
CA PHE F 625 15.12 35.11 -16.96
C PHE F 625 14.10 36.08 -17.55
N ASP F 626 13.96 37.27 -16.96
CA ASP F 626 13.05 38.33 -17.40
C ASP F 626 11.57 37.97 -17.28
N ASP F 627 11.24 36.85 -16.64
CA ASP F 627 9.86 36.58 -16.27
C ASP F 627 9.85 35.72 -15.02
N GLU F 628 9.11 36.17 -14.02
CA GLU F 628 9.14 35.55 -12.69
C GLU F 628 8.56 34.14 -12.70
N ARG F 629 7.75 33.80 -13.68
CA ARG F 629 7.19 32.46 -13.81
C ARG F 629 8.27 31.40 -14.03
N ALA F 630 9.51 31.80 -14.30
CA ALA F 630 10.57 30.87 -14.68
C ALA F 630 11.38 30.38 -13.49
N MET F 631 10.76 30.27 -12.33
CA MET F 631 11.41 29.76 -11.13
C MET F 631 10.74 28.45 -10.73
N VAL F 632 11.53 27.44 -10.42
CA VAL F 632 10.99 26.17 -9.93
C VAL F 632 10.77 26.28 -8.43
N ARG F 633 9.51 26.24 -8.02
CA ARG F 633 9.13 26.45 -6.63
C ARG F 633 8.41 25.20 -6.15
N ILE F 634 9.04 24.47 -5.23
CA ILE F 634 8.43 23.33 -4.58
C ILE F 634 8.32 23.63 -3.10
N ASP F 635 7.24 23.15 -2.48
CA ASP F 635 6.94 23.41 -1.09
C ASP F 635 7.24 22.16 -0.27
N MET F 636 8.04 22.31 0.77
CA MET F 636 8.41 21.20 1.63
C MET F 636 7.39 20.95 2.73
N SER F 637 6.26 21.66 2.71
CA SER F 637 5.23 21.43 3.70
C SER F 637 4.30 20.29 3.34
N GLU F 638 4.23 19.93 2.06
CA GLU F 638 3.50 18.76 1.63
C GLU F 638 4.30 17.47 1.78
N TYR F 639 5.62 17.57 1.90
CA TYR F 639 6.49 16.41 2.05
C TYR F 639 6.77 16.14 3.52
N GLY F 640 5.70 15.90 4.26
CA GLY F 640 5.80 15.60 5.67
C GLY F 640 5.80 14.12 5.96
N GLU F 641 5.65 13.30 4.93
CA GLU F 641 5.66 11.85 5.04
C GLU F 641 6.94 11.28 4.45
N LYS F 642 7.29 10.07 4.90
CA LYS F 642 8.46 9.41 4.35
C LYS F 642 8.22 9.00 2.90
N HIS F 643 7.10 8.36 2.62
CA HIS F 643 6.85 7.83 1.28
C HIS F 643 6.54 8.91 0.27
N THR F 644 6.71 10.19 0.62
CA THR F 644 6.59 11.28 -0.32
C THR F 644 7.93 11.67 -0.94
N VAL F 645 8.97 10.89 -0.69
CA VAL F 645 10.23 11.11 -1.40
C VAL F 645 10.08 10.72 -2.86
N ALA F 646 9.28 9.70 -3.16
CA ALA F 646 9.01 9.30 -4.53
C ALA F 646 8.07 10.26 -5.25
N ARG F 647 7.62 11.31 -4.58
CA ARG F 647 6.80 12.32 -5.24
C ARG F 647 7.62 13.19 -6.18
N LEU F 648 8.84 13.54 -5.79
CA LEU F 648 9.73 14.31 -6.62
C LEU F 648 10.85 13.47 -7.23
N ILE F 649 10.68 12.16 -7.28
CA ILE F 649 11.69 11.28 -7.86
C ILE F 649 11.02 10.35 -8.87
N GLY F 650 9.73 10.12 -8.71
CA GLY F 650 9.01 9.21 -9.56
C GLY F 650 8.82 7.86 -8.91
N ALA F 651 7.92 7.06 -9.49
CA ALA F 651 7.77 5.75 -8.87
C ALA F 651 8.47 4.68 -9.70
N PRO F 652 8.94 3.62 -9.06
CA PRO F 652 9.74 2.60 -9.76
C PRO F 652 8.97 1.98 -10.92
N PRO F 653 9.66 1.32 -11.84
CA PRO F 653 8.97 0.76 -13.00
C PRO F 653 8.03 -0.37 -12.62
N GLY F 654 6.92 -0.46 -13.32
CA GLY F 654 5.93 -1.48 -13.08
C GLY F 654 4.80 -1.09 -12.14
N TYR F 655 4.77 0.15 -11.67
CA TYR F 655 3.77 0.63 -10.73
C TYR F 655 2.78 1.53 -11.47
N VAL F 656 1.91 2.21 -10.71
CA VAL F 656 0.83 2.97 -11.33
C VAL F 656 1.37 4.26 -11.94
N GLY F 657 1.89 5.16 -11.09
CA GLY F 657 2.40 6.40 -11.63
C GLY F 657 3.85 6.26 -12.04
N TYR F 658 4.07 5.90 -13.30
CA TYR F 658 5.39 5.59 -13.81
C TYR F 658 5.80 6.46 -14.98
N GLU F 659 4.94 6.60 -15.99
CA GLU F 659 5.25 7.47 -17.11
C GLU F 659 5.20 8.93 -16.73
N ALA F 660 4.57 9.28 -15.60
CA ALA F 660 4.47 10.66 -15.19
C ALA F 660 5.82 11.26 -14.83
N GLY F 661 6.82 10.43 -14.57
CA GLY F 661 8.11 10.95 -14.19
C GLY F 661 8.04 11.69 -12.87
N GLY F 662 9.17 12.27 -12.49
CA GLY F 662 9.28 12.96 -11.23
C GLY F 662 8.54 14.28 -11.24
N GLN F 663 8.87 15.10 -10.26
CA GLN F 663 8.34 16.46 -10.12
C GLN F 663 9.44 17.50 -9.97
N LEU F 664 10.54 17.15 -9.30
CA LEU F 664 11.70 18.02 -9.26
C LEU F 664 12.71 17.63 -10.33
N THR F 665 12.94 16.33 -10.51
CA THR F 665 13.91 15.88 -11.49
C THR F 665 13.46 16.18 -12.91
N GLU F 666 12.17 16.05 -13.21
CA GLU F 666 11.71 16.25 -14.58
C GLU F 666 11.70 17.70 -15.01
N ALA F 667 11.88 18.64 -14.07
CA ALA F 667 12.00 20.04 -14.42
C ALA F 667 13.44 20.46 -14.66
N VAL F 668 14.40 19.84 -13.96
CA VAL F 668 15.80 20.18 -14.13
C VAL F 668 16.49 19.29 -15.16
N ARG F 669 15.88 18.17 -15.54
CA ARG F 669 16.45 17.38 -16.63
C ARG F 669 16.37 18.13 -17.95
N ARG F 670 15.24 18.77 -18.22
CA ARG F 670 15.05 19.54 -19.44
C ARG F 670 15.23 21.02 -19.11
N ARG F 671 16.18 21.66 -19.80
CA ARG F 671 16.54 23.06 -19.60
C ARG F 671 16.98 23.33 -18.18
N PRO F 672 18.14 22.81 -17.77
CA PRO F 672 18.68 23.19 -16.46
C PRO F 672 19.39 24.53 -16.48
N TYR F 673 18.71 25.58 -16.07
CA TYR F 673 19.41 26.81 -15.71
C TYR F 673 18.73 27.56 -14.57
N THR F 674 17.65 27.05 -14.01
CA THR F 674 16.75 27.84 -13.20
C THR F 674 17.29 28.02 -11.79
N VAL F 675 16.47 28.63 -10.95
CA VAL F 675 16.68 28.65 -9.50
C VAL F 675 15.55 27.84 -8.89
N VAL F 676 15.89 26.96 -7.95
CA VAL F 676 14.92 26.07 -7.33
C VAL F 676 14.69 26.56 -5.91
N LEU F 677 13.44 26.79 -5.56
CA LEU F 677 13.07 27.34 -4.27
C LEU F 677 12.48 26.25 -3.40
N PHE F 678 12.98 26.14 -2.18
CA PHE F 678 12.55 25.11 -1.23
C PHE F 678 11.76 25.79 -0.13
N ASP F 679 10.46 25.97 -0.36
CA ASP F 679 9.61 26.67 0.60
C ASP F 679 9.48 25.89 1.89
N GLU F 680 9.83 26.55 2.99
CA GLU F 680 9.63 26.02 4.34
C GLU F 680 10.29 24.66 4.50
N ILE F 681 11.62 24.67 4.39
CA ILE F 681 12.39 23.43 4.49
C ILE F 681 12.18 22.73 5.82
N GLU F 682 11.84 23.47 6.88
CA GLU F 682 11.71 22.85 8.19
C GLU F 682 10.55 21.87 8.24
N LYS F 683 9.48 22.13 7.50
CA LYS F 683 8.28 21.31 7.58
C LYS F 683 8.43 19.97 6.88
N ALA F 684 9.56 19.69 6.25
CA ALA F 684 9.69 18.46 5.52
C ALA F 684 10.04 17.29 6.44
N HIS F 685 9.85 16.09 5.92
CA HIS F 685 10.26 14.89 6.64
C HIS F 685 11.78 14.83 6.69
N PRO F 686 12.37 14.55 7.85
CA PRO F 686 13.84 14.57 7.92
C PRO F 686 14.46 13.35 7.25
N ASP F 687 13.92 13.02 6.07
CA ASP F 687 14.51 12.02 5.19
C ASP F 687 14.80 12.53 3.80
N VAL F 688 14.04 13.52 3.30
CA VAL F 688 14.41 14.15 2.04
C VAL F 688 15.73 14.88 2.14
N PHE F 689 16.10 15.31 3.36
CA PHE F 689 17.42 15.91 3.56
C PHE F 689 18.52 15.01 3.04
N ASP F 690 18.32 13.70 3.07
CA ASP F 690 19.32 12.77 2.58
C ASP F 690 19.47 12.81 1.06
N VAL F 691 18.55 13.45 0.35
CA VAL F 691 18.67 13.65 -1.09
C VAL F 691 19.46 14.91 -1.42
N LEU F 692 19.13 16.01 -0.74
CA LEU F 692 19.93 17.21 -0.89
C LEU F 692 21.35 17.00 -0.39
N LEU F 693 21.55 16.07 0.55
CA LEU F 693 22.90 15.73 0.96
C LEU F 693 23.66 15.10 -0.20
N GLN F 694 22.96 14.39 -1.08
CA GLN F 694 23.59 13.92 -2.30
C GLN F 694 23.83 15.03 -3.29
N VAL F 695 22.84 15.88 -3.52
CA VAL F 695 22.97 16.94 -4.51
C VAL F 695 24.12 17.87 -4.15
N LEU F 696 24.34 18.10 -2.86
CA LEU F 696 25.48 18.88 -2.43
C LEU F 696 26.77 18.11 -2.65
N ASP F 697 27.73 18.76 -3.29
CA ASP F 697 29.09 18.31 -3.54
C ASP F 697 29.19 17.12 -4.49
N GLU F 698 28.09 16.61 -4.99
CA GLU F 698 28.17 15.65 -6.08
C GLU F 698 27.58 16.19 -7.36
N GLY F 699 26.48 16.92 -7.29
CA GLY F 699 25.92 17.59 -8.44
C GLY F 699 24.93 16.79 -9.25
N ARG F 700 24.30 15.77 -8.68
CA ARG F 700 23.32 14.99 -9.41
C ARG F 700 22.53 14.13 -8.46
N LEU F 701 21.58 13.39 -9.02
CA LEU F 701 20.79 12.42 -8.27
C LEU F 701 20.09 11.49 -9.24
N THR F 702 19.61 10.36 -8.72
CA THR F 702 18.99 9.32 -9.52
C THR F 702 17.48 9.29 -9.28
N ASP F 703 16.76 8.78 -10.28
CA ASP F 703 15.30 8.74 -10.26
C ASP F 703 14.83 7.30 -10.46
N GLY F 704 13.52 7.14 -10.63
CA GLY F 704 12.90 5.84 -10.73
C GLY F 704 13.36 5.02 -11.93
N HIS F 705 13.79 5.66 -13.01
CA HIS F 705 14.28 4.92 -14.16
C HIS F 705 15.75 4.59 -14.07
N GLY F 706 16.49 5.28 -13.19
CA GLY F 706 17.88 4.97 -12.96
C GLY F 706 18.86 5.97 -13.55
N ARG F 707 18.41 6.90 -14.38
CA ARG F 707 19.34 7.88 -14.94
C ARG F 707 19.64 8.97 -13.91
N THR F 708 20.62 9.80 -14.24
CA THR F 708 21.12 10.83 -13.33
C THR F 708 20.99 12.18 -14.02
N VAL F 709 20.16 13.07 -13.47
CA VAL F 709 20.11 14.45 -13.95
C VAL F 709 21.13 15.29 -13.20
N ASP F 710 21.60 16.34 -13.86
CA ASP F 710 22.71 17.14 -13.35
C ASP F 710 22.20 18.40 -12.67
N PHE F 711 22.94 18.86 -11.65
CA PHE F 711 22.54 19.99 -10.82
C PHE F 711 23.71 20.94 -10.61
N ARG F 712 24.51 21.18 -11.65
CA ARG F 712 25.75 21.92 -11.49
C ARG F 712 25.65 23.40 -11.87
N ASN F 713 24.58 23.83 -12.51
CA ASN F 713 24.49 25.20 -13.02
C ASN F 713 23.33 25.99 -12.43
N THR F 714 22.63 25.45 -11.44
CA THR F 714 21.48 26.09 -10.84
C THR F 714 21.86 26.72 -9.51
N ILE F 715 20.94 27.46 -8.93
CA ILE F 715 21.10 28.02 -7.60
C ILE F 715 20.06 27.34 -6.71
N LEU F 716 20.48 26.94 -5.51
CA LEU F 716 19.57 26.30 -4.57
C LEU F 716 19.33 27.20 -3.37
N ILE F 717 18.07 27.48 -3.11
CA ILE F 717 17.68 28.39 -2.03
C ILE F 717 16.89 27.63 -0.99
N LEU F 718 17.14 27.95 0.28
CA LEU F 718 16.41 27.38 1.40
C LEU F 718 15.80 28.53 2.19
N THR F 719 14.52 28.41 2.52
CA THR F 719 13.84 29.40 3.34
C THR F 719 13.24 28.70 4.56
N SER F 720 13.18 29.43 5.66
CA SER F 720 12.67 28.90 6.92
C SER F 720 12.48 30.05 7.89
N ASN F 721 11.82 29.76 9.02
CA ASN F 721 11.62 30.75 10.06
C ASN F 721 11.81 30.12 11.44
N LEU F 722 12.85 29.31 11.59
CA LEU F 722 13.16 28.73 12.89
C LEU F 722 13.49 29.83 13.90
N GLY F 723 13.05 29.62 15.13
CA GLY F 723 13.29 30.57 16.19
C GLY F 723 12.35 31.75 16.12
N SER F 724 12.63 32.65 15.17
CA SER F 724 11.74 33.75 14.82
C SER F 724 11.58 34.77 15.94
N GLY F 725 12.17 34.50 17.10
CA GLY F 725 12.17 35.46 18.18
C GLY F 725 13.53 35.69 18.82
N GLY F 726 14.42 34.72 18.66
CA GLY F 726 15.71 34.78 19.31
C GLY F 726 16.69 35.68 18.56
N SER F 727 17.64 36.23 19.31
CA SER F 727 18.55 37.21 18.72
C SER F 727 19.41 36.59 17.63
N ALA F 728 20.39 35.78 18.03
CA ALA F 728 21.15 34.99 17.08
C ALA F 728 21.50 33.60 17.58
N GLU F 729 21.43 33.34 18.88
CA GLU F 729 21.86 32.07 19.45
C GLU F 729 20.77 31.03 19.42
N GLN F 730 19.54 31.42 19.70
CA GLN F 730 18.41 30.50 19.66
C GLN F 730 18.21 29.96 18.24
N VAL F 731 18.27 30.84 17.23
CA VAL F 731 18.09 30.38 15.85
C VAL F 731 19.27 29.55 15.39
N LEU F 732 20.49 29.96 15.77
CA LEU F 732 21.67 29.17 15.42
C LEU F 732 21.57 27.77 16.01
N ALA F 733 21.26 27.68 17.30
CA ALA F 733 21.13 26.37 17.94
C ALA F 733 20.01 25.57 17.32
N ALA F 734 18.90 26.24 16.97
CA ALA F 734 17.77 25.53 16.40
C ALA F 734 18.11 24.91 15.06
N VAL F 735 18.79 25.67 14.18
CA VAL F 735 19.14 25.11 12.88
C VAL F 735 20.23 24.07 13.04
N ARG F 736 21.13 24.26 14.02
CA ARG F 736 22.20 23.28 14.22
C ARG F 736 21.66 21.97 14.76
N ALA F 737 20.56 22.03 15.53
CA ALA F 737 19.98 20.82 16.09
C ALA F 737 18.84 20.28 15.25
N THR F 738 18.45 20.99 14.19
CA THR F 738 17.42 20.50 13.30
C THR F 738 17.97 19.83 12.05
N PHE F 739 19.08 20.34 11.52
CA PHE F 739 19.74 19.75 10.36
C PHE F 739 21.07 19.14 10.80
N LYS F 740 21.50 18.11 10.08
CA LYS F 740 22.81 17.55 10.33
C LYS F 740 23.89 18.60 10.10
N PRO F 741 24.96 18.59 10.89
CA PRO F 741 26.04 19.54 10.62
C PRO F 741 26.78 19.24 9.33
N GLU F 742 26.70 18.00 8.84
CA GLU F 742 27.31 17.63 7.58
C GLU F 742 26.40 17.87 6.40
N PHE F 743 25.23 18.45 6.68
CA PHE F 743 24.36 19.05 5.68
C PHE F 743 24.55 20.56 5.60
N ILE F 744 24.62 21.22 6.75
CA ILE F 744 25.08 22.60 6.83
C ILE F 744 26.52 22.74 6.39
N ASN F 745 27.25 21.63 6.28
CA ASN F 745 28.66 21.69 5.91
C ASN F 745 28.82 22.17 4.47
N ARG F 746 28.22 21.46 3.51
CA ARG F 746 28.36 21.82 2.12
C ARG F 746 27.69 23.14 1.77
N LEU F 747 26.91 23.72 2.69
CA LEU F 747 26.23 24.96 2.36
C LEU F 747 27.20 26.13 2.38
N ASP F 748 26.84 27.16 1.63
CA ASP F 748 27.59 28.41 1.63
C ASP F 748 27.18 29.20 2.87
N ASP F 749 27.53 30.48 2.91
CA ASP F 749 27.18 31.32 4.05
C ASP F 749 25.71 31.16 4.41
N VAL F 750 25.43 31.10 5.70
CA VAL F 750 24.08 30.99 6.22
C VAL F 750 23.63 32.39 6.59
N LEU F 751 22.45 32.78 6.14
CA LEU F 751 22.04 34.17 6.27
C LEU F 751 20.89 34.30 7.26
N ILE F 752 20.93 35.40 8.02
CA ILE F 752 19.91 35.72 9.00
C ILE F 752 19.43 37.13 8.70
N PHE F 753 18.21 37.26 8.21
CA PHE F 753 17.65 38.57 7.91
C PHE F 753 17.27 39.28 9.20
N GLU F 754 17.31 40.61 9.17
CA GLU F 754 17.12 41.41 10.38
C GLU F 754 15.65 41.65 10.70
N GLY F 755 14.92 42.27 9.78
CA GLY F 755 13.60 42.80 10.06
C GLY F 755 13.60 44.28 9.72
N LEU F 756 12.42 44.79 9.41
CA LEU F 756 12.31 46.12 8.83
C LEU F 756 12.20 47.20 9.91
N ASN F 757 12.42 48.44 9.49
CA ASN F 757 12.51 49.62 10.34
C ASN F 757 11.74 50.75 9.68
N PRO F 758 11.50 51.85 10.41
CA PRO F 758 10.73 52.95 9.80
C PRO F 758 11.41 53.59 8.60
N GLU F 759 12.74 53.73 8.61
CA GLU F 759 13.42 54.39 7.51
C GLU F 759 13.34 53.61 6.21
N GLU F 760 13.19 52.29 6.28
CA GLU F 760 13.09 51.46 5.08
C GLU F 760 11.66 51.22 4.65
N LEU F 761 10.68 51.78 5.36
CA LEU F 761 9.29 51.50 5.08
C LEU F 761 8.69 52.47 4.07
N VAL F 762 9.17 53.71 4.00
CA VAL F 762 8.68 54.62 2.98
C VAL F 762 9.04 54.12 1.59
N ARG F 763 10.25 53.57 1.44
CA ARG F 763 10.67 53.00 0.16
C ARG F 763 9.78 51.84 -0.25
N ILE F 764 9.17 51.15 0.72
CA ILE F 764 8.27 50.06 0.39
C ILE F 764 6.87 50.58 0.09
N VAL F 765 6.44 51.63 0.78
CA VAL F 765 5.15 52.24 0.46
C VAL F 765 5.15 52.72 -0.99
N ASP F 766 6.29 53.28 -1.43
CA ASP F 766 6.38 53.72 -2.82
C ASP F 766 6.24 52.55 -3.79
N ILE F 767 6.85 51.41 -3.49
CA ILE F 767 6.75 50.25 -4.38
C ILE F 767 5.31 49.75 -4.42
N GLN F 768 4.66 49.69 -3.25
CA GLN F 768 3.27 49.25 -3.21
C GLN F 768 2.38 50.16 -4.06
N LEU F 769 2.52 51.48 -3.89
CA LEU F 769 1.65 52.38 -4.62
C LEU F 769 1.94 52.36 -6.11
N ALA F 770 3.21 52.18 -6.49
CA ALA F 770 3.54 52.08 -7.91
C ALA F 770 2.94 50.83 -8.52
N GLN F 771 3.03 49.70 -7.82
CA GLN F 771 2.41 48.48 -8.33
C GLN F 771 0.90 48.63 -8.43
N LEU F 772 0.28 49.27 -7.44
CA LEU F 772 -1.16 49.47 -7.46
C LEU F 772 -1.57 50.33 -8.66
N GLY F 773 -0.82 51.39 -8.93
CA GLY F 773 -1.09 52.18 -10.11
C GLY F 773 -0.95 51.39 -11.39
N LYS F 774 0.14 50.63 -11.51
CA LYS F 774 0.32 49.81 -12.70
C LYS F 774 -0.82 48.82 -12.87
N ARG F 775 -1.38 48.34 -11.75
CA ARG F 775 -2.51 47.43 -11.84
C ARG F 775 -3.75 48.15 -12.34
N LEU F 776 -4.20 49.18 -11.63
CA LEU F 776 -5.34 49.94 -12.12
C LEU F 776 -4.91 51.02 -13.11
N ALA F 777 -4.04 50.63 -14.03
CA ALA F 777 -3.83 51.34 -15.28
C ALA F 777 -4.53 50.65 -16.43
N GLN F 778 -5.23 49.55 -16.17
CA GLN F 778 -6.01 48.87 -17.19
C GLN F 778 -7.37 49.52 -17.43
N ARG F 779 -7.78 50.44 -16.55
CA ARG F 779 -8.97 51.25 -16.77
C ARG F 779 -8.61 52.73 -16.83
N ARG F 780 -7.31 53.04 -16.87
CA ARG F 780 -6.83 54.41 -17.01
C ARG F 780 -7.38 55.30 -15.90
N LEU F 781 -7.01 54.97 -14.68
CA LEU F 781 -7.47 55.65 -13.47
C LEU F 781 -6.30 56.00 -12.58
N GLN F 782 -5.27 56.62 -13.16
CA GLN F 782 -4.06 56.94 -12.42
C GLN F 782 -4.37 57.69 -11.14
N LEU F 783 -3.53 57.49 -10.14
CA LEU F 783 -3.75 58.05 -8.81
C LEU F 783 -2.81 59.22 -8.56
N GLN F 784 -3.07 59.95 -7.47
CA GLN F 784 -2.25 61.11 -7.10
C GLN F 784 -2.22 61.18 -5.57
N VAL F 785 -1.10 60.77 -5.00
CA VAL F 785 -0.96 60.64 -3.55
C VAL F 785 -0.01 61.73 -3.05
N SER F 786 -0.31 62.28 -1.88
CA SER F 786 0.48 63.36 -1.31
C SER F 786 1.56 62.83 -0.37
N LEU F 787 2.55 63.68 -0.12
CA LEU F 787 3.60 63.31 0.82
C LEU F 787 3.10 63.13 2.25
N PRO F 788 2.24 64.00 2.79
CA PRO F 788 1.65 63.67 4.10
C PRO F 788 0.89 62.36 4.08
N ALA F 789 0.29 62.01 2.94
CA ALA F 789 -0.42 60.73 2.84
C ALA F 789 0.56 59.57 2.94
N LYS F 790 1.67 59.65 2.19
CA LYS F 790 2.63 58.55 2.22
C LYS F 790 3.26 58.44 3.61
N ARG F 791 3.43 59.58 4.30
CA ARG F 791 3.97 59.52 5.65
C ARG F 791 2.96 58.94 6.64
N TRP F 792 1.70 59.36 6.57
CA TRP F 792 0.65 58.74 7.36
C TRP F 792 0.61 57.23 7.17
N LEU F 793 0.67 56.78 5.92
CA LEU F 793 0.72 55.34 5.64
C LEU F 793 1.92 54.70 6.30
N ALA F 794 3.13 55.12 5.91
CA ALA F 794 4.35 54.49 6.42
C ALA F 794 4.46 54.57 7.92
N GLN F 795 3.72 55.45 8.59
CA GLN F 795 3.68 55.46 10.04
C GLN F 795 2.63 54.50 10.60
N ARG F 796 1.49 54.36 9.92
CA ARG F 796 0.40 53.57 10.47
C ARG F 796 0.80 52.11 10.66
N GLY F 797 1.08 51.41 9.56
CA GLY F 797 1.39 50.00 9.65
C GLY F 797 2.88 49.74 9.75
N PHE F 798 3.38 49.55 10.97
CA PHE F 798 4.81 49.39 11.20
C PHE F 798 5.17 48.23 12.12
N ASP F 799 4.26 47.78 12.98
CA ASP F 799 4.51 46.90 14.12
C ASP F 799 5.53 45.81 13.80
N PRO F 800 6.63 45.74 14.58
CA PRO F 800 7.76 44.88 14.18
C PRO F 800 7.58 43.43 14.58
N VAL F 801 6.39 42.87 14.37
CA VAL F 801 6.16 41.46 14.65
C VAL F 801 5.64 40.70 13.45
N TYR F 802 5.06 41.35 12.46
CA TYR F 802 4.52 40.69 11.29
C TYR F 802 5.24 41.08 10.00
N GLY F 803 6.10 42.09 10.04
CA GLY F 803 6.84 42.48 8.86
C GLY F 803 6.14 43.53 8.02
N ALA F 804 5.91 43.22 6.74
CA ALA F 804 5.37 44.19 5.80
C ALA F 804 3.96 43.88 5.33
N ARG F 805 3.47 42.65 5.47
CA ARG F 805 2.13 42.33 4.99
C ARG F 805 1.05 43.25 5.54
N PRO F 806 1.07 43.66 6.80
CA PRO F 806 0.10 44.66 7.25
C PRO F 806 0.06 45.90 6.38
N LEU F 807 1.16 46.25 5.72
CA LEU F 807 1.12 47.41 4.84
C LEU F 807 0.21 47.16 3.65
N ARG F 808 0.31 45.98 3.03
CA ARG F 808 -0.58 45.66 1.92
C ARG F 808 -2.02 45.59 2.38
N ARG F 809 -2.24 45.01 3.56
CA ARG F 809 -3.60 44.97 4.10
C ARG F 809 -4.15 46.37 4.30
N LEU F 810 -3.35 47.27 4.85
CA LEU F 810 -3.82 48.63 5.10
C LEU F 810 -4.03 49.38 3.80
N VAL F 811 -3.15 49.20 2.83
CA VAL F 811 -3.33 49.82 1.53
C VAL F 811 -4.68 49.45 0.95
N GLN F 812 -4.96 48.14 0.88
CA GLN F 812 -6.25 47.69 0.38
C GLN F 812 -7.38 48.33 1.18
N GLN F 813 -7.40 48.07 2.49
CA GLN F 813 -8.53 48.46 3.33
C GLN F 813 -8.76 49.97 3.34
N ALA F 814 -7.73 50.76 3.09
CA ALA F 814 -7.87 52.21 3.24
C ALA F 814 -8.09 52.92 1.91
N ILE F 815 -7.63 52.34 0.81
CA ILE F 815 -7.78 52.99 -0.48
C ILE F 815 -8.74 52.22 -1.38
N GLY F 816 -8.47 50.93 -1.59
CA GLY F 816 -9.25 50.18 -2.55
C GLY F 816 -10.69 50.04 -2.14
N ASP F 817 -10.95 50.00 -0.83
CA ASP F 817 -12.31 49.92 -0.35
C ASP F 817 -13.14 51.11 -0.84
N GLN F 818 -12.68 52.32 -0.52
CA GLN F 818 -13.41 53.51 -0.94
C GLN F 818 -13.46 53.60 -2.47
N LEU F 819 -12.33 53.33 -3.13
CA LEU F 819 -12.30 53.49 -4.57
C LEU F 819 -13.29 52.55 -5.25
N ALA F 820 -13.38 51.31 -4.77
CA ALA F 820 -14.33 50.38 -5.35
C ALA F 820 -15.75 50.66 -4.89
N LYS F 821 -15.91 51.36 -3.78
CA LYS F 821 -17.23 51.83 -3.39
C LYS F 821 -17.73 52.85 -4.40
N MET F 822 -16.85 53.74 -4.85
CA MET F 822 -17.25 54.77 -5.79
C MET F 822 -17.30 54.28 -7.23
N LEU F 823 -16.37 53.42 -7.64
CA LEU F 823 -16.21 53.02 -9.03
C LEU F 823 -17.45 52.39 -9.62
N LEU F 824 -18.23 51.67 -8.82
CA LEU F 824 -19.50 51.12 -9.27
C LEU F 824 -20.69 51.96 -8.86
N ALA F 825 -20.46 53.09 -8.18
CA ALA F 825 -21.49 54.09 -7.95
C ALA F 825 -21.36 55.26 -8.93
N GLY F 826 -20.85 54.99 -10.13
CA GLY F 826 -20.54 56.04 -11.07
C GLY F 826 -19.50 57.00 -10.54
N GLN F 827 -19.39 58.13 -11.23
CA GLN F 827 -18.67 59.34 -10.85
C GLN F 827 -17.15 59.19 -10.86
N VAL F 828 -16.60 58.01 -11.11
CA VAL F 828 -15.15 57.86 -11.21
C VAL F 828 -14.82 57.10 -12.50
N HIS F 829 -15.60 57.30 -13.54
CA HIS F 829 -15.49 56.54 -14.78
C HIS F 829 -14.10 56.63 -15.40
N ASP F 830 -13.85 55.82 -16.43
CA ASP F 830 -12.53 55.66 -17.02
C ASP F 830 -11.95 57.01 -17.45
N GLY F 831 -10.64 57.03 -17.64
CA GLY F 831 -9.94 58.24 -18.02
C GLY F 831 -10.06 59.30 -16.94
N ASP F 832 -9.43 59.07 -15.80
CA ASP F 832 -9.60 59.97 -14.67
C ASP F 832 -8.41 59.80 -13.72
N THR F 833 -8.25 60.79 -12.85
CA THR F 833 -7.19 60.78 -11.84
C THR F 833 -7.73 61.45 -10.59
N VAL F 834 -7.84 60.68 -9.51
CA VAL F 834 -8.43 61.15 -8.27
C VAL F 834 -7.32 61.39 -7.25
N PRO F 835 -7.30 62.53 -6.57
CA PRO F 835 -6.24 62.78 -5.60
C PRO F 835 -6.62 62.36 -4.19
N VAL F 836 -5.63 62.02 -3.39
CA VAL F 836 -5.86 61.62 -2.00
C VAL F 836 -5.20 62.66 -1.11
N ASN F 837 -5.71 62.79 0.11
CA ASN F 837 -5.19 63.76 1.05
C ASN F 837 -5.45 63.28 2.46
N VAL F 838 -4.56 63.65 3.37
CA VAL F 838 -4.69 63.25 4.77
C VAL F 838 -5.86 63.99 5.41
N SER F 839 -6.76 63.25 6.02
CA SER F 839 -7.74 63.76 6.95
C SER F 839 -7.28 63.43 8.36
N PRO F 840 -7.89 64.07 9.39
CA PRO F 840 -7.51 63.78 10.78
C PRO F 840 -7.24 62.32 11.11
N ASP F 841 -8.14 61.41 10.75
CA ASP F 841 -7.92 59.99 11.00
C ASP F 841 -7.77 59.18 9.73
N ALA F 842 -8.78 59.19 8.85
CA ALA F 842 -8.68 58.49 7.58
C ALA F 842 -8.00 59.40 6.56
N ASP F 843 -8.05 59.03 5.28
CA ASP F 843 -7.54 59.91 4.24
C ASP F 843 -8.57 59.90 3.10
N SER F 844 -9.35 60.98 3.02
CA SER F 844 -10.43 61.07 2.05
C SER F 844 -9.87 61.17 0.65
N LEU F 845 -10.56 60.52 -0.29
CA LEU F 845 -10.18 60.58 -1.69
C LEU F 845 -10.66 61.90 -2.29
N UNK G 1 -1.90 -15.78 -49.87
CA UNK G 1 -2.03 -17.04 -49.14
C UNK G 1 -2.07 -16.81 -47.65
N UNK G 2 -0.95 -16.32 -47.10
CA UNK G 2 -0.82 -16.12 -45.67
C UNK G 2 -1.26 -14.71 -45.28
N UNK G 3 -1.75 -14.59 -44.06
CA UNK G 3 -2.14 -13.32 -43.45
C UNK G 3 -1.26 -13.08 -42.23
N UNK G 4 -1.59 -12.04 -41.47
CA UNK G 4 -0.87 -11.74 -40.24
C UNK G 4 -1.65 -12.07 -38.99
N UNK G 5 -2.95 -11.80 -38.95
CA UNK G 5 -3.82 -12.20 -37.86
C UNK G 5 -3.34 -11.60 -36.53
N UNK G 6 -3.46 -10.29 -36.43
CA UNK G 6 -3.10 -9.58 -35.20
C UNK G 6 -3.77 -10.20 -33.99
N UNK G 7 -3.14 -10.07 -32.83
CA UNK G 7 -3.65 -10.59 -31.57
C UNK G 7 -3.60 -9.53 -30.48
N UNK G 8 -4.51 -9.65 -29.52
CA UNK G 8 -4.64 -8.69 -28.44
C UNK G 8 -4.31 -9.34 -27.10
N UNK G 9 -3.55 -8.62 -26.28
CA UNK G 9 -3.05 -9.16 -25.02
C UNK G 9 -3.28 -8.16 -23.89
N UNK G 10 -3.92 -8.63 -22.82
CA UNK G 10 -4.32 -7.77 -21.72
C UNK G 10 -3.15 -7.54 -20.77
N UNK G 11 -3.21 -6.46 -20.00
CA UNK G 11 -2.14 -6.06 -19.10
C UNK G 11 -2.70 -5.54 -17.79
N UNK G 12 -2.00 -5.84 -16.70
CA UNK G 12 -2.40 -5.41 -15.37
C UNK G 12 -1.21 -4.74 -14.69
N UNK G 13 -1.38 -4.36 -13.42
CA UNK G 13 -0.35 -3.65 -12.68
C UNK G 13 -0.52 -3.93 -11.20
N UNK G 14 0.32 -3.28 -10.40
CA UNK G 14 0.31 -3.44 -8.95
C UNK G 14 0.60 -2.12 -8.27
N UNK G 15 -0.08 -1.88 -7.16
CA UNK G 15 0.06 -0.65 -6.39
C UNK G 15 0.39 -1.02 -4.95
N UNK G 16 1.41 -0.37 -4.39
CA UNK G 16 1.80 -0.62 -3.02
C UNK G 16 0.77 -0.01 -2.08
N UNK G 17 1.06 -0.08 -0.77
CA UNK G 17 0.16 0.45 0.24
C UNK G 17 0.93 0.65 1.52
N UNK G 18 1.17 1.89 1.91
CA UNK G 18 1.97 2.19 3.06
C UNK G 18 1.22 1.89 4.35
N UNK G 19 1.86 2.19 5.49
CA UNK G 19 1.25 2.03 6.80
C UNK G 19 1.57 3.26 7.64
N UNK G 20 0.95 3.37 8.81
CA UNK G 20 0.99 4.65 9.51
C UNK G 20 1.89 4.66 10.74
N UNK G 21 1.86 3.61 11.57
CA UNK G 21 2.81 3.42 12.66
C UNK G 21 2.78 4.59 13.66
N UNK G 22 1.70 4.67 14.42
CA UNK G 22 1.58 5.66 15.47
C UNK G 22 2.70 5.51 16.51
N UNK G 23 2.83 6.52 17.38
CA UNK G 23 3.89 6.56 18.38
C UNK G 23 3.35 7.11 19.69
N UNK G 24 3.83 6.55 20.81
CA UNK G 24 3.17 6.76 22.09
C UNK G 24 3.44 8.12 22.73
N UNK G 25 4.61 8.71 22.49
CA UNK G 25 4.90 10.10 22.88
C UNK G 25 4.75 10.32 24.39
N UNK G 26 5.64 9.68 25.13
CA UNK G 26 5.70 9.89 26.58
C UNK G 26 7.06 9.55 27.15
#